data_6SE3
#
_entry.id   6SE3
#
_cell.length_a   156.089
_cell.length_b   156.089
_cell.length_c   370.605
_cell.angle_alpha   90.00
_cell.angle_beta   90.00
_cell.angle_gamma   120.00
#
_symmetry.space_group_name_H-M   'P 31 2 1'
#
loop_
_entity.id
_entity.type
_entity.pdbx_description
1 polymer 'Ancestral Flavin-containing monooxygenase (FMO) 3-6'
2 non-polymer 'FLAVIN-ADENINE DINUCLEOTIDE'
3 non-polymer 'NADP NICOTINAMIDE-ADENINE-DINUCLEOTIDE PHOSPHATE'
4 non-polymer 'OXYGEN MOLECULE'
5 water water
#
_entity_poly.entity_id   1
_entity_poly.type   'polypeptide(L)'
_entity_poly.pdbx_seq_one_letter_code
;MGKKVAIIGAGVSGLASIRSCLEEGLEPTCFERSDDIGGLWKFSDHAEEGRASIYQSVFTNSSKEMMCFPDFPYPDDFPN
FMHNSKLQEYITAFAKEKNLLKYIQFKTLVSSVNKRPDFSVTGQWDVTTEKDGKKESAVFDAVMICSGHHVYPNLPKESF
PGLKHFKGKCFHSRDYKEPGIFKGKRVLVIGLGNSGCDIATELSHTAEKVIISSRSGSWVMSRVWDDGYPWDMLFITRFE
TFLKNSLPTAISDWWYMKQMNARFKHENYGLMPLNGTLRKEPVFNDELPARILCGTVSIKPNVKEFTETSAIFEDGTVFE
AIDCVIFATGYGYAYPFLDDSIIKSRNNEVTLFKGIFPPLLEKPTLAVIGLVQSLGATIPTTDLQARWAAKVFANSCTLP
TTNEMMDDIDEKMGKKLKWFGQSQTLQTDYITYMDELGSFIGAKPNIPWLFLTDPQLALEVFFGPCSPYQFRLMGPGKWD
GARNAILTQWDRTLKPTRTRAVGEAKRPSLFYNLLKILLFPVLLLAVLLAFY
;
_entity_poly.pdbx_strand_id   D,A,B,C,E,F
#
loop_
_chem_comp.id
_chem_comp.type
_chem_comp.name
_chem_comp.formula
FAD non-polymer 'FLAVIN-ADENINE DINUCLEOTIDE' 'C27 H33 N9 O15 P2'
NAP non-polymer 'NADP NICOTINAMIDE-ADENINE-DINUCLEOTIDE PHOSPHATE' 'C21 H28 N7 O17 P3'
OXY non-polymer 'OXYGEN MOLECULE' O2
#
# COMPACT_ATOMS: atom_id res chain seq x y z
N LYS A 3 -53.60 62.25 38.42
CA LYS A 3 -54.33 61.02 38.88
C LYS A 3 -55.49 60.65 37.95
N LYS A 4 -56.11 61.59 37.25
CA LYS A 4 -57.29 61.27 36.46
C LYS A 4 -56.88 60.67 35.10
N VAL A 5 -57.37 59.44 34.81
CA VAL A 5 -57.03 58.66 33.61
C VAL A 5 -58.29 58.27 32.83
N ALA A 6 -58.36 58.70 31.56
CA ALA A 6 -59.46 58.33 30.69
C ALA A 6 -59.10 57.03 29.96
N ILE A 7 -60.04 56.07 29.94
CA ILE A 7 -59.87 54.76 29.38
C ILE A 7 -60.97 54.53 28.34
N ILE A 8 -60.58 54.42 27.07
CA ILE A 8 -61.53 54.29 25.99
C ILE A 8 -61.76 52.79 25.72
N GLY A 9 -62.91 52.29 26.18
CA GLY A 9 -63.36 50.92 25.90
C GLY A 9 -63.33 50.07 27.16
N ALA A 10 -64.32 49.16 27.30
CA ALA A 10 -64.43 48.27 28.48
C ALA A 10 -64.41 46.80 28.03
N GLY A 11 -63.65 46.54 26.95
CA GLY A 11 -63.23 45.21 26.59
C GLY A 11 -62.11 44.76 27.51
N VAL A 12 -61.48 43.66 27.15
CA VAL A 12 -60.46 43.07 27.98
C VAL A 12 -59.36 44.11 28.22
N SER A 13 -58.97 44.85 27.18
CA SER A 13 -57.88 45.85 27.30
C SER A 13 -58.26 46.93 28.32
N GLY A 14 -59.49 47.42 28.22
CA GLY A 14 -59.99 48.47 29.11
C GLY A 14 -60.02 48.02 30.56
N LEU A 15 -60.53 46.80 30.77
CA LEU A 15 -60.68 46.25 32.11
C LEU A 15 -59.30 46.07 32.72
N ALA A 16 -58.34 45.60 31.94
CA ALA A 16 -56.99 45.44 32.41
C ALA A 16 -56.47 46.80 32.92
N SER A 17 -56.80 47.85 32.15
CA SER A 17 -56.36 49.24 32.35
C SER A 17 -56.96 49.83 33.63
N ILE A 18 -58.29 49.66 33.80
CA ILE A 18 -58.95 50.14 35.00
C ILE A 18 -58.25 49.55 36.22
N ARG A 19 -58.09 48.23 36.23
CA ARG A 19 -57.52 47.55 37.41
C ARG A 19 -56.08 48.01 37.67
N SER A 20 -55.31 48.27 36.63
CA SER A 20 -53.92 48.67 36.82
C SER A 20 -53.87 50.10 37.36
N CYS A 21 -54.76 50.96 36.87
CA CYS A 21 -54.89 52.29 37.38
C CYS A 21 -55.13 52.20 38.89
N LEU A 22 -56.12 51.41 39.31
CA LEU A 22 -56.47 51.28 40.75
C LEU A 22 -55.25 50.82 41.56
N GLU A 23 -54.46 49.86 41.05
CA GLU A 23 -53.37 49.36 41.87
C GLU A 23 -52.20 50.35 41.92
N GLU A 24 -52.26 51.45 41.17
CA GLU A 24 -51.22 52.52 41.26
C GLU A 24 -51.82 53.82 41.83
N GLY A 25 -53.02 53.73 42.42
CA GLY A 25 -53.66 54.85 43.08
C GLY A 25 -54.16 55.93 42.13
N LEU A 26 -54.26 55.63 40.84
CA LEU A 26 -54.82 56.58 39.87
C LEU A 26 -56.35 56.49 39.94
N GLU A 27 -57.02 57.44 39.30
CA GLU A 27 -58.46 57.63 39.37
C GLU A 27 -59.00 57.43 37.96
N PRO A 28 -59.35 56.18 37.60
CA PRO A 28 -59.71 55.85 36.23
C PRO A 28 -61.18 56.18 35.93
N THR A 29 -61.43 56.62 34.70
CA THR A 29 -62.74 56.73 34.16
C THR A 29 -62.74 56.03 32.80
N CYS A 30 -63.66 55.08 32.64
CA CYS A 30 -63.72 54.23 31.46
C CYS A 30 -65.00 54.55 30.70
N PHE A 31 -64.84 54.99 29.45
CA PHE A 31 -65.94 55.28 28.58
C PHE A 31 -66.16 54.10 27.65
N GLU A 32 -67.40 53.57 27.67
CA GLU A 32 -67.77 52.42 26.85
C GLU A 32 -69.03 52.80 26.08
N ARG A 33 -68.94 52.70 24.76
CA ARG A 33 -70.02 53.15 23.84
C ARG A 33 -71.25 52.26 23.91
N SER A 34 -71.08 51.02 24.36
CA SER A 34 -72.21 50.10 24.49
C SER A 34 -72.64 49.99 25.95
N ASP A 35 -73.53 49.02 26.24
CA ASP A 35 -74.09 48.84 27.58
C ASP A 35 -73.48 47.63 28.28
N ASP A 36 -72.35 47.11 27.78
CA ASP A 36 -71.73 45.99 28.45
C ASP A 36 -70.22 45.96 28.27
N ILE A 37 -69.58 45.19 29.14
CA ILE A 37 -68.18 44.97 29.13
C ILE A 37 -67.87 43.73 28.27
N GLY A 38 -66.57 43.47 28.07
CA GLY A 38 -66.09 42.29 27.35
C GLY A 38 -65.83 42.55 25.86
N GLY A 39 -66.43 43.59 25.33
CA GLY A 39 -66.21 43.98 23.94
C GLY A 39 -66.54 42.86 22.99
N LEU A 40 -65.51 42.39 22.27
CA LEU A 40 -65.61 41.43 21.17
C LEU A 40 -66.25 40.11 21.64
N TRP A 41 -66.05 39.77 22.92
CA TRP A 41 -66.35 38.43 23.46
C TRP A 41 -67.83 38.27 23.80
N LYS A 42 -68.58 39.38 23.85
CA LYS A 42 -70.01 39.24 24.03
C LYS A 42 -70.67 39.17 22.66
N PHE A 43 -71.11 37.99 22.27
CA PHE A 43 -71.75 37.75 20.99
C PHE A 43 -73.03 38.57 20.87
N SER A 44 -73.34 39.03 19.65
CA SER A 44 -74.65 39.61 19.31
C SER A 44 -75.01 39.26 17.86
N ASP A 45 -76.30 39.22 17.56
CA ASP A 45 -76.76 38.69 16.28
C ASP A 45 -76.35 39.61 15.12
N HIS A 46 -76.16 40.90 15.43
CA HIS A 46 -75.93 41.91 14.39
C HIS A 46 -74.71 42.76 14.72
N ALA A 47 -73.84 42.89 13.73
CA ALA A 47 -72.64 43.70 13.81
C ALA A 47 -73.02 45.15 14.04
N GLU A 48 -72.55 45.75 15.13
CA GLU A 48 -72.71 47.18 15.41
C GLU A 48 -71.47 47.92 14.85
N GLU A 49 -71.67 49.15 14.37
CA GLU A 49 -70.56 49.95 13.85
C GLU A 49 -69.68 50.39 15.01
N GLY A 50 -68.36 50.32 14.78
CA GLY A 50 -67.32 50.76 15.74
C GLY A 50 -66.96 49.67 16.75
N ARG A 51 -67.68 48.54 16.70
CA ARG A 51 -67.53 47.38 17.59
C ARG A 51 -67.11 46.16 16.77
N ALA A 52 -66.31 45.26 17.37
CA ALA A 52 -65.95 43.98 16.74
C ALA A 52 -67.20 43.11 16.64
N SER A 53 -67.15 42.06 15.81
CA SER A 53 -68.29 41.22 15.54
C SER A 53 -67.87 39.78 15.31
N ILE A 54 -68.30 38.92 16.21
CA ILE A 54 -67.87 37.58 16.27
C ILE A 54 -69.01 36.69 15.75
N TYR A 55 -68.70 35.54 15.19
CA TYR A 55 -69.73 34.54 14.78
C TYR A 55 -70.02 33.59 15.96
N GLN A 56 -71.13 32.85 15.89
CA GLN A 56 -71.75 32.31 17.09
C GLN A 56 -70.90 31.15 17.64
N SER A 57 -70.17 30.43 16.77
CA SER A 57 -69.48 29.21 17.17
C SER A 57 -68.01 29.41 17.54
N VAL A 58 -67.58 30.65 17.79
CA VAL A 58 -66.20 30.95 18.16
C VAL A 58 -65.88 30.35 19.52
N PHE A 59 -64.79 29.56 19.50
CA PHE A 59 -64.11 29.03 20.67
C PHE A 59 -62.72 29.64 20.74
N THR A 60 -62.21 29.85 21.95
CA THR A 60 -60.89 30.40 22.11
C THR A 60 -59.92 29.49 21.37
N ASN A 61 -58.84 30.05 20.84
CA ASN A 61 -57.78 29.27 20.23
C ASN A 61 -56.54 29.32 21.12
N SER A 62 -56.66 29.95 22.30
CA SER A 62 -55.69 29.83 23.36
C SER A 62 -56.32 29.07 24.52
N SER A 63 -55.46 28.30 25.20
CA SER A 63 -55.79 27.41 26.33
C SER A 63 -56.14 28.26 27.58
N LYS A 64 -56.99 27.72 28.45
CA LYS A 64 -57.45 28.46 29.64
C LYS A 64 -56.27 28.79 30.56
N GLU A 65 -55.34 27.85 30.70
CA GLU A 65 -54.26 28.07 31.61
C GLU A 65 -53.23 28.99 30.97
N MET A 66 -53.50 29.49 29.74
CA MET A 66 -52.57 30.39 29.07
C MET A 66 -53.19 31.77 28.80
N MET A 67 -54.48 31.95 29.10
CA MET A 67 -55.22 33.17 28.73
C MET A 67 -56.07 33.74 29.88
N CYS A 68 -55.67 33.47 31.13
CA CYS A 68 -56.25 34.07 32.33
C CYS A 68 -55.45 35.31 32.75
N PHE A 69 -56.10 36.23 33.47
CA PHE A 69 -55.36 37.23 34.19
C PHE A 69 -54.45 36.51 35.16
N PRO A 70 -53.19 36.92 35.30
CA PRO A 70 -52.20 36.17 36.07
C PRO A 70 -52.56 35.92 37.55
N ASP A 71 -53.55 36.64 38.07
CA ASP A 71 -53.91 36.50 39.47
C ASP A 71 -55.36 36.01 39.61
N PHE A 72 -55.95 35.45 38.54
CA PHE A 72 -57.36 35.07 38.53
C PHE A 72 -57.59 33.91 37.56
N PRO A 73 -57.23 32.67 37.96
CA PRO A 73 -57.34 31.51 37.08
C PRO A 73 -58.80 31.23 36.70
N TYR A 74 -59.01 30.53 35.59
CA TYR A 74 -60.33 30.12 35.23
C TYR A 74 -60.73 29.01 36.18
N PRO A 75 -62.03 28.89 36.48
CA PRO A 75 -62.55 27.79 37.31
C PRO A 75 -61.94 26.44 36.90
N ASP A 76 -61.82 25.54 37.86
CA ASP A 76 -61.11 24.29 37.67
C ASP A 76 -61.77 23.45 36.56
N ASP A 77 -63.10 23.58 36.44
CA ASP A 77 -63.98 22.71 35.65
C ASP A 77 -64.15 23.29 34.24
N PHE A 78 -63.66 24.50 34.00
CA PHE A 78 -63.81 25.13 32.66
C PHE A 78 -63.05 24.31 31.63
N PRO A 79 -63.57 24.21 30.40
CA PRO A 79 -62.84 23.54 29.32
C PRO A 79 -61.60 24.34 28.92
N ASN A 80 -60.58 23.64 28.43
CA ASN A 80 -59.31 24.23 28.12
C ASN A 80 -59.43 25.25 26.99
N PHE A 81 -60.31 24.97 26.03
CA PHE A 81 -60.71 25.92 25.01
C PHE A 81 -62.22 26.12 25.15
N MET A 82 -62.67 27.38 25.16
CA MET A 82 -63.98 27.76 25.68
C MET A 82 -64.80 28.42 24.59
N HIS A 83 -66.12 28.18 24.64
CA HIS A 83 -67.09 28.94 23.88
C HIS A 83 -66.98 30.43 24.24
N ASN A 84 -67.30 31.29 23.27
CA ASN A 84 -67.22 32.74 23.47
C ASN A 84 -68.02 33.14 24.70
N SER A 85 -69.19 32.55 24.85
CA SER A 85 -70.05 32.87 26.00
C SER A 85 -69.37 32.51 27.31
N LYS A 86 -68.57 31.43 27.35
CA LYS A 86 -67.89 31.03 28.58
C LYS A 86 -66.87 32.11 28.99
N LEU A 87 -66.18 32.71 28.00
CA LEU A 87 -65.16 33.74 28.29
C LEU A 87 -65.84 35.01 28.83
N GLN A 88 -66.96 35.37 28.22
CA GLN A 88 -67.75 36.49 28.64
C GLN A 88 -68.08 36.35 30.14
N GLU A 89 -68.40 35.14 30.54
CA GLU A 89 -68.74 34.77 31.90
C GLU A 89 -67.53 35.05 32.80
N TYR A 90 -66.34 34.66 32.33
CA TYR A 90 -65.11 34.88 33.09
C TYR A 90 -64.76 36.37 33.19
N ILE A 91 -64.88 37.08 32.07
CA ILE A 91 -64.57 38.49 32.04
C ILE A 91 -65.51 39.19 33.05
N THR A 92 -66.78 38.83 33.01
CA THR A 92 -67.75 39.40 33.90
C THR A 92 -67.35 39.10 35.35
N ALA A 93 -66.90 37.87 35.61
CA ALA A 93 -66.50 37.49 36.94
C ALA A 93 -65.35 38.37 37.42
N PHE A 94 -64.42 38.68 36.51
CA PHE A 94 -63.21 39.42 36.84
C PHE A 94 -63.54 40.87 37.17
N ALA A 95 -64.41 41.49 36.38
CA ALA A 95 -64.85 42.85 36.66
C ALA A 95 -65.52 42.90 38.04
N LYS A 96 -66.39 41.93 38.32
CA LYS A 96 -67.10 41.88 39.60
C LYS A 96 -66.09 41.73 40.75
N GLU A 97 -65.20 40.75 40.65
CA GLU A 97 -64.19 40.48 41.66
C GLU A 97 -63.33 41.71 41.94
N LYS A 98 -62.97 42.49 40.91
CA LYS A 98 -61.96 43.56 41.08
C LYS A 98 -62.63 44.93 41.16
N ASN A 99 -63.96 44.92 41.17
CA ASN A 99 -64.78 46.06 41.47
C ASN A 99 -64.51 47.14 40.41
N LEU A 100 -64.56 46.77 39.14
CA LEU A 100 -64.23 47.67 38.05
C LEU A 100 -65.46 48.38 37.50
N LEU A 101 -66.67 47.88 37.78
CA LEU A 101 -67.87 48.39 37.12
C LEU A 101 -68.17 49.84 37.53
N LYS A 102 -67.85 50.18 38.78
CA LYS A 102 -67.96 51.55 39.32
C LYS A 102 -67.42 52.59 38.35
N TYR A 103 -66.30 52.27 37.70
CA TYR A 103 -65.52 53.24 36.98
C TYR A 103 -65.87 53.30 35.49
N ILE A 104 -66.96 52.65 35.10
CA ILE A 104 -67.32 52.61 33.70
C ILE A 104 -68.60 53.43 33.52
N GLN A 105 -68.54 54.35 32.56
CA GLN A 105 -69.71 55.03 32.06
C GLN A 105 -70.12 54.39 30.75
N PHE A 106 -71.23 53.65 30.77
CA PHE A 106 -71.73 52.97 29.59
C PHE A 106 -72.47 53.99 28.71
N LYS A 107 -72.79 53.54 27.50
CA LYS A 107 -73.52 54.29 26.49
C LYS A 107 -72.86 55.62 26.15
N THR A 108 -71.58 55.80 26.52
CA THR A 108 -70.82 57.04 26.23
C THR A 108 -69.72 56.76 25.16
N LEU A 109 -69.93 57.30 23.97
CA LEU A 109 -68.90 57.29 22.88
C LEU A 109 -67.84 58.37 23.17
N VAL A 110 -66.57 58.05 23.00
CA VAL A 110 -65.52 59.06 23.00
C VAL A 110 -65.37 59.54 21.56
N SER A 111 -65.69 60.82 21.33
CA SER A 111 -65.75 61.39 19.97
C SER A 111 -64.44 62.10 19.62
N SER A 112 -63.75 62.69 20.62
CA SER A 112 -62.38 63.16 20.36
C SER A 112 -61.58 63.32 21.65
N VAL A 113 -60.25 63.19 21.46
CA VAL A 113 -59.22 63.24 22.47
C VAL A 113 -58.15 64.19 21.93
N ASN A 114 -57.91 65.32 22.62
CA ASN A 114 -57.08 66.40 22.10
C ASN A 114 -56.13 66.89 23.20
N LYS A 115 -54.85 67.07 22.83
CA LYS A 115 -53.88 67.70 23.71
C LYS A 115 -54.50 68.98 24.25
N ARG A 116 -54.26 69.26 25.53
CA ARG A 116 -54.64 70.53 26.10
C ARG A 116 -53.76 71.60 25.46
N PRO A 117 -54.26 72.86 25.35
CA PRO A 117 -53.44 73.96 24.82
C PRO A 117 -52.14 74.19 25.61
N ASP A 118 -52.06 73.72 26.87
CA ASP A 118 -50.86 73.86 27.70
C ASP A 118 -50.15 72.51 27.86
N PHE A 119 -50.19 71.67 26.81
CA PHE A 119 -49.79 70.27 26.92
C PHE A 119 -48.32 70.10 27.29
N SER A 120 -47.45 71.01 26.85
CA SER A 120 -46.01 70.81 27.03
C SER A 120 -45.62 70.96 28.50
N VAL A 121 -46.52 71.52 29.31
CA VAL A 121 -46.19 71.75 30.74
C VAL A 121 -47.08 70.89 31.63
N THR A 122 -48.28 70.55 31.18
CA THR A 122 -49.19 69.78 32.04
C THR A 122 -49.28 68.34 31.54
N GLY A 123 -49.37 68.16 30.24
CA GLY A 123 -49.49 66.81 29.67
C GLY A 123 -50.92 66.33 29.78
N GLN A 124 -51.85 67.25 29.95
CA GLN A 124 -53.27 66.89 30.11
C GLN A 124 -53.90 66.74 28.74
N TRP A 125 -55.12 66.23 28.73
CA TRP A 125 -55.89 65.90 27.55
C TRP A 125 -57.34 66.34 27.72
N ASP A 126 -57.95 66.75 26.61
CA ASP A 126 -59.36 67.08 26.54
C ASP A 126 -60.08 65.90 25.91
N VAL A 127 -60.90 65.23 26.70
CA VAL A 127 -61.67 64.08 26.24
C VAL A 127 -63.13 64.52 26.04
N THR A 128 -63.59 64.43 24.80
CA THR A 128 -64.95 64.73 24.43
C THR A 128 -65.74 63.43 24.31
N THR A 129 -66.95 63.41 24.89
CA THR A 129 -67.79 62.22 24.96
C THR A 129 -69.25 62.57 24.67
N GLU A 130 -69.79 61.95 23.63
CA GLU A 130 -71.21 61.97 23.24
C GLU A 130 -71.98 60.89 24.03
N LYS A 131 -73.09 61.27 24.67
CA LYS A 131 -73.72 60.42 25.72
C LYS A 131 -75.14 60.05 25.31
N ASP A 132 -76.05 61.03 25.31
CA ASP A 132 -77.44 60.80 24.95
C ASP A 132 -77.79 61.52 23.64
N GLY A 133 -76.77 61.74 22.81
CA GLY A 133 -76.80 62.79 21.80
C GLY A 133 -76.30 64.11 22.37
N LYS A 134 -75.79 64.08 23.62
CA LYS A 134 -75.31 65.25 24.35
C LYS A 134 -73.78 65.17 24.52
N LYS A 135 -73.03 65.95 23.71
CA LYS A 135 -71.55 66.13 23.80
C LYS A 135 -71.15 66.78 25.14
N GLU A 136 -70.02 66.36 25.68
CA GLU A 136 -69.43 66.90 26.90
C GLU A 136 -67.90 66.84 26.77
N SER A 137 -67.20 67.43 27.73
CA SER A 137 -65.78 67.54 27.68
C SER A 137 -65.23 67.59 29.11
N ALA A 138 -64.04 67.01 29.31
CA ALA A 138 -63.39 67.00 30.59
C ALA A 138 -61.87 66.83 30.40
N VAL A 139 -61.14 67.23 31.44
CA VAL A 139 -59.73 67.26 31.38
C VAL A 139 -59.23 66.03 32.14
N PHE A 140 -58.31 65.31 31.52
CA PHE A 140 -57.68 64.15 32.12
C PHE A 140 -56.15 64.31 32.05
N ASP A 141 -55.46 63.72 33.02
CA ASP A 141 -54.02 63.78 33.14
C ASP A 141 -53.39 62.80 32.15
N ALA A 142 -54.03 61.64 31.95
CA ALA A 142 -53.58 60.63 31.00
C ALA A 142 -54.77 59.99 30.27
N VAL A 143 -54.44 59.33 29.15
CA VAL A 143 -55.39 58.59 28.36
C VAL A 143 -54.83 57.18 28.04
N MET A 144 -55.72 56.18 28.12
CA MET A 144 -55.44 54.80 27.70
C MET A 144 -56.43 54.41 26.60
N ILE A 145 -55.90 54.11 25.41
CA ILE A 145 -56.74 53.73 24.28
C ILE A 145 -56.84 52.21 24.23
N CYS A 146 -58.08 51.72 24.37
CA CYS A 146 -58.38 50.32 24.46
C CYS A 146 -59.52 49.98 23.51
N SER A 147 -59.46 50.53 22.28
CA SER A 147 -60.58 50.54 21.33
C SER A 147 -60.51 49.37 20.34
N GLY A 148 -59.46 48.53 20.48
CA GLY A 148 -59.37 47.28 19.73
C GLY A 148 -58.93 47.48 18.29
N HIS A 149 -58.55 46.38 17.63
CA HIS A 149 -58.07 46.39 16.29
C HIS A 149 -58.62 45.24 15.44
N HIS A 150 -59.77 44.66 15.84
CA HIS A 150 -60.49 43.67 15.03
C HIS A 150 -61.91 44.19 14.78
N VAL A 151 -62.01 45.48 14.42
CA VAL A 151 -63.34 46.07 14.23
C VAL A 151 -63.49 46.60 12.79
N TYR A 152 -62.51 47.35 12.28
CA TYR A 152 -62.63 47.95 10.93
C TYR A 152 -62.17 46.92 9.91
N PRO A 153 -63.10 46.29 9.15
CA PRO A 153 -62.74 45.21 8.23
C PRO A 153 -61.76 45.68 7.14
N ASN A 154 -60.75 44.87 6.87
CA ASN A 154 -59.91 44.99 5.67
C ASN A 154 -60.67 44.27 4.55
N LEU A 155 -61.23 45.02 3.59
CA LEU A 155 -62.17 44.49 2.60
C LEU A 155 -61.76 44.96 1.20
N PRO A 156 -60.73 44.37 0.57
CA PRO A 156 -60.31 44.80 -0.76
C PRO A 156 -61.32 44.39 -1.85
N LYS A 157 -62.43 45.15 -1.93
CA LYS A 157 -63.37 45.19 -3.04
C LYS A 157 -62.64 45.63 -4.32
N GLU A 158 -61.89 46.74 -4.20
CA GLU A 158 -61.28 47.39 -5.38
C GLU A 158 -60.04 46.61 -5.87
N SER A 159 -59.89 45.35 -5.44
CA SER A 159 -58.66 44.58 -5.59
C SER A 159 -58.86 43.36 -6.50
N PHE A 160 -60.11 42.95 -6.72
CA PHE A 160 -60.43 41.73 -7.46
C PHE A 160 -61.17 42.09 -8.74
N PRO A 161 -60.49 41.98 -9.91
CA PRO A 161 -61.13 42.19 -11.20
C PRO A 161 -62.44 41.41 -11.37
N GLY A 162 -63.54 42.15 -11.56
CA GLY A 162 -64.80 41.60 -12.02
C GLY A 162 -65.84 41.54 -10.93
N LEU A 163 -65.42 41.85 -9.70
CA LEU A 163 -66.24 41.62 -8.54
C LEU A 163 -67.49 42.50 -8.60
N LYS A 164 -67.37 43.67 -9.24
CA LYS A 164 -68.48 44.62 -9.40
C LYS A 164 -69.67 43.91 -10.05
N HIS A 165 -69.37 42.99 -10.99
CA HIS A 165 -70.36 42.31 -11.84
C HIS A 165 -71.06 41.15 -11.10
N PHE A 166 -70.44 40.61 -10.05
CA PHE A 166 -70.89 39.39 -9.41
C PHE A 166 -72.30 39.59 -8.85
N LYS A 167 -73.21 38.67 -9.19
CA LYS A 167 -74.65 38.86 -8.96
C LYS A 167 -75.11 38.21 -7.65
N GLY A 168 -74.24 37.40 -7.04
CA GLY A 168 -74.58 36.73 -5.80
C GLY A 168 -74.32 37.63 -4.61
N LYS A 169 -74.72 37.19 -3.41
CA LYS A 169 -74.49 37.91 -2.18
C LYS A 169 -72.99 37.77 -1.82
N CYS A 170 -72.43 38.81 -1.22
CA CYS A 170 -70.99 38.91 -0.93
C CYS A 170 -70.77 39.82 0.28
N PHE A 171 -70.05 39.33 1.31
CA PHE A 171 -69.83 40.11 2.55
C PHE A 171 -68.55 39.64 3.27
N HIS A 172 -68.23 40.31 4.38
CA HIS A 172 -66.99 40.11 5.13
C HIS A 172 -67.24 39.24 6.37
N SER A 173 -66.20 38.50 6.79
CA SER A 173 -66.18 37.62 7.97
C SER A 173 -67.04 38.23 9.10
N ARG A 174 -66.82 39.50 9.35
CA ARG A 174 -67.52 40.33 10.33
C ARG A 174 -69.03 40.03 10.39
N ASP A 175 -69.65 39.82 9.24
CA ASP A 175 -71.10 39.72 9.14
C ASP A 175 -71.57 38.27 9.10
N TYR A 176 -70.64 37.29 9.11
CA TYR A 176 -71.03 35.89 9.22
C TYR A 176 -71.43 35.62 10.67
N LYS A 177 -72.51 34.86 10.85
CA LYS A 177 -72.99 34.60 12.20
C LYS A 177 -73.39 33.14 12.37
N GLU A 178 -74.28 32.65 11.51
CA GLU A 178 -74.86 31.32 11.65
C GLU A 178 -74.83 30.66 10.29
N PRO A 179 -74.69 29.31 10.20
CA PRO A 179 -74.65 28.63 8.90
C PRO A 179 -76.02 28.26 8.31
N GLY A 180 -77.09 28.42 9.10
CA GLY A 180 -78.45 28.03 8.74
C GLY A 180 -78.81 28.32 7.28
N ILE A 181 -78.68 29.59 6.90
CA ILE A 181 -79.21 30.03 5.60
C ILE A 181 -78.30 29.58 4.46
N PHE A 182 -77.27 28.78 4.73
CA PHE A 182 -76.35 28.41 3.67
C PHE A 182 -76.57 26.95 3.26
N LYS A 183 -77.58 26.30 3.87
CA LYS A 183 -77.83 24.89 3.58
C LYS A 183 -77.84 24.69 2.06
N GLY A 184 -77.00 23.76 1.58
CA GLY A 184 -76.92 23.37 0.19
C GLY A 184 -76.65 24.56 -0.73
N LYS A 185 -75.92 25.57 -0.25
CA LYS A 185 -75.46 26.68 -1.06
C LYS A 185 -73.99 26.46 -1.43
N ARG A 186 -73.54 27.24 -2.42
CA ARG A 186 -72.21 27.16 -2.95
C ARG A 186 -71.45 28.39 -2.47
N VAL A 187 -70.45 28.19 -1.59
CA VAL A 187 -69.79 29.32 -0.93
C VAL A 187 -68.29 29.33 -1.21
N LEU A 188 -67.78 30.51 -1.60
CA LEU A 188 -66.36 30.76 -1.72
C LEU A 188 -65.92 31.65 -0.56
N VAL A 189 -64.84 31.24 0.11
CA VAL A 189 -64.26 31.98 1.20
C VAL A 189 -62.88 32.48 0.76
N ILE A 190 -62.67 33.80 0.86
CA ILE A 190 -61.38 34.40 0.53
C ILE A 190 -60.65 34.61 1.85
N GLY A 191 -59.47 33.99 1.94
CA GLY A 191 -58.61 34.13 3.08
C GLY A 191 -58.55 32.87 3.91
N LEU A 192 -57.32 32.41 4.15
CA LEU A 192 -57.04 31.24 4.93
C LEU A 192 -56.50 31.69 6.29
N GLY A 193 -57.24 32.61 6.92
CA GLY A 193 -57.05 32.95 8.32
C GLY A 193 -57.90 32.06 9.20
N ASN A 194 -57.91 32.37 10.50
CA ASN A 194 -58.64 31.58 11.48
C ASN A 194 -60.15 31.78 11.29
N SER A 195 -60.54 32.97 10.84
CA SER A 195 -61.93 33.26 10.49
C SER A 195 -62.31 32.43 9.26
N GLY A 196 -61.48 32.54 8.23
CA GLY A 196 -61.73 31.86 7.01
C GLY A 196 -61.93 30.37 7.24
N CYS A 197 -61.02 29.78 8.01
CA CYS A 197 -61.02 28.36 8.18
C CYS A 197 -62.21 27.93 9.05
N ASP A 198 -62.51 28.68 10.11
CA ASP A 198 -63.65 28.37 10.96
C ASP A 198 -64.95 28.39 10.13
N ILE A 199 -65.12 29.47 9.35
CA ILE A 199 -66.33 29.66 8.60
C ILE A 199 -66.43 28.59 7.50
N ALA A 200 -65.29 28.28 6.87
CA ALA A 200 -65.29 27.30 5.81
C ALA A 200 -65.69 25.92 6.35
N THR A 201 -65.08 25.50 7.46
CA THR A 201 -65.31 24.16 8.01
C THR A 201 -66.75 24.06 8.53
N GLU A 202 -67.21 25.08 9.26
CA GLU A 202 -68.60 25.11 9.70
C GLU A 202 -69.56 24.99 8.51
N LEU A 203 -69.33 25.76 7.44
CA LEU A 203 -70.22 25.72 6.28
C LEU A 203 -70.16 24.34 5.63
N SER A 204 -68.99 23.71 5.68
CA SER A 204 -68.76 22.48 4.96
C SER A 204 -69.67 21.36 5.45
N HIS A 205 -70.46 21.61 6.51
CA HIS A 205 -71.33 20.57 7.08
C HIS A 205 -72.74 20.61 6.51
N THR A 206 -73.03 21.60 5.66
CA THR A 206 -74.42 21.88 5.31
C THR A 206 -74.48 22.53 3.94
N ALA A 207 -73.42 23.21 3.52
CA ALA A 207 -73.30 23.77 2.20
C ALA A 207 -73.13 22.66 1.16
N GLU A 208 -73.44 22.97 -0.10
CA GLU A 208 -73.30 22.05 -1.22
C GLU A 208 -71.82 21.89 -1.56
N LYS A 209 -71.11 23.02 -1.74
CA LYS A 209 -69.65 23.02 -1.94
C LYS A 209 -69.04 24.28 -1.32
N VAL A 210 -67.81 24.14 -0.83
CA VAL A 210 -67.08 25.18 -0.11
C VAL A 210 -65.63 25.19 -0.59
N ILE A 211 -65.13 26.38 -0.95
CA ILE A 211 -63.75 26.52 -1.32
C ILE A 211 -63.13 27.65 -0.52
N ILE A 212 -61.87 27.47 -0.13
CA ILE A 212 -61.09 28.54 0.45
C ILE A 212 -60.01 28.91 -0.56
N SER A 213 -59.94 30.21 -0.87
CA SER A 213 -58.92 30.78 -1.75
C SER A 213 -57.83 31.43 -0.91
N SER A 214 -56.57 31.02 -1.11
CA SER A 214 -55.46 31.52 -0.34
C SER A 214 -54.34 32.04 -1.25
N ARG A 215 -53.92 33.30 -1.00
CA ARG A 215 -52.70 33.86 -1.56
C ARG A 215 -51.50 32.94 -1.27
N SER A 216 -51.20 32.80 0.02
CA SER A 216 -49.89 32.41 0.48
C SER A 216 -49.93 31.08 1.25
N GLY A 217 -51.11 30.48 1.43
CA GLY A 217 -51.23 29.31 2.29
C GLY A 217 -50.89 29.63 3.73
N SER A 218 -50.85 28.60 4.58
CA SER A 218 -50.64 28.76 5.98
C SER A 218 -50.33 27.42 6.64
N TRP A 219 -49.42 27.43 7.60
CA TRP A 219 -49.32 26.32 8.52
C TRP A 219 -50.61 26.20 9.34
N VAL A 220 -50.99 24.94 9.63
CA VAL A 220 -52.20 24.66 10.37
C VAL A 220 -51.88 23.76 11.57
N MET A 221 -52.04 24.33 12.76
CA MET A 221 -51.94 23.63 14.03
C MET A 221 -53.35 23.34 14.53
N SER A 222 -53.45 22.66 15.67
CA SER A 222 -54.72 22.26 16.25
C SER A 222 -54.70 22.48 17.75
N ARG A 223 -55.88 22.69 18.33
CA ARG A 223 -56.01 22.82 19.75
C ARG A 223 -55.46 21.55 20.41
N VAL A 224 -55.78 20.39 19.83
CA VAL A 224 -55.33 19.11 20.33
C VAL A 224 -53.93 18.89 19.80
N TRP A 225 -52.92 19.04 20.67
CA TRP A 225 -51.54 18.94 20.25
C TRP A 225 -50.95 17.63 20.76
N ASP A 226 -49.64 17.56 20.98
CA ASP A 226 -48.95 16.32 21.36
C ASP A 226 -49.65 15.73 22.59
N ASP A 227 -50.06 14.45 22.48
CA ASP A 227 -50.62 13.65 23.58
C ASP A 227 -51.96 14.22 24.06
N GLY A 228 -52.60 15.06 23.22
CA GLY A 228 -53.89 15.68 23.50
C GLY A 228 -53.78 16.83 24.47
N TYR A 229 -52.57 17.37 24.61
CA TYR A 229 -52.40 18.56 25.45
C TYR A 229 -52.65 19.80 24.61
N PRO A 230 -53.14 20.90 25.22
CA PRO A 230 -53.33 22.15 24.48
C PRO A 230 -52.00 22.61 23.87
N TRP A 231 -52.05 23.04 22.61
CA TRP A 231 -50.85 23.37 21.84
C TRP A 231 -50.03 24.41 22.60
N ASP A 232 -50.67 25.46 23.11
CA ASP A 232 -49.91 26.60 23.57
C ASP A 232 -49.17 26.26 24.88
N MET A 233 -49.69 25.34 25.69
CA MET A 233 -49.03 24.94 26.93
C MET A 233 -47.76 24.13 26.62
N LEU A 234 -47.62 23.63 25.39
CA LEU A 234 -46.45 22.87 24.97
C LEU A 234 -45.53 23.73 24.11
N PHE A 235 -46.11 24.63 23.31
CA PHE A 235 -45.39 25.32 22.24
C PHE A 235 -44.74 26.63 22.74
N ILE A 236 -45.35 27.27 23.74
CA ILE A 236 -44.88 28.54 24.28
C ILE A 236 -44.19 28.31 25.62
N THR A 237 -42.86 28.22 25.58
CA THR A 237 -42.04 27.76 26.66
C THR A 237 -40.72 28.55 26.64
N ARG A 238 -40.22 28.92 27.81
CA ARG A 238 -38.98 29.74 27.89
C ARG A 238 -37.83 28.98 27.24
N PHE A 239 -37.81 27.67 27.41
CA PHE A 239 -36.80 26.80 26.81
C PHE A 239 -36.95 26.76 25.29
N GLU A 240 -38.19 26.65 24.83
CA GLU A 240 -38.45 26.51 23.41
C GLU A 240 -38.07 27.84 22.74
N THR A 241 -38.32 28.96 23.45
CA THR A 241 -38.04 30.28 22.92
C THR A 241 -36.52 30.49 22.91
N PHE A 242 -35.86 30.06 23.99
CA PHE A 242 -34.39 30.05 24.06
C PHE A 242 -33.78 29.37 22.83
N LEU A 243 -34.31 28.21 22.44
CA LEU A 243 -33.75 27.48 21.29
C LEU A 243 -33.96 28.29 20.00
N LYS A 244 -35.19 28.72 19.73
CA LYS A 244 -35.49 29.34 18.44
C LYS A 244 -34.83 30.73 18.38
N ASN A 245 -34.50 31.31 19.54
CA ASN A 245 -33.79 32.59 19.62
C ASN A 245 -32.29 32.42 19.34
N SER A 246 -31.68 31.38 19.90
CA SER A 246 -30.22 31.26 19.90
C SER A 246 -29.76 29.96 19.23
N LEU A 247 -30.31 29.66 18.05
CA LEU A 247 -29.81 28.62 17.16
C LEU A 247 -29.49 29.28 15.83
N PRO A 248 -28.50 28.77 15.07
CA PRO A 248 -28.37 29.16 13.67
C PRO A 248 -29.76 29.18 13.02
N THR A 249 -30.13 30.29 12.37
CA THR A 249 -31.54 30.44 11.97
C THR A 249 -31.91 29.45 10.85
N ALA A 250 -30.94 28.75 10.27
CA ALA A 250 -31.25 27.70 9.29
C ALA A 250 -31.65 26.40 9.99
N ILE A 251 -31.04 26.12 11.16
CA ILE A 251 -31.42 24.99 11.99
C ILE A 251 -32.81 25.26 12.57
N SER A 252 -33.01 26.45 13.12
CA SER A 252 -34.26 26.83 13.73
C SER A 252 -35.38 26.85 12.67
N ASP A 253 -35.12 27.40 11.49
CA ASP A 253 -36.14 27.46 10.44
C ASP A 253 -36.52 26.03 10.03
N TRP A 254 -35.54 25.14 10.00
CA TRP A 254 -35.75 23.72 9.74
C TRP A 254 -36.67 23.13 10.82
N TRP A 255 -36.31 23.33 12.09
CA TRP A 255 -37.02 22.78 13.26
C TRP A 255 -38.49 23.23 13.21
N TYR A 256 -38.74 24.51 12.91
CA TYR A 256 -40.11 25.06 12.91
C TYR A 256 -40.94 24.34 11.84
N MET A 257 -40.41 24.23 10.63
CA MET A 257 -41.18 23.64 9.53
C MET A 257 -41.43 22.13 9.77
N LYS A 258 -40.49 21.46 10.45
CA LYS A 258 -40.63 20.05 10.80
C LYS A 258 -41.89 19.90 11.67
N GLN A 259 -41.99 20.73 12.72
CA GLN A 259 -43.10 20.69 13.69
C GLN A 259 -44.43 20.93 12.97
N MET A 260 -44.48 22.01 12.19
CA MET A 260 -45.70 22.42 11.56
C MET A 260 -46.16 21.36 10.55
N ASN A 261 -45.22 20.65 9.92
CA ASN A 261 -45.63 19.73 8.84
C ASN A 261 -45.66 18.27 9.34
N ALA A 262 -45.58 18.04 10.65
CA ALA A 262 -45.50 16.70 11.22
C ALA A 262 -46.84 15.95 11.17
N ARG A 263 -47.96 16.59 11.54
CA ARG A 263 -49.23 15.86 11.60
C ARG A 263 -49.70 15.44 10.20
N PHE A 264 -49.72 16.37 9.25
CA PHE A 264 -50.10 16.04 7.88
C PHE A 264 -49.30 16.90 6.92
N LYS A 265 -49.07 16.36 5.72
CA LYS A 265 -48.29 16.99 4.70
C LYS A 265 -49.12 18.08 4.03
N HIS A 266 -48.83 19.34 4.44
CA HIS A 266 -49.52 20.51 3.91
C HIS A 266 -49.52 20.54 2.37
N GLU A 267 -48.44 20.02 1.78
CA GLU A 267 -48.25 19.91 0.32
C GLU A 267 -49.44 19.19 -0.33
N ASN A 268 -49.83 18.07 0.29
CA ASN A 268 -50.86 17.18 -0.24
C ASN A 268 -52.27 17.76 -0.01
N TYR A 269 -52.42 18.67 0.96
CA TYR A 269 -53.72 19.21 1.35
C TYR A 269 -53.98 20.60 0.73
N GLY A 270 -52.93 21.16 0.10
CA GLY A 270 -53.00 22.43 -0.61
C GLY A 270 -52.90 23.63 0.32
N LEU A 271 -52.21 23.42 1.46
CA LEU A 271 -52.13 24.43 2.48
C LEU A 271 -50.70 24.94 2.61
N MET A 272 -49.76 24.30 1.91
CA MET A 272 -48.34 24.58 2.09
C MET A 272 -48.12 26.05 1.88
N PRO A 273 -47.57 26.79 2.88
CA PRO A 273 -47.26 28.20 2.69
C PRO A 273 -46.19 28.44 1.61
N LEU A 274 -46.37 29.52 0.85
CA LEU A 274 -45.38 30.01 -0.12
C LEU A 274 -44.01 30.14 0.55
N ASN A 275 -43.95 30.70 1.78
CA ASN A 275 -42.70 30.81 2.52
C ASN A 275 -42.88 30.26 3.94
N GLY A 276 -42.52 28.99 4.10
CA GLY A 276 -42.70 28.24 5.35
C GLY A 276 -41.80 28.68 6.47
N THR A 277 -40.83 29.58 6.24
CA THR A 277 -39.92 29.98 7.34
C THR A 277 -40.56 31.12 8.14
N LEU A 278 -41.53 31.81 7.54
CA LEU A 278 -42.21 32.91 8.18
C LEU A 278 -42.96 32.41 9.42
N ARG A 279 -42.70 33.06 10.55
CA ARG A 279 -43.31 32.75 11.84
C ARG A 279 -44.61 33.56 11.98
N LYS A 280 -45.35 33.67 10.87
CA LYS A 280 -46.70 34.25 10.85
C LYS A 280 -47.59 33.43 11.79
N GLU A 281 -48.60 34.07 12.37
CA GLU A 281 -49.51 33.35 13.25
C GLU A 281 -50.13 32.23 12.43
N PRO A 282 -50.05 30.97 12.91
CA PRO A 282 -50.63 29.84 12.19
C PRO A 282 -52.15 29.84 12.30
N VAL A 283 -52.77 28.99 11.49
CA VAL A 283 -54.15 28.66 11.64
C VAL A 283 -54.26 27.64 12.77
N PHE A 284 -55.22 27.86 13.67
CA PHE A 284 -55.60 26.91 14.67
C PHE A 284 -56.99 26.37 14.33
N ASN A 285 -57.03 25.12 13.89
CA ASN A 285 -58.23 24.54 13.36
C ASN A 285 -58.11 23.01 13.35
N ASP A 286 -59.05 22.39 14.05
CA ASP A 286 -58.99 20.97 14.34
C ASP A 286 -59.69 20.19 13.23
N GLU A 287 -60.72 20.79 12.62
CA GLU A 287 -61.57 20.13 11.64
C GLU A 287 -60.93 20.07 10.23
N LEU A 288 -60.04 21.02 9.89
CA LEU A 288 -59.84 21.33 8.49
C LEU A 288 -59.28 20.12 7.73
N PRO A 289 -58.23 19.44 8.20
CA PRO A 289 -57.68 18.33 7.43
C PRO A 289 -58.76 17.29 7.08
N ALA A 290 -59.54 16.87 8.08
CA ALA A 290 -60.58 15.86 7.84
C ALA A 290 -61.59 16.39 6.81
N ARG A 291 -61.99 17.66 6.95
CA ARG A 291 -62.96 18.23 6.02
C ARG A 291 -62.38 18.22 4.60
N ILE A 292 -61.06 18.43 4.47
CA ILE A 292 -60.42 18.44 3.17
C ILE A 292 -60.38 17.00 2.64
N LEU A 293 -59.99 16.04 3.48
CA LEU A 293 -59.80 14.68 3.04
C LEU A 293 -61.14 14.03 2.67
N CYS A 294 -62.23 14.52 3.27
CA CYS A 294 -63.59 14.06 2.98
C CYS A 294 -64.20 14.84 1.80
N GLY A 295 -63.44 15.78 1.23
CA GLY A 295 -63.84 16.50 0.02
C GLY A 295 -64.99 17.46 0.26
N THR A 296 -65.09 18.04 1.45
CA THR A 296 -66.12 19.02 1.79
C THR A 296 -65.54 20.44 1.77
N VAL A 297 -64.21 20.53 1.69
CA VAL A 297 -63.49 21.78 1.60
C VAL A 297 -62.28 21.50 0.73
N SER A 298 -62.03 22.37 -0.25
CA SER A 298 -60.77 22.31 -0.94
C SER A 298 -60.18 23.71 -1.00
N ILE A 299 -58.85 23.74 -0.99
CA ILE A 299 -58.09 24.96 -1.00
C ILE A 299 -57.67 25.24 -2.43
N LYS A 300 -57.85 26.49 -2.88
CA LYS A 300 -57.43 26.92 -4.20
C LYS A 300 -56.52 28.14 -4.06
N PRO A 301 -55.79 28.52 -5.12
CA PRO A 301 -54.95 29.72 -5.09
C PRO A 301 -55.84 30.99 -5.12
N ASN A 302 -55.21 32.15 -5.27
CA ASN A 302 -55.93 33.42 -5.22
C ASN A 302 -56.88 33.51 -6.43
N VAL A 303 -57.96 34.29 -6.27
CA VAL A 303 -58.91 34.52 -7.33
C VAL A 303 -58.29 35.52 -8.30
N LYS A 304 -58.40 35.18 -9.61
CA LYS A 304 -57.85 35.99 -10.69
C LYS A 304 -58.93 37.00 -11.16
N GLU A 305 -60.16 36.51 -11.28
CA GLU A 305 -61.23 37.22 -11.96
C GLU A 305 -62.57 36.65 -11.50
N PHE A 306 -63.54 37.54 -11.25
CA PHE A 306 -64.93 37.15 -11.06
C PHE A 306 -65.71 37.42 -12.34
N THR A 307 -66.77 36.62 -12.55
CA THR A 307 -67.79 36.82 -13.56
C THR A 307 -69.10 37.19 -12.85
N GLU A 308 -70.20 37.13 -13.61
CA GLU A 308 -71.54 37.35 -13.09
C GLU A 308 -71.85 36.31 -11.99
N THR A 309 -71.35 35.08 -12.20
CA THR A 309 -71.80 33.92 -11.47
C THR A 309 -70.62 33.06 -10.96
N SER A 310 -69.41 33.31 -11.46
CA SER A 310 -68.26 32.41 -11.31
C SER A 310 -67.07 33.12 -10.69
N ALA A 311 -66.09 32.34 -10.27
CA ALA A 311 -64.77 32.80 -9.92
C ALA A 311 -63.76 31.94 -10.68
N ILE A 312 -62.71 32.57 -11.19
CA ILE A 312 -61.65 31.82 -11.84
C ILE A 312 -60.35 32.13 -11.07
N PHE A 313 -59.60 31.06 -10.80
CA PHE A 313 -58.44 31.11 -9.94
C PHE A 313 -57.18 31.20 -10.80
N GLU A 314 -56.09 31.65 -10.17
CA GLU A 314 -54.81 31.91 -10.78
C GLU A 314 -54.23 30.64 -11.43
N ASP A 315 -54.75 29.45 -11.12
CA ASP A 315 -54.23 28.24 -11.76
C ASP A 315 -55.14 27.84 -12.94
N GLY A 316 -56.17 28.64 -13.23
CA GLY A 316 -57.02 28.40 -14.38
C GLY A 316 -58.37 27.80 -14.03
N THR A 317 -58.48 27.07 -12.91
CA THR A 317 -59.72 26.39 -12.56
C THR A 317 -60.84 27.40 -12.28
N VAL A 318 -62.08 26.89 -12.14
CA VAL A 318 -63.27 27.72 -12.01
C VAL A 318 -64.26 27.13 -11.00
N PHE A 319 -64.85 28.01 -10.21
CA PHE A 319 -65.89 27.68 -9.28
C PHE A 319 -67.19 28.26 -9.85
N GLU A 320 -68.01 27.40 -10.44
CA GLU A 320 -69.25 27.76 -11.11
C GLU A 320 -70.35 28.08 -10.08
N ALA A 321 -71.26 28.98 -10.43
CA ALA A 321 -72.60 29.11 -9.81
C ALA A 321 -72.49 29.39 -8.31
N ILE A 322 -71.58 30.29 -7.95
CA ILE A 322 -71.30 30.67 -6.58
C ILE A 322 -72.50 31.45 -6.05
N ASP A 323 -73.05 31.03 -4.93
CA ASP A 323 -74.17 31.69 -4.28
C ASP A 323 -73.67 32.85 -3.42
N CYS A 324 -72.45 32.73 -2.88
CA CYS A 324 -72.04 33.63 -1.82
C CYS A 324 -70.51 33.66 -1.68
N VAL A 325 -69.95 34.87 -1.56
CA VAL A 325 -68.53 35.03 -1.31
C VAL A 325 -68.33 35.68 0.05
N ILE A 326 -67.52 35.04 0.91
CA ILE A 326 -67.20 35.57 2.22
C ILE A 326 -65.75 36.07 2.19
N PHE A 327 -65.55 37.35 2.49
CA PHE A 327 -64.21 37.91 2.59
C PHE A 327 -63.73 37.79 4.03
N ALA A 328 -62.86 36.81 4.27
CA ALA A 328 -62.30 36.55 5.56
C ALA A 328 -60.88 37.10 5.56
N THR A 329 -60.79 38.39 5.26
CA THR A 329 -59.55 39.03 4.86
C THR A 329 -59.02 39.94 5.98
N GLY A 330 -59.46 39.71 7.22
CA GLY A 330 -58.85 40.38 8.38
C GLY A 330 -59.34 41.81 8.57
N TYR A 331 -58.56 42.60 9.31
CA TYR A 331 -58.96 43.89 9.87
C TYR A 331 -57.80 44.88 9.76
N GLY A 332 -58.13 46.18 9.66
CA GLY A 332 -57.20 47.27 9.99
C GLY A 332 -57.52 47.90 11.33
N TYR A 333 -56.93 49.08 11.58
CA TYR A 333 -57.21 49.82 12.80
C TYR A 333 -57.11 51.33 12.60
N ALA A 334 -57.73 52.11 13.50
CA ALA A 334 -58.21 53.44 13.16
C ALA A 334 -57.90 54.52 14.21
N TYR A 335 -58.67 54.58 15.29
CA TYR A 335 -58.61 55.78 16.20
C TYR A 335 -59.20 57.02 15.52
N PRO A 336 -60.53 57.07 15.22
CA PRO A 336 -61.15 58.25 14.61
C PRO A 336 -61.18 59.49 15.50
N PHE A 337 -60.94 59.30 16.81
CA PHE A 337 -61.07 60.35 17.82
C PHE A 337 -59.72 61.01 18.08
N LEU A 338 -58.71 60.69 17.28
CA LEU A 338 -57.36 61.14 17.55
C LEU A 338 -56.70 61.59 16.26
N ASP A 339 -55.94 62.68 16.36
CA ASP A 339 -55.20 63.19 15.23
C ASP A 339 -54.17 62.13 14.82
N ASP A 340 -54.09 61.92 13.51
CA ASP A 340 -53.30 60.88 12.89
C ASP A 340 -51.83 61.04 13.28
N SER A 341 -51.38 62.28 13.48
CA SER A 341 -50.00 62.63 13.76
C SER A 341 -49.45 61.98 15.04
N ILE A 342 -50.33 61.59 15.96
CA ILE A 342 -49.94 61.08 17.30
C ILE A 342 -49.40 59.65 17.18
N ILE A 343 -50.19 58.79 16.55
CA ILE A 343 -49.87 57.37 16.44
C ILE A 343 -48.98 57.17 15.21
N LYS A 344 -49.41 57.73 14.07
CA LYS A 344 -48.67 57.65 12.81
C LYS A 344 -47.74 58.87 12.69
N SER A 345 -46.71 58.92 13.54
CA SER A 345 -45.90 60.11 13.75
C SER A 345 -44.61 60.05 12.94
N ARG A 346 -44.67 59.50 11.72
CA ARG A 346 -43.48 59.20 10.93
C ARG A 346 -43.88 58.27 9.78
N ASN A 347 -43.49 58.63 8.56
CA ASN A 347 -43.67 57.79 7.37
C ASN A 347 -45.16 57.45 7.17
N ASN A 348 -46.05 58.27 7.76
CA ASN A 348 -47.49 57.99 7.73
C ASN A 348 -47.74 56.51 8.09
N GLU A 349 -47.09 56.07 9.18
CA GLU A 349 -46.94 54.66 9.56
C GLU A 349 -46.93 54.57 11.10
N VAL A 350 -47.68 53.61 11.64
CA VAL A 350 -47.89 53.47 13.10
C VAL A 350 -46.54 53.30 13.79
N THR A 351 -46.17 54.26 14.65
CA THR A 351 -44.90 54.22 15.37
C THR A 351 -45.16 54.40 16.87
N LEU A 352 -45.04 53.29 17.59
CA LEU A 352 -45.27 53.23 19.04
C LEU A 352 -44.14 52.42 19.69
N PHE A 353 -43.57 52.97 20.75
CA PHE A 353 -42.61 52.28 21.58
C PHE A 353 -43.30 51.10 22.30
N LYS A 354 -42.82 49.89 22.01
CA LYS A 354 -43.35 48.63 22.57
C LYS A 354 -44.83 48.49 22.23
N GLY A 355 -45.28 49.13 21.14
CA GLY A 355 -46.65 49.07 20.68
C GLY A 355 -47.60 49.88 21.55
N ILE A 356 -47.05 50.65 22.51
CA ILE A 356 -47.84 51.26 23.56
C ILE A 356 -47.73 52.79 23.51
N PHE A 357 -46.51 53.32 23.74
CA PHE A 357 -46.33 54.79 23.94
C PHE A 357 -45.87 55.45 22.64
N PRO A 358 -46.57 56.50 22.16
CA PRO A 358 -46.10 57.27 21.01
C PRO A 358 -44.89 58.03 21.49
N PRO A 359 -43.70 57.82 20.88
CA PRO A 359 -42.51 58.56 21.30
C PRO A 359 -42.74 59.91 20.62
N LEU A 360 -41.91 60.90 20.94
CA LEU A 360 -42.12 62.28 20.43
C LEU A 360 -43.14 63.01 21.32
N LEU A 361 -43.97 62.27 22.02
CA LEU A 361 -44.94 62.89 22.89
C LEU A 361 -44.17 63.58 24.03
N GLU A 362 -44.44 64.86 24.21
CA GLU A 362 -43.67 65.72 25.11
C GLU A 362 -43.71 65.11 26.52
N LYS A 363 -44.91 64.73 26.97
CA LYS A 363 -45.09 64.01 28.25
C LYS A 363 -45.71 62.63 27.97
N PRO A 364 -45.27 61.57 28.68
CA PRO A 364 -45.73 60.22 28.40
C PRO A 364 -47.07 59.97 29.12
N THR A 365 -48.15 60.44 28.52
CA THR A 365 -49.47 60.38 29.16
C THR A 365 -50.53 59.82 28.21
N LEU A 366 -50.08 59.16 27.12
CA LEU A 366 -51.00 58.38 26.30
C LEU A 366 -50.39 57.00 26.05
N ALA A 367 -51.22 55.97 26.24
CA ALA A 367 -50.86 54.57 26.08
C ALA A 367 -51.91 53.88 25.23
N VAL A 368 -51.43 53.09 24.25
CA VAL A 368 -52.27 52.20 23.48
C VAL A 368 -52.13 50.79 24.07
N ILE A 369 -53.27 50.21 24.48
CA ILE A 369 -53.31 48.91 25.09
C ILE A 369 -53.97 47.92 24.14
N GLY A 370 -53.25 46.85 23.83
CA GLY A 370 -53.80 45.66 23.16
C GLY A 370 -53.59 45.65 21.66
N LEU A 371 -52.66 46.46 21.16
CA LEU A 371 -52.36 46.54 19.77
C LEU A 371 -51.12 45.69 19.52
N VAL A 372 -51.22 44.42 19.86
CA VAL A 372 -50.05 43.56 19.85
C VAL A 372 -50.56 42.13 19.69
N GLN A 373 -49.93 41.37 18.81
CA GLN A 373 -50.36 40.03 18.54
C GLN A 373 -49.13 39.13 18.72
N SER A 374 -49.33 37.98 19.37
CA SER A 374 -48.33 36.92 19.44
C SER A 374 -49.06 35.57 19.49
N LEU A 375 -48.31 34.48 19.73
CA LEU A 375 -48.80 33.17 20.06
C LEU A 375 -49.49 33.21 21.44
N GLY A 376 -49.01 34.14 22.26
CA GLY A 376 -49.56 34.40 23.54
C GLY A 376 -50.91 35.05 23.43
N ALA A 377 -51.62 35.09 24.56
CA ALA A 377 -52.99 35.54 24.60
C ALA A 377 -53.07 37.02 24.96
N THR A 378 -54.15 37.67 24.51
CA THR A 378 -54.34 39.08 24.72
C THR A 378 -54.43 39.38 26.23
N ILE A 379 -55.27 38.62 26.93
CA ILE A 379 -55.54 38.94 28.31
C ILE A 379 -54.24 39.11 29.09
N PRO A 380 -53.36 38.09 29.18
CA PRO A 380 -52.12 38.25 29.93
C PRO A 380 -51.21 39.35 29.38
N THR A 381 -51.24 39.55 28.07
CA THR A 381 -50.39 40.55 27.44
C THR A 381 -50.80 41.94 27.91
N THR A 382 -52.11 42.24 27.82
CA THR A 382 -52.62 43.53 28.16
C THR A 382 -52.48 43.78 29.66
N ASP A 383 -52.60 42.73 30.47
CA ASP A 383 -52.44 42.90 31.90
C ASP A 383 -51.07 43.52 32.16
N LEU A 384 -50.03 43.00 31.48
CA LEU A 384 -48.68 43.53 31.65
C LEU A 384 -48.56 44.94 31.07
N GLN A 385 -49.07 45.17 29.85
CA GLN A 385 -49.00 46.47 29.21
C GLN A 385 -49.57 47.52 30.16
N ALA A 386 -50.75 47.24 30.70
CA ALA A 386 -51.45 48.17 31.57
C ALA A 386 -50.66 48.45 32.84
N ARG A 387 -50.05 47.42 33.43
CA ARG A 387 -49.26 47.58 34.66
C ARG A 387 -48.18 48.65 34.44
N TRP A 388 -47.52 48.57 33.28
CA TRP A 388 -46.42 49.44 32.93
C TRP A 388 -46.90 50.87 32.67
N ALA A 389 -47.90 50.99 31.80
CA ALA A 389 -48.48 52.29 31.48
C ALA A 389 -48.96 52.99 32.76
N ALA A 390 -49.56 52.21 33.67
CA ALA A 390 -50.11 52.78 34.90
C ALA A 390 -48.99 53.35 35.75
N LYS A 391 -47.88 52.61 35.81
CA LYS A 391 -46.71 53.02 36.56
C LYS A 391 -46.06 54.25 35.89
N VAL A 392 -46.03 54.29 34.56
CA VAL A 392 -45.49 55.46 33.87
C VAL A 392 -46.34 56.68 34.22
N PHE A 393 -47.66 56.52 34.22
CA PHE A 393 -48.55 57.62 34.54
C PHE A 393 -48.35 58.10 36.00
N ALA A 394 -48.04 57.19 36.92
CA ALA A 394 -47.89 57.51 38.36
C ALA A 394 -46.44 57.94 38.67
N ASN A 395 -45.64 58.15 37.63
CA ASN A 395 -44.21 58.57 37.70
C ASN A 395 -43.42 57.62 38.59
N SER A 396 -43.83 56.36 38.63
CA SER A 396 -43.15 55.27 39.31
C SER A 396 -42.12 54.61 38.34
N CYS A 397 -42.41 54.65 37.03
CA CYS A 397 -41.43 54.32 35.97
C CYS A 397 -41.29 55.53 35.06
N THR A 398 -40.18 55.59 34.32
CA THR A 398 -40.01 56.63 33.27
C THR A 398 -39.49 55.98 31.98
N LEU A 399 -39.95 56.50 30.85
CA LEU A 399 -39.58 56.02 29.53
C LEU A 399 -38.10 56.28 29.29
N PRO A 400 -37.47 55.56 28.34
CA PRO A 400 -36.16 55.95 27.86
C PRO A 400 -36.28 57.23 27.01
N THR A 401 -35.14 57.67 26.46
CA THR A 401 -35.07 58.91 25.76
C THR A 401 -35.80 58.76 24.42
N THR A 402 -36.04 59.88 23.74
CA THR A 402 -36.89 59.86 22.57
C THR A 402 -36.22 59.06 21.45
N ASN A 403 -34.92 59.18 21.24
CA ASN A 403 -34.34 58.42 20.13
C ASN A 403 -33.83 57.07 20.63
N GLU A 404 -33.71 56.88 21.95
CA GLU A 404 -33.53 55.51 22.50
C GLU A 404 -34.73 54.65 22.05
N MET A 405 -35.93 55.25 22.13
CA MET A 405 -37.19 54.59 21.80
C MET A 405 -37.28 54.38 20.29
N MET A 406 -36.91 55.38 19.50
CA MET A 406 -36.95 55.29 18.04
C MET A 406 -35.95 54.24 17.54
N ASP A 407 -34.81 54.11 18.24
CA ASP A 407 -33.84 53.09 17.89
C ASP A 407 -34.48 51.71 18.03
N ASP A 408 -35.09 51.48 19.20
CA ASP A 408 -35.79 50.23 19.52
C ASP A 408 -36.86 49.96 18.45
N ILE A 409 -37.66 50.98 18.09
CA ILE A 409 -38.71 50.82 17.09
C ILE A 409 -38.11 50.39 15.75
N ASP A 410 -36.99 51.03 15.36
CA ASP A 410 -36.30 50.72 14.10
C ASP A 410 -35.84 49.27 14.13
N GLU A 411 -35.21 48.85 15.24
CA GLU A 411 -34.64 47.50 15.37
C GLU A 411 -35.78 46.48 15.28
N LYS A 412 -36.91 46.78 15.94
CA LYS A 412 -38.06 45.88 16.02
C LYS A 412 -38.68 45.69 14.63
N MET A 413 -38.81 46.80 13.88
CA MET A 413 -39.36 46.75 12.54
C MET A 413 -38.50 45.87 11.63
N GLY A 414 -37.20 45.79 11.93
CA GLY A 414 -36.26 44.98 11.16
C GLY A 414 -36.44 43.51 11.44
N LYS A 415 -36.50 43.19 12.74
CA LYS A 415 -36.79 41.85 13.25
C LYS A 415 -38.12 41.37 12.68
N LYS A 416 -39.12 42.25 12.65
CA LYS A 416 -40.45 41.91 12.17
C LYS A 416 -40.39 41.51 10.69
N LEU A 417 -39.60 42.23 9.90
CA LEU A 417 -39.49 41.95 8.46
C LEU A 417 -38.79 40.59 8.26
N LYS A 418 -37.80 40.33 9.10
CA LYS A 418 -37.03 39.11 9.04
C LYS A 418 -37.95 37.92 9.38
N TRP A 419 -38.64 38.00 10.52
CA TRP A 419 -39.35 36.86 11.09
C TRP A 419 -40.74 36.69 10.45
N PHE A 420 -41.39 37.77 10.03
CA PHE A 420 -42.80 37.68 9.62
C PHE A 420 -43.00 38.15 8.17
N GLY A 421 -41.98 38.80 7.58
CA GLY A 421 -42.03 39.26 6.18
C GLY A 421 -42.79 40.57 6.01
N GLN A 422 -42.90 41.33 7.09
CA GLN A 422 -43.65 42.58 7.19
C GLN A 422 -43.02 43.35 8.36
N SER A 423 -42.66 44.61 8.16
CA SER A 423 -42.23 45.43 9.29
C SER A 423 -43.46 45.99 10.03
N GLN A 424 -44.61 45.99 9.35
CA GLN A 424 -45.80 46.70 9.80
C GLN A 424 -46.75 45.78 10.58
N THR A 425 -46.45 44.48 10.67
CA THR A 425 -47.28 43.52 11.39
C THR A 425 -47.37 43.89 12.88
N LEU A 426 -48.43 43.42 13.52
CA LEU A 426 -48.56 43.51 14.96
C LEU A 426 -47.86 42.33 15.63
N GLN A 427 -47.47 41.31 14.85
CA GLN A 427 -46.86 40.08 15.39
C GLN A 427 -45.54 40.42 16.09
N THR A 428 -45.29 39.73 17.21
CA THR A 428 -44.04 39.80 17.94
C THR A 428 -43.88 38.47 18.68
N ASP A 429 -42.68 38.20 19.17
CA ASP A 429 -42.39 37.04 19.94
C ASP A 429 -42.85 37.30 21.38
N TYR A 430 -43.73 36.41 21.87
CA TYR A 430 -44.46 36.62 23.11
C TYR A 430 -43.49 36.76 24.29
N ILE A 431 -42.71 35.72 24.54
CA ILE A 431 -41.96 35.68 25.79
C ILE A 431 -40.93 36.83 25.82
N THR A 432 -40.38 37.14 24.64
CA THR A 432 -39.44 38.25 24.51
C THR A 432 -40.11 39.56 24.93
N TYR A 433 -41.28 39.84 24.34
CA TYR A 433 -42.02 41.07 24.61
C TYR A 433 -42.38 41.14 26.09
N MET A 434 -42.89 40.02 26.62
CA MET A 434 -43.35 40.01 28.00
C MET A 434 -42.17 40.28 28.92
N ASP A 435 -40.98 39.81 28.54
CA ASP A 435 -39.81 39.97 29.35
C ASP A 435 -39.31 41.42 29.35
N GLU A 436 -39.31 42.06 28.17
CA GLU A 436 -38.92 43.45 28.05
C GLU A 436 -39.75 44.28 29.04
N LEU A 437 -41.08 44.17 28.96
CA LEU A 437 -41.99 44.94 29.81
C LEU A 437 -41.83 44.51 31.27
N GLY A 438 -41.56 43.22 31.49
CA GLY A 438 -41.29 42.67 32.82
C GLY A 438 -40.17 43.41 33.52
N SER A 439 -39.04 43.57 32.80
CA SER A 439 -37.85 44.29 33.29
C SER A 439 -38.22 45.70 33.72
N PHE A 440 -39.00 46.41 32.88
CA PHE A 440 -39.32 47.80 33.11
C PHE A 440 -40.02 47.99 34.46
N ILE A 441 -40.77 47.01 34.95
CA ILE A 441 -41.53 47.17 36.21
C ILE A 441 -40.98 46.25 37.31
N GLY A 442 -39.94 45.48 36.99
CA GLY A 442 -39.26 44.59 37.92
C GLY A 442 -40.07 43.37 38.27
N ALA A 443 -40.75 42.78 37.27
CA ALA A 443 -41.62 41.63 37.44
C ALA A 443 -41.24 40.49 36.47
N LYS A 444 -40.12 40.66 35.76
CA LYS A 444 -39.55 39.58 34.98
C LYS A 444 -39.06 38.55 35.97
N PRO A 445 -39.54 37.29 35.90
CA PRO A 445 -39.11 36.28 36.86
C PRO A 445 -37.59 36.02 36.75
N ASN A 446 -36.94 35.96 37.92
CA ASN A 446 -35.51 35.71 37.99
C ASN A 446 -35.30 34.21 38.00
N ILE A 447 -35.04 33.67 36.81
CA ILE A 447 -34.97 32.21 36.66
C ILE A 447 -33.84 31.71 37.56
N PRO A 448 -32.60 32.23 37.42
CA PRO A 448 -31.49 31.79 38.27
C PRO A 448 -31.78 31.87 39.78
N TRP A 449 -32.28 33.01 40.26
CA TRP A 449 -32.66 33.14 41.68
C TRP A 449 -33.61 32.02 42.09
N LEU A 450 -34.45 31.56 41.16
CA LEU A 450 -35.37 30.47 41.42
C LEU A 450 -34.60 29.13 41.45
N PHE A 451 -33.76 28.83 40.45
CA PHE A 451 -33.00 27.58 40.49
C PHE A 451 -32.39 27.44 41.89
N LEU A 452 -31.92 28.57 42.47
CA LEU A 452 -31.14 28.62 43.73
C LEU A 452 -32.05 28.52 44.95
N THR A 453 -33.17 29.25 44.97
CA THR A 453 -34.24 29.03 45.97
C THR A 453 -35.49 28.53 45.25
N ASP A 454 -35.96 27.33 45.59
CA ASP A 454 -37.19 26.74 45.02
C ASP A 454 -36.98 26.28 43.59
N PRO A 455 -36.13 25.26 43.34
CA PRO A 455 -35.81 24.86 41.97
C PRO A 455 -36.93 24.04 41.30
N GLN A 456 -37.87 23.52 42.10
CA GLN A 456 -39.03 22.87 41.53
C GLN A 456 -39.77 23.88 40.64
N LEU A 457 -40.13 25.01 41.23
CA LEU A 457 -40.82 26.10 40.56
C LEU A 457 -39.98 26.61 39.40
N ALA A 458 -38.68 26.79 39.62
CA ALA A 458 -37.77 27.28 38.59
C ALA A 458 -37.92 26.45 37.31
N LEU A 459 -37.98 25.13 37.48
CA LEU A 459 -38.03 24.21 36.36
C LEU A 459 -39.36 24.32 35.61
N GLU A 460 -40.48 24.38 36.36
CA GLU A 460 -41.81 24.48 35.75
C GLU A 460 -41.94 25.85 35.04
N VAL A 461 -41.26 26.88 35.58
CA VAL A 461 -41.29 28.21 35.00
C VAL A 461 -40.51 28.24 33.67
N PHE A 462 -39.40 27.53 33.60
CA PHE A 462 -38.49 27.63 32.45
C PHE A 462 -38.85 26.60 31.38
N PHE A 463 -39.08 25.36 31.79
CA PHE A 463 -39.29 24.24 30.86
C PHE A 463 -40.78 24.02 30.56
N GLY A 464 -41.65 24.43 31.49
CA GLY A 464 -43.07 24.23 31.36
C GLY A 464 -43.75 25.40 30.65
N PRO A 465 -45.09 25.38 30.61
CA PRO A 465 -45.86 26.44 29.99
C PRO A 465 -45.48 27.81 30.56
N CYS A 466 -45.35 28.80 29.66
CA CYS A 466 -45.22 30.19 30.03
C CYS A 466 -46.60 30.76 30.34
N SER A 467 -47.15 30.23 31.45
CA SER A 467 -48.48 30.54 31.91
C SER A 467 -48.48 31.96 32.50
N PRO A 468 -49.59 32.71 32.39
CA PRO A 468 -49.65 34.07 32.92
C PRO A 468 -49.18 34.25 34.37
N TYR A 469 -49.42 33.23 35.21
CA TYR A 469 -49.12 33.25 36.67
C TYR A 469 -47.70 33.74 36.95
N GLN A 470 -46.79 33.29 36.13
CA GLN A 470 -45.37 33.57 36.10
C GLN A 470 -45.06 35.08 36.13
N PHE A 471 -45.99 35.90 35.60
CA PHE A 471 -45.69 37.33 35.39
C PHE A 471 -46.15 38.15 36.59
N ARG A 472 -46.80 37.49 37.55
CA ARG A 472 -47.15 38.07 38.84
C ARG A 472 -46.64 37.14 39.93
N LEU A 473 -45.46 36.56 39.71
CA LEU A 473 -44.87 35.61 40.64
C LEU A 473 -44.02 36.37 41.65
N MET A 474 -43.08 37.16 41.10
CA MET A 474 -42.21 38.00 41.90
C MET A 474 -42.29 39.44 41.38
N GLY A 475 -41.80 40.35 42.24
CA GLY A 475 -41.75 41.77 41.97
C GLY A 475 -43.03 42.46 42.42
N PRO A 476 -43.13 43.80 42.25
CA PRO A 476 -44.34 44.52 42.66
C PRO A 476 -45.60 43.97 41.95
N GLY A 477 -46.74 44.15 42.59
CA GLY A 477 -48.04 43.67 42.09
C GLY A 477 -48.12 42.15 41.96
N LYS A 478 -47.27 41.41 42.69
CA LYS A 478 -47.29 39.96 42.59
C LYS A 478 -48.52 39.41 43.33
N TRP A 479 -48.84 38.14 43.05
CA TRP A 479 -49.95 37.38 43.64
C TRP A 479 -49.36 36.20 44.41
N ASP A 480 -49.87 35.97 45.64
CA ASP A 480 -49.32 34.89 46.48
C ASP A 480 -49.78 33.52 45.95
N GLY A 481 -50.94 33.52 45.28
CA GLY A 481 -51.48 32.32 44.66
C GLY A 481 -50.65 31.79 43.52
N ALA A 482 -49.70 32.59 43.02
CA ALA A 482 -48.99 32.35 41.77
C ALA A 482 -48.21 31.04 41.81
N ARG A 483 -47.45 30.81 42.89
CA ARG A 483 -46.64 29.60 42.94
C ARG A 483 -47.55 28.38 42.84
N ASN A 484 -48.56 28.36 43.69
CA ASN A 484 -49.47 27.24 43.76
C ASN A 484 -50.14 27.06 42.38
N ALA A 485 -50.51 28.18 41.75
CA ALA A 485 -51.20 28.17 40.47
C ALA A 485 -50.35 27.49 39.39
N ILE A 486 -49.06 27.83 39.35
CA ILE A 486 -48.14 27.29 38.34
C ILE A 486 -48.02 25.77 38.55
N LEU A 487 -47.97 25.38 39.83
CA LEU A 487 -47.66 24.00 40.18
C LEU A 487 -48.90 23.11 40.04
N THR A 488 -50.08 23.71 39.86
CA THR A 488 -51.31 22.95 39.73
C THR A 488 -51.96 23.16 38.35
N GLN A 489 -51.21 23.69 37.38
CA GLN A 489 -51.80 24.10 36.11
C GLN A 489 -52.21 22.85 35.31
N TRP A 490 -51.43 21.78 35.40
CA TRP A 490 -51.79 20.57 34.69
C TRP A 490 -53.00 19.89 35.35
N ASP A 491 -53.18 20.07 36.67
CA ASP A 491 -54.39 19.56 37.33
C ASP A 491 -55.64 20.15 36.68
N ARG A 492 -55.62 21.47 36.47
CA ARG A 492 -56.80 22.20 35.99
C ARG A 492 -57.06 21.85 34.51
N THR A 493 -56.00 21.49 33.78
CA THR A 493 -56.05 21.15 32.37
C THR A 493 -56.66 19.75 32.14
N LEU A 494 -56.31 18.80 33.00
CA LEU A 494 -56.67 17.38 32.87
C LEU A 494 -58.02 17.07 33.53
N LYS A 495 -58.41 17.86 34.54
CA LYS A 495 -59.62 17.62 35.33
C LYS A 495 -60.83 17.48 34.41
N PRO A 496 -61.20 18.53 33.64
CA PRO A 496 -62.50 18.56 32.95
C PRO A 496 -62.70 17.54 31.82
N THR A 497 -61.59 17.04 31.29
CA THR A 497 -61.58 16.25 30.12
C THR A 497 -61.68 14.75 30.49
N ARG A 498 -61.34 14.45 31.74
CA ARG A 498 -61.28 13.06 32.23
C ARG A 498 -62.51 12.78 33.08
N THR A 499 -63.65 12.62 32.42
CA THR A 499 -64.93 12.39 33.07
C THR A 499 -65.28 10.89 33.12
N ARG A 500 -64.34 10.03 32.70
CA ARG A 500 -64.46 8.60 32.81
C ARG A 500 -63.07 8.05 33.07
N ALA A 501 -62.86 7.70 34.35
CA ALA A 501 -61.56 7.47 34.91
C ALA A 501 -61.21 6.00 34.71
N VAL A 502 -60.32 5.71 33.76
CA VAL A 502 -59.99 4.33 33.55
C VAL A 502 -58.48 4.19 33.63
N GLY A 503 -57.77 5.00 32.85
CA GLY A 503 -56.33 5.08 33.05
C GLY A 503 -55.98 5.64 34.42
N GLU A 504 -54.69 5.84 34.62
CA GLU A 504 -54.16 6.85 35.51
C GLU A 504 -53.96 8.10 34.64
N ALA A 505 -54.43 9.26 35.10
CA ALA A 505 -54.26 10.52 34.33
C ALA A 505 -52.77 10.69 34.00
N LYS A 506 -52.47 11.15 32.79
CA LYS A 506 -51.06 11.29 32.39
C LYS A 506 -50.67 12.76 32.30
N ARG A 507 -49.88 13.23 33.26
CA ARG A 507 -49.41 14.62 33.22
C ARG A 507 -48.05 14.63 32.53
N PRO A 508 -47.65 15.72 31.88
CA PRO A 508 -46.36 15.80 31.23
C PRO A 508 -45.20 15.73 32.23
N SER A 509 -44.08 15.18 31.78
CA SER A 509 -42.91 15.10 32.63
C SER A 509 -41.89 16.16 32.20
N LEU A 510 -41.16 16.73 33.17
CA LEU A 510 -39.96 17.55 32.86
C LEU A 510 -38.75 16.61 32.76
N PHE A 511 -38.73 15.57 33.62
CA PHE A 511 -37.87 14.38 33.52
C PHE A 511 -38.09 13.68 32.17
N TYR A 512 -37.90 14.42 31.06
CA TYR A 512 -38.33 13.94 29.74
C TYR A 512 -37.28 14.30 28.67
N ASN A 513 -37.14 15.59 28.36
CA ASN A 513 -36.44 16.11 27.15
C ASN A 513 -36.79 15.24 25.92
N LEU A 514 -37.96 15.54 25.33
CA LEU A 514 -38.50 14.83 24.15
C LEU A 514 -37.80 15.33 22.86
N LEU A 515 -37.17 16.50 22.96
CA LEU A 515 -36.48 17.13 21.84
C LEU A 515 -35.00 17.33 22.25
N LYS A 516 -34.40 16.28 22.80
CA LYS A 516 -32.97 16.31 23.19
C LYS A 516 -32.33 14.91 23.18
N ILE A 517 -33.00 13.93 22.55
CA ILE A 517 -32.52 12.51 22.47
C ILE A 517 -31.81 12.25 21.14
N LEU A 518 -32.29 12.92 20.08
CA LEU A 518 -31.73 12.83 18.74
C LEU A 518 -30.82 14.05 18.47
N LEU A 519 -30.55 14.87 19.52
CA LEU A 519 -29.56 15.94 19.47
C LEU A 519 -28.38 15.56 20.40
N PHE A 520 -28.49 15.85 21.71
CA PHE A 520 -27.25 15.93 22.55
C PHE A 520 -26.65 14.55 22.80
N PRO A 521 -27.43 13.44 22.70
CA PRO A 521 -26.87 12.10 22.55
C PRO A 521 -26.21 11.68 21.22
N VAL A 522 -26.78 12.04 20.07
CA VAL A 522 -26.16 11.77 18.73
C VAL A 522 -24.95 12.70 18.49
N LEU A 523 -24.91 13.89 19.10
CA LEU A 523 -23.73 14.85 19.17
C LEU A 523 -22.78 14.43 20.33
N LEU A 524 -23.03 13.25 20.90
CA LEU A 524 -22.21 12.71 21.98
C LEU A 524 -21.64 11.32 21.61
N LEU A 525 -22.11 10.68 20.53
CA LEU A 525 -21.38 9.52 19.97
C LEU A 525 -20.65 9.89 18.65
N ALA A 526 -21.07 11.00 18.01
CA ALA A 526 -20.38 11.59 16.86
C ALA A 526 -19.07 12.25 17.33
N VAL A 527 -19.15 13.29 18.17
CA VAL A 527 -17.92 13.99 18.67
C VAL A 527 -17.39 13.24 19.92
N LEU A 528 -17.75 11.94 20.04
CA LEU A 528 -17.05 10.98 20.91
C LEU A 528 -16.60 9.77 20.08
N LEU A 529 -15.60 10.01 19.20
CA LEU A 529 -15.04 9.06 18.22
C LEU A 529 -14.02 9.78 17.32
N ALA A 530 -14.48 10.84 16.63
CA ALA A 530 -13.66 11.78 15.84
C ALA A 530 -12.90 12.74 16.76
N LYS B 3 46.25 -3.31 -87.41
CA LYS B 3 46.64 -2.17 -86.49
C LYS B 3 45.59 -1.93 -85.40
N LYS B 4 44.29 -2.23 -85.63
CA LYS B 4 43.29 -1.94 -84.59
C LYS B 4 43.26 -3.10 -83.57
N VAL B 5 43.47 -2.80 -82.28
CA VAL B 5 43.55 -3.84 -81.19
C VAL B 5 42.57 -3.52 -80.04
N ALA B 6 41.61 -4.41 -79.79
CA ALA B 6 40.65 -4.26 -78.71
C ALA B 6 41.21 -4.89 -77.44
N ILE B 7 41.11 -4.16 -76.33
CA ILE B 7 41.65 -4.54 -75.03
C ILE B 7 40.53 -4.50 -73.99
N ILE B 8 40.19 -5.65 -73.43
CA ILE B 8 39.12 -5.76 -72.47
C ILE B 8 39.70 -5.62 -71.05
N GLY B 9 39.47 -4.45 -70.44
CA GLY B 9 39.81 -4.18 -69.03
C GLY B 9 40.97 -3.19 -68.93
N ALA B 10 40.92 -2.30 -67.93
CA ALA B 10 41.96 -1.27 -67.73
C ALA B 10 42.59 -1.40 -66.34
N GLY B 11 42.68 -2.66 -65.89
CA GLY B 11 43.53 -3.02 -64.79
C GLY B 11 44.96 -3.11 -65.30
N VAL B 12 45.80 -3.72 -64.47
CA VAL B 12 47.22 -3.67 -64.73
C VAL B 12 47.50 -4.36 -66.07
N SER B 13 46.82 -5.48 -66.33
CA SER B 13 47.01 -6.25 -67.55
C SER B 13 46.65 -5.41 -68.79
N GLY B 14 45.52 -4.69 -68.71
CA GLY B 14 45.05 -3.87 -69.81
C GLY B 14 46.02 -2.74 -70.14
N LEU B 15 46.49 -2.09 -69.08
CA LEU B 15 47.39 -0.96 -69.20
C LEU B 15 48.70 -1.44 -69.85
N ALA B 16 49.19 -2.60 -69.41
CA ALA B 16 50.38 -3.17 -69.98
C ALA B 16 50.21 -3.34 -71.50
N SER B 17 49.00 -3.80 -71.88
CA SER B 17 48.59 -4.12 -73.24
C SER B 17 48.55 -2.85 -74.13
N ILE B 18 47.89 -1.82 -73.62
CA ILE B 18 47.80 -0.57 -74.33
C ILE B 18 49.21 -0.08 -74.67
N ARG B 19 50.05 -0.08 -73.62
CA ARG B 19 51.45 0.41 -73.65
C ARG B 19 52.26 -0.31 -74.72
N SER B 20 52.03 -1.61 -74.86
CA SER B 20 52.80 -2.44 -75.79
C SER B 20 52.32 -2.21 -77.24
N CYS B 21 51.01 -2.08 -77.38
CA CYS B 21 50.43 -1.73 -78.65
C CYS B 21 51.08 -0.43 -79.16
N LEU B 22 51.09 0.61 -78.33
CA LEU B 22 51.69 1.93 -78.68
C LEU B 22 53.15 1.75 -79.16
N GLU B 23 53.95 0.94 -78.47
CA GLU B 23 55.36 0.88 -78.84
C GLU B 23 55.56 0.00 -80.10
N GLU B 24 54.49 -0.59 -80.65
CA GLU B 24 54.55 -1.31 -81.95
C GLU B 24 53.77 -0.56 -83.04
N GLY B 25 53.35 0.67 -82.76
CA GLY B 25 52.64 1.51 -83.70
C GLY B 25 51.23 1.02 -84.00
N LEU B 26 50.67 0.14 -83.15
CA LEU B 26 49.30 -0.33 -83.33
C LEU B 26 48.35 0.73 -82.72
N GLU B 27 47.04 0.54 -82.93
CA GLU B 27 46.02 1.52 -82.57
C GLU B 27 45.09 0.84 -81.56
N PRO B 28 45.42 0.94 -80.26
CA PRO B 28 44.69 0.22 -79.22
C PRO B 28 43.40 0.92 -78.80
N THR B 29 42.39 0.14 -78.49
CA THR B 29 41.19 0.62 -77.84
C THR B 29 40.90 -0.26 -76.63
N CYS B 30 40.78 0.36 -75.45
CA CYS B 30 40.60 -0.32 -74.20
C CYS B 30 39.21 -0.02 -73.64
N PHE B 31 38.44 -1.08 -73.44
CA PHE B 31 37.09 -0.97 -72.90
C PHE B 31 37.13 -1.35 -71.42
N GLU B 32 36.70 -0.42 -70.56
CA GLU B 32 36.67 -0.61 -69.12
C GLU B 32 35.25 -0.34 -68.61
N ARG B 33 34.68 -1.34 -67.93
CA ARG B 33 33.25 -1.30 -67.48
C ARG B 33 33.02 -0.32 -66.35
N SER B 34 34.08 0.05 -65.63
CA SER B 34 33.96 1.05 -64.56
C SER B 34 34.52 2.39 -65.04
N ASP B 35 34.63 3.34 -64.10
CA ASP B 35 35.03 4.71 -64.38
C ASP B 35 36.48 4.96 -63.97
N ASP B 36 37.25 3.90 -63.70
CA ASP B 36 38.64 4.12 -63.34
C ASP B 36 39.53 2.95 -63.75
N ILE B 37 40.83 3.23 -63.76
CA ILE B 37 41.84 2.28 -64.06
C ILE B 37 42.29 1.58 -62.77
N GLY B 38 43.16 0.58 -62.93
CA GLY B 38 43.81 -0.12 -61.80
C GLY B 38 43.05 -1.39 -61.39
N GLY B 39 41.76 -1.47 -61.75
CA GLY B 39 40.96 -2.62 -61.42
C GLY B 39 40.95 -2.90 -59.92
N LEU B 40 41.47 -4.07 -59.56
CA LEU B 40 41.47 -4.65 -58.22
C LEU B 40 42.12 -3.70 -57.19
N TRP B 41 43.11 -2.90 -57.65
CA TRP B 41 43.98 -2.14 -56.76
C TRP B 41 43.33 -0.85 -56.26
N LYS B 42 42.22 -0.43 -56.85
CA LYS B 42 41.52 0.70 -56.31
C LYS B 42 40.46 0.20 -55.33
N PHE B 43 40.71 0.39 -54.04
CA PHE B 43 39.80 -0.09 -53.00
C PHE B 43 38.43 0.59 -53.14
N SER B 44 37.36 -0.16 -52.84
CA SER B 44 36.04 0.39 -52.71
C SER B 44 35.28 -0.31 -51.57
N ASP B 45 34.35 0.44 -50.98
CA ASP B 45 33.77 0.12 -49.68
C ASP B 45 32.88 -1.11 -49.82
N HIS B 46 32.40 -1.40 -51.04
CA HIS B 46 31.42 -2.45 -51.33
C HIS B 46 31.95 -3.29 -52.50
N ALA B 47 31.83 -4.61 -52.39
CA ALA B 47 32.17 -5.51 -53.50
C ALA B 47 31.21 -5.24 -54.69
N GLU B 48 31.77 -4.85 -55.84
CA GLU B 48 30.99 -4.62 -57.07
C GLU B 48 30.95 -5.93 -57.86
N GLU B 49 29.78 -6.39 -58.36
CA GLU B 49 29.69 -7.68 -59.05
C GLU B 49 30.41 -7.56 -60.41
N GLY B 50 31.19 -8.60 -60.75
CA GLY B 50 31.95 -8.65 -62.01
C GLY B 50 33.32 -7.99 -61.92
N ARG B 51 33.60 -7.43 -60.76
CA ARG B 51 34.94 -6.84 -60.56
C ARG B 51 35.57 -7.52 -59.34
N ALA B 52 36.87 -7.35 -59.17
CA ALA B 52 37.58 -7.87 -57.99
C ALA B 52 37.29 -6.96 -56.79
N SER B 53 37.61 -7.43 -55.59
CA SER B 53 37.13 -6.85 -54.34
C SER B 53 38.14 -7.09 -53.22
N ILE B 54 38.74 -6.03 -52.75
CA ILE B 54 39.88 -6.03 -51.90
C ILE B 54 39.38 -5.61 -50.49
N TYR B 55 40.07 -6.05 -49.44
CA TYR B 55 39.81 -5.50 -48.08
C TYR B 55 40.76 -4.32 -47.84
N GLN B 56 40.46 -3.52 -46.81
CA GLN B 56 40.98 -2.15 -46.78
C GLN B 56 42.48 -2.16 -46.50
N SER B 57 42.96 -3.14 -45.73
CA SER B 57 44.33 -3.14 -45.17
C SER B 57 45.35 -3.90 -46.03
N VAL B 58 45.01 -4.22 -47.29
CA VAL B 58 45.88 -4.96 -48.18
C VAL B 58 47.12 -4.13 -48.49
N PHE B 59 48.28 -4.77 -48.24
CA PHE B 59 49.60 -4.31 -48.67
C PHE B 59 50.15 -5.29 -49.71
N THR B 60 50.96 -4.79 -50.65
CA THR B 60 51.58 -5.66 -51.61
C THR B 60 52.38 -6.72 -50.85
N ASN B 61 52.46 -7.93 -51.41
CA ASN B 61 53.30 -8.97 -50.83
C ASN B 61 54.51 -9.21 -51.76
N SER B 62 54.64 -8.37 -52.80
CA SER B 62 55.85 -8.27 -53.57
C SER B 62 56.49 -6.91 -53.32
N SER B 63 57.83 -6.91 -53.36
CA SER B 63 58.70 -5.76 -53.11
C SER B 63 58.62 -4.76 -54.27
N LYS B 64 58.84 -3.47 -53.98
CA LYS B 64 58.71 -2.41 -55.00
C LYS B 64 59.72 -2.64 -56.13
N GLU B 65 60.93 -3.06 -55.79
CA GLU B 65 61.94 -3.20 -56.80
C GLU B 65 61.69 -4.49 -57.58
N MET B 66 60.63 -5.24 -57.27
CA MET B 66 60.33 -6.50 -57.95
C MET B 66 58.99 -6.46 -58.69
N MET B 67 58.22 -5.36 -58.55
CA MET B 67 56.86 -5.29 -59.08
C MET B 67 56.57 -3.96 -59.78
N CYS B 68 57.61 -3.31 -60.33
CA CYS B 68 57.48 -2.13 -61.21
C CYS B 68 57.45 -2.56 -62.67
N PHE B 69 56.86 -1.73 -63.52
CA PHE B 69 57.10 -1.87 -64.94
C PHE B 69 58.59 -1.71 -65.18
N PRO B 70 59.23 -2.58 -66.01
CA PRO B 70 60.69 -2.61 -66.14
C PRO B 70 61.35 -1.31 -66.58
N ASP B 71 60.58 -0.33 -67.05
CA ASP B 71 61.18 0.94 -67.49
C ASP B 71 60.66 2.11 -66.64
N PHE B 72 60.08 1.83 -65.46
CA PHE B 72 59.39 2.85 -64.68
C PHE B 72 59.44 2.49 -63.19
N PRO B 73 60.59 2.74 -62.53
CA PRO B 73 60.77 2.34 -61.14
C PRO B 73 59.81 3.11 -60.22
N TYR B 74 59.57 2.57 -59.04
CA TYR B 74 58.77 3.28 -58.09
C TYR B 74 59.63 4.41 -57.56
N PRO B 75 59.01 5.55 -57.19
CA PRO B 75 59.72 6.67 -56.56
C PRO B 75 60.68 6.18 -55.46
N ASP B 76 61.76 6.92 -55.26
CA ASP B 76 62.84 6.51 -54.36
C ASP B 76 62.31 6.27 -52.94
N ASP B 77 61.32 7.08 -52.54
CA ASP B 77 60.83 7.22 -51.17
C ASP B 77 59.74 6.17 -50.85
N PHE B 78 59.25 5.49 -51.89
CA PHE B 78 58.15 4.54 -51.69
C PHE B 78 58.60 3.41 -50.77
N PRO B 79 57.71 2.90 -49.91
CA PRO B 79 58.04 1.75 -49.07
C PRO B 79 58.16 0.49 -49.93
N ASN B 80 58.98 -0.46 -49.47
CA ASN B 80 59.29 -1.65 -50.22
C ASN B 80 58.03 -2.50 -50.42
N PHE B 81 57.14 -2.51 -49.42
CA PHE B 81 55.82 -3.09 -49.55
C PHE B 81 54.81 -1.98 -49.25
N MET B 82 53.77 -1.84 -50.09
CA MET B 82 52.97 -0.62 -50.16
C MET B 82 51.52 -0.94 -49.86
N HIS B 83 50.83 0.02 -49.23
CA HIS B 83 49.38 -0.01 -49.12
C HIS B 83 48.75 -0.04 -50.52
N ASN B 84 47.56 -0.65 -50.63
CA ASN B 84 46.88 -0.76 -51.91
C ASN B 84 46.72 0.62 -52.56
N SER B 85 46.39 1.62 -51.74
CA SER B 85 46.24 2.98 -52.25
C SER B 85 47.54 3.49 -52.88
N LYS B 86 48.70 3.12 -52.34
CA LYS B 86 49.98 3.60 -52.87
C LYS B 86 50.20 3.03 -54.28
N LEU B 87 49.80 1.77 -54.51
CA LEU B 87 49.98 1.13 -55.82
C LEU B 87 49.07 1.81 -56.86
N GLN B 88 47.82 2.09 -56.46
CA GLN B 88 46.86 2.77 -57.29
C GLN B 88 47.47 4.08 -57.81
N GLU B 89 48.19 4.76 -56.91
CA GLU B 89 48.86 6.01 -57.17
C GLU B 89 49.92 5.78 -58.25
N TYR B 90 50.67 4.68 -58.15
CA TYR B 90 51.72 4.34 -59.10
C TYR B 90 51.14 3.97 -60.46
N ILE B 91 50.09 3.15 -60.44
CA ILE B 91 49.44 2.74 -61.67
C ILE B 91 48.97 4.00 -62.40
N THR B 92 48.33 4.91 -61.65
CA THR B 92 47.85 6.14 -62.20
C THR B 92 49.00 6.95 -62.79
N ALA B 93 50.12 6.99 -62.07
CA ALA B 93 51.28 7.73 -62.53
C ALA B 93 51.77 7.16 -63.88
N PHE B 94 51.71 5.84 -64.01
CA PHE B 94 52.24 5.16 -65.19
C PHE B 94 51.36 5.43 -66.40
N ALA B 95 50.04 5.38 -66.23
CA ALA B 95 49.10 5.69 -67.30
C ALA B 95 49.34 7.13 -67.77
N LYS B 96 49.49 8.04 -66.81
CA LYS B 96 49.69 9.47 -67.11
C LYS B 96 50.99 9.62 -67.91
N GLU B 97 52.09 9.09 -67.40
CA GLU B 97 53.38 9.20 -68.03
C GLU B 97 53.37 8.64 -69.46
N LYS B 98 52.64 7.55 -69.71
CA LYS B 98 52.76 6.85 -71.01
C LYS B 98 51.55 7.19 -71.91
N ASN B 99 50.71 8.10 -71.43
CA ASN B 99 49.64 8.70 -72.17
C ASN B 99 48.68 7.61 -72.67
N LEU B 100 48.26 6.74 -71.76
CA LEU B 100 47.41 5.61 -72.09
C LEU B 100 45.91 5.95 -71.94
N LEU B 101 45.59 7.05 -71.24
CA LEU B 101 44.24 7.44 -70.91
C LEU B 101 43.39 7.68 -72.17
N LYS B 102 44.03 8.28 -73.20
CA LYS B 102 43.39 8.59 -74.49
C LYS B 102 42.59 7.39 -74.99
N TYR B 103 43.15 6.19 -74.84
CA TYR B 103 42.69 5.02 -75.54
C TYR B 103 41.73 4.19 -74.70
N ILE B 104 41.23 4.75 -73.60
CA ILE B 104 40.33 3.99 -72.75
C ILE B 104 38.95 4.62 -72.84
N GLN B 105 37.96 3.77 -73.14
CA GLN B 105 36.57 4.14 -73.04
C GLN B 105 36.01 3.56 -71.75
N PHE B 106 35.75 4.45 -70.78
CA PHE B 106 35.23 4.03 -69.49
C PHE B 106 33.73 3.79 -69.62
N LYS B 107 33.18 3.20 -68.56
CA LYS B 107 31.75 2.94 -68.40
C LYS B 107 31.22 2.02 -69.52
N THR B 108 32.12 1.43 -70.33
CA THR B 108 31.73 0.56 -71.46
C THR B 108 32.11 -0.91 -71.16
N LEU B 109 31.07 -1.73 -70.95
CA LEU B 109 31.11 -3.16 -70.77
C LEU B 109 31.33 -3.81 -72.15
N VAL B 110 32.23 -4.79 -72.19
CA VAL B 110 32.35 -5.62 -73.39
C VAL B 110 31.40 -6.81 -73.18
N SER B 111 30.36 -6.88 -74.03
CA SER B 111 29.29 -7.88 -73.88
C SER B 111 29.57 -9.11 -74.72
N SER B 112 30.21 -8.95 -75.89
CA SER B 112 30.72 -10.12 -76.63
C SER B 112 31.78 -9.71 -77.66
N VAL B 113 32.67 -10.70 -77.90
CA VAL B 113 33.78 -10.62 -78.82
C VAL B 113 33.71 -11.86 -79.71
N ASN B 114 33.51 -11.65 -81.02
CA ASN B 114 33.18 -12.74 -81.93
C ASN B 114 34.02 -12.62 -83.21
N LYS B 115 34.51 -13.77 -83.68
CA LYS B 115 35.19 -13.89 -84.94
C LYS B 115 34.33 -13.15 -85.99
N ARG B 116 35.05 -12.45 -86.88
CA ARG B 116 34.44 -11.76 -88.04
C ARG B 116 34.11 -12.88 -89.03
N PRO B 117 32.92 -12.89 -89.68
CA PRO B 117 32.47 -13.99 -90.55
C PRO B 117 33.56 -14.50 -91.51
N ASP B 118 34.43 -13.58 -91.90
CA ASP B 118 35.56 -13.85 -92.81
C ASP B 118 36.87 -14.03 -92.02
N PHE B 119 36.76 -14.62 -90.83
CA PHE B 119 37.88 -14.74 -89.89
C PHE B 119 38.99 -15.61 -90.49
N SER B 120 38.65 -16.61 -91.30
CA SER B 120 39.55 -17.72 -91.55
C SER B 120 40.70 -17.29 -92.47
N VAL B 121 40.72 -16.03 -92.96
CA VAL B 121 41.84 -15.53 -93.76
C VAL B 121 42.64 -14.46 -93.00
N THR B 122 42.07 -13.25 -92.81
CA THR B 122 42.60 -12.28 -91.85
C THR B 122 41.94 -12.61 -90.51
N GLY B 123 42.55 -12.20 -89.39
CA GLY B 123 41.94 -12.55 -88.14
C GLY B 123 41.28 -11.37 -87.51
N GLN B 124 40.16 -10.91 -88.07
CA GLN B 124 39.47 -9.76 -87.50
C GLN B 124 38.34 -10.23 -86.57
N TRP B 125 37.92 -9.33 -85.69
CA TRP B 125 37.02 -9.61 -84.58
C TRP B 125 35.96 -8.52 -84.46
N ASP B 126 34.74 -8.94 -84.11
CA ASP B 126 33.61 -8.05 -83.89
C ASP B 126 33.42 -7.86 -82.39
N VAL B 127 33.67 -6.63 -81.95
CA VAL B 127 33.72 -6.30 -80.53
C VAL B 127 32.45 -5.55 -80.13
N THR B 128 31.62 -6.15 -79.29
CA THR B 128 30.33 -5.59 -78.94
C THR B 128 30.44 -4.99 -77.54
N THR B 129 29.92 -3.76 -77.38
CA THR B 129 30.06 -3.02 -76.14
C THR B 129 28.76 -2.32 -75.77
N GLU B 130 28.25 -2.58 -74.55
CA GLU B 130 27.23 -1.76 -73.84
C GLU B 130 27.91 -0.52 -73.23
N LYS B 131 27.35 0.67 -73.44
CA LYS B 131 27.89 1.94 -72.90
C LYS B 131 26.99 2.50 -71.78
N ASP B 132 25.78 2.94 -72.12
CA ASP B 132 24.84 3.41 -71.07
C ASP B 132 23.64 2.49 -70.98
N GLY B 133 23.84 1.22 -71.32
CA GLY B 133 22.74 0.36 -71.77
C GLY B 133 22.52 0.47 -73.27
N LYS B 134 23.46 1.12 -73.96
CA LYS B 134 23.43 1.41 -75.42
C LYS B 134 24.48 0.56 -76.19
N LYS B 135 24.00 -0.51 -76.86
CA LYS B 135 24.83 -1.50 -77.61
C LYS B 135 25.51 -0.86 -78.84
N GLU B 136 26.72 -1.33 -79.12
CA GLU B 136 27.45 -1.00 -80.34
C GLU B 136 28.29 -2.22 -80.75
N SER B 137 28.88 -2.12 -81.95
CA SER B 137 29.74 -3.13 -82.48
C SER B 137 30.75 -2.49 -83.43
N ALA B 138 31.97 -3.03 -83.50
CA ALA B 138 33.02 -2.45 -84.33
C ALA B 138 34.07 -3.51 -84.66
N VAL B 139 34.86 -3.23 -85.69
CA VAL B 139 35.75 -4.19 -86.24
C VAL B 139 37.15 -3.86 -85.71
N PHE B 140 37.83 -4.88 -85.20
CA PHE B 140 39.23 -4.80 -84.78
C PHE B 140 40.00 -5.98 -85.42
N ASP B 141 41.30 -5.82 -85.57
CA ASP B 141 42.18 -6.85 -86.10
C ASP B 141 42.48 -7.89 -85.02
N ALA B 142 42.62 -7.44 -83.77
CA ALA B 142 43.07 -8.33 -82.66
C ALA B 142 42.30 -8.01 -81.38
N VAL B 143 42.33 -8.98 -80.46
CA VAL B 143 41.76 -8.84 -79.14
C VAL B 143 42.78 -9.27 -78.06
N MET B 144 42.83 -8.48 -76.99
CA MET B 144 43.59 -8.80 -75.77
C MET B 144 42.62 -8.84 -74.60
N ILE B 145 42.48 -10.01 -73.97
CA ILE B 145 41.60 -10.21 -72.85
C ILE B 145 42.40 -9.99 -71.55
N CYS B 146 41.99 -8.97 -70.80
CA CYS B 146 42.64 -8.53 -69.60
C CYS B 146 41.61 -8.37 -68.47
N SER B 147 40.69 -9.35 -68.39
CA SER B 147 39.47 -9.28 -67.58
C SER B 147 39.65 -9.94 -66.21
N GLY B 148 40.87 -10.41 -65.90
CA GLY B 148 41.30 -10.76 -64.55
C GLY B 148 40.65 -12.03 -63.99
N HIS B 149 41.26 -12.59 -62.95
CA HIS B 149 40.88 -13.92 -62.47
C HIS B 149 40.79 -14.01 -60.94
N HIS B 150 40.62 -12.85 -60.27
CA HIS B 150 40.37 -12.76 -58.84
C HIS B 150 39.03 -12.06 -58.61
N VAL B 151 38.01 -12.42 -59.40
CA VAL B 151 36.72 -11.74 -59.30
C VAL B 151 35.58 -12.73 -58.95
N TYR B 152 35.49 -13.86 -59.64
CA TYR B 152 34.38 -14.82 -59.39
C TYR B 152 34.79 -15.73 -58.23
N PRO B 153 34.23 -15.56 -57.02
CA PRO B 153 34.65 -16.34 -55.86
C PRO B 153 34.45 -17.84 -56.05
N ASN B 154 35.47 -18.64 -55.67
CA ASN B 154 35.37 -20.07 -55.52
C ASN B 154 34.80 -20.32 -54.13
N LEU B 155 33.56 -20.80 -54.06
CA LEU B 155 32.83 -20.92 -52.81
C LEU B 155 32.20 -22.31 -52.74
N PRO B 156 32.96 -23.36 -52.36
CA PRO B 156 32.43 -24.72 -52.26
C PRO B 156 31.42 -24.86 -51.12
N LYS B 157 30.18 -24.42 -51.39
CA LYS B 157 29.04 -24.65 -50.47
C LYS B 157 28.64 -26.13 -50.54
N GLU B 158 28.66 -26.74 -51.73
CA GLU B 158 28.27 -28.16 -51.92
C GLU B 158 29.33 -29.12 -51.36
N SER B 159 30.29 -28.63 -50.59
CA SER B 159 31.49 -29.35 -50.22
C SER B 159 31.56 -29.61 -48.70
N PHE B 160 30.77 -28.87 -47.91
CA PHE B 160 30.87 -28.86 -46.46
C PHE B 160 29.57 -29.38 -45.85
N PRO B 161 29.56 -30.64 -45.36
CA PRO B 161 28.36 -31.22 -44.77
C PRO B 161 27.79 -30.36 -43.62
N GLY B 162 26.58 -29.84 -43.82
CA GLY B 162 25.80 -29.22 -42.78
C GLY B 162 25.72 -27.71 -42.93
N LEU B 163 26.37 -27.15 -43.95
CA LEU B 163 26.57 -25.73 -44.04
C LEU B 163 25.20 -25.01 -44.12
N LYS B 164 24.26 -25.66 -44.83
CA LYS B 164 22.94 -25.07 -45.06
C LYS B 164 22.27 -24.76 -43.73
N HIS B 165 22.52 -25.60 -42.72
CA HIS B 165 21.89 -25.55 -41.40
C HIS B 165 22.47 -24.44 -40.50
N PHE B 166 23.71 -24.00 -40.77
CA PHE B 166 24.42 -23.08 -39.87
C PHE B 166 23.64 -21.77 -39.81
N LYS B 167 23.39 -21.27 -38.59
CA LYS B 167 22.44 -20.19 -38.33
C LYS B 167 23.12 -18.80 -38.35
N GLY B 168 24.46 -18.80 -38.25
CA GLY B 168 25.22 -17.57 -38.16
C GLY B 168 25.49 -16.99 -39.53
N LYS B 169 26.09 -15.80 -39.55
CA LYS B 169 26.45 -15.13 -40.78
C LYS B 169 27.66 -15.86 -41.39
N CYS B 170 27.72 -15.91 -42.72
CA CYS B 170 28.72 -16.70 -43.47
C CYS B 170 28.91 -16.09 -44.86
N PHE B 171 30.15 -15.77 -45.25
CA PHE B 171 30.44 -15.09 -46.53
C PHE B 171 31.91 -15.31 -46.96
N HIS B 172 32.27 -14.80 -48.13
CA HIS B 172 33.54 -15.04 -48.79
C HIS B 172 34.47 -13.84 -48.65
N SER B 173 35.80 -14.13 -48.65
CA SER B 173 36.88 -13.15 -48.55
C SER B 173 36.51 -11.86 -49.29
N ARG B 174 36.00 -12.00 -50.51
CA ARG B 174 35.52 -10.93 -51.38
C ARG B 174 34.81 -9.81 -50.60
N ASP B 175 33.96 -10.21 -49.65
CA ASP B 175 33.05 -9.28 -48.99
C ASP B 175 33.62 -8.80 -47.65
N TYR B 176 34.80 -9.29 -47.22
CA TYR B 176 35.44 -8.78 -46.02
C TYR B 176 36.06 -7.42 -46.36
N LYS B 177 35.92 -6.45 -45.45
CA LYS B 177 36.45 -5.11 -45.70
C LYS B 177 37.17 -4.56 -44.46
N GLU B 178 36.45 -4.51 -43.33
CA GLU B 178 36.95 -3.86 -42.12
C GLU B 178 36.67 -4.82 -40.96
N PRO B 179 37.49 -4.81 -39.89
CA PRO B 179 37.26 -5.70 -38.75
C PRO B 179 36.33 -5.16 -37.66
N GLY B 180 35.96 -3.87 -37.76
CA GLY B 180 35.17 -3.17 -36.74
C GLY B 180 34.02 -4.00 -36.21
N ILE B 181 33.17 -4.50 -37.10
CA ILE B 181 31.91 -5.14 -36.78
C ILE B 181 32.13 -6.50 -36.11
N PHE B 182 33.39 -6.94 -35.95
CA PHE B 182 33.64 -8.29 -35.45
C PHE B 182 34.11 -8.25 -34.00
N LYS B 183 34.16 -7.04 -33.41
CA LYS B 183 34.68 -6.88 -32.06
C LYS B 183 34.05 -7.94 -31.16
N GLY B 184 34.91 -8.71 -30.49
CA GLY B 184 34.52 -9.71 -29.51
C GLY B 184 33.57 -10.72 -30.08
N LYS B 185 33.65 -11.02 -31.39
CA LYS B 185 32.88 -12.09 -32.02
C LYS B 185 33.79 -13.33 -32.17
N ARG B 186 33.14 -14.48 -32.42
CA ARG B 186 33.84 -15.77 -32.64
C ARG B 186 33.82 -16.06 -34.14
N VAL B 187 34.99 -16.07 -34.77
CA VAL B 187 35.09 -16.18 -36.22
C VAL B 187 35.92 -17.40 -36.62
N LEU B 188 35.39 -18.17 -37.57
CA LEU B 188 36.08 -19.25 -38.25
C LEU B 188 36.40 -18.80 -39.67
N VAL B 189 37.66 -18.99 -40.06
CA VAL B 189 38.12 -18.68 -41.39
C VAL B 189 38.50 -19.99 -42.09
N ILE B 190 37.91 -20.23 -43.26
CA ILE B 190 38.21 -21.41 -44.06
C ILE B 190 39.21 -20.98 -45.12
N GLY B 191 40.37 -21.65 -45.11
CA GLY B 191 41.39 -21.41 -46.07
C GLY B 191 42.58 -20.70 -45.45
N LEU B 192 43.75 -21.31 -45.63
CA LEU B 192 45.00 -20.79 -45.16
C LEU B 192 45.75 -20.23 -46.35
N GLY B 193 45.07 -19.42 -47.15
CA GLY B 193 45.70 -18.60 -48.17
C GLY B 193 46.10 -17.25 -47.59
N ASN B 194 46.57 -16.37 -48.48
CA ASN B 194 47.06 -15.06 -48.08
C ASN B 194 45.89 -14.18 -47.60
N SER B 195 44.71 -14.37 -48.21
CA SER B 195 43.51 -13.70 -47.76
C SER B 195 43.12 -14.22 -46.38
N GLY B 196 43.05 -15.54 -46.27
CA GLY B 196 42.68 -16.18 -45.03
C GLY B 196 43.53 -15.67 -43.89
N CYS B 197 44.84 -15.66 -44.10
CA CYS B 197 45.76 -15.34 -43.04
C CYS B 197 45.69 -13.86 -42.71
N ASP B 198 45.59 -12.99 -43.74
CA ASP B 198 45.46 -11.54 -43.48
C ASP B 198 44.20 -11.26 -42.66
N ILE B 199 43.08 -11.85 -43.07
CA ILE B 199 41.80 -11.58 -42.45
C ILE B 199 41.81 -12.16 -41.02
N ALA B 200 42.40 -13.34 -40.86
CA ALA B 200 42.44 -13.98 -39.55
C ALA B 200 43.26 -13.12 -38.57
N THR B 201 44.45 -12.68 -38.99
CA THR B 201 45.36 -11.95 -38.12
C THR B 201 44.74 -10.59 -37.78
N GLU B 202 44.22 -9.90 -38.79
CA GLU B 202 43.55 -8.62 -38.55
C GLU B 202 42.39 -8.80 -37.54
N LEU B 203 41.57 -9.83 -37.72
CA LEU B 203 40.45 -10.06 -36.80
C LEU B 203 40.97 -10.37 -35.39
N SER B 204 42.12 -11.03 -35.32
CA SER B 204 42.64 -11.53 -34.07
C SER B 204 42.95 -10.38 -33.10
N HIS B 205 42.82 -9.12 -33.55
CA HIS B 205 43.13 -7.98 -32.70
C HIS B 205 41.91 -7.45 -31.94
N THR B 206 40.73 -8.03 -32.19
CA THR B 206 39.50 -7.41 -31.72
C THR B 206 38.42 -8.47 -31.56
N ALA B 207 38.51 -9.58 -32.28
CA ALA B 207 37.60 -10.70 -32.12
C ALA B 207 37.87 -11.43 -30.80
N GLU B 208 36.88 -12.19 -30.32
CA GLU B 208 36.99 -12.95 -29.10
C GLU B 208 37.87 -14.18 -29.33
N LYS B 209 37.56 -14.94 -30.38
CA LYS B 209 38.35 -16.11 -30.81
C LYS B 209 38.36 -16.18 -32.34
N VAL B 210 39.49 -16.62 -32.89
CA VAL B 210 39.69 -16.75 -34.33
C VAL B 210 40.39 -18.08 -34.61
N ILE B 211 39.83 -18.84 -35.56
CA ILE B 211 40.41 -20.08 -35.98
C ILE B 211 40.53 -20.07 -37.50
N ILE B 212 41.65 -20.63 -37.99
CA ILE B 212 41.79 -20.91 -39.41
C ILE B 212 41.76 -22.41 -39.61
N SER B 213 40.89 -22.87 -40.52
CA SER B 213 40.77 -24.27 -40.89
C SER B 213 41.49 -24.49 -42.22
N SER B 214 42.41 -25.45 -42.24
CA SER B 214 43.22 -25.72 -43.44
C SER B 214 43.18 -27.20 -43.82
N ARG B 215 42.85 -27.49 -45.08
CA ARG B 215 43.02 -28.80 -45.70
C ARG B 215 44.46 -29.30 -45.48
N SER B 216 45.38 -28.59 -46.11
CA SER B 216 46.69 -29.09 -46.44
C SER B 216 47.81 -28.33 -45.73
N GLY B 217 47.49 -27.30 -44.95
CA GLY B 217 48.49 -26.44 -44.36
C GLY B 217 49.26 -25.69 -45.43
N SER B 218 50.29 -24.95 -45.01
CA SER B 218 51.02 -24.09 -45.90
C SER B 218 52.30 -23.61 -45.22
N TRP B 219 53.37 -23.53 -46.01
CA TRP B 219 54.53 -22.79 -45.63
C TRP B 219 54.17 -21.31 -45.47
N VAL B 220 54.82 -20.66 -44.49
CA VAL B 220 54.59 -19.26 -44.20
C VAL B 220 55.93 -18.51 -44.20
N MET B 221 56.08 -17.63 -45.19
CA MET B 221 57.18 -16.69 -45.29
C MET B 221 56.71 -15.32 -44.82
N SER B 222 57.60 -14.33 -44.83
CA SER B 222 57.30 -13.00 -44.36
C SER B 222 57.95 -11.98 -45.30
N ARG B 223 57.38 -10.78 -45.35
CA ARG B 223 57.95 -9.70 -46.12
C ARG B 223 59.38 -9.45 -45.64
N VAL B 224 59.55 -9.48 -44.31
CA VAL B 224 60.84 -9.25 -43.71
C VAL B 224 61.61 -10.57 -43.75
N TRP B 225 62.59 -10.68 -44.64
CA TRP B 225 63.30 -11.92 -44.83
C TRP B 225 64.72 -11.78 -44.24
N ASP B 226 65.68 -12.54 -44.78
CA ASP B 226 67.03 -12.59 -44.26
C ASP B 226 67.58 -11.16 -44.16
N ASP B 227 68.06 -10.80 -42.95
CA ASP B 227 68.77 -9.55 -42.66
C ASP B 227 67.85 -8.34 -42.88
N GLY B 228 66.53 -8.59 -42.87
CA GLY B 228 65.50 -7.56 -42.99
C GLY B 228 65.29 -7.11 -44.42
N TYR B 229 65.78 -7.91 -45.36
CA TYR B 229 65.62 -7.57 -46.76
C TYR B 229 64.32 -8.16 -47.26
N PRO B 230 63.69 -7.55 -48.27
CA PRO B 230 62.45 -8.09 -48.82
C PRO B 230 62.70 -9.51 -49.35
N TRP B 231 61.78 -10.43 -49.05
CA TRP B 231 61.95 -11.84 -49.36
C TRP B 231 62.25 -12.02 -50.84
N ASP B 232 61.48 -11.36 -51.71
CA ASP B 232 61.52 -11.70 -53.12
C ASP B 232 62.85 -11.24 -53.74
N MET B 233 63.46 -10.17 -53.23
CA MET B 233 64.75 -9.70 -53.74
C MET B 233 65.88 -10.69 -53.42
N LEU B 234 65.64 -11.59 -52.45
CA LEU B 234 66.63 -12.60 -52.07
C LEU B 234 66.27 -13.96 -52.64
N PHE B 235 64.97 -14.25 -52.74
CA PHE B 235 64.48 -15.60 -53.00
C PHE B 235 64.33 -15.88 -54.50
N ILE B 236 64.08 -14.83 -55.29
CA ILE B 236 63.88 -14.94 -56.73
C ILE B 236 65.13 -14.44 -57.45
N THR B 237 65.98 -15.40 -57.83
CA THR B 237 67.31 -15.12 -58.33
C THR B 237 67.64 -16.16 -59.41
N ARG B 238 68.30 -15.74 -60.50
CA ARG B 238 68.64 -16.72 -61.57
C ARG B 238 69.44 -17.86 -60.96
N PHE B 239 70.40 -17.51 -60.12
CA PHE B 239 71.26 -18.51 -59.51
C PHE B 239 70.43 -19.47 -58.66
N GLU B 240 69.48 -18.93 -57.91
CA GLU B 240 68.68 -19.73 -57.00
C GLU B 240 67.81 -20.67 -57.86
N THR B 241 67.34 -20.16 -59.00
CA THR B 241 66.48 -20.92 -59.89
C THR B 241 67.33 -21.99 -60.57
N PHE B 242 68.54 -21.62 -61.01
CA PHE B 242 69.50 -22.55 -61.56
C PHE B 242 69.73 -23.75 -60.62
N LEU B 243 69.90 -23.50 -59.32
CA LEU B 243 70.10 -24.57 -58.36
C LEU B 243 68.88 -25.49 -58.30
N LYS B 244 67.70 -24.91 -58.07
CA LYS B 244 66.52 -25.73 -57.81
C LYS B 244 66.08 -26.43 -59.11
N ASN B 245 66.51 -25.91 -60.26
CA ASN B 245 66.28 -26.52 -61.58
C ASN B 245 67.21 -27.71 -61.82
N SER B 246 68.49 -27.57 -61.48
CA SER B 246 69.50 -28.54 -61.88
C SER B 246 70.25 -29.09 -60.66
N LEU B 247 69.49 -29.54 -59.65
CA LEU B 247 69.96 -30.38 -58.57
C LEU B 247 69.10 -31.63 -58.56
N PRO B 248 69.61 -32.78 -58.11
CA PRO B 248 68.74 -33.93 -57.83
C PRO B 248 67.51 -33.41 -57.06
N THR B 249 66.29 -33.75 -57.53
CA THR B 249 65.10 -33.08 -57.00
C THR B 249 64.85 -33.46 -55.52
N ALA B 250 65.53 -34.48 -55.01
CA ALA B 250 65.40 -34.83 -53.59
C ALA B 250 66.29 -33.92 -52.73
N ILE B 251 67.44 -33.50 -53.27
CA ILE B 251 68.31 -32.51 -52.61
C ILE B 251 67.60 -31.16 -52.59
N SER B 252 67.09 -30.76 -53.76
CA SER B 252 66.40 -29.49 -53.91
C SER B 252 65.14 -29.45 -53.03
N ASP B 253 64.36 -30.53 -53.02
CA ASP B 253 63.14 -30.59 -52.21
C ASP B 253 63.51 -30.44 -50.73
N TRP B 254 64.63 -31.04 -50.33
CA TRP B 254 65.16 -30.93 -48.99
C TRP B 254 65.51 -29.47 -48.69
N TRP B 255 66.29 -28.84 -49.58
CA TRP B 255 66.77 -27.45 -49.43
C TRP B 255 65.56 -26.51 -49.25
N TYR B 256 64.50 -26.69 -50.06
CA TYR B 256 63.32 -25.82 -50.03
C TYR B 256 62.66 -25.90 -48.64
N MET B 257 62.43 -27.11 -48.15
CA MET B 257 61.73 -27.30 -46.88
C MET B 257 62.57 -26.74 -45.71
N LYS B 258 63.89 -26.82 -45.81
CA LYS B 258 64.79 -26.30 -44.79
C LYS B 258 64.57 -24.79 -44.66
N GLN B 259 64.56 -24.09 -45.80
CA GLN B 259 64.38 -22.63 -45.86
C GLN B 259 63.02 -22.25 -45.24
N MET B 260 61.96 -22.91 -45.70
CA MET B 260 60.64 -22.55 -45.30
C MET B 260 60.47 -22.80 -43.79
N ASN B 261 61.15 -23.80 -43.23
CA ASN B 261 60.90 -24.15 -41.83
C ASN B 261 61.96 -23.55 -40.89
N ALA B 262 62.79 -22.62 -41.38
CA ALA B 262 63.92 -22.12 -40.61
C ALA B 262 63.52 -21.17 -39.47
N ARG B 263 62.64 -20.19 -39.75
CA ARG B 263 62.29 -19.19 -38.75
C ARG B 263 61.54 -19.81 -37.57
N PHE B 264 60.51 -20.60 -37.85
CA PHE B 264 59.74 -21.26 -36.79
C PHE B 264 59.26 -22.62 -37.30
N LYS B 265 59.13 -23.54 -36.36
CA LYS B 265 58.79 -24.92 -36.65
C LYS B 265 57.28 -24.99 -36.91
N HIS B 266 56.91 -25.06 -38.20
CA HIS B 266 55.52 -25.14 -38.63
C HIS B 266 54.75 -26.28 -37.92
N GLU B 267 55.47 -27.35 -37.58
CA GLU B 267 54.93 -28.51 -36.85
C GLU B 267 54.26 -28.06 -35.54
N ASN B 268 54.97 -27.19 -34.82
CA ASN B 268 54.58 -26.74 -33.48
C ASN B 268 53.46 -25.70 -33.57
N TYR B 269 53.32 -25.02 -34.72
CA TYR B 269 52.35 -23.92 -34.89
C TYR B 269 51.08 -24.39 -35.63
N GLY B 270 51.09 -25.64 -36.12
CA GLY B 270 49.95 -26.29 -36.74
C GLY B 270 49.79 -25.88 -38.20
N LEU B 271 50.88 -25.51 -38.85
CA LEU B 271 50.86 -24.99 -40.18
C LEU B 271 51.54 -25.95 -41.16
N MET B 272 52.18 -27.00 -40.63
CA MET B 272 53.02 -27.86 -41.44
C MET B 272 52.20 -28.40 -42.61
N PRO B 273 52.63 -28.15 -43.87
CA PRO B 273 51.92 -28.70 -45.02
C PRO B 273 51.95 -30.24 -45.08
N LEU B 274 50.82 -30.83 -45.49
CA LEU B 274 50.68 -32.28 -45.77
C LEU B 274 51.82 -32.75 -46.66
N ASN B 275 52.12 -32.00 -47.72
CA ASN B 275 53.19 -32.32 -48.64
C ASN B 275 54.07 -31.07 -48.85
N GLY B 276 55.14 -30.99 -48.06
CA GLY B 276 55.99 -29.84 -48.01
C GLY B 276 56.91 -29.72 -49.22
N THR B 277 56.89 -30.69 -50.14
CA THR B 277 57.78 -30.59 -51.31
C THR B 277 57.12 -29.74 -52.39
N LEU B 278 55.79 -29.61 -52.33
CA LEU B 278 55.03 -28.89 -53.33
C LEU B 278 55.45 -27.42 -53.28
N ARG B 279 55.82 -26.88 -54.46
CA ARG B 279 56.26 -25.49 -54.59
C ARG B 279 55.03 -24.58 -54.82
N LYS B 280 53.93 -24.88 -54.13
CA LYS B 280 52.74 -24.06 -54.12
C LYS B 280 53.09 -22.68 -53.57
N GLU B 281 52.38 -21.64 -54.01
CA GLU B 281 52.70 -20.30 -53.54
C GLU B 281 52.51 -20.30 -52.03
N PRO B 282 53.53 -19.88 -51.26
CA PRO B 282 53.43 -19.88 -49.80
C PRO B 282 52.55 -18.71 -49.34
N VAL B 283 52.25 -18.73 -48.04
CA VAL B 283 51.65 -17.61 -47.38
C VAL B 283 52.75 -16.58 -47.09
N PHE B 284 52.48 -15.32 -47.40
CA PHE B 284 53.31 -14.20 -46.99
C PHE B 284 52.55 -13.40 -45.93
N ASN B 285 53.03 -13.50 -44.69
CA ASN B 285 52.34 -12.96 -43.56
C ASN B 285 53.29 -12.80 -42.37
N ASP B 286 53.41 -11.57 -41.89
CA ASP B 286 54.42 -11.21 -40.93
C ASP B 286 53.88 -11.43 -39.51
N GLU B 287 52.58 -11.24 -39.33
CA GLU B 287 51.92 -11.27 -38.03
C GLU B 287 51.66 -12.70 -37.52
N LEU B 288 51.52 -13.69 -38.41
CA LEU B 288 50.78 -14.89 -38.04
C LEU B 288 51.49 -15.62 -36.91
N PRO B 289 52.81 -15.89 -36.98
CA PRO B 289 53.47 -16.64 -35.91
C PRO B 289 53.19 -16.02 -34.53
N ALA B 290 53.42 -14.70 -34.42
CA ALA B 290 53.23 -14.02 -33.13
C ALA B 290 51.77 -14.15 -32.69
N ARG B 291 50.82 -13.98 -33.62
CA ARG B 291 49.40 -14.07 -33.27
C ARG B 291 49.10 -15.49 -32.75
N ILE B 292 49.76 -16.50 -33.32
CA ILE B 292 49.53 -17.87 -32.90
C ILE B 292 50.14 -18.05 -31.49
N LEU B 293 51.38 -17.57 -31.32
CA LEU B 293 52.10 -17.80 -30.09
C LEU B 293 51.47 -17.03 -28.92
N CYS B 294 50.80 -15.92 -29.22
CA CYS B 294 50.06 -15.13 -28.24
C CYS B 294 48.64 -15.66 -28.03
N GLY B 295 48.28 -16.73 -28.74
CA GLY B 295 47.02 -17.43 -28.54
C GLY B 295 45.80 -16.65 -29.01
N THR B 296 45.96 -15.85 -30.06
CA THR B 296 44.85 -15.07 -30.65
C THR B 296 44.38 -15.72 -31.96
N VAL B 297 45.13 -16.70 -32.46
CA VAL B 297 44.81 -17.42 -33.67
C VAL B 297 45.33 -18.85 -33.49
N SER B 298 44.50 -19.84 -33.80
CA SER B 298 44.96 -21.18 -33.86
C SER B 298 44.46 -21.86 -35.13
N ILE B 299 45.27 -22.79 -35.63
CA ILE B 299 45.04 -23.47 -36.89
C ILE B 299 44.43 -24.82 -36.56
N LYS B 300 43.37 -25.19 -37.29
CA LYS B 300 42.74 -26.52 -37.16
C LYS B 300 42.69 -27.20 -38.53
N PRO B 301 42.40 -28.52 -38.58
CA PRO B 301 42.22 -29.24 -39.83
C PRO B 301 40.92 -28.81 -40.54
N ASN B 302 40.57 -29.50 -41.62
CA ASN B 302 39.38 -29.15 -42.39
C ASN B 302 38.15 -29.48 -41.55
N VAL B 303 37.04 -28.82 -41.86
CA VAL B 303 35.76 -29.02 -41.17
C VAL B 303 35.14 -30.33 -41.66
N LYS B 304 34.68 -31.14 -40.71
CA LYS B 304 34.02 -32.43 -40.95
C LYS B 304 32.50 -32.23 -41.13
N GLU B 305 31.91 -31.38 -40.29
CA GLU B 305 30.45 -31.29 -40.13
C GLU B 305 30.15 -29.94 -39.47
N PHE B 306 29.12 -29.25 -39.96
CA PHE B 306 28.58 -28.08 -39.26
C PHE B 306 27.28 -28.49 -38.54
N THR B 307 26.99 -27.78 -37.44
CA THR B 307 25.69 -27.81 -36.78
C THR B 307 25.03 -26.45 -36.99
N GLU B 308 23.98 -26.17 -36.21
CA GLU B 308 23.31 -24.88 -36.23
C GLU B 308 24.27 -23.78 -35.77
N THR B 309 25.16 -24.12 -34.84
CA THR B 309 25.90 -23.17 -34.03
C THR B 309 27.41 -23.51 -33.99
N SER B 310 27.81 -24.71 -34.45
CA SER B 310 29.14 -25.26 -34.21
C SER B 310 29.77 -25.67 -35.53
N ALA B 311 31.08 -25.89 -35.48
CA ALA B 311 31.82 -26.62 -36.49
C ALA B 311 32.61 -27.71 -35.77
N ILE B 312 32.66 -28.90 -36.37
CA ILE B 312 33.49 -29.95 -35.81
C ILE B 312 34.51 -30.34 -36.88
N PHE B 313 35.76 -30.46 -36.45
CA PHE B 313 36.89 -30.62 -37.35
C PHE B 313 37.26 -32.10 -37.42
N GLU B 314 38.00 -32.44 -38.48
CA GLU B 314 38.40 -33.79 -38.84
C GLU B 314 39.14 -34.50 -37.70
N ASP B 315 39.66 -33.77 -36.72
CA ASP B 315 40.41 -34.38 -35.63
C ASP B 315 39.50 -34.55 -34.41
N GLY B 316 38.22 -34.16 -34.53
CA GLY B 316 37.26 -34.40 -33.47
C GLY B 316 36.94 -33.15 -32.66
N THR B 317 37.83 -32.15 -32.63
CA THR B 317 37.61 -30.97 -31.81
C THR B 317 36.42 -30.17 -32.38
N VAL B 318 35.98 -29.16 -31.61
CA VAL B 318 34.78 -28.40 -31.92
C VAL B 318 35.00 -26.92 -31.60
N PHE B 319 34.49 -26.07 -32.49
CA PHE B 319 34.47 -24.65 -32.29
C PHE B 319 33.01 -24.25 -32.00
N GLU B 320 32.72 -24.03 -30.72
CA GLU B 320 31.36 -23.77 -30.27
C GLU B 320 31.01 -22.31 -30.53
N ALA B 321 29.71 -22.05 -30.74
CA ALA B 321 29.10 -20.72 -30.69
C ALA B 321 29.75 -19.77 -31.70
N ILE B 322 29.94 -20.27 -32.92
CA ILE B 322 30.55 -19.52 -34.00
C ILE B 322 29.58 -18.43 -34.43
N ASP B 323 30.03 -17.17 -34.44
CA ASP B 323 29.21 -16.06 -34.87
C ASP B 323 29.28 -15.91 -36.40
N CYS B 324 30.40 -16.31 -37.01
CA CYS B 324 30.67 -15.91 -38.37
C CYS B 324 31.71 -16.83 -39.02
N VAL B 325 31.45 -17.26 -40.26
CA VAL B 325 32.39 -18.04 -41.05
C VAL B 325 32.80 -17.23 -42.29
N ILE B 326 34.11 -17.06 -42.50
CA ILE B 326 34.63 -16.43 -43.69
C ILE B 326 35.25 -17.50 -44.59
N PHE B 327 34.78 -17.59 -45.84
CA PHE B 327 35.37 -18.47 -46.84
C PHE B 327 36.45 -17.70 -47.59
N ALA B 328 37.70 -18.02 -47.25
CA ALA B 328 38.86 -17.41 -47.87
C ALA B 328 39.44 -18.43 -48.84
N THR B 329 38.58 -18.89 -49.75
CA THR B 329 38.80 -20.08 -50.54
C THR B 329 39.11 -19.75 -51.99
N GLY B 330 39.61 -18.54 -52.26
CA GLY B 330 40.13 -18.22 -53.61
C GLY B 330 39.05 -17.96 -54.64
N TYR B 331 39.42 -18.04 -55.92
CA TYR B 331 38.66 -17.54 -57.06
C TYR B 331 38.71 -18.55 -58.22
N GLY B 332 37.64 -18.58 -59.03
CA GLY B 332 37.60 -19.19 -60.35
C GLY B 332 37.64 -18.10 -61.42
N TYR B 333 37.01 -18.35 -62.57
CA TYR B 333 37.16 -17.46 -63.74
C TYR B 333 36.07 -17.78 -64.76
N ALA B 334 35.78 -16.79 -65.63
CA ALA B 334 34.69 -16.84 -66.57
C ALA B 334 35.11 -16.31 -67.96
N TYR B 335 35.17 -14.98 -68.14
CA TYR B 335 35.22 -14.39 -69.51
C TYR B 335 33.87 -14.56 -70.23
N PRO B 336 32.78 -13.90 -69.76
CA PRO B 336 31.43 -14.20 -70.23
C PRO B 336 31.15 -13.77 -71.67
N PHE B 337 32.05 -12.97 -72.25
CA PHE B 337 31.91 -12.38 -73.56
C PHE B 337 32.54 -13.23 -74.68
N LEU B 338 32.92 -14.47 -74.32
CA LEU B 338 33.69 -15.30 -75.23
C LEU B 338 33.27 -16.76 -75.06
N ASP B 339 33.11 -17.46 -76.20
CA ASP B 339 32.75 -18.85 -76.15
C ASP B 339 33.91 -19.63 -75.51
N ASP B 340 33.50 -20.54 -74.63
CA ASP B 340 34.36 -21.20 -73.65
C ASP B 340 35.42 -22.01 -74.42
N SER B 341 35.03 -22.62 -75.56
CA SER B 341 35.93 -23.61 -76.17
C SER B 341 36.96 -22.91 -77.08
N ILE B 342 37.12 -21.57 -76.98
CA ILE B 342 38.22 -20.85 -77.64
C ILE B 342 39.43 -20.74 -76.71
N ILE B 343 39.20 -20.35 -75.47
CA ILE B 343 40.23 -20.22 -74.43
C ILE B 343 40.52 -21.60 -73.83
N LYS B 344 39.45 -22.33 -73.46
CA LYS B 344 39.50 -23.73 -73.08
C LYS B 344 39.33 -24.59 -74.34
N SER B 345 40.41 -24.67 -75.15
CA SER B 345 40.34 -25.39 -76.43
C SER B 345 40.83 -26.85 -76.31
N ARG B 346 40.56 -27.53 -75.19
CA ARG B 346 40.92 -28.96 -75.00
C ARG B 346 40.60 -29.37 -73.54
N ASN B 347 40.09 -30.58 -73.38
CA ASN B 347 39.77 -31.17 -72.07
C ASN B 347 38.77 -30.29 -71.33
N ASN B 348 38.03 -29.43 -72.05
CA ASN B 348 37.11 -28.47 -71.44
C ASN B 348 37.83 -27.76 -70.27
N GLU B 349 39.05 -27.29 -70.54
CA GLU B 349 40.04 -26.86 -69.54
C GLU B 349 41.02 -25.86 -70.21
N VAL B 350 41.45 -24.82 -69.50
CA VAL B 350 42.27 -23.73 -70.02
C VAL B 350 43.52 -24.28 -70.72
N THR B 351 43.60 -24.12 -72.05
CA THR B 351 44.73 -24.60 -72.83
C THR B 351 45.16 -23.45 -73.76
N LEU B 352 46.26 -22.82 -73.34
CA LEU B 352 46.81 -21.64 -73.92
C LEU B 352 48.33 -21.82 -73.99
N PHE B 353 48.90 -21.51 -75.15
CA PHE B 353 50.34 -21.50 -75.34
C PHE B 353 50.94 -20.37 -74.49
N LYS B 354 51.81 -20.76 -73.55
CA LYS B 354 52.50 -19.94 -72.57
C LYS B 354 51.53 -19.47 -71.48
N GLY B 355 50.21 -19.64 -71.65
CA GLY B 355 49.18 -19.04 -70.86
C GLY B 355 48.50 -17.88 -71.59
N ILE B 356 48.87 -17.63 -72.85
CA ILE B 356 48.48 -16.43 -73.57
C ILE B 356 47.64 -16.74 -74.81
N PHE B 357 48.22 -17.44 -75.80
CA PHE B 357 47.56 -17.59 -77.11
C PHE B 357 46.86 -18.94 -77.21
N PRO B 358 45.55 -18.99 -77.54
CA PRO B 358 44.88 -20.26 -77.76
C PRO B 358 45.45 -20.82 -79.05
N PRO B 359 46.04 -22.03 -79.03
CA PRO B 359 46.53 -22.65 -80.26
C PRO B 359 45.23 -23.12 -80.90
N LEU B 360 45.27 -23.58 -82.16
CA LEU B 360 44.04 -23.91 -82.92
C LEU B 360 43.36 -22.64 -83.44
N LEU B 361 43.82 -21.47 -83.02
CA LEU B 361 43.35 -20.23 -83.60
C LEU B 361 43.77 -20.22 -85.08
N GLU B 362 42.80 -19.89 -85.93
CA GLU B 362 42.99 -19.64 -87.34
C GLU B 362 44.16 -18.66 -87.54
N LYS B 363 44.16 -17.53 -86.82
CA LYS B 363 45.26 -16.57 -86.85
C LYS B 363 45.75 -16.26 -85.44
N PRO B 364 46.97 -15.69 -85.30
CA PRO B 364 47.46 -15.26 -84.00
C PRO B 364 46.93 -13.85 -83.65
N THR B 365 45.64 -13.70 -83.36
CA THR B 365 45.08 -12.38 -83.12
C THR B 365 44.23 -12.32 -81.85
N LEU B 366 44.33 -13.34 -80.98
CA LEU B 366 43.70 -13.24 -79.65
C LEU B 366 44.72 -13.69 -78.59
N ALA B 367 44.86 -12.87 -77.54
CA ALA B 367 45.81 -13.07 -76.45
C ALA B 367 45.08 -12.89 -75.12
N VAL B 368 45.34 -13.79 -74.16
CA VAL B 368 44.95 -13.63 -72.77
C VAL B 368 46.17 -13.10 -72.00
N ILE B 369 45.99 -11.95 -71.35
CA ILE B 369 47.04 -11.33 -70.57
C ILE B 369 46.71 -11.44 -69.08
N GLY B 370 47.64 -12.06 -68.34
CA GLY B 370 47.66 -12.05 -66.87
C GLY B 370 46.88 -13.20 -66.23
N LEU B 371 46.81 -14.32 -66.93
CA LEU B 371 46.16 -15.50 -66.29
C LEU B 371 47.14 -16.38 -65.47
N VAL B 372 48.31 -15.84 -65.10
CA VAL B 372 49.44 -16.65 -64.78
C VAL B 372 50.00 -16.21 -63.42
N GLN B 373 50.34 -17.18 -62.59
CA GLN B 373 50.73 -16.87 -61.22
C GLN B 373 52.12 -17.47 -60.98
N SER B 374 52.99 -16.70 -60.32
CA SER B 374 54.27 -17.17 -59.85
C SER B 374 54.64 -16.44 -58.56
N LEU B 375 55.86 -16.65 -58.07
CA LEU B 375 56.46 -15.88 -56.96
C LEU B 375 56.75 -14.45 -57.47
N GLY B 376 56.94 -14.35 -58.79
CA GLY B 376 57.12 -13.08 -59.44
C GLY B 376 55.82 -12.30 -59.43
N ALA B 377 55.93 -11.02 -59.78
CA ALA B 377 54.82 -10.11 -59.70
C ALA B 377 54.08 -10.03 -61.06
N THR B 378 52.79 -9.72 -60.98
CA THR B 378 51.95 -9.62 -62.14
C THR B 378 52.47 -8.54 -63.09
N ILE B 379 52.76 -7.36 -62.55
CA ILE B 379 53.10 -6.22 -63.35
C ILE B 379 54.20 -6.59 -64.33
N PRO B 380 55.42 -6.99 -63.89
CA PRO B 380 56.48 -7.35 -64.83
C PRO B 380 56.12 -8.51 -65.75
N THR B 381 55.32 -9.46 -65.25
CA THR B 381 54.92 -10.61 -66.03
C THR B 381 54.09 -10.17 -67.24
N THR B 382 53.06 -9.38 -66.96
CA THR B 382 52.13 -8.95 -68.00
C THR B 382 52.83 -8.02 -68.96
N ASP B 383 53.78 -7.21 -68.48
CA ASP B 383 54.49 -6.33 -69.39
C ASP B 383 55.13 -7.17 -70.48
N LEU B 384 55.75 -8.29 -70.12
CA LEU B 384 56.39 -9.18 -71.10
C LEU B 384 55.35 -9.85 -72.00
N GLN B 385 54.28 -10.40 -71.40
CA GLN B 385 53.23 -11.06 -72.15
C GLN B 385 52.74 -10.12 -73.27
N ALA B 386 52.42 -8.89 -72.88
CA ALA B 386 51.89 -7.90 -73.81
C ALA B 386 52.89 -7.57 -74.92
N ARG B 387 54.18 -7.45 -74.58
CA ARG B 387 55.20 -7.13 -75.57
C ARG B 387 55.18 -8.16 -76.70
N TRP B 388 55.03 -9.43 -76.34
CA TRP B 388 55.03 -10.54 -77.27
C TRP B 388 53.80 -10.52 -78.17
N ALA B 389 52.62 -10.44 -77.51
CA ALA B 389 51.35 -10.37 -78.23
C ALA B 389 51.37 -9.17 -79.19
N ALA B 390 51.93 -8.04 -78.80
CA ALA B 390 51.95 -6.82 -79.62
C ALA B 390 52.75 -7.07 -80.90
N LYS B 391 53.90 -7.77 -80.74
CA LYS B 391 54.71 -8.11 -81.88
C LYS B 391 54.00 -9.14 -82.79
N VAL B 392 53.32 -10.10 -82.16
CA VAL B 392 52.57 -11.10 -82.91
C VAL B 392 51.45 -10.41 -83.72
N PHE B 393 50.79 -9.43 -83.12
CA PHE B 393 49.69 -8.73 -83.78
C PHE B 393 50.24 -7.94 -84.98
N ALA B 394 51.45 -7.40 -84.87
CA ALA B 394 52.02 -6.58 -85.96
C ALA B 394 52.72 -7.46 -87.02
N ASN B 395 52.62 -8.79 -86.87
CA ASN B 395 53.31 -9.81 -87.63
C ASN B 395 54.78 -9.50 -87.82
N SER B 396 55.36 -8.93 -86.75
CA SER B 396 56.79 -8.78 -86.59
C SER B 396 57.38 -10.05 -85.93
N CYS B 397 56.58 -10.76 -85.14
CA CYS B 397 56.75 -12.19 -84.77
C CYS B 397 55.51 -12.96 -85.26
N THR B 398 55.58 -14.30 -85.32
CA THR B 398 54.42 -15.21 -85.38
C THR B 398 54.70 -16.46 -84.52
N LEU B 399 53.63 -17.17 -84.16
CA LEU B 399 53.60 -18.39 -83.41
C LEU B 399 54.51 -19.47 -84.02
N PRO B 400 54.93 -20.46 -83.21
CA PRO B 400 55.35 -21.75 -83.76
C PRO B 400 54.12 -22.50 -84.31
N THR B 401 54.34 -23.74 -84.73
CA THR B 401 53.31 -24.50 -85.39
C THR B 401 52.29 -24.94 -84.34
N THR B 402 51.13 -25.44 -84.80
CA THR B 402 50.03 -25.69 -83.91
C THR B 402 50.39 -26.83 -82.95
N ASN B 403 51.06 -27.88 -83.41
CA ASN B 403 51.34 -28.97 -82.46
C ASN B 403 52.71 -28.76 -81.80
N GLU B 404 53.54 -27.85 -82.33
CA GLU B 404 54.72 -27.37 -81.58
C GLU B 404 54.23 -26.77 -80.25
N MET B 405 53.14 -25.98 -80.35
CA MET B 405 52.54 -25.27 -79.22
C MET B 405 51.87 -26.29 -78.27
N MET B 406 51.13 -27.24 -78.82
CA MET B 406 50.44 -28.26 -78.03
C MET B 406 51.46 -29.15 -77.32
N ASP B 407 52.61 -29.40 -77.94
CA ASP B 407 53.68 -30.18 -77.31
C ASP B 407 54.13 -29.45 -76.04
N ASP B 408 54.43 -28.16 -76.18
CA ASP B 408 54.83 -27.30 -75.07
C ASP B 408 53.78 -27.35 -73.95
N ILE B 409 52.49 -27.21 -74.32
CA ILE B 409 51.41 -27.22 -73.36
C ILE B 409 51.35 -28.57 -72.61
N ASP B 410 51.54 -29.67 -73.36
CA ASP B 410 51.51 -31.01 -72.77
C ASP B 410 52.65 -31.13 -71.74
N GLU B 411 53.85 -30.68 -72.13
CA GLU B 411 55.02 -30.82 -71.28
C GLU B 411 54.82 -29.99 -70.00
N LYS B 412 54.24 -28.79 -70.15
CA LYS B 412 54.02 -27.85 -69.05
C LYS B 412 53.04 -28.44 -68.03
N MET B 413 51.96 -29.04 -68.53
CA MET B 413 50.96 -29.65 -67.67
C MET B 413 51.57 -30.77 -66.82
N GLY B 414 52.62 -31.41 -67.36
CA GLY B 414 53.29 -32.50 -66.67
C GLY B 414 54.17 -31.98 -65.52
N LYS B 415 54.97 -30.97 -65.86
CA LYS B 415 55.81 -30.22 -64.93
C LYS B 415 54.94 -29.66 -63.79
N LYS B 416 53.76 -29.12 -64.12
CA LYS B 416 52.88 -28.50 -63.13
C LYS B 416 52.43 -29.56 -62.11
N LEU B 417 52.10 -30.77 -62.59
CA LEU B 417 51.64 -31.83 -61.69
C LEU B 417 52.78 -32.26 -60.77
N LYS B 418 53.99 -32.30 -61.32
CA LYS B 418 55.17 -32.68 -60.59
C LYS B 418 55.46 -31.67 -59.48
N TRP B 419 55.52 -30.37 -59.85
CA TRP B 419 55.98 -29.31 -58.95
C TRP B 419 54.89 -28.83 -57.99
N PHE B 420 53.62 -28.84 -58.41
CA PHE B 420 52.58 -28.20 -57.62
C PHE B 420 51.48 -29.19 -57.22
N GLY B 421 51.46 -30.39 -57.83
CA GLY B 421 50.47 -31.43 -57.49
C GLY B 421 49.12 -31.20 -58.17
N GLN B 422 49.14 -30.43 -59.27
CA GLN B 422 47.98 -30.04 -60.05
C GLN B 422 48.51 -29.68 -61.45
N SER B 423 47.92 -30.23 -62.51
CA SER B 423 48.28 -29.79 -63.86
C SER B 423 47.49 -28.50 -64.21
N GLN B 424 46.42 -28.26 -63.46
CA GLN B 424 45.40 -27.27 -63.86
C GLN B 424 45.65 -25.92 -63.18
N THR B 425 46.49 -25.91 -62.14
CA THR B 425 46.79 -24.65 -61.43
C THR B 425 47.60 -23.73 -62.35
N LEU B 426 47.51 -22.44 -62.04
CA LEU B 426 48.04 -21.39 -62.88
C LEU B 426 49.47 -21.06 -62.44
N GLN B 427 49.96 -21.71 -61.36
CA GLN B 427 51.35 -21.59 -60.88
C GLN B 427 52.33 -22.00 -61.97
N THR B 428 53.45 -21.28 -62.07
CA THR B 428 54.58 -21.63 -62.91
C THR B 428 55.83 -21.02 -62.28
N ASP B 429 57.00 -21.47 -62.72
CA ASP B 429 58.25 -20.94 -62.26
C ASP B 429 58.51 -19.65 -63.03
N TYR B 430 58.70 -18.56 -62.28
CA TYR B 430 58.75 -17.22 -62.79
C TYR B 430 59.89 -17.07 -63.82
N ILE B 431 61.13 -17.29 -63.38
CA ILE B 431 62.24 -16.90 -64.23
C ILE B 431 62.26 -17.76 -65.49
N THR B 432 61.84 -19.02 -65.36
CA THR B 432 61.71 -19.94 -66.49
C THR B 432 60.75 -19.35 -67.52
N TYR B 433 59.53 -19.02 -67.06
CA TYR B 433 58.48 -18.52 -67.93
C TYR B 433 58.96 -17.23 -68.60
N MET B 434 59.53 -16.33 -67.79
CA MET B 434 59.93 -15.04 -68.31
C MET B 434 61.00 -15.21 -69.38
N ASP B 435 61.84 -16.24 -69.21
CA ASP B 435 62.91 -16.50 -70.15
C ASP B 435 62.39 -17.04 -71.48
N GLU B 436 61.43 -17.98 -71.40
CA GLU B 436 60.83 -18.54 -72.60
C GLU B 436 60.28 -17.40 -73.47
N LEU B 437 59.45 -16.53 -72.87
CA LEU B 437 58.85 -15.39 -73.60
C LEU B 437 59.94 -14.41 -74.04
N GLY B 438 60.97 -14.25 -73.21
CA GLY B 438 62.12 -13.41 -73.52
C GLY B 438 62.77 -13.81 -74.84
N SER B 439 63.04 -15.10 -75.00
CA SER B 439 63.62 -15.68 -76.22
C SER B 439 62.78 -15.31 -77.44
N PHE B 440 61.46 -15.46 -77.33
CA PHE B 440 60.56 -15.30 -78.45
C PHE B 440 60.62 -13.87 -79.00
N ILE B 441 60.97 -12.87 -78.19
CA ILE B 441 61.03 -11.48 -78.67
C ILE B 441 62.46 -10.94 -78.69
N GLY B 442 63.42 -11.79 -78.29
CA GLY B 442 64.84 -11.46 -78.27
C GLY B 442 65.20 -10.47 -77.18
N ALA B 443 64.63 -10.64 -75.99
CA ALA B 443 64.84 -9.76 -74.85
C ALA B 443 65.27 -10.54 -73.60
N LYS B 444 65.49 -11.85 -73.75
CA LYS B 444 66.12 -12.64 -72.72
C LYS B 444 67.56 -12.15 -72.60
N PRO B 445 68.00 -11.67 -71.42
CA PRO B 445 69.37 -11.18 -71.29
C PRO B 445 70.41 -12.26 -71.59
N ASN B 446 71.43 -11.86 -72.37
CA ASN B 446 72.55 -12.68 -72.74
C ASN B 446 73.54 -12.69 -71.58
N ILE B 447 73.47 -13.75 -70.78
CA ILE B 447 74.24 -13.83 -69.55
C ILE B 447 75.73 -13.71 -69.93
N PRO B 448 76.25 -14.58 -70.83
CA PRO B 448 77.66 -14.52 -71.19
C PRO B 448 78.11 -13.16 -71.76
N TRP B 449 77.36 -12.54 -72.67
CA TRP B 449 77.75 -11.24 -73.30
C TRP B 449 78.19 -10.23 -72.24
N LEU B 450 77.45 -10.29 -71.12
CA LEU B 450 77.62 -9.38 -70.00
C LEU B 450 78.87 -9.83 -69.22
N PHE B 451 78.97 -11.13 -68.84
CA PHE B 451 80.15 -11.60 -68.10
C PHE B 451 81.39 -11.02 -68.81
N LEU B 452 81.37 -11.03 -70.16
CA LEU B 452 82.54 -10.70 -71.01
C LEU B 452 82.76 -9.19 -71.11
N THR B 453 81.69 -8.42 -71.35
CA THR B 453 81.75 -6.96 -71.25
C THR B 453 80.81 -6.51 -70.12
N ASP B 454 81.32 -5.79 -69.13
CA ASP B 454 80.52 -5.24 -67.99
C ASP B 454 80.15 -6.38 -67.04
N PRO B 455 81.12 -7.01 -66.35
CA PRO B 455 80.83 -8.16 -65.51
C PRO B 455 80.19 -7.76 -64.16
N GLN B 456 80.26 -6.48 -63.80
CA GLN B 456 79.57 -5.99 -62.62
C GLN B 456 78.07 -6.26 -62.80
N LEU B 457 77.52 -5.73 -63.90
CA LEU B 457 76.13 -5.90 -64.26
C LEU B 457 75.79 -7.39 -64.38
N ALA B 458 76.65 -8.14 -65.06
CA ALA B 458 76.41 -9.55 -65.29
C ALA B 458 76.12 -10.27 -63.96
N LEU B 459 76.93 -9.94 -62.95
CA LEU B 459 76.86 -10.62 -61.67
C LEU B 459 75.56 -10.25 -60.95
N GLU B 460 75.21 -8.95 -60.94
CA GLU B 460 74.00 -8.47 -60.27
C GLU B 460 72.75 -9.02 -60.99
N VAL B 461 72.87 -9.25 -62.31
CA VAL B 461 71.76 -9.81 -63.09
C VAL B 461 71.55 -11.29 -62.74
N PHE B 462 72.64 -12.03 -62.52
CA PHE B 462 72.56 -13.47 -62.36
C PHE B 462 72.39 -13.85 -60.87
N PHE B 463 73.19 -13.23 -60.00
CA PHE B 463 73.25 -13.60 -58.58
C PHE B 463 72.30 -12.73 -57.74
N GLY B 464 71.99 -11.54 -58.23
CA GLY B 464 71.14 -10.61 -57.51
C GLY B 464 69.67 -10.78 -57.86
N PRO B 465 68.82 -9.87 -57.35
CA PRO B 465 67.39 -9.94 -57.60
C PRO B 465 67.09 -9.99 -59.10
N CYS B 466 66.15 -10.86 -59.48
CA CYS B 466 65.60 -10.89 -60.82
C CYS B 466 64.54 -9.80 -60.94
N SER B 467 65.04 -8.56 -60.89
CA SER B 467 64.24 -7.35 -60.92
C SER B 467 63.69 -7.17 -62.32
N PRO B 468 62.47 -6.60 -62.49
CA PRO B 468 61.91 -6.34 -63.81
C PRO B 468 62.85 -5.64 -64.82
N TYR B 469 63.73 -4.75 -64.32
CA TYR B 469 64.60 -3.91 -65.17
C TYR B 469 65.37 -4.75 -66.20
N GLN B 470 65.82 -5.90 -65.72
CA GLN B 470 66.54 -6.94 -66.44
C GLN B 470 65.85 -7.38 -67.74
N PHE B 471 64.52 -7.21 -67.83
CA PHE B 471 63.78 -7.77 -68.97
C PHE B 471 63.64 -6.73 -70.09
N ARG B 472 64.10 -5.51 -69.82
CA ARG B 472 64.19 -4.44 -70.82
C ARG B 472 65.62 -3.87 -70.77
N LEU B 473 66.59 -4.77 -70.57
CA LEU B 473 67.98 -4.40 -70.49
C LEU B 473 68.57 -4.40 -71.90
N MET B 474 68.39 -5.54 -72.59
CA MET B 474 68.81 -5.68 -73.98
C MET B 474 67.63 -6.17 -74.83
N GLY B 475 67.80 -6.03 -76.14
CA GLY B 475 66.84 -6.44 -77.14
C GLY B 475 65.86 -5.34 -77.47
N PRO B 476 64.91 -5.55 -78.41
CA PRO B 476 63.94 -4.53 -78.77
C PRO B 476 63.15 -4.03 -77.55
N GLY B 477 62.70 -2.78 -77.60
CA GLY B 477 61.93 -2.16 -76.52
C GLY B 477 62.72 -2.03 -75.21
N LYS B 478 64.06 -2.02 -75.28
CA LYS B 478 64.89 -1.89 -74.08
C LYS B 478 64.83 -0.45 -73.58
N TRP B 479 65.23 -0.25 -72.32
CA TRP B 479 65.28 1.05 -71.63
C TRP B 479 66.74 1.35 -71.28
N ASP B 480 67.20 2.58 -71.52
CA ASP B 480 68.63 2.89 -71.26
C ASP B 480 68.85 3.07 -69.75
N GLY B 481 67.77 3.40 -69.02
CA GLY B 481 67.82 3.52 -67.56
C GLY B 481 68.06 2.19 -66.87
N ALA B 482 67.92 1.08 -67.59
CA ALA B 482 67.84 -0.28 -67.03
C ALA B 482 69.13 -0.61 -66.28
N ARG B 483 70.29 -0.37 -66.90
CA ARG B 483 71.53 -0.77 -66.26
C ARG B 483 71.66 -0.05 -64.92
N ASN B 484 71.51 1.27 -64.98
CA ASN B 484 71.65 2.09 -63.81
C ASN B 484 70.63 1.65 -62.74
N ALA B 485 69.40 1.34 -63.18
CA ALA B 485 68.31 0.91 -62.30
C ALA B 485 68.71 -0.34 -61.51
N ILE B 486 69.28 -1.33 -62.21
CA ILE B 486 69.65 -2.60 -61.60
C ILE B 486 70.77 -2.35 -60.57
N LEU B 487 71.69 -1.45 -60.91
CA LEU B 487 72.87 -1.21 -60.11
C LEU B 487 72.54 -0.34 -58.88
N THR B 488 71.36 0.27 -58.85
CA THR B 488 70.99 1.14 -57.75
C THR B 488 69.76 0.61 -57.00
N GLN B 489 69.40 -0.66 -57.22
CA GLN B 489 68.13 -1.20 -56.68
C GLN B 489 68.22 -1.31 -55.16
N TRP B 490 69.38 -1.66 -54.62
CA TRP B 490 69.52 -1.74 -53.18
C TRP B 490 69.50 -0.34 -52.55
N ASP B 491 69.95 0.70 -53.27
CA ASP B 491 69.83 2.06 -52.76
C ASP B 491 68.37 2.41 -52.49
N ARG B 492 67.49 2.09 -53.44
CA ARG B 492 66.08 2.48 -53.36
C ARG B 492 65.37 1.66 -52.27
N THR B 493 65.88 0.45 -51.99
CA THR B 493 65.32 -0.47 -51.01
C THR B 493 65.63 -0.01 -49.57
N LEU B 494 66.86 0.46 -49.38
CA LEU B 494 67.40 0.80 -48.05
C LEU B 494 67.06 2.24 -47.64
N LYS B 495 66.89 3.14 -48.63
CA LYS B 495 66.73 4.56 -48.37
C LYS B 495 65.55 4.80 -47.44
N PRO B 496 64.31 4.40 -47.80
CA PRO B 496 63.11 4.84 -47.07
C PRO B 496 62.95 4.32 -45.63
N THR B 497 63.65 3.25 -45.33
CA THR B 497 63.48 2.51 -44.12
C THR B 497 64.49 3.02 -43.07
N ARG B 498 65.55 3.64 -43.55
CA ARG B 498 66.63 4.15 -42.67
C ARG B 498 66.45 5.65 -42.50
N THR B 499 65.48 6.04 -41.66
CA THR B 499 65.14 7.43 -41.41
C THR B 499 65.78 7.92 -40.10
N ARG B 500 66.65 7.11 -39.50
CA ARG B 500 67.48 7.52 -38.37
C ARG B 500 68.83 6.84 -38.50
N ALA B 501 69.79 7.61 -38.96
CA ALA B 501 71.05 7.07 -39.54
C ALA B 501 72.06 6.97 -38.43
N VAL B 502 72.33 5.76 -37.95
CA VAL B 502 73.26 5.66 -36.85
C VAL B 502 74.33 4.66 -37.24
N GLY B 503 73.90 3.47 -37.65
CA GLY B 503 74.83 2.53 -38.22
C GLY B 503 75.43 3.04 -39.52
N GLU B 504 76.23 2.18 -40.13
CA GLU B 504 76.56 2.27 -41.53
C GLU B 504 75.55 1.40 -42.27
N ALA B 505 74.89 1.94 -43.31
CA ALA B 505 73.88 1.13 -44.05
C ALA B 505 74.54 -0.17 -44.51
N LYS B 506 73.80 -1.29 -44.44
CA LYS B 506 74.33 -2.58 -44.83
C LYS B 506 73.63 -3.07 -46.09
N ARG B 507 74.38 -3.04 -47.19
CA ARG B 507 73.90 -3.51 -48.51
C ARG B 507 74.31 -4.97 -48.63
N PRO B 508 73.56 -5.83 -49.36
CA PRO B 508 73.91 -7.23 -49.53
C PRO B 508 75.24 -7.40 -50.26
N SER B 509 75.97 -8.47 -49.95
CA SER B 509 77.24 -8.69 -50.61
C SER B 509 77.07 -9.80 -51.65
N LEU B 510 77.74 -9.65 -52.81
CA LEU B 510 77.92 -10.77 -53.74
C LEU B 510 79.18 -11.55 -53.32
N PHE B 511 80.20 -10.82 -52.84
CA PHE B 511 81.38 -11.38 -52.10
C PHE B 511 80.88 -12.14 -50.84
N TYR B 512 80.02 -13.14 -51.04
CA TYR B 512 79.29 -13.78 -49.92
C TYR B 512 79.21 -15.30 -50.14
N ASN B 513 78.48 -15.72 -51.19
CA ASN B 513 78.11 -17.12 -51.47
C ASN B 513 77.60 -17.78 -50.18
N LEU B 514 76.32 -17.55 -49.87
CA LEU B 514 75.59 -18.05 -48.68
C LEU B 514 75.25 -19.55 -48.82
N LEU B 515 75.32 -20.08 -50.04
CA LEU B 515 75.36 -21.54 -50.24
C LEU B 515 76.72 -21.95 -50.83
N LYS B 516 77.76 -21.86 -49.99
CA LYS B 516 79.10 -22.33 -50.39
C LYS B 516 79.95 -22.80 -49.21
N ILE B 517 79.42 -22.84 -47.97
CA ILE B 517 80.28 -23.17 -46.78
C ILE B 517 80.06 -24.62 -46.33
N LEU B 518 78.80 -25.08 -46.44
CA LEU B 518 78.46 -26.44 -45.98
C LEU B 518 78.26 -27.35 -47.21
N LEU B 519 78.59 -26.85 -48.40
CA LEU B 519 78.67 -27.68 -49.63
C LEU B 519 80.14 -27.77 -50.06
N PHE B 520 80.67 -26.73 -50.75
CA PHE B 520 81.91 -26.83 -51.56
C PHE B 520 83.11 -27.14 -50.66
N PRO B 521 83.15 -26.69 -49.39
CA PRO B 521 84.13 -27.17 -48.40
C PRO B 521 84.00 -28.61 -47.83
N VAL B 522 82.77 -29.03 -47.48
CA VAL B 522 82.51 -30.39 -46.94
C VAL B 522 82.64 -31.46 -48.04
N LEU B 523 82.34 -31.09 -49.32
CA LEU B 523 82.57 -31.96 -50.53
C LEU B 523 84.00 -31.72 -51.06
N LEU B 524 84.84 -31.06 -50.24
CA LEU B 524 86.24 -30.84 -50.56
C LEU B 524 87.17 -31.40 -49.47
N LEU B 525 86.64 -31.75 -48.28
CA LEU B 525 87.48 -32.46 -47.26
C LEU B 525 87.04 -33.93 -47.13
N ALA B 526 85.83 -34.26 -47.60
CA ALA B 526 85.37 -35.65 -47.83
C ALA B 526 86.15 -36.27 -49.00
N VAL B 527 86.01 -35.71 -50.21
CA VAL B 527 86.73 -36.21 -51.42
C VAL B 527 88.17 -35.65 -51.45
N LEU B 528 88.68 -35.20 -50.29
CA LEU B 528 90.11 -34.91 -50.06
C LEU B 528 90.55 -35.64 -48.78
N LEU B 529 90.60 -36.97 -48.85
CA LEU B 529 90.87 -37.87 -47.69
C LEU B 529 90.74 -39.34 -48.12
N ALA B 530 89.57 -39.70 -48.66
CA ALA B 530 89.35 -40.94 -49.47
C ALA B 530 89.95 -40.75 -50.87
N LYS C 3 -77.98 -24.44 -11.77
CA LYS C 3 -77.69 -23.07 -12.36
C LYS C 3 -78.60 -21.96 -11.81
N LYS C 4 -79.83 -22.26 -11.40
CA LYS C 4 -80.73 -21.18 -10.95
C LYS C 4 -80.42 -20.84 -9.47
N VAL C 5 -80.09 -19.57 -9.20
CA VAL C 5 -79.61 -19.08 -7.87
C VAL C 5 -80.48 -17.90 -7.39
N ALA C 6 -81.14 -18.07 -6.24
CA ALA C 6 -81.92 -16.99 -5.65
C ALA C 6 -81.00 -16.15 -4.74
N ILE C 7 -81.07 -14.83 -4.88
CA ILE C 7 -80.24 -13.87 -4.19
C ILE C 7 -81.15 -12.90 -3.44
N ILE C 8 -81.09 -12.94 -2.11
CA ILE C 8 -81.96 -12.12 -1.30
C ILE C 8 -81.26 -10.80 -0.98
N GLY C 9 -81.67 -9.72 -1.66
CA GLY C 9 -81.19 -8.37 -1.38
C GLY C 9 -80.32 -7.84 -2.50
N ALA C 10 -80.44 -6.54 -2.81
CA ALA C 10 -79.68 -5.89 -3.89
C ALA C 10 -78.85 -4.74 -3.33
N GLY C 11 -78.38 -4.91 -2.10
CA GLY C 11 -77.30 -4.14 -1.56
C GLY C 11 -75.98 -4.60 -2.12
N VAL C 12 -74.90 -4.12 -1.51
CA VAL C 12 -73.57 -4.40 -1.99
C VAL C 12 -73.37 -5.91 -2.05
N SER C 13 -73.80 -6.63 -1.02
CA SER C 13 -73.61 -8.09 -0.97
C SER C 13 -74.34 -8.79 -2.12
N GLY C 14 -75.58 -8.38 -2.37
CA GLY C 14 -76.39 -8.95 -3.43
C GLY C 14 -75.77 -8.72 -4.80
N LEU C 15 -75.33 -7.48 -5.04
CA LEU C 15 -74.77 -7.10 -6.32
C LEU C 15 -73.49 -7.89 -6.56
N ALA C 16 -72.67 -8.04 -5.52
CA ALA C 16 -71.46 -8.82 -5.62
C ALA C 16 -71.81 -10.24 -6.09
N SER C 17 -72.89 -10.77 -5.52
CA SER C 17 -73.40 -12.13 -5.72
C SER C 17 -73.91 -12.33 -7.17
N ILE C 18 -74.72 -11.39 -7.65
CA ILE C 18 -75.23 -11.43 -9.01
C ILE C 18 -74.03 -11.54 -9.97
N ARG C 19 -73.08 -10.62 -9.84
CA ARG C 19 -71.95 -10.60 -10.78
C ARG C 19 -71.09 -11.86 -10.69
N SER C 20 -70.96 -12.45 -9.51
CA SER C 20 -70.15 -13.65 -9.38
C SER C 20 -70.89 -14.85 -9.99
N CYS C 21 -72.21 -14.90 -9.81
CA CYS C 21 -73.02 -15.90 -10.44
C CYS C 21 -72.76 -15.84 -11.95
N LEU C 22 -72.90 -14.65 -12.54
CA LEU C 22 -72.70 -14.46 -14.01
C LEU C 22 -71.32 -14.97 -14.43
N GLU C 23 -70.26 -14.68 -13.67
CA GLU C 23 -68.93 -15.05 -14.15
C GLU C 23 -68.69 -16.57 -13.98
N GLU C 24 -69.63 -17.30 -13.36
CA GLU C 24 -69.54 -18.78 -13.26
C GLU C 24 -70.66 -19.47 -14.06
N GLY C 25 -71.33 -18.70 -14.91
CA GLY C 25 -72.35 -19.21 -15.82
C GLY C 25 -73.63 -19.61 -15.14
N LEU C 26 -73.84 -19.19 -13.89
CA LEU C 26 -75.10 -19.47 -13.19
C LEU C 26 -76.13 -18.43 -13.64
N GLU C 27 -77.40 -18.66 -13.26
CA GLU C 27 -78.55 -17.89 -13.70
C GLU C 27 -79.16 -17.27 -12.44
N PRO C 28 -78.69 -16.06 -12.06
CA PRO C 28 -79.10 -15.45 -10.80
C PRO C 28 -80.45 -14.75 -10.92
N THR C 29 -81.23 -14.83 -9.84
CA THR C 29 -82.41 -14.03 -9.66
C THR C 29 -82.27 -13.34 -8.30
N CYS C 30 -82.39 -12.02 -8.30
CA CYS C 30 -82.21 -11.22 -7.12
C CYS C 30 -83.56 -10.60 -6.73
N PHE C 31 -84.02 -10.92 -5.52
CA PHE C 31 -85.23 -10.34 -4.98
C PHE C 31 -84.86 -9.21 -4.04
N GLU C 32 -85.40 -8.02 -4.32
CA GLU C 32 -85.15 -6.82 -3.54
C GLU C 32 -86.50 -6.25 -3.12
N ARG C 33 -86.68 -6.11 -1.80
CA ARG C 33 -87.96 -5.68 -1.20
C ARG C 33 -88.28 -4.22 -1.53
N SER C 34 -87.27 -3.42 -1.79
CA SER C 34 -87.48 -2.00 -2.14
C SER C 34 -87.37 -1.80 -3.65
N ASP C 35 -87.37 -0.54 -4.08
CA ASP C 35 -87.36 -0.19 -5.51
C ASP C 35 -85.98 0.31 -5.95
N ASP C 36 -84.94 0.05 -5.14
CA ASP C 36 -83.60 0.46 -5.56
C ASP C 36 -82.52 -0.47 -5.02
N ILE C 37 -81.34 -0.35 -5.63
CA ILE C 37 -80.18 -1.07 -5.25
C ILE C 37 -79.40 -0.23 -4.21
N GLY C 38 -78.31 -0.83 -3.69
CA GLY C 38 -77.37 -0.16 -2.78
C GLY C 38 -77.69 -0.37 -1.30
N GLY C 39 -78.93 -0.76 -1.01
CA GLY C 39 -79.33 -1.10 0.33
C GLY C 39 -79.10 0.05 1.28
N LEU C 40 -78.23 -0.19 2.27
CA LEU C 40 -77.99 0.72 3.40
C LEU C 40 -77.51 2.09 2.92
N TRP C 41 -76.80 2.12 1.78
CA TRP C 41 -76.07 3.31 1.31
C TRP C 41 -76.97 4.34 0.63
N LYS C 42 -78.20 3.97 0.32
CA LYS C 42 -79.12 4.95 -0.20
C LYS C 42 -79.92 5.52 0.96
N PHE C 43 -79.60 6.77 1.31
CA PHE C 43 -80.24 7.47 2.41
C PHE C 43 -81.75 7.61 2.16
N SER C 44 -82.56 7.54 3.21
CA SER C 44 -83.96 7.94 3.19
C SER C 44 -84.36 8.57 4.54
N ASP C 45 -85.37 9.43 4.53
CA ASP C 45 -85.68 10.31 5.64
C ASP C 45 -86.20 9.50 6.83
N HIS C 46 -86.81 8.34 6.54
CA HIS C 46 -87.50 7.53 7.54
C HIS C 46 -87.07 6.08 7.41
N ALA C 47 -86.77 5.48 8.57
CA ALA C 47 -86.38 4.11 8.66
C ALA C 47 -87.53 3.22 8.20
N GLU C 48 -87.27 2.38 7.18
CA GLU C 48 -88.22 1.37 6.72
C GLU C 48 -87.95 0.06 7.50
N GLU C 49 -89.01 -0.69 7.77
CA GLU C 49 -88.93 -1.99 8.43
C GLU C 49 -88.21 -2.97 7.50
N GLY C 50 -87.31 -3.76 8.09
CA GLY C 50 -86.57 -4.83 7.36
C GLY C 50 -85.33 -4.34 6.64
N ARG C 51 -85.12 -3.01 6.63
CA ARG C 51 -84.07 -2.31 5.91
C ARG C 51 -83.17 -1.56 6.91
N ALA C 52 -81.89 -1.43 6.59
CA ALA C 52 -80.95 -0.62 7.39
C ALA C 52 -81.34 0.86 7.28
N SER C 53 -80.83 1.69 8.19
CA SER C 53 -81.21 3.08 8.26
C SER C 53 -80.04 3.93 8.73
N ILE C 54 -79.58 4.78 7.83
CA ILE C 54 -78.42 5.55 7.97
C ILE C 54 -78.85 6.99 8.26
N TYR C 55 -78.03 7.76 8.97
CA TYR C 55 -78.29 9.21 9.21
C TYR C 55 -77.62 10.00 8.09
N GLN C 56 -77.98 11.28 7.96
CA GLN C 56 -77.79 11.97 6.69
C GLN C 56 -76.30 12.25 6.45
N SER C 57 -75.52 12.44 7.52
CA SER C 57 -74.14 12.94 7.41
C SER C 57 -73.08 11.84 7.38
N VAL C 58 -73.47 10.58 7.17
CA VAL C 58 -72.55 9.45 7.14
C VAL C 58 -71.60 9.59 5.95
N PHE C 59 -70.31 9.53 6.27
CA PHE C 59 -69.20 9.40 5.35
C PHE C 59 -68.54 8.04 5.54
N THR C 60 -67.99 7.47 4.46
CA THR C 60 -67.29 6.21 4.58
C THR C 60 -66.18 6.39 5.61
N ASN C 61 -65.86 5.32 6.35
CA ASN C 61 -64.75 5.33 7.27
C ASN C 61 -63.64 4.42 6.72
N SER C 62 -63.85 3.90 5.50
CA SER C 62 -62.80 3.25 4.73
C SER C 62 -62.48 4.14 3.51
N SER C 63 -61.21 4.12 3.14
CA SER C 63 -60.61 4.89 2.04
C SER C 63 -61.09 4.33 0.68
N LYS C 64 -61.16 5.20 -0.33
CA LYS C 64 -61.66 4.82 -1.65
C LYS C 64 -60.77 3.74 -2.28
N GLU C 65 -59.46 3.85 -2.11
CA GLU C 65 -58.58 2.90 -2.73
C GLU C 65 -58.60 1.59 -1.93
N MET C 66 -59.40 1.50 -0.86
CA MET C 66 -59.45 0.29 -0.04
C MET C 66 -60.84 -0.35 -0.05
N MET C 67 -61.84 0.30 -0.68
CA MET C 67 -63.24 -0.14 -0.60
C MET C 67 -63.94 -0.14 -1.95
N CYS C 68 -63.17 -0.30 -3.05
CA CYS C 68 -63.70 -0.52 -4.41
C CYS C 68 -63.80 -2.01 -4.71
N PHE C 69 -64.69 -2.38 -5.64
CA PHE C 69 -64.61 -3.69 -6.21
C PHE C 69 -63.23 -3.81 -6.88
N PRO C 70 -62.52 -4.94 -6.71
CA PRO C 70 -61.13 -5.06 -7.15
C PRO C 70 -60.84 -4.78 -8.63
N ASP C 71 -61.89 -4.76 -9.45
CA ASP C 71 -61.74 -4.59 -10.88
C ASP C 71 -62.47 -3.32 -11.34
N PHE C 72 -62.79 -2.39 -10.43
CA PHE C 72 -63.58 -1.20 -10.75
C PHE C 72 -63.25 -0.08 -9.77
N PRO C 73 -62.10 0.62 -9.96
CA PRO C 73 -61.64 1.64 -9.03
C PRO C 73 -62.61 2.82 -9.00
N TYR C 74 -62.56 3.60 -7.93
CA TYR C 74 -63.37 4.78 -7.89
C TYR C 74 -62.74 5.80 -8.83
N PRO C 75 -63.57 6.67 -9.45
CA PRO C 75 -63.06 7.76 -10.28
C PRO C 75 -61.89 8.49 -9.62
N ASP C 76 -61.00 9.05 -10.44
CA ASP C 76 -59.76 9.64 -9.96
C ASP C 76 -60.04 10.78 -8.98
N ASP C 77 -61.15 11.51 -9.21
CA ASP C 77 -61.48 12.79 -8.57
C ASP C 77 -62.27 12.55 -7.28
N PHE C 78 -62.70 11.31 -7.03
CA PHE C 78 -63.53 11.04 -5.85
C PHE C 78 -62.70 11.30 -4.60
N PRO C 79 -63.32 11.81 -3.51
CA PRO C 79 -62.61 12.01 -2.25
C PRO C 79 -62.29 10.66 -1.61
N ASN C 80 -61.19 10.61 -0.84
CA ASN C 80 -60.71 9.37 -0.26
C ASN C 80 -61.74 8.79 0.71
N PHE C 81 -62.45 9.66 1.42
CA PHE C 81 -63.61 9.28 2.22
C PHE C 81 -64.81 10.07 1.69
N MET C 82 -65.95 9.40 1.50
CA MET C 82 -67.05 9.91 0.62
C MET C 82 -68.32 10.01 1.43
N HIS C 83 -69.13 11.00 1.11
CA HIS C 83 -70.52 11.06 1.54
C HIS C 83 -71.28 9.80 1.09
N ASN C 84 -72.29 9.40 1.87
CA ASN C 84 -73.08 8.23 1.56
C ASN C 84 -73.64 8.32 0.14
N SER C 85 -74.12 9.50 -0.24
CA SER C 85 -74.66 9.68 -1.58
C SER C 85 -73.61 9.41 -2.67
N LYS C 86 -72.33 9.74 -2.42
CA LYS C 86 -71.27 9.51 -3.41
C LYS C 86 -71.11 8.01 -3.65
N LEU C 87 -71.20 7.21 -2.59
CA LEU C 87 -71.01 5.75 -2.69
C LEU C 87 -72.17 5.14 -3.49
N GLN C 88 -73.39 5.60 -3.19
CA GLN C 88 -74.59 5.17 -3.88
C GLN C 88 -74.39 5.35 -5.40
N GLU C 89 -73.77 6.47 -5.77
CA GLU C 89 -73.48 6.84 -7.13
C GLU C 89 -72.52 5.80 -7.73
N TYR C 90 -71.51 5.40 -6.97
CA TYR C 90 -70.52 4.41 -7.42
C TYR C 90 -71.17 3.02 -7.56
N ILE C 91 -71.96 2.64 -6.55
CA ILE C 91 -72.61 1.35 -6.57
C ILE C 91 -73.50 1.30 -7.84
N THR C 92 -74.24 2.38 -8.07
CA THR C 92 -75.11 2.47 -9.22
C THR C 92 -74.28 2.34 -10.51
N ALA C 93 -73.13 2.99 -10.54
CA ALA C 93 -72.27 2.92 -11.70
C ALA C 93 -71.85 1.47 -11.96
N PHE C 94 -71.58 0.73 -10.89
CA PHE C 94 -71.08 -0.63 -10.97
C PHE C 94 -72.16 -1.58 -11.50
N ALA C 95 -73.38 -1.44 -10.99
CA ALA C 95 -74.50 -2.24 -11.45
C ALA C 95 -74.72 -1.99 -12.94
N LYS C 96 -74.70 -0.71 -13.34
CA LYS C 96 -74.93 -0.34 -14.72
C LYS C 96 -73.84 -0.97 -15.60
N GLU C 97 -72.59 -0.75 -15.25
CA GLU C 97 -71.46 -1.25 -15.99
C GLU C 97 -71.49 -2.77 -16.15
N LYS C 98 -71.93 -3.51 -15.12
CA LYS C 98 -71.79 -4.99 -15.11
C LYS C 98 -73.14 -5.65 -15.43
N ASN C 99 -74.13 -4.81 -15.76
CA ASN C 99 -75.38 -5.26 -16.36
C ASN C 99 -76.10 -6.15 -15.35
N LEU C 100 -76.21 -5.70 -14.10
CA LEU C 100 -76.79 -6.51 -13.03
C LEU C 100 -78.29 -6.24 -12.86
N LEU C 101 -78.79 -5.12 -13.39
CA LEU C 101 -80.15 -4.68 -13.13
C LEU C 101 -81.19 -5.64 -13.72
N LYS C 102 -80.86 -6.22 -14.88
CA LYS C 102 -81.69 -7.24 -15.55
C LYS C 102 -82.21 -8.28 -14.57
N TYR C 103 -81.35 -8.70 -13.62
CA TYR C 103 -81.58 -9.87 -12.82
C TYR C 103 -82.24 -9.54 -11.48
N ILE C 104 -82.74 -8.31 -11.31
CA ILE C 104 -83.30 -7.92 -10.06
C ILE C 104 -84.80 -7.71 -10.23
N GLN C 105 -85.59 -8.35 -9.37
CA GLN C 105 -87.00 -8.07 -9.24
C GLN C 105 -87.21 -7.22 -8.00
N PHE C 106 -87.54 -5.95 -8.23
CA PHE C 106 -87.76 -5.01 -7.16
C PHE C 106 -89.15 -5.21 -6.57
N LYS C 107 -89.39 -4.55 -5.44
CA LYS C 107 -90.64 -4.51 -4.71
C LYS C 107 -91.10 -5.92 -4.32
N THR C 108 -90.20 -6.92 -4.39
CA THR C 108 -90.53 -8.31 -4.03
C THR C 108 -89.78 -8.72 -2.75
N LEU C 109 -90.56 -8.91 -1.68
CA LEU C 109 -90.08 -9.43 -0.39
C LEU C 109 -89.94 -10.96 -0.50
N VAL C 110 -88.84 -11.51 0.01
CA VAL C 110 -88.73 -12.94 0.20
C VAL C 110 -89.31 -13.26 1.58
N SER C 111 -90.42 -14.00 1.60
CA SER C 111 -91.16 -14.30 2.84
C SER C 111 -90.70 -15.65 3.43
N SER C 112 -90.33 -16.62 2.59
CA SER C 112 -89.70 -17.83 3.14
C SER C 112 -88.89 -18.60 2.09
N VAL C 113 -87.90 -19.33 2.61
CA VAL C 113 -86.91 -20.11 1.91
C VAL C 113 -86.86 -21.46 2.62
N ASN C 114 -87.23 -22.54 1.91
CA ASN C 114 -87.44 -23.86 2.53
C ASN C 114 -86.80 -24.94 1.67
N LYS C 115 -86.07 -25.86 2.32
CA LYS C 115 -85.56 -27.04 1.67
C LYS C 115 -86.71 -27.69 0.89
N ARG C 116 -86.39 -28.19 -0.30
CA ARG C 116 -87.35 -28.99 -1.03
C ARG C 116 -87.54 -30.30 -0.30
N PRO C 117 -88.73 -30.95 -0.38
CA PRO C 117 -88.93 -32.24 0.29
C PRO C 117 -88.02 -33.34 -0.25
N ASP C 118 -87.37 -33.13 -1.41
CA ASP C 118 -86.37 -34.08 -1.96
C ASP C 118 -84.95 -33.52 -1.81
N PHE C 119 -84.68 -32.78 -0.72
CA PHE C 119 -83.47 -31.97 -0.60
C PHE C 119 -82.20 -32.83 -0.58
N SER C 120 -82.25 -34.04 -0.03
CA SER C 120 -81.05 -34.84 0.15
C SER C 120 -80.52 -35.34 -1.20
N VAL C 121 -81.34 -35.27 -2.25
CA VAL C 121 -80.98 -35.82 -3.58
C VAL C 121 -80.78 -34.66 -4.56
N THR C 122 -81.69 -33.68 -4.51
CA THR C 122 -81.64 -32.52 -5.42
C THR C 122 -80.87 -31.35 -4.78
N GLY C 123 -81.13 -31.06 -3.51
CA GLY C 123 -80.43 -29.93 -2.87
C GLY C 123 -81.04 -28.62 -3.31
N GLN C 124 -82.30 -28.65 -3.72
CA GLN C 124 -83.00 -27.45 -4.23
C GLN C 124 -83.78 -26.80 -3.08
N TRP C 125 -84.33 -25.64 -3.38
CA TRP C 125 -84.95 -24.77 -2.41
C TRP C 125 -86.27 -24.20 -2.95
N ASP C 126 -87.25 -24.05 -2.07
CA ASP C 126 -88.50 -23.38 -2.35
C ASP C 126 -88.42 -21.94 -1.82
N VAL C 127 -88.38 -20.97 -2.73
CA VAL C 127 -88.33 -19.56 -2.39
C VAL C 127 -89.72 -18.95 -2.61
N THR C 128 -90.31 -18.46 -1.53
CA THR C 128 -91.59 -17.79 -1.55
C THR C 128 -91.38 -16.28 -1.52
N THR C 129 -92.10 -15.55 -2.38
CA THR C 129 -91.94 -14.12 -2.53
C THR C 129 -93.31 -13.43 -2.62
N GLU C 130 -93.56 -12.50 -1.69
CA GLU C 130 -94.69 -11.57 -1.69
C GLU C 130 -94.33 -10.35 -2.58
N LYS C 131 -95.21 -9.99 -3.53
CA LYS C 131 -94.88 -9.02 -4.58
C LYS C 131 -95.79 -7.79 -4.46
N ASP C 132 -97.08 -7.96 -4.77
CA ASP C 132 -98.04 -6.86 -4.73
C ASP C 132 -99.08 -7.08 -3.63
N GLY C 133 -98.66 -7.76 -2.57
CA GLY C 133 -99.54 -8.46 -1.65
C GLY C 133 -99.84 -9.87 -2.13
N LYS C 134 -99.16 -10.29 -3.21
CA LYS C 134 -99.46 -11.50 -4.00
C LYS C 134 -98.29 -12.50 -3.87
N LYS C 135 -98.48 -13.54 -3.04
CA LYS C 135 -97.48 -14.65 -2.80
C LYS C 135 -97.26 -15.46 -4.08
N GLU C 136 -96.02 -15.91 -4.25
CA GLU C 136 -95.60 -16.83 -5.31
C GLU C 136 -94.50 -17.73 -4.77
N SER C 137 -94.09 -18.69 -5.57
CA SER C 137 -93.22 -19.74 -5.10
C SER C 137 -92.48 -20.33 -6.31
N ALA C 138 -91.23 -20.72 -6.12
CA ALA C 138 -90.38 -21.15 -7.23
C ALA C 138 -89.20 -21.95 -6.67
N VAL C 139 -88.68 -22.82 -7.50
CA VAL C 139 -87.69 -23.73 -7.10
C VAL C 139 -86.36 -23.20 -7.63
N PHE C 140 -85.35 -23.17 -6.75
CA PHE C 140 -84.00 -22.75 -7.10
C PHE C 140 -83.00 -23.83 -6.68
N ASP C 141 -81.87 -23.87 -7.38
CA ASP C 141 -80.83 -24.85 -7.14
C ASP C 141 -80.00 -24.43 -5.94
N ALA C 142 -79.78 -23.12 -5.80
CA ALA C 142 -79.02 -22.54 -4.68
C ALA C 142 -79.66 -21.23 -4.23
N VAL C 143 -79.27 -20.81 -3.02
CA VAL C 143 -79.68 -19.56 -2.44
C VAL C 143 -78.45 -18.81 -1.88
N MET C 144 -78.40 -17.50 -2.11
CA MET C 144 -77.44 -16.60 -1.49
C MET C 144 -78.18 -15.54 -0.66
N ILE C 145 -77.91 -15.53 0.64
CA ILE C 145 -78.55 -14.60 1.55
C ILE C 145 -77.68 -13.35 1.70
N CYS C 146 -78.23 -12.20 1.29
CA CYS C 146 -77.52 -10.97 1.24
C CYS C 146 -78.33 -9.85 1.89
N SER C 147 -78.95 -10.17 3.04
CA SER C 147 -80.01 -9.34 3.65
C SER C 147 -79.46 -8.39 4.73
N GLY C 148 -78.14 -8.41 4.92
CA GLY C 148 -77.46 -7.47 5.80
C GLY C 148 -77.61 -7.83 7.27
N HIS C 149 -76.81 -7.15 8.11
CA HIS C 149 -76.80 -7.37 9.53
C HIS C 149 -76.71 -6.05 10.32
N HIS C 150 -77.09 -4.92 9.71
CA HIS C 150 -77.19 -3.63 10.40
C HIS C 150 -78.62 -3.11 10.27
N VAL C 151 -79.60 -4.01 10.48
CA VAL C 151 -80.99 -3.62 10.29
C VAL C 151 -81.79 -3.80 11.60
N TYR C 152 -81.68 -4.95 12.27
CA TYR C 152 -82.47 -5.18 13.49
C TYR C 152 -81.70 -4.60 14.68
N PRO C 153 -82.15 -3.45 15.24
CA PRO C 153 -81.43 -2.79 16.33
C PRO C 153 -81.29 -3.70 17.56
N ASN C 154 -80.09 -3.70 18.15
CA ASN C 154 -79.84 -4.21 19.48
C ASN C 154 -80.23 -3.09 20.46
N LEU C 155 -81.34 -3.27 21.18
CA LEU C 155 -81.90 -2.23 22.01
C LEU C 155 -82.21 -2.77 23.39
N PRO C 156 -81.23 -2.89 24.30
CA PRO C 156 -81.48 -3.40 25.65
C PRO C 156 -82.26 -2.40 26.53
N LYS C 157 -83.58 -2.30 26.28
CA LYS C 157 -84.57 -1.64 27.12
C LYS C 157 -84.53 -2.14 28.58
N GLU C 158 -84.77 -3.45 28.73
CA GLU C 158 -84.98 -4.03 30.09
C GLU C 158 -83.63 -4.33 30.74
N SER C 159 -82.61 -3.57 30.35
CA SER C 159 -81.23 -3.76 30.82
C SER C 159 -80.78 -2.61 31.74
N PHE C 160 -81.51 -1.49 31.72
CA PHE C 160 -81.17 -0.26 32.42
C PHE C 160 -82.25 -0.01 33.48
N PRO C 161 -81.94 -0.25 34.78
CA PRO C 161 -82.88 0.04 35.87
C PRO C 161 -83.44 1.47 35.79
N GLY C 162 -84.76 1.59 35.64
CA GLY C 162 -85.47 2.86 35.83
C GLY C 162 -85.95 3.45 34.53
N LEU C 163 -85.55 2.83 33.43
CA LEU C 163 -85.69 3.42 32.13
C LEU C 163 -87.17 3.58 31.80
N LYS C 164 -88.01 2.65 32.29
CA LYS C 164 -89.45 2.68 32.03
C LYS C 164 -90.02 4.04 32.44
N HIS C 165 -89.47 4.60 33.53
CA HIS C 165 -89.97 5.81 34.21
C HIS C 165 -89.53 7.09 33.48
N PHE C 166 -88.48 7.02 32.67
CA PHE C 166 -87.90 8.21 32.04
C PHE C 166 -88.94 8.89 31.14
N LYS C 167 -89.14 10.19 31.35
CA LYS C 167 -90.26 10.93 30.77
C LYS C 167 -89.86 11.65 29.48
N GLY C 168 -88.57 11.67 29.16
CA GLY C 168 -88.09 12.31 27.94
C GLY C 168 -88.20 11.36 26.76
N LYS C 169 -87.94 11.87 25.57
CA LYS C 169 -87.93 11.09 24.34
C LYS C 169 -86.67 10.20 24.35
N CYS C 170 -86.79 9.00 23.77
CA CYS C 170 -85.73 7.98 23.82
C CYS C 170 -85.84 7.05 22.60
N PHE C 171 -84.76 6.90 21.82
CA PHE C 171 -84.78 6.07 20.60
C PHE C 171 -83.37 5.59 20.24
N HIS C 172 -83.28 4.77 19.18
CA HIS C 172 -82.07 4.07 18.77
C HIS C 172 -81.41 4.79 17.58
N SER C 173 -80.08 4.67 17.49
CA SER C 173 -79.23 5.24 16.43
C SER C 173 -79.98 5.20 15.08
N ARG C 174 -80.56 4.06 14.78
CA ARG C 174 -81.36 3.78 13.59
C ARG C 174 -82.26 4.94 13.18
N ASP C 175 -82.89 5.60 14.16
CA ASP C 175 -83.90 6.61 13.91
C ASP C 175 -83.34 8.03 13.99
N TYR C 176 -82.04 8.18 14.28
CA TYR C 176 -81.43 9.50 14.22
C TYR C 176 -81.20 9.83 12.74
N LYS C 177 -81.48 11.09 12.35
CA LYS C 177 -81.34 11.47 10.95
C LYS C 177 -80.67 12.83 10.81
N GLU C 178 -81.25 13.87 11.43
CA GLU C 178 -80.78 15.25 11.32
C GLU C 178 -80.65 15.80 12.74
N PRO C 179 -79.73 16.76 12.99
CA PRO C 179 -79.58 17.37 14.32
C PRO C 179 -80.49 18.57 14.58
N GLY C 180 -81.16 19.08 13.55
CA GLY C 180 -81.93 20.33 13.65
C GLY C 180 -82.77 20.43 14.92
N ILE C 181 -83.60 19.42 15.20
CA ILE C 181 -84.58 19.51 16.27
C ILE C 181 -83.91 19.37 17.65
N PHE C 182 -82.58 19.29 17.71
CA PHE C 182 -81.92 19.08 18.98
C PHE C 182 -81.27 20.37 19.48
N LYS C 183 -81.44 21.47 18.72
CA LYS C 183 -80.86 22.75 19.08
C LYS C 183 -81.12 23.01 20.57
N GLY C 184 -80.04 23.24 21.31
CA GLY C 184 -80.08 23.60 22.71
C GLY C 184 -80.83 22.57 23.55
N LYS C 185 -80.81 21.30 23.15
CA LYS C 185 -81.37 20.21 23.96
C LYS C 185 -80.23 19.49 24.69
N ARG C 186 -80.61 18.72 25.71
CA ARG C 186 -79.69 17.99 26.55
C ARG C 186 -79.79 16.50 26.16
N VAL C 187 -78.72 15.95 25.57
CA VAL C 187 -78.78 14.62 24.98
C VAL C 187 -77.72 13.70 25.59
N LEU C 188 -78.17 12.51 25.98
CA LEU C 188 -77.33 11.42 26.42
C LEU C 188 -77.30 10.37 25.31
N VAL C 189 -76.08 9.94 24.95
CA VAL C 189 -75.87 8.92 23.96
C VAL C 189 -75.27 7.71 24.64
N ILE C 190 -75.92 6.56 24.48
CA ILE C 190 -75.42 5.30 25.05
C ILE C 190 -74.69 4.57 23.92
N GLY C 191 -73.41 4.30 24.16
CA GLY C 191 -72.60 3.55 23.25
C GLY C 191 -71.55 4.43 22.60
N LEU C 192 -70.30 3.97 22.70
CA LEU C 192 -69.18 4.64 22.13
C LEU C 192 -68.72 3.86 20.90
N GLY C 193 -69.67 3.55 20.03
CA GLY C 193 -69.38 3.04 18.70
C GLY C 193 -69.28 4.19 17.72
N ASN C 194 -69.16 3.86 16.44
CA ASN C 194 -68.98 4.87 15.40
C ASN C 194 -70.28 5.63 15.19
N SER C 195 -71.43 5.00 15.43
CA SER C 195 -72.73 5.67 15.41
C SER C 195 -72.79 6.67 16.57
N GLY C 196 -72.50 6.15 17.76
CA GLY C 196 -72.55 6.95 18.94
C GLY C 196 -71.69 8.19 18.79
N CYS C 197 -70.46 8.01 18.33
CA CYS C 197 -69.52 9.09 18.28
C CYS C 197 -69.91 10.09 17.19
N ASP C 198 -70.36 9.61 16.02
CA ASP C 198 -70.80 10.50 14.94
C ASP C 198 -71.96 11.37 15.45
N ILE C 199 -72.95 10.73 16.07
CA ILE C 199 -74.16 11.42 16.47
C ILE C 199 -73.82 12.38 17.61
N ALA C 200 -72.93 11.96 18.51
CA ALA C 200 -72.56 12.80 19.64
C ALA C 200 -71.85 14.07 19.14
N THR C 201 -70.88 13.92 18.24
CA THR C 201 -70.06 15.05 17.77
C THR C 201 -70.94 15.99 16.94
N GLU C 202 -71.76 15.43 16.05
CA GLU C 202 -72.69 16.25 15.27
C GLU C 202 -73.61 17.05 16.20
N LEU C 203 -74.18 16.40 17.22
CA LEU C 203 -75.09 17.09 18.13
C LEU C 203 -74.34 18.18 18.90
N SER C 204 -73.06 17.91 19.18
CA SER C 204 -72.28 18.78 20.04
C SER C 204 -72.15 20.17 19.45
N HIS C 205 -72.63 20.40 18.23
CA HIS C 205 -72.48 21.70 17.56
C HIS C 205 -73.68 22.62 17.82
N THR C 206 -74.74 22.12 18.47
CA THR C 206 -75.99 22.84 18.48
C THR C 206 -76.82 22.45 19.71
N ALA C 207 -76.58 21.27 20.26
CA ALA C 207 -77.15 20.88 21.54
C ALA C 207 -76.58 21.70 22.70
N GLU C 208 -77.32 21.73 23.82
CA GLU C 208 -76.90 22.44 25.02
C GLU C 208 -75.77 21.67 25.70
N LYS C 209 -76.00 20.37 25.94
CA LYS C 209 -74.99 19.49 26.51
C LYS C 209 -75.16 18.10 25.92
N VAL C 210 -74.03 17.40 25.72
CA VAL C 210 -73.98 16.08 25.12
C VAL C 210 -73.03 15.21 25.94
N ILE C 211 -73.49 14.01 26.29
CA ILE C 211 -72.66 13.07 26.98
C ILE C 211 -72.73 11.73 26.24
N ILE C 212 -71.58 11.05 26.19
CA ILE C 212 -71.56 9.66 25.75
C ILE C 212 -71.25 8.78 26.96
N SER C 213 -72.09 7.77 27.17
CA SER C 213 -71.91 6.76 28.21
C SER C 213 -71.31 5.49 27.60
N SER C 214 -70.19 5.04 28.14
CA SER C 214 -69.49 3.87 27.61
C SER C 214 -69.22 2.86 28.73
N ARG C 215 -69.63 1.61 28.54
CA ARG C 215 -69.20 0.50 29.40
C ARG C 215 -67.66 0.44 29.44
N SER C 216 -67.09 0.18 28.25
CA SER C 216 -65.77 -0.39 28.11
C SER C 216 -64.81 0.56 27.40
N GLY C 217 -65.27 1.72 26.96
CA GLY C 217 -64.42 2.63 26.23
C GLY C 217 -64.00 2.05 24.90
N SER C 218 -63.12 2.77 24.18
CA SER C 218 -62.73 2.40 22.85
C SER C 218 -61.52 3.22 22.42
N TRP C 219 -60.60 2.56 21.71
CA TRP C 219 -59.60 3.25 20.95
C TRP C 219 -60.26 4.13 19.87
N VAL C 220 -59.68 5.29 19.60
CA VAL C 220 -60.19 6.22 18.62
C VAL C 220 -59.08 6.58 17.63
N MET C 221 -59.27 6.17 16.38
CA MET C 221 -58.44 6.53 15.24
C MET C 221 -59.17 7.61 14.45
N SER C 222 -58.52 8.11 13.40
CA SER C 222 -59.08 9.14 12.54
C SER C 222 -58.83 8.79 11.08
N ARG C 223 -59.68 9.33 10.20
CA ARG C 223 -59.50 9.16 8.77
C ARG C 223 -58.12 9.70 8.39
N VAL C 224 -57.76 10.85 8.98
CA VAL C 224 -56.49 11.49 8.70
C VAL C 224 -55.45 10.80 9.59
N TRP C 225 -54.61 9.97 8.98
CA TRP C 225 -53.64 9.22 9.75
C TRP C 225 -52.24 9.80 9.51
N ASP C 226 -51.18 8.99 9.65
CA ASP C 226 -49.82 9.44 9.55
C ASP C 226 -49.64 10.24 8.24
N ASP C 227 -49.14 11.47 8.36
CA ASP C 227 -48.72 12.35 7.25
C ASP C 227 -49.94 12.71 6.38
N GLY C 228 -51.14 12.59 6.96
CA GLY C 228 -52.42 12.93 6.31
C GLY C 228 -52.86 11.87 5.31
N TYR C 229 -52.30 10.68 5.42
CA TYR C 229 -52.70 9.59 4.56
C TYR C 229 -53.88 8.86 5.19
N PRO C 230 -54.78 8.27 4.39
CA PRO C 230 -55.92 7.52 4.94
C PRO C 230 -55.40 6.40 5.83
N TRP C 231 -56.03 6.22 6.99
CA TRP C 231 -55.54 5.27 8.01
C TRP C 231 -55.40 3.88 7.38
N ASP C 232 -56.41 3.44 6.64
CA ASP C 232 -56.46 2.06 6.26
C ASP C 232 -55.39 1.71 5.23
N MET C 233 -54.98 2.67 4.40
CA MET C 233 -53.92 2.45 3.40
C MET C 233 -52.55 2.26 4.09
N LEU C 234 -52.44 2.69 5.36
CA LEU C 234 -51.20 2.54 6.11
C LEU C 234 -51.28 1.39 7.11
N PHE C 235 -52.48 1.16 7.65
CA PHE C 235 -52.66 0.27 8.79
C PHE C 235 -52.91 -1.19 8.37
N ILE C 236 -53.49 -1.39 7.18
CA ILE C 236 -53.85 -2.69 6.67
C ILE C 236 -52.87 -3.11 5.57
N THR C 237 -51.86 -3.89 5.98
CA THR C 237 -50.69 -4.16 5.16
C THR C 237 -50.25 -5.59 5.43
N ARG C 238 -49.85 -6.33 4.39
CA ARG C 238 -49.42 -7.73 4.59
C ARG C 238 -48.30 -7.78 5.61
N PHE C 239 -47.36 -6.84 5.49
CA PHE C 239 -46.22 -6.77 6.39
C PHE C 239 -46.68 -6.48 7.83
N GLU C 240 -47.63 -5.57 7.97
CA GLU C 240 -48.11 -5.17 9.28
C GLU C 240 -48.83 -6.37 9.89
N THR C 241 -49.54 -7.14 9.07
CA THR C 241 -50.30 -8.30 9.52
C THR C 241 -49.29 -9.39 9.90
N PHE C 242 -48.27 -9.59 9.07
CA PHE C 242 -47.18 -10.49 9.38
C PHE C 242 -46.61 -10.24 10.78
N LEU C 243 -46.36 -8.97 11.13
CA LEU C 243 -45.81 -8.62 12.43
C LEU C 243 -46.78 -9.01 13.55
N LYS C 244 -48.03 -8.54 13.46
CA LYS C 244 -48.96 -8.71 14.57
C LYS C 244 -49.37 -10.19 14.69
N ASN C 245 -49.18 -10.96 13.62
CA ASN C 245 -49.44 -12.41 13.61
C ASN C 245 -48.29 -13.17 14.28
N SER C 246 -47.05 -12.81 13.97
CA SER C 246 -45.90 -13.62 14.34
C SER C 246 -44.88 -12.80 15.16
N LEU C 247 -45.39 -12.13 16.20
CA LEU C 247 -44.57 -11.58 17.28
C LEU C 247 -45.08 -12.21 18.58
N PRO C 248 -44.24 -12.36 19.61
CA PRO C 248 -44.75 -12.68 20.95
C PRO C 248 -45.96 -11.79 21.22
N THR C 249 -47.10 -12.38 21.64
CA THR C 249 -48.36 -11.60 21.66
C THR C 249 -48.33 -10.49 22.72
N ALA C 250 -47.34 -10.51 23.61
CA ALA C 250 -47.19 -9.44 24.59
C ALA C 250 -46.48 -8.23 23.97
N ILE C 251 -45.53 -8.49 23.05
CA ILE C 251 -44.87 -7.44 22.27
C ILE C 251 -45.90 -6.81 21.33
N SER C 252 -46.64 -7.66 20.62
CA SER C 252 -47.64 -7.20 19.66
C SER C 252 -48.74 -6.40 20.38
N ASP C 253 -49.22 -6.90 21.53
CA ASP C 253 -50.27 -6.21 22.28
C ASP C 253 -49.76 -4.82 22.72
N TRP C 254 -48.48 -4.77 23.10
CA TRP C 254 -47.81 -3.53 23.46
C TRP C 254 -47.80 -2.57 22.26
N TRP C 255 -47.32 -3.06 21.11
CA TRP C 255 -47.18 -2.27 19.87
C TRP C 255 -48.55 -1.69 19.49
N TYR C 256 -49.63 -2.47 19.59
CA TYR C 256 -50.99 -2.03 19.19
C TYR C 256 -51.41 -0.85 20.07
N MET C 257 -51.27 -0.99 21.39
CA MET C 257 -51.70 0.05 22.31
C MET C 257 -50.87 1.33 22.13
N LYS C 258 -49.59 1.20 21.79
CA LYS C 258 -48.71 2.33 21.55
C LYS C 258 -49.30 3.17 20.40
N GLN C 259 -49.63 2.50 19.29
CA GLN C 259 -50.17 3.14 18.08
C GLN C 259 -51.48 3.88 18.41
N MET C 260 -52.40 3.15 19.04
CA MET C 260 -53.72 3.67 19.29
C MET C 260 -53.64 4.88 20.24
N ASN C 261 -52.67 4.87 21.15
CA ASN C 261 -52.65 5.93 22.16
C ASN C 261 -51.64 7.05 21.83
N ALA C 262 -51.12 7.07 20.60
CA ALA C 262 -50.06 7.99 20.23
C ALA C 262 -50.54 9.45 20.07
N ARG C 263 -51.65 9.67 19.35
CA ARG C 263 -52.09 11.04 19.05
C ARG C 263 -52.53 11.78 20.31
N PHE C 264 -53.38 11.14 21.12
CA PHE C 264 -53.82 11.73 22.36
C PHE C 264 -54.01 10.61 23.39
N LYS C 265 -53.79 10.97 24.66
CA LYS C 265 -53.85 10.07 25.76
C LYS C 265 -55.32 9.83 26.10
N HIS C 266 -55.83 8.67 25.67
CA HIS C 266 -57.22 8.26 25.90
C HIS C 266 -57.60 8.36 27.38
N GLU C 267 -56.62 8.13 28.28
CA GLU C 267 -56.77 8.20 29.72
C GLU C 267 -57.33 9.57 30.13
N ASN C 268 -56.75 10.63 29.54
CA ASN C 268 -57.05 12.01 29.88
C ASN C 268 -58.39 12.44 29.27
N TYR C 269 -58.85 11.75 28.20
CA TYR C 269 -60.07 12.14 27.46
C TYR C 269 -61.27 11.28 27.87
N GLY C 270 -61.02 10.25 28.68
CA GLY C 270 -62.06 9.38 29.24
C GLY C 270 -62.51 8.30 28.27
N LEU C 271 -61.62 7.91 27.37
CA LEU C 271 -61.93 7.00 26.30
C LEU C 271 -61.18 5.68 26.48
N MET C 272 -60.25 5.64 27.43
CA MET C 272 -59.35 4.52 27.57
C MET C 272 -60.17 3.24 27.70
N PRO C 273 -59.98 2.24 26.81
CA PRO C 273 -60.67 0.97 26.94
C PRO C 273 -60.30 0.19 28.22
N LEU C 274 -61.31 -0.44 28.83
CA LEU C 274 -61.13 -1.35 29.98
C LEU C 274 -60.04 -2.38 29.68
N ASN C 275 -60.02 -2.96 28.49
CA ASN C 275 -58.99 -3.91 28.09
C ASN C 275 -58.44 -3.51 26.70
N GLY C 276 -57.33 -2.76 26.72
CA GLY C 276 -56.80 -2.17 25.50
C GLY C 276 -56.09 -3.18 24.60
N THR C 277 -55.99 -4.45 25.00
CA THR C 277 -55.32 -5.43 24.13
C THR C 277 -56.29 -5.98 23.09
N LEU C 278 -57.59 -5.86 23.37
CA LEU C 278 -58.63 -6.36 22.50
C LEU C 278 -58.56 -5.60 21.18
N ARG C 279 -58.51 -6.35 20.08
CA ARG C 279 -58.44 -5.82 18.71
C ARG C 279 -59.86 -5.60 18.17
N LYS C 280 -60.73 -5.09 19.05
CA LYS C 280 -62.07 -4.66 18.71
C LYS C 280 -61.99 -3.59 17.62
N GLU C 281 -63.03 -3.49 16.79
CA GLU C 281 -63.04 -2.46 15.77
C GLU C 281 -62.96 -1.12 16.48
N PRO C 282 -61.99 -0.25 16.12
CA PRO C 282 -61.87 1.04 16.77
C PRO C 282 -62.96 2.01 16.30
N VAL C 283 -63.05 3.13 17.00
CA VAL C 283 -63.83 4.26 16.54
C VAL C 283 -62.99 5.01 15.52
N PHE C 284 -63.61 5.35 14.40
CA PHE C 284 -63.03 6.24 13.42
C PHE C 284 -63.80 7.56 13.45
N ASN C 285 -63.15 8.59 13.99
CA ASN C 285 -63.81 9.84 14.25
C ASN C 285 -62.77 10.95 14.42
N ASP C 286 -62.91 11.97 13.56
CA ASP C 286 -61.91 13.00 13.41
C ASP C 286 -62.19 14.13 14.42
N GLU C 287 -63.47 14.37 14.70
CA GLU C 287 -63.92 15.49 15.52
C GLU C 287 -63.76 15.23 17.04
N LEU C 288 -63.77 13.99 17.49
CA LEU C 288 -64.15 13.73 18.89
C LEU C 288 -63.17 14.38 19.86
N PRO C 289 -61.85 14.20 19.71
CA PRO C 289 -60.92 14.77 20.68
C PRO C 289 -61.14 16.29 20.85
N ALA C 290 -61.21 17.01 19.73
CA ALA C 290 -61.39 18.45 19.77
C ALA C 290 -62.72 18.78 20.47
N ARG C 291 -63.78 18.05 20.16
CA ARG C 291 -65.07 18.30 20.79
C ARG C 291 -64.98 18.08 22.30
N ILE C 292 -64.18 17.10 22.71
CA ILE C 292 -64.01 16.82 24.13
C ILE C 292 -63.20 17.95 24.76
N LEU C 293 -62.11 18.35 24.10
CA LEU C 293 -61.18 19.32 24.66
C LEU C 293 -61.84 20.69 24.73
N CYS C 294 -62.82 20.95 23.85
CA CYS C 294 -63.58 22.20 23.84
C CYS C 294 -64.80 22.11 24.78
N GLY C 295 -64.97 20.99 25.45
CA GLY C 295 -66.02 20.85 26.47
C GLY C 295 -67.43 20.79 25.89
N THR C 296 -67.59 20.26 24.69
CA THR C 296 -68.90 20.10 24.04
C THR C 296 -69.37 18.64 24.09
N VAL C 297 -68.47 17.74 24.50
CA VAL C 297 -68.77 16.33 24.64
C VAL C 297 -67.91 15.83 25.80
N SER C 298 -68.50 15.09 26.74
CA SER C 298 -67.73 14.39 27.71
C SER C 298 -68.22 12.96 27.82
N ILE C 299 -67.27 12.08 28.14
CA ILE C 299 -67.50 10.66 28.22
C ILE C 299 -67.70 10.30 29.69
N LYS C 300 -68.73 9.50 29.95
CA LYS C 300 -69.02 9.00 31.30
C LYS C 300 -69.09 7.49 31.28
N PRO C 301 -69.06 6.81 32.46
CA PRO C 301 -69.19 5.36 32.52
C PRO C 301 -70.61 4.92 32.18
N ASN C 302 -70.92 3.62 32.37
CA ASN C 302 -72.24 3.11 32.05
C ASN C 302 -73.27 3.74 33.00
N VAL C 303 -74.52 3.82 32.54
CA VAL C 303 -75.61 4.32 33.34
C VAL C 303 -76.03 3.24 34.35
N LYS C 304 -76.19 3.65 35.60
CA LYS C 304 -76.52 2.80 36.74
C LYS C 304 -78.04 2.73 36.91
N GLU C 305 -78.69 3.89 36.75
CA GLU C 305 -80.09 4.06 37.07
C GLU C 305 -80.62 5.28 36.31
N PHE C 306 -81.82 5.16 35.73
CA PHE C 306 -82.57 6.31 35.25
C PHE C 306 -83.62 6.70 36.28
N THR C 307 -83.93 8.00 36.30
CA THR C 307 -85.06 8.56 37.03
C THR C 307 -86.07 9.06 35.99
N GLU C 308 -87.03 9.86 36.45
CA GLU C 308 -88.03 10.49 35.62
C GLU C 308 -87.34 11.39 34.59
N THR C 309 -86.25 12.04 35.01
CA THR C 309 -85.69 13.19 34.34
C THR C 309 -84.15 13.08 34.20
N SER C 310 -83.52 12.13 34.92
CA SER C 310 -82.08 12.11 35.11
C SER C 310 -81.51 10.75 34.70
N ALA C 311 -80.19 10.72 34.55
CA ALA C 311 -79.42 9.50 34.50
C ALA C 311 -78.32 9.60 35.55
N ILE C 312 -78.08 8.51 36.26
CA ILE C 312 -76.99 8.48 37.21
C ILE C 312 -76.04 7.37 36.77
N PHE C 313 -74.75 7.70 36.76
CA PHE C 313 -73.73 6.84 36.19
C PHE C 313 -73.04 6.07 37.34
N GLU C 314 -72.36 4.99 36.94
CA GLU C 314 -71.73 4.02 37.82
C GLU C 314 -70.73 4.68 38.78
N ASP C 315 -70.27 5.88 38.47
CA ASP C 315 -69.29 6.55 39.32
C ASP C 315 -69.99 7.54 40.25
N GLY C 316 -71.33 7.61 40.19
CA GLY C 316 -72.09 8.43 41.11
C GLY C 316 -72.60 9.73 40.50
N THR C 317 -71.94 10.23 39.45
CA THR C 317 -72.33 11.52 38.86
C THR C 317 -73.72 11.43 38.24
N VAL C 318 -74.26 12.58 37.83
CA VAL C 318 -75.63 12.67 37.34
C VAL C 318 -75.74 13.66 36.18
N PHE C 319 -76.56 13.30 35.21
CA PHE C 319 -76.90 14.14 34.09
C PHE C 319 -78.37 14.56 34.28
N GLU C 320 -78.56 15.80 34.76
CA GLU C 320 -79.89 16.29 35.08
C GLU C 320 -80.63 16.73 33.82
N ALA C 321 -81.96 16.63 33.86
CA ALA C 321 -82.88 17.31 32.91
C ALA C 321 -82.60 16.88 31.47
N ILE C 322 -82.42 15.56 31.29
CA ILE C 322 -82.13 15.00 29.99
C ILE C 322 -83.37 15.09 29.11
N ASP C 323 -83.21 15.68 27.92
CA ASP C 323 -84.31 15.81 26.97
C ASP C 323 -84.45 14.54 26.14
N CYS C 324 -83.35 13.83 25.92
CA CYS C 324 -83.34 12.79 24.91
C CYS C 324 -82.20 11.79 25.14
N VAL C 325 -82.52 10.50 25.07
CA VAL C 325 -81.54 9.44 25.15
C VAL C 325 -81.49 8.70 23.81
N ILE C 326 -80.29 8.62 23.22
CA ILE C 326 -80.07 7.90 21.98
C ILE C 326 -79.31 6.63 22.29
N PHE C 327 -79.90 5.48 21.94
CA PHE C 327 -79.24 4.20 22.10
C PHE C 327 -78.47 3.88 20.81
N ALA C 328 -77.15 4.07 20.87
CA ALA C 328 -76.26 3.81 19.78
C ALA C 328 -75.57 2.50 20.07
N THR C 329 -76.39 1.47 20.29
CA THR C 329 -75.98 0.22 20.88
C THR C 329 -75.92 -0.89 19.83
N GLY C 330 -75.78 -0.53 18.54
CA GLY C 330 -75.51 -1.52 17.49
C GLY C 330 -76.71 -2.35 17.10
N TYR C 331 -76.45 -3.53 16.50
CA TYR C 331 -77.42 -4.33 15.75
C TYR C 331 -77.23 -5.81 16.07
N GLY C 332 -78.32 -6.59 15.98
CA GLY C 332 -78.26 -8.06 15.81
C GLY C 332 -78.59 -8.44 14.37
N TYR C 333 -78.88 -9.73 14.15
CA TYR C 333 -79.28 -10.20 12.82
C TYR C 333 -80.22 -11.39 12.93
N ALA C 334 -80.99 -11.67 11.86
CA ALA C 334 -82.22 -12.39 11.96
C ALA C 334 -82.39 -13.49 10.88
N TYR C 335 -82.74 -13.13 9.65
CA TYR C 335 -83.25 -14.15 8.67
C TYR C 335 -84.62 -14.68 9.09
N PRO C 336 -85.70 -13.84 9.06
CA PRO C 336 -87.04 -14.30 9.43
C PRO C 336 -87.65 -15.31 8.45
N PHE C 337 -87.05 -15.43 7.26
CA PHE C 337 -87.57 -16.25 6.16
C PHE C 337 -86.94 -17.66 6.19
N LEU C 338 -86.21 -17.98 7.25
CA LEU C 338 -85.41 -19.19 7.28
C LEU C 338 -85.51 -19.83 8.66
N ASP C 339 -85.57 -21.17 8.65
CA ASP C 339 -85.58 -21.95 9.85
C ASP C 339 -84.29 -21.65 10.61
N ASP C 340 -84.45 -21.45 11.92
CA ASP C 340 -83.36 -21.10 12.82
C ASP C 340 -82.29 -22.21 12.80
N SER C 341 -82.72 -23.45 12.59
CA SER C 341 -81.85 -24.62 12.68
C SER C 341 -80.75 -24.62 11.61
N ILE C 342 -80.94 -23.86 10.52
CA ILE C 342 -80.00 -23.85 9.38
C ILE C 342 -78.71 -23.08 9.73
N ILE C 343 -78.89 -21.85 10.22
CA ILE C 343 -77.80 -20.96 10.53
C ILE C 343 -77.30 -21.27 11.95
N LYS C 344 -78.23 -21.33 12.90
CA LYS C 344 -77.95 -21.61 14.31
C LYS C 344 -78.08 -23.12 14.56
N SER C 345 -77.16 -23.89 13.97
CA SER C 345 -77.27 -25.35 13.90
C SER C 345 -76.48 -26.03 15.02
N ARG C 346 -76.46 -25.46 16.23
CA ARG C 346 -75.59 -25.89 17.31
C ARG C 346 -75.56 -24.83 18.41
N ASN C 347 -75.82 -25.23 19.65
CA ASN C 347 -75.69 -24.34 20.83
C ASN C 347 -76.60 -23.12 20.67
N ASN C 348 -77.63 -23.22 19.83
CA ASN C 348 -78.51 -22.10 19.53
C ASN C 348 -77.66 -20.85 19.22
N GLU C 349 -76.65 -21.04 18.35
CA GLU C 349 -75.56 -20.10 18.12
C GLU C 349 -75.14 -20.18 16.65
N VAL C 350 -74.95 -19.01 16.02
CA VAL C 350 -74.68 -18.92 14.57
C VAL C 350 -73.41 -19.71 14.25
N THR C 351 -73.55 -20.77 13.44
CA THR C 351 -72.41 -21.61 13.06
C THR C 351 -72.35 -21.73 11.54
N LEU C 352 -71.38 -21.02 10.96
CA LEU C 352 -71.16 -20.95 9.53
C LEU C 352 -69.66 -21.10 9.24
N PHE C 353 -69.34 -22.00 8.30
CA PHE C 353 -67.98 -22.18 7.82
C PHE C 353 -67.55 -20.92 7.05
N LYS C 354 -66.50 -20.27 7.56
CA LYS C 354 -65.94 -19.02 7.01
C LYS C 354 -67.02 -17.93 6.94
N GLY C 355 -68.02 -18.04 7.82
CA GLY C 355 -69.09 -17.06 7.92
C GLY C 355 -70.10 -17.19 6.78
N ILE C 356 -69.94 -18.20 5.93
CA ILE C 356 -70.66 -18.29 4.67
C ILE C 356 -71.56 -19.52 4.61
N PHE C 357 -70.98 -20.71 4.68
CA PHE C 357 -71.72 -21.98 4.41
C PHE C 357 -72.13 -22.64 5.71
N PRO C 358 -73.44 -22.96 5.93
CA PRO C 358 -73.86 -23.73 7.09
C PRO C 358 -73.33 -25.14 6.86
N PRO C 359 -72.46 -25.67 7.74
CA PRO C 359 -71.97 -27.04 7.57
C PRO C 359 -73.18 -27.86 8.06
N LEU C 360 -73.13 -29.18 7.90
CA LEU C 360 -74.31 -30.02 8.24
C LEU C 360 -75.33 -30.02 7.10
N LEU C 361 -75.30 -28.98 6.27
CA LEU C 361 -76.19 -28.94 5.13
C LEU C 361 -75.76 -30.06 4.18
N GLU C 362 -76.74 -30.90 3.82
CA GLU C 362 -76.49 -32.14 3.10
C GLU C 362 -75.76 -31.79 1.79
N LYS C 363 -76.27 -30.79 1.07
CA LYS C 363 -75.61 -30.27 -0.15
C LYS C 363 -75.29 -28.79 0.06
N PRO C 364 -74.12 -28.31 -0.41
CA PRO C 364 -73.69 -26.94 -0.16
C PRO C 364 -74.33 -26.00 -1.19
N THR C 365 -75.57 -25.62 -0.93
CA THR C 365 -76.34 -24.81 -1.87
C THR C 365 -76.98 -23.61 -1.15
N LEU C 366 -76.50 -23.29 0.05
CA LEU C 366 -76.88 -22.03 0.69
C LEU C 366 -75.62 -21.34 1.22
N ALA C 367 -75.53 -20.04 0.92
CA ALA C 367 -74.38 -19.19 1.25
C ALA C 367 -74.90 -17.88 1.85
N VAL C 368 -74.29 -17.47 2.97
CA VAL C 368 -74.52 -16.19 3.58
C VAL C 368 -73.38 -15.25 3.16
N ILE C 369 -73.75 -14.13 2.53
CA ILE C 369 -72.78 -13.16 2.02
C ILE C 369 -72.87 -11.88 2.86
N GLY C 370 -71.73 -11.51 3.44
CA GLY C 370 -71.52 -10.19 4.04
C GLY C 370 -71.74 -10.16 5.53
N LEU C 371 -71.70 -11.33 6.18
CA LEU C 371 -71.88 -11.42 7.60
C LEU C 371 -70.49 -11.53 8.22
N VAL C 372 -69.67 -10.53 7.95
CA VAL C 372 -68.29 -10.58 8.35
C VAL C 372 -67.80 -9.14 8.48
N GLN C 373 -67.06 -8.86 9.56
CA GLN C 373 -66.58 -7.52 9.80
C GLN C 373 -65.08 -7.64 10.02
N SER C 374 -64.33 -6.69 9.45
CA SER C 374 -62.89 -6.54 9.72
C SER C 374 -62.53 -5.05 9.61
N LEU C 375 -61.23 -4.74 9.65
CA LEU C 375 -60.70 -3.39 9.34
C LEU C 375 -60.86 -3.14 7.85
N GLY C 376 -60.90 -4.24 7.10
CA GLY C 376 -61.18 -4.20 5.68
C GLY C 376 -62.61 -3.80 5.43
N ALA C 377 -62.89 -3.49 4.16
CA ALA C 377 -64.16 -2.97 3.73
C ALA C 377 -65.07 -4.11 3.24
N THR C 378 -66.38 -3.89 3.33
CA THR C 378 -67.36 -4.88 2.96
C THR C 378 -67.24 -5.20 1.47
N ILE C 379 -67.20 -4.16 0.64
CA ILE C 379 -67.26 -4.34 -0.78
C ILE C 379 -66.23 -5.38 -1.22
N PRO C 380 -64.92 -5.16 -1.02
CA PRO C 380 -63.92 -6.14 -1.46
C PRO C 380 -64.09 -7.50 -0.79
N THR C 381 -64.55 -7.51 0.47
CA THR C 381 -64.71 -8.75 1.21
C THR C 381 -65.80 -9.61 0.55
N THR C 382 -66.96 -9.01 0.29
CA THR C 382 -68.08 -9.72 -0.28
C THR C 382 -67.77 -10.13 -1.72
N ASP C 383 -67.00 -9.33 -2.45
CA ASP C 383 -66.64 -9.71 -3.80
C ASP C 383 -65.96 -11.08 -3.75
N LEU C 384 -65.04 -11.27 -2.80
CA LEU C 384 -64.34 -12.56 -2.65
C LEU C 384 -65.28 -13.66 -2.18
N GLN C 385 -66.10 -13.38 -1.15
CA GLN C 385 -67.04 -14.37 -0.63
C GLN C 385 -67.90 -14.90 -1.77
N ALA C 386 -68.46 -13.98 -2.57
CA ALA C 386 -69.35 -14.34 -3.65
C ALA C 386 -68.62 -15.18 -4.70
N ARG C 387 -67.37 -14.83 -5.03
CA ARG C 387 -66.61 -15.58 -6.02
C ARG C 387 -66.55 -17.06 -5.63
N TRP C 388 -66.29 -17.31 -4.34
CA TRP C 388 -66.15 -18.65 -3.79
C TRP C 388 -67.48 -19.40 -3.81
N ALA C 389 -68.51 -18.78 -3.23
CA ALA C 389 -69.84 -19.37 -3.17
C ALA C 389 -70.32 -19.72 -4.58
N ALA C 390 -70.03 -18.84 -5.55
CA ALA C 390 -70.49 -19.04 -6.93
C ALA C 390 -69.82 -20.29 -7.51
N LYS C 391 -68.53 -20.45 -7.21
CA LYS C 391 -67.76 -21.58 -7.67
C LYS C 391 -68.25 -22.85 -6.97
N VAL C 392 -68.59 -22.77 -5.68
CA VAL C 392 -69.10 -23.94 -4.97
C VAL C 392 -70.43 -24.37 -5.63
N PHE C 393 -71.27 -23.41 -5.96
CA PHE C 393 -72.55 -23.71 -6.58
C PHE C 393 -72.36 -24.35 -7.97
N ALA C 394 -71.33 -23.95 -8.70
CA ALA C 394 -71.08 -24.45 -10.08
C ALA C 394 -70.25 -25.74 -10.06
N ASN C 395 -70.03 -26.29 -8.86
CA ASN C 395 -69.25 -27.51 -8.62
C ASN C 395 -67.85 -27.38 -9.22
N SER C 396 -67.34 -26.15 -9.26
CA SER C 396 -65.98 -25.81 -9.66
C SER C 396 -65.05 -25.86 -8.42
N CYS C 397 -65.59 -25.61 -7.23
CA CYS C 397 -64.93 -25.85 -5.93
C CYS C 397 -65.82 -26.77 -5.10
N THR C 398 -65.24 -27.45 -4.09
CA THR C 398 -66.03 -28.25 -3.15
C THR C 398 -65.55 -27.99 -1.72
N LEU C 399 -66.50 -28.04 -0.77
CA LEU C 399 -66.22 -27.78 0.64
C LEU C 399 -65.38 -28.91 1.20
N PRO C 400 -64.68 -28.68 2.32
CA PRO C 400 -64.08 -29.78 3.08
C PRO C 400 -65.18 -30.61 3.76
N THR C 401 -64.76 -31.58 4.56
CA THR C 401 -65.67 -32.51 5.16
C THR C 401 -66.44 -31.78 6.27
N THR C 402 -67.50 -32.42 6.77
CA THR C 402 -68.40 -31.74 7.66
C THR C 402 -67.70 -31.41 8.98
N ASN C 403 -66.88 -32.32 9.51
CA ASN C 403 -66.26 -31.99 10.80
C ASN C 403 -64.90 -31.35 10.57
N GLU C 404 -64.36 -31.41 9.35
CA GLU C 404 -63.21 -30.54 8.99
C GLU C 404 -63.65 -29.08 9.16
N MET C 405 -64.88 -28.77 8.72
CA MET C 405 -65.46 -27.44 8.77
C MET C 405 -65.77 -27.05 10.22
N MET C 406 -66.35 -27.97 11.00
CA MET C 406 -66.67 -27.72 12.40
C MET C 406 -65.39 -27.52 13.22
N ASP C 407 -64.32 -28.23 12.85
CA ASP C 407 -63.03 -28.07 13.52
C ASP C 407 -62.57 -26.63 13.32
N ASP C 408 -62.58 -26.17 12.06
CA ASP C 408 -62.20 -24.80 11.68
C ASP C 408 -63.06 -23.80 12.45
N ILE C 409 -64.37 -24.01 12.52
CA ILE C 409 -65.29 -23.12 13.24
C ILE C 409 -64.90 -23.06 14.71
N ASP C 410 -64.59 -24.22 15.32
CA ASP C 410 -64.21 -24.30 16.73
C ASP C 410 -62.92 -23.49 16.94
N GLU C 411 -61.92 -23.68 16.06
CA GLU C 411 -60.62 -23.03 16.18
C GLU C 411 -60.80 -21.51 16.05
N LYS C 412 -61.68 -21.09 15.12
CA LYS C 412 -61.93 -19.67 14.83
C LYS C 412 -62.59 -19.01 16.05
N MET C 413 -63.56 -19.70 16.64
CA MET C 413 -64.27 -19.19 17.81
C MET C 413 -63.28 -18.98 18.98
N GLY C 414 -62.21 -19.77 19.01
CA GLY C 414 -61.20 -19.67 20.05
C GLY C 414 -60.32 -18.46 19.85
N LYS C 415 -59.84 -18.29 18.62
CA LYS C 415 -59.09 -17.13 18.17
C LYS C 415 -59.90 -15.85 18.43
N LYS C 416 -61.20 -15.90 18.15
CA LYS C 416 -62.08 -14.73 18.31
C LYS C 416 -62.15 -14.34 19.79
N LEU C 417 -62.23 -15.33 20.68
CA LEU C 417 -62.31 -15.05 22.12
C LEU C 417 -60.99 -14.43 22.59
N LYS C 418 -59.87 -14.94 22.06
CA LYS C 418 -58.55 -14.47 22.38
C LYS C 418 -58.40 -13.01 21.94
N TRP C 419 -58.71 -12.72 20.67
CA TRP C 419 -58.39 -11.45 20.06
C TRP C 419 -59.45 -10.37 20.37
N PHE C 420 -60.71 -10.76 20.52
CA PHE C 420 -61.77 -9.76 20.60
C PHE C 420 -62.56 -9.88 21.91
N GLY C 421 -62.38 -10.98 22.66
CA GLY C 421 -63.06 -11.19 23.96
C GLY C 421 -64.49 -11.70 23.80
N GLN C 422 -64.77 -12.30 22.66
CA GLN C 422 -66.08 -12.79 22.24
C GLN C 422 -65.84 -13.87 21.21
N SER C 423 -66.44 -15.05 21.36
CA SER C 423 -66.35 -16.06 20.30
C SER C 423 -67.41 -15.77 19.22
N GLN C 424 -68.42 -14.96 19.57
CA GLN C 424 -69.62 -14.77 18.77
C GLN C 424 -69.53 -13.53 17.88
N THR C 425 -68.48 -12.74 18.01
CA THR C 425 -68.32 -11.50 17.21
C THR C 425 -68.24 -11.86 15.72
N LEU C 426 -68.57 -10.88 14.88
CA LEU C 426 -68.36 -11.00 13.45
C LEU C 426 -66.94 -10.60 13.08
N GLN C 427 -66.19 -9.99 14.02
CA GLN C 427 -64.83 -9.49 13.77
C GLN C 427 -63.91 -10.65 13.38
N THR C 428 -63.01 -10.41 12.42
CA THR C 428 -61.95 -11.32 12.04
C THR C 428 -60.80 -10.49 11.46
N ASP C 429 -59.63 -11.10 11.30
CA ASP C 429 -58.50 -10.43 10.71
C ASP C 429 -58.65 -10.47 9.20
N TYR C 430 -58.63 -9.29 8.57
CA TYR C 430 -58.99 -9.10 7.18
C TYR C 430 -58.07 -9.92 6.27
N ILE C 431 -56.77 -9.65 6.32
CA ILE C 431 -55.90 -10.20 5.30
C ILE C 431 -55.86 -11.73 5.45
N THR C 432 -55.93 -12.22 6.68
CA THR C 432 -55.98 -13.64 6.96
C THR C 432 -57.21 -14.27 6.27
N TYR C 433 -58.39 -13.70 6.53
CA TYR C 433 -59.64 -14.20 5.99
C TYR C 433 -59.57 -14.16 4.46
N MET C 434 -59.12 -13.04 3.92
CA MET C 434 -59.10 -12.87 2.47
C MET C 434 -58.17 -13.91 1.83
N ASP C 435 -57.11 -14.26 2.55
CA ASP C 435 -56.14 -15.21 2.06
C ASP C 435 -56.72 -16.64 2.07
N GLU C 436 -57.41 -17.01 3.16
CA GLU C 436 -58.04 -18.31 3.26
C GLU C 436 -58.95 -18.53 2.04
N LEU C 437 -59.86 -17.58 1.79
CA LEU C 437 -60.80 -17.67 0.66
C LEU C 437 -60.05 -17.61 -0.66
N GLY C 438 -58.96 -16.82 -0.70
CA GLY C 438 -58.11 -16.73 -1.87
C GLY C 438 -57.58 -18.09 -2.31
N SER C 439 -57.03 -18.85 -1.34
CA SER C 439 -56.53 -20.22 -1.56
C SER C 439 -57.61 -21.09 -2.19
N PHE C 440 -58.82 -21.04 -1.64
CA PHE C 440 -59.90 -21.93 -2.04
C PHE C 440 -60.21 -21.76 -3.54
N ILE C 441 -59.99 -20.57 -4.12
CA ILE C 441 -60.35 -20.32 -5.52
C ILE C 441 -59.10 -20.09 -6.38
N GLY C 442 -57.92 -20.17 -5.76
CA GLY C 442 -56.63 -20.01 -6.42
C GLY C 442 -56.36 -18.58 -6.87
N ALA C 443 -56.70 -17.61 -6.01
CA ALA C 443 -56.54 -16.18 -6.31
C ALA C 443 -55.77 -15.46 -5.21
N LYS C 444 -55.24 -16.22 -4.24
CA LYS C 444 -54.35 -15.65 -3.24
C LYS C 444 -53.07 -15.25 -3.96
N PRO C 445 -52.67 -13.97 -3.93
CA PRO C 445 -51.46 -13.55 -4.64
C PRO C 445 -50.20 -14.28 -4.12
N ASN C 446 -49.39 -14.75 -5.06
CA ASN C 446 -48.19 -15.47 -4.76
C ASN C 446 -47.06 -14.46 -4.55
N ILE C 447 -46.84 -14.10 -3.28
CA ILE C 447 -45.90 -13.04 -2.97
C ILE C 447 -44.52 -13.45 -3.50
N PRO C 448 -44.00 -14.64 -3.11
CA PRO C 448 -42.69 -15.08 -3.60
C PRO C 448 -42.56 -15.06 -5.13
N TRP C 449 -43.52 -15.66 -5.84
CA TRP C 449 -43.49 -15.64 -7.31
C TRP C 449 -43.37 -14.21 -7.84
N LEU C 450 -43.93 -13.25 -7.11
CA LEU C 450 -43.87 -11.84 -7.49
C LEU C 450 -42.46 -11.28 -7.20
N PHE C 451 -41.93 -11.59 -6.01
CA PHE C 451 -40.59 -11.11 -5.60
C PHE C 451 -39.55 -11.57 -6.62
N LEU C 452 -39.88 -12.62 -7.36
CA LEU C 452 -38.99 -13.27 -8.36
C LEU C 452 -39.25 -12.74 -9.78
N THR C 453 -40.52 -12.60 -10.19
CA THR C 453 -40.89 -11.89 -11.41
C THR C 453 -41.70 -10.66 -11.04
N ASP C 454 -41.20 -9.46 -11.40
CA ASP C 454 -41.89 -8.18 -11.15
C ASP C 454 -41.82 -7.81 -9.68
N PRO C 455 -40.62 -7.52 -9.13
CA PRO C 455 -40.49 -7.25 -7.69
C PRO C 455 -40.97 -5.86 -7.29
N GLN C 456 -41.12 -4.96 -8.26
CA GLN C 456 -41.71 -3.65 -7.98
C GLN C 456 -43.11 -3.87 -7.40
N LEU C 457 -43.94 -4.58 -8.17
CA LEU C 457 -45.29 -4.91 -7.79
C LEU C 457 -45.31 -5.71 -6.48
N ALA C 458 -44.42 -6.70 -6.37
CA ALA C 458 -44.34 -7.54 -5.20
C ALA C 458 -44.23 -6.70 -3.93
N LEU C 459 -43.38 -5.66 -3.99
CA LEU C 459 -43.11 -4.84 -2.83
C LEU C 459 -44.35 -4.01 -2.46
N GLU C 460 -45.00 -3.40 -3.46
CA GLU C 460 -46.20 -2.56 -3.22
C GLU C 460 -47.34 -3.46 -2.71
N VAL C 461 -47.36 -4.73 -3.14
CA VAL C 461 -48.39 -5.67 -2.72
C VAL C 461 -48.18 -6.07 -1.26
N PHE C 462 -46.93 -6.23 -0.84
CA PHE C 462 -46.63 -6.79 0.48
C PHE C 462 -46.49 -5.68 1.52
N PHE C 463 -45.75 -4.62 1.17
CA PHE C 463 -45.40 -3.56 2.13
C PHE C 463 -46.41 -2.40 2.05
N GLY C 464 -47.07 -2.25 0.90
CA GLY C 464 -48.03 -1.19 0.72
C GLY C 464 -49.44 -1.61 1.11
N PRO C 465 -50.42 -0.74 0.81
CA PRO C 465 -51.82 -1.04 1.11
C PRO C 465 -52.25 -2.38 0.53
N CYS C 466 -52.99 -3.15 1.34
CA CYS C 466 -53.71 -4.32 0.87
C CYS C 466 -55.00 -3.89 0.19
N SER C 467 -54.80 -3.24 -0.96
CA SER C 467 -55.84 -2.67 -1.78
C SER C 467 -56.60 -3.81 -2.47
N PRO C 468 -57.91 -3.66 -2.73
CA PRO C 468 -58.69 -4.71 -3.37
C PRO C 468 -58.10 -5.30 -4.66
N TYR C 469 -57.41 -4.47 -5.44
CA TYR C 469 -56.83 -4.80 -6.77
C TYR C 469 -56.05 -6.13 -6.72
N GLN C 470 -55.30 -6.27 -5.64
CA GLN C 470 -54.46 -7.40 -5.34
C GLN C 470 -55.22 -8.75 -5.33
N PHE C 471 -56.54 -8.74 -5.15
CA PHE C 471 -57.31 -9.99 -4.98
C PHE C 471 -57.84 -10.50 -6.32
N ARG C 472 -57.66 -9.67 -7.36
CA ARG C 472 -57.95 -10.05 -8.74
C ARG C 472 -56.72 -9.76 -9.59
N LEU C 473 -55.54 -10.03 -9.01
CA LEU C 473 -54.28 -9.77 -9.68
C LEU C 473 -53.88 -10.99 -10.49
N MET C 474 -53.86 -12.15 -9.80
CA MET C 474 -53.58 -13.41 -10.42
C MET C 474 -54.69 -14.41 -10.09
N GLY C 475 -54.70 -15.49 -10.87
CA GLY C 475 -55.62 -16.61 -10.73
C GLY C 475 -56.88 -16.39 -11.56
N PRO C 476 -57.85 -17.33 -11.52
CA PRO C 476 -59.11 -17.14 -12.23
C PRO C 476 -59.81 -15.83 -11.84
N GLY C 477 -60.60 -15.29 -12.76
CA GLY C 477 -61.37 -14.06 -12.54
C GLY C 477 -60.48 -12.84 -12.31
N LYS C 478 -59.21 -12.88 -12.74
CA LYS C 478 -58.30 -11.75 -12.56
C LYS C 478 -58.69 -10.62 -13.52
N TRP C 479 -58.18 -9.41 -13.23
CA TRP C 479 -58.36 -8.18 -14.01
C TRP C 479 -56.99 -7.72 -14.52
N ASP C 480 -56.90 -7.33 -15.79
CA ASP C 480 -55.57 -6.94 -16.33
C ASP C 480 -55.21 -5.54 -15.85
N GLY C 481 -56.23 -4.74 -15.49
CA GLY C 481 -56.04 -3.40 -14.93
C GLY C 481 -55.34 -3.41 -13.58
N ALA C 482 -55.28 -4.59 -12.93
CA ALA C 482 -54.90 -4.73 -11.53
C ALA C 482 -53.49 -4.20 -11.28
N ARG C 483 -52.52 -4.61 -12.08
CA ARG C 483 -51.14 -4.23 -11.83
C ARG C 483 -51.05 -2.70 -11.85
N ASN C 484 -51.56 -2.12 -12.94
CA ASN C 484 -51.48 -0.70 -13.13
C ASN C 484 -52.20 0.01 -11.97
N ALA C 485 -53.35 -0.53 -11.57
CA ALA C 485 -54.16 0.04 -10.48
C ALA C 485 -53.36 0.12 -9.17
N ILE C 486 -52.66 -0.98 -8.83
CA ILE C 486 -51.89 -1.04 -7.58
C ILE C 486 -50.77 -0.01 -7.62
N LEU C 487 -50.16 0.15 -8.80
CA LEU C 487 -48.98 0.96 -8.95
C LEU C 487 -49.33 2.45 -9.05
N THR C 488 -50.62 2.77 -9.22
CA THR C 488 -51.05 4.16 -9.33
C THR C 488 -52.00 4.55 -8.17
N GLN C 489 -52.03 3.74 -7.11
CA GLN C 489 -53.06 3.93 -6.06
C GLN C 489 -52.79 5.21 -5.27
N TRP C 490 -51.51 5.54 -5.05
CA TRP C 490 -51.20 6.75 -4.34
C TRP C 490 -51.48 7.97 -5.22
N ASP C 491 -51.38 7.84 -6.54
CA ASP C 491 -51.74 8.94 -7.45
C ASP C 491 -53.20 9.33 -7.22
N ARG C 492 -54.09 8.34 -7.14
CA ARG C 492 -55.52 8.59 -7.06
C ARG C 492 -55.90 9.13 -5.68
N THR C 493 -55.09 8.82 -4.67
CA THR C 493 -55.29 9.24 -3.27
C THR C 493 -54.93 10.71 -3.09
N LEU C 494 -53.82 11.13 -3.72
CA LEU C 494 -53.22 12.46 -3.54
C LEU C 494 -53.82 13.49 -4.51
N LYS C 495 -54.33 13.05 -5.66
CA LYS C 495 -54.78 13.94 -6.72
C LYS C 495 -55.84 14.89 -6.19
N PRO C 496 -57.00 14.38 -5.70
CA PRO C 496 -58.16 15.25 -5.41
C PRO C 496 -58.00 16.24 -4.24
N THR C 497 -57.03 15.96 -3.36
CA THR C 497 -56.85 16.66 -2.15
C THR C 497 -55.86 17.84 -2.35
N ARG C 498 -55.08 17.74 -3.43
CA ARG C 498 -54.04 18.73 -3.78
C ARG C 498 -54.58 19.68 -4.84
N THR C 499 -55.45 20.61 -4.45
CA THR C 499 -56.10 21.53 -5.36
C THR C 499 -55.40 22.90 -5.39
N ARG C 500 -54.24 23.02 -4.73
CA ARG C 500 -53.40 24.20 -4.81
C ARG C 500 -51.96 23.73 -4.71
N ALA C 501 -51.27 23.76 -5.85
CA ALA C 501 -49.99 23.11 -6.03
C ALA C 501 -48.89 24.08 -5.59
N VAL C 502 -48.30 23.85 -4.43
CA VAL C 502 -47.23 24.70 -4.00
C VAL C 502 -46.06 23.81 -3.63
N GLY C 503 -46.31 22.82 -2.75
CA GLY C 503 -45.31 21.83 -2.50
C GLY C 503 -45.00 21.01 -3.74
N GLU C 504 -44.14 20.00 -3.55
CA GLU C 504 -44.05 18.84 -4.38
C GLU C 504 -44.97 17.80 -3.74
N ALA C 505 -45.86 17.17 -4.52
CA ALA C 505 -46.75 16.11 -3.92
C ALA C 505 -45.88 15.05 -3.22
N LYS C 506 -46.27 14.58 -2.04
CA LYS C 506 -45.44 13.67 -1.24
C LYS C 506 -46.11 12.30 -1.15
N ARG C 507 -45.83 11.42 -2.11
CA ARG C 507 -46.33 10.03 -2.04
C ARG C 507 -45.38 9.35 -1.05
N PRO C 508 -45.73 8.21 -0.13
CA PRO C 508 -44.97 7.52 0.89
C PRO C 508 -43.87 6.72 0.21
N SER C 509 -42.79 6.46 0.94
CA SER C 509 -41.66 5.70 0.42
C SER C 509 -41.70 4.27 0.99
N LEU C 510 -41.29 3.27 0.21
CA LEU C 510 -41.02 1.93 0.74
C LEU C 510 -39.57 1.88 1.26
N PHE C 511 -38.67 2.58 0.55
CA PHE C 511 -37.31 2.92 1.05
C PHE C 511 -37.40 3.75 2.33
N TYR C 512 -38.04 3.17 3.37
CA TYR C 512 -38.41 3.94 4.57
C TYR C 512 -38.18 3.07 5.82
N ASN C 513 -39.00 2.04 6.03
CA ASN C 513 -39.20 1.34 7.32
C ASN C 513 -39.20 2.33 8.49
N LEU C 514 -40.37 2.93 8.72
CA LEU C 514 -40.69 3.89 9.81
C LEU C 514 -40.83 3.14 11.15
N LEU C 515 -41.05 1.82 11.07
CA LEU C 515 -41.32 0.96 12.19
C LEU C 515 -40.25 -0.14 12.22
N LYS C 516 -38.97 0.26 12.05
CA LYS C 516 -37.84 -0.71 12.09
C LYS C 516 -36.54 -0.08 12.59
N ILE C 517 -36.60 1.16 13.12
CA ILE C 517 -35.41 2.01 13.42
C ILE C 517 -35.09 1.98 14.91
N LEU C 518 -36.10 1.71 15.77
CA LEU C 518 -35.88 1.56 17.21
C LEU C 518 -35.86 0.08 17.58
N LEU C 519 -35.94 -0.83 16.59
CA LEU C 519 -35.75 -2.27 16.83
C LEU C 519 -34.42 -2.73 16.17
N PHE C 520 -34.32 -2.89 14.86
CA PHE C 520 -33.20 -3.65 14.25
C PHE C 520 -31.86 -2.93 14.43
N PRO C 521 -31.83 -1.59 14.57
CA PRO C 521 -30.67 -0.85 15.10
C PRO C 521 -30.29 -0.96 16.59
N VAL C 522 -31.28 -0.91 17.50
CA VAL C 522 -31.03 -1.12 18.98
C VAL C 522 -30.72 -2.60 19.30
N LEU C 523 -31.22 -3.55 18.48
CA LEU C 523 -30.87 -5.04 18.49
C LEU C 523 -29.58 -5.26 17.66
N LEU C 524 -28.91 -4.16 17.28
CA LEU C 524 -27.67 -4.21 16.53
C LEU C 524 -26.55 -3.45 17.27
N LEU C 525 -26.84 -2.73 18.36
CA LEU C 525 -25.73 -2.29 19.26
C LEU C 525 -25.81 -3.06 20.59
N ALA C 526 -26.98 -3.61 20.94
CA ALA C 526 -27.14 -4.37 22.21
C ALA C 526 -26.53 -5.77 22.03
N VAL C 527 -27.10 -6.58 21.13
CA VAL C 527 -26.57 -7.95 20.82
C VAL C 527 -25.46 -7.83 19.75
N LEU C 528 -24.78 -6.66 19.73
CA LEU C 528 -23.50 -6.44 19.07
C LEU C 528 -22.53 -5.82 20.09
N LEU C 529 -22.18 -6.61 21.12
CA LEU C 529 -21.37 -6.18 22.30
C LEU C 529 -21.33 -7.32 23.34
N ALA C 530 -22.50 -7.79 23.78
CA ALA C 530 -22.66 -9.04 24.58
C ALA C 530 -22.59 -10.24 23.63
N LYS D 3 7.98 2.04 73.92
CA LYS D 3 8.69 2.82 72.85
C LYS D 3 9.71 2.00 72.07
N LYS D 4 10.29 0.96 72.64
CA LYS D 4 11.31 0.19 71.91
C LYS D 4 10.62 -0.84 70.98
N VAL D 5 10.92 -0.75 69.67
CA VAL D 5 10.27 -1.58 68.61
C VAL D 5 11.33 -2.34 67.80
N ALA D 6 11.23 -3.67 67.81
CA ALA D 6 12.13 -4.48 67.00
C ALA D 6 11.50 -4.70 65.61
N ILE D 7 12.31 -4.49 64.57
CA ILE D 7 11.88 -4.57 63.19
C ILE D 7 12.75 -5.60 62.46
N ILE D 8 12.13 -6.70 62.04
CA ILE D 8 12.87 -7.77 61.42
C ILE D 8 12.86 -7.56 59.90
N GLY D 9 13.99 -7.13 59.36
CA GLY D 9 14.19 -6.99 57.93
C GLY D 9 14.29 -5.53 57.52
N ALA D 10 15.15 -5.22 56.55
CA ALA D 10 15.34 -3.84 56.04
C ALA D 10 15.07 -3.79 54.54
N GLY D 11 14.13 -4.64 54.10
CA GLY D 11 13.49 -4.50 52.83
C GLY D 11 12.51 -3.34 52.84
N VAL D 12 11.69 -3.26 51.81
CA VAL D 12 10.75 -2.18 51.66
C VAL D 12 9.84 -2.13 52.91
N SER D 13 9.38 -3.30 53.37
CA SER D 13 8.47 -3.35 54.52
C SER D 13 9.15 -2.81 55.78
N GLY D 14 10.40 -3.22 56.00
CA GLY D 14 11.15 -2.79 57.18
C GLY D 14 11.38 -1.30 57.18
N LEU D 15 11.76 -0.76 56.03
CA LEU D 15 12.08 0.66 55.90
C LEU D 15 10.81 1.47 56.15
N ALA D 16 9.68 0.99 55.61
CA ALA D 16 8.42 1.66 55.86
C ALA D 16 8.15 1.73 57.37
N SER D 17 8.48 0.64 58.06
CA SER D 17 8.27 0.42 59.50
C SER D 17 9.15 1.37 60.34
N ILE D 18 10.43 1.43 60.00
CA ILE D 18 11.35 2.33 60.69
C ILE D 18 10.79 3.76 60.62
N ARG D 19 10.47 4.21 59.42
CA ARG D 19 10.02 5.61 59.23
C ARG D 19 8.69 5.87 59.95
N SER D 20 7.82 4.87 60.05
CA SER D 20 6.55 5.09 60.72
C SER D 20 6.75 5.14 62.23
N CYS D 21 7.65 4.28 62.73
CA CYS D 21 8.02 4.30 64.13
C CYS D 21 8.48 5.73 64.47
N LEU D 22 9.42 6.27 63.70
CA LEU D 22 9.98 7.62 63.95
C LEU D 22 8.87 8.66 63.97
N GLU D 23 7.91 8.60 63.04
CA GLU D 23 6.92 9.67 63.00
C GLU D 23 5.89 9.53 64.14
N GLU D 24 5.96 8.45 64.93
CA GLU D 24 5.08 8.30 66.12
C GLU D 24 5.90 8.32 67.43
N GLY D 25 7.16 8.77 67.35
CA GLY D 25 8.01 8.95 68.49
C GLY D 25 8.47 7.64 69.12
N LEU D 26 8.34 6.52 68.43
CA LEU D 26 8.86 5.23 68.94
C LEU D 26 10.36 5.16 68.63
N GLU D 27 11.03 4.16 69.22
CA GLU D 27 12.48 4.01 69.15
C GLU D 27 12.75 2.68 68.45
N PRO D 28 12.88 2.72 67.11
CA PRO D 28 12.97 1.51 66.32
C PRO D 28 14.40 0.95 66.29
N THR D 29 14.50 -0.37 66.30
CA THR D 29 15.71 -1.05 65.99
C THR D 29 15.37 -2.07 64.91
N CYS D 30 16.11 -2.00 63.79
CA CYS D 30 15.90 -2.84 62.65
C CYS D 30 17.08 -3.81 62.52
N PHE D 31 16.76 -5.12 62.57
CA PHE D 31 17.74 -6.17 62.39
C PHE D 31 17.65 -6.68 60.96
N GLU D 32 18.79 -6.61 60.26
CA GLU D 32 18.89 -7.03 58.88
C GLU D 32 20.02 -8.04 58.78
N ARG D 33 19.71 -9.25 58.34
CA ARG D 33 20.68 -10.37 58.31
C ARG D 33 21.77 -10.14 57.27
N SER D 34 21.49 -9.35 56.25
CA SER D 34 22.53 -9.06 55.25
C SER D 34 23.17 -7.69 55.52
N ASP D 35 23.98 -7.22 54.58
CA ASP D 35 24.74 -5.98 54.71
C ASP D 35 24.11 -4.84 53.90
N ASP D 36 22.86 -5.01 53.44
CA ASP D 36 22.23 -3.93 52.69
C ASP D 36 20.71 -3.91 52.88
N ILE D 37 20.14 -2.76 52.51
CA ILE D 37 18.72 -2.55 52.52
C ILE D 37 18.13 -2.95 51.16
N GLY D 38 16.80 -2.91 51.08
CA GLY D 38 16.06 -3.16 49.84
C GLY D 38 15.59 -4.59 49.70
N GLY D 39 16.23 -5.51 50.43
CA GLY D 39 15.85 -6.91 50.41
C GLY D 39 15.88 -7.47 49.01
N LEU D 40 14.72 -7.91 48.55
CA LEU D 40 14.49 -8.62 47.28
C LEU D 40 15.01 -7.82 46.08
N TRP D 41 14.98 -6.48 46.19
CA TRP D 41 15.21 -5.57 45.04
C TRP D 41 16.70 -5.38 44.74
N LYS D 42 17.59 -5.77 45.65
CA LYS D 42 18.99 -5.73 45.33
C LYS D 42 19.40 -7.07 44.76
N PHE D 43 19.63 -7.12 43.45
CA PHE D 43 20.02 -8.31 42.74
C PHE D 43 21.34 -8.87 43.30
N SER D 44 21.47 -10.20 43.33
CA SER D 44 22.77 -10.87 43.55
C SER D 44 22.82 -12.17 42.74
N ASP D 45 24.04 -12.63 42.40
CA ASP D 45 24.21 -13.69 41.43
C ASP D 45 23.69 -15.02 41.98
N HIS D 46 23.66 -15.15 43.31
CA HIS D 46 23.37 -16.41 43.98
C HIS D 46 22.31 -16.21 45.05
N ALA D 47 21.34 -17.12 45.06
CA ALA D 47 20.31 -17.17 46.06
C ALA D 47 20.93 -17.45 47.41
N GLU D 48 20.71 -16.54 48.38
CA GLU D 48 21.07 -16.74 49.78
C GLU D 48 19.88 -17.38 50.49
N GLU D 49 20.17 -18.26 51.46
CA GLU D 49 19.10 -18.92 52.22
C GLU D 49 18.45 -17.91 53.16
N GLY D 50 17.11 -17.92 53.22
CA GLY D 50 16.35 -17.03 54.10
C GLY D 50 16.04 -15.67 53.48
N ARG D 51 16.59 -15.43 52.29
CA ARG D 51 16.45 -14.19 51.51
C ARG D 51 15.73 -14.49 50.19
N ALA D 52 14.94 -13.53 49.69
CA ALA D 52 14.32 -13.63 48.35
C ALA D 52 15.44 -13.58 47.29
N SER D 53 15.12 -14.00 46.06
CA SER D 53 16.10 -14.15 45.02
C SER D 53 15.48 -13.88 43.66
N ILE D 54 15.95 -12.81 43.04
CA ILE D 54 15.39 -12.26 41.88
C ILE D 54 16.33 -12.62 40.71
N TYR D 55 15.80 -12.74 39.49
CA TYR D 55 16.62 -12.93 38.28
C TYR D 55 16.99 -11.56 37.70
N GLN D 56 17.96 -11.54 36.78
CA GLN D 56 18.69 -10.32 36.51
C GLN D 56 17.80 -9.29 35.76
N SER D 57 16.87 -9.77 34.94
CA SER D 57 16.13 -8.92 34.00
C SER D 57 14.77 -8.43 34.54
N VAL D 58 14.51 -8.57 35.84
CA VAL D 58 13.26 -8.17 36.45
C VAL D 58 13.11 -6.65 36.35
N PHE D 59 11.95 -6.26 35.79
CA PHE D 59 11.42 -4.92 35.78
C PHE D 59 10.16 -4.85 36.62
N THR D 60 9.90 -3.70 37.25
CA THR D 60 8.68 -3.55 38.02
C THR D 60 7.50 -3.84 37.11
N ASN D 61 6.42 -4.40 37.67
CA ASN D 61 5.19 -4.60 36.91
C ASN D 61 4.12 -3.64 37.42
N SER D 62 4.51 -2.75 38.34
CA SER D 62 3.70 -1.61 38.73
C SER D 62 4.41 -0.34 38.24
N SER D 63 3.59 0.66 37.87
CA SER D 63 3.99 1.95 37.32
C SER D 63 4.64 2.82 38.41
N LYS D 64 5.55 3.72 38.02
CA LYS D 64 6.28 4.54 38.98
C LYS D 64 5.31 5.44 39.75
N GLU D 65 4.29 5.98 39.08
CA GLU D 65 3.42 6.90 39.75
C GLU D 65 2.44 6.11 40.62
N MET D 66 2.56 4.77 40.66
CA MET D 66 1.65 3.95 41.47
C MET D 66 2.37 3.18 42.57
N MET D 67 3.71 3.26 42.63
CA MET D 67 4.50 2.42 43.53
C MET D 67 5.61 3.22 44.25
N CYS D 68 5.39 4.53 44.44
CA CYS D 68 6.26 5.39 45.27
C CYS D 68 5.70 5.48 46.69
N PHE D 69 6.57 5.77 47.66
CA PHE D 69 6.10 6.20 48.95
C PHE D 69 5.28 7.46 48.74
N PRO D 70 4.10 7.60 49.37
CA PRO D 70 3.17 8.69 49.06
C PRO D 70 3.72 10.12 49.21
N ASP D 71 4.87 10.26 49.87
CA ASP D 71 5.45 11.56 50.12
C ASP D 71 6.83 11.69 49.45
N PHE D 72 7.13 10.83 48.48
CA PHE D 72 8.48 10.77 47.89
C PHE D 72 8.39 10.22 46.46
N PRO D 73 7.96 11.04 45.48
CA PRO D 73 7.77 10.58 44.11
C PRO D 73 9.10 10.17 43.48
N TYR D 74 9.03 9.32 42.45
CA TYR D 74 10.20 8.94 41.76
C TYR D 74 10.65 10.14 40.95
N PRO D 75 11.97 10.30 40.74
CA PRO D 75 12.49 11.37 39.88
C PRO D 75 11.72 11.46 38.56
N ASP D 76 11.66 12.67 38.00
CA ASP D 76 10.80 13.00 36.88
C ASP D 76 11.15 12.14 35.66
N ASP D 77 12.43 11.81 35.52
CA ASP D 77 13.06 11.23 34.33
C ASP D 77 12.99 9.69 34.39
N PHE D 78 12.60 9.13 35.53
CA PHE D 78 12.62 7.68 35.69
C PHE D 78 11.58 7.08 34.75
N PRO D 79 11.85 5.88 34.19
CA PRO D 79 10.87 5.20 33.35
C PRO D 79 9.70 4.70 34.20
N ASN D 80 8.54 4.57 33.56
CA ASN D 80 7.31 4.24 34.24
C ASN D 80 7.39 2.84 34.86
N PHE D 81 8.06 1.92 34.19
CA PHE D 81 8.41 0.63 34.69
C PHE D 81 9.93 0.53 34.65
N MET D 82 10.55 0.05 35.75
CA MET D 82 11.99 0.27 36.02
C MET D 82 12.67 -1.07 36.19
N HIS D 83 13.91 -1.14 35.76
CA HIS D 83 14.82 -2.23 36.12
C HIS D 83 14.95 -2.34 37.64
N ASN D 84 15.19 -3.56 38.13
CA ASN D 84 15.34 -3.82 39.56
C ASN D 84 16.40 -2.88 40.15
N SER D 85 17.51 -2.70 39.44
CA SER D 85 18.57 -1.82 39.91
C SER D 85 18.09 -0.37 40.10
N LYS D 86 17.17 0.10 39.23
CA LYS D 86 16.67 1.46 39.33
C LYS D 86 15.88 1.62 40.64
N LEU D 87 15.11 0.59 41.02
CA LEU D 87 14.28 0.64 42.23
C LEU D 87 15.18 0.67 43.47
N GLN D 88 16.21 -0.17 43.46
CA GLN D 88 17.19 -0.23 44.53
C GLN D 88 17.75 1.18 44.78
N GLU D 89 17.98 1.91 43.70
CA GLU D 89 18.50 3.26 43.71
C GLU D 89 17.49 4.16 44.44
N TYR D 90 16.21 3.99 44.13
CA TYR D 90 15.14 4.78 44.77
C TYR D 90 14.99 4.43 46.25
N ILE D 91 15.01 3.14 46.56
CA ILE D 91 14.87 2.70 47.93
C ILE D 91 16.04 3.30 48.74
N THR D 92 17.24 3.23 48.17
CA THR D 92 18.42 3.78 48.79
C THR D 92 18.22 5.29 49.01
N ALA D 93 17.67 5.98 48.01
CA ALA D 93 17.45 7.39 48.11
C ALA D 93 16.52 7.69 49.30
N PHE D 94 15.51 6.84 49.49
CA PHE D 94 14.47 7.05 50.47
C PHE D 94 15.03 6.86 51.88
N ALA D 95 15.84 5.82 52.07
CA ALA D 95 16.49 5.58 53.35
C ALA D 95 17.38 6.78 53.71
N LYS D 96 18.15 7.25 52.73
CA LYS D 96 19.05 8.38 52.93
C LYS D 96 18.25 9.62 53.35
N GLU D 97 17.23 9.95 52.55
CA GLU D 97 16.41 11.10 52.78
C GLU D 97 15.76 11.08 54.15
N LYS D 98 15.33 9.91 54.63
CA LYS D 98 14.48 9.84 55.85
C LYS D 98 15.31 9.37 57.05
N ASN D 99 16.62 9.23 56.81
CA ASN D 99 17.60 9.05 57.86
C ASN D 99 17.30 7.72 58.59
N LEU D 100 17.07 6.65 57.83
CA LEU D 100 16.65 5.37 58.41
C LEU D 100 17.84 4.45 58.73
N LEU D 101 19.00 4.70 58.12
CA LEU D 101 20.12 3.79 58.23
C LEU D 101 20.66 3.75 59.66
N LYS D 102 20.59 4.87 60.40
CA LYS D 102 21.00 4.93 61.82
C LYS D 102 20.44 3.75 62.61
N TYR D 103 19.20 3.36 62.31
CA TYR D 103 18.44 2.44 63.15
C TYR D 103 18.56 0.99 62.69
N ILE D 104 19.50 0.71 61.79
CA ILE D 104 19.61 -0.63 61.26
C ILE D 104 20.93 -1.23 61.74
N GLN D 105 20.84 -2.43 62.30
CA GLN D 105 21.99 -3.25 62.58
C GLN D 105 22.10 -4.33 61.52
N PHE D 106 23.09 -4.19 60.64
CA PHE D 106 23.30 -5.14 59.56
C PHE D 106 23.99 -6.38 60.11
N LYS D 107 24.04 -7.42 59.25
CA LYS D 107 24.69 -8.69 59.49
C LYS D 107 24.14 -9.38 60.73
N THR D 108 22.99 -8.91 61.26
CA THR D 108 22.38 -9.51 62.46
C THR D 108 21.07 -10.25 62.10
N LEU D 109 21.11 -11.58 62.22
CA LEU D 109 19.97 -12.47 62.07
C LEU D 109 19.11 -12.41 63.34
N VAL D 110 17.79 -12.33 63.19
CA VAL D 110 16.89 -12.56 64.32
C VAL D 110 16.58 -14.06 64.36
N SER D 111 17.04 -14.73 65.41
CA SER D 111 16.97 -16.20 65.51
C SER D 111 15.72 -16.64 66.28
N SER D 112 15.26 -15.85 67.26
CA SER D 112 13.93 -16.10 67.84
C SER D 112 13.35 -14.85 68.52
N VAL D 113 12.02 -14.85 68.57
CA VAL D 113 11.16 -13.80 69.09
C VAL D 113 10.14 -14.52 69.99
N ASN D 114 10.17 -14.21 71.29
CA ASN D 114 9.41 -14.97 72.30
C ASN D 114 8.72 -13.99 73.25
N LYS D 115 7.43 -14.26 73.51
CA LYS D 115 6.69 -13.54 74.53
C LYS D 115 7.54 -13.53 75.80
N ARG D 116 7.54 -12.41 76.50
CA ARG D 116 8.17 -12.36 77.81
C ARG D 116 7.35 -13.22 78.76
N PRO D 117 7.96 -13.82 79.82
CA PRO D 117 7.21 -14.60 80.80
C PRO D 117 6.10 -13.77 81.51
N ASP D 118 6.19 -12.43 81.48
CA ASP D 118 5.16 -11.57 82.04
C ASP D 118 4.32 -10.88 80.95
N PHE D 119 4.07 -11.60 79.85
CA PHE D 119 3.52 -11.00 78.63
C PHE D 119 2.11 -10.43 78.85
N SER D 120 1.30 -11.04 79.69
CA SER D 120 -0.10 -10.65 79.80
C SER D 120 -0.23 -9.29 80.50
N VAL D 121 0.86 -8.83 81.13
CA VAL D 121 0.77 -7.55 81.88
C VAL D 121 1.70 -6.52 81.25
N THR D 122 2.80 -6.94 80.64
CA THR D 122 3.76 -5.99 80.04
C THR D 122 3.62 -6.03 78.54
N GLY D 123 3.33 -7.21 77.99
CA GLY D 123 3.20 -7.35 76.54
C GLY D 123 4.54 -7.12 75.86
N GLN D 124 5.63 -7.53 76.49
CA GLN D 124 6.96 -7.32 75.91
C GLN D 124 7.42 -8.59 75.22
N TRP D 125 8.56 -8.51 74.57
CA TRP D 125 9.08 -9.59 73.75
C TRP D 125 10.57 -9.74 73.97
N ASP D 126 11.03 -10.98 73.90
CA ASP D 126 12.45 -11.33 73.93
C ASP D 126 12.90 -11.59 72.50
N VAL D 127 13.74 -10.71 71.95
CA VAL D 127 14.27 -10.84 70.62
C VAL D 127 15.73 -11.30 70.72
N THR D 128 15.99 -12.48 70.16
CA THR D 128 17.31 -13.06 70.13
C THR D 128 17.91 -12.81 68.74
N THR D 129 19.19 -12.39 68.72
CA THR D 129 19.86 -12.03 67.50
C THR D 129 21.29 -12.58 67.50
N GLU D 130 21.57 -13.42 66.48
CA GLU D 130 22.91 -13.91 66.13
C GLU D 130 23.61 -12.87 65.24
N LYS D 131 24.86 -12.49 65.56
CA LYS D 131 25.55 -11.36 64.90
C LYS D 131 26.79 -11.85 64.13
N ASP D 132 27.83 -12.27 64.86
CA ASP D 132 29.06 -12.77 64.26
C ASP D 132 29.22 -14.27 64.54
N GLY D 133 28.10 -14.96 64.75
CA GLY D 133 28.07 -16.22 65.49
C GLY D 133 27.94 -15.97 66.99
N LYS D 134 27.65 -14.71 67.36
CA LYS D 134 27.53 -14.25 68.75
C LYS D 134 26.05 -13.92 69.07
N LYS D 135 25.33 -14.84 69.76
CA LYS D 135 23.96 -14.66 70.27
C LYS D 135 23.87 -13.50 71.29
N GLU D 136 22.76 -12.77 71.24
CA GLU D 136 22.36 -11.77 72.20
C GLU D 136 20.84 -11.82 72.36
N SER D 137 20.35 -11.06 73.33
CA SER D 137 18.95 -11.04 73.64
C SER D 137 18.61 -9.68 74.26
N ALA D 138 17.42 -9.20 73.95
CA ALA D 138 16.98 -7.91 74.40
C ALA D 138 15.45 -7.88 74.44
N VAL D 139 14.95 -6.97 75.26
CA VAL D 139 13.57 -6.89 75.54
C VAL D 139 13.04 -5.71 74.73
N PHE D 140 11.95 -5.95 74.01
CA PHE D 140 11.29 -4.92 73.19
C PHE D 140 9.82 -4.86 73.56
N ASP D 141 9.26 -3.65 73.41
CA ASP D 141 7.88 -3.39 73.75
C ASP D 141 6.97 -3.91 72.66
N ALA D 142 7.42 -3.78 71.40
CA ALA D 142 6.70 -4.29 70.23
C ALA D 142 7.67 -4.88 69.21
N VAL D 143 7.08 -5.66 68.30
CA VAL D 143 7.80 -6.28 67.19
C VAL D 143 7.03 -6.05 65.88
N MET D 144 7.77 -5.72 64.81
CA MET D 144 7.24 -5.65 63.45
C MET D 144 7.99 -6.64 62.56
N ILE D 145 7.24 -7.62 62.02
CA ILE D 145 7.81 -8.64 61.19
C ILE D 145 7.72 -8.22 59.72
N CYS D 146 8.89 -8.06 59.10
CA CYS D 146 9.02 -7.54 57.77
C CYS D 146 9.95 -8.45 56.96
N SER D 147 9.77 -9.77 57.12
CA SER D 147 10.71 -10.79 56.64
C SER D 147 10.31 -11.34 55.26
N GLY D 148 9.21 -10.81 54.70
CA GLY D 148 8.82 -11.10 53.33
C GLY D 148 8.13 -12.44 53.21
N HIS D 149 7.53 -12.67 52.04
CA HIS D 149 6.83 -13.90 51.73
C HIS D 149 7.11 -14.38 50.31
N HIS D 150 8.22 -13.97 49.69
CA HIS D 150 8.70 -14.50 48.40
C HIS D 150 10.09 -15.07 48.59
N VAL D 151 10.29 -15.82 49.67
CA VAL D 151 11.62 -16.38 49.97
C VAL D 151 11.59 -17.91 50.03
N TYR D 152 10.65 -18.50 50.76
CA TYR D 152 10.63 -20.00 50.90
C TYR D 152 9.85 -20.56 49.72
N PRO D 153 10.53 -21.18 48.74
CA PRO D 153 9.87 -21.68 47.54
C PRO D 153 8.78 -22.71 47.85
N ASN D 154 7.64 -22.58 47.19
CA ASN D 154 6.60 -23.60 47.10
C ASN D 154 7.04 -24.56 45.99
N LEU D 155 7.43 -25.78 46.39
CA LEU D 155 8.14 -26.68 45.50
C LEU D 155 7.51 -28.07 45.55
N PRO D 156 6.33 -28.30 44.93
CA PRO D 156 5.70 -29.62 44.99
C PRO D 156 6.45 -30.66 44.13
N LYS D 157 7.63 -31.08 44.56
CA LYS D 157 8.41 -32.10 43.85
C LYS D 157 7.75 -33.46 44.10
N GLU D 158 7.34 -33.71 45.35
CA GLU D 158 6.68 -34.95 45.73
C GLU D 158 5.19 -34.78 45.45
N SER D 159 4.89 -34.34 44.22
CA SER D 159 3.49 -34.12 43.78
C SER D 159 3.29 -34.49 42.30
N PHE D 160 4.37 -34.72 41.58
CA PHE D 160 4.34 -35.06 40.15
C PHE D 160 4.88 -36.49 39.98
N PRO D 161 3.99 -37.46 39.68
CA PRO D 161 4.40 -38.84 39.41
C PRO D 161 5.57 -38.94 38.42
N GLY D 162 6.69 -39.50 38.86
CA GLY D 162 7.78 -39.91 38.00
C GLY D 162 9.00 -39.00 38.12
N LEU D 163 8.82 -37.89 38.84
CA LEU D 163 9.78 -36.81 38.81
C LEU D 163 11.09 -37.28 39.41
N LYS D 164 11.02 -38.21 40.37
CA LYS D 164 12.21 -38.78 41.04
C LYS D 164 13.19 -39.29 39.97
N HIS D 165 12.64 -39.88 38.91
CA HIS D 165 13.36 -40.58 37.85
C HIS D 165 13.99 -39.62 36.82
N PHE D 166 13.49 -38.38 36.73
CA PHE D 166 13.90 -37.45 35.67
C PHE D 166 15.40 -37.17 35.78
N LYS D 167 16.13 -37.35 34.69
CA LYS D 167 17.60 -37.39 34.69
C LYS D 167 18.21 -36.02 34.35
N GLY D 168 17.37 -35.08 33.90
CA GLY D 168 17.85 -33.75 33.54
C GLY D 168 17.92 -32.86 34.75
N LYS D 169 18.48 -31.66 34.56
CA LYS D 169 18.60 -30.66 35.62
C LYS D 169 17.20 -30.10 35.87
N CYS D 170 16.92 -29.74 37.13
CA CYS D 170 15.60 -29.34 37.59
C CYS D 170 15.73 -28.42 38.82
N PHE D 171 15.15 -27.22 38.77
CA PHE D 171 15.23 -26.28 39.90
C PHE D 171 14.05 -25.30 39.90
N HIS D 172 13.99 -24.44 40.91
CA HIS D 172 12.87 -23.52 41.15
C HIS D 172 13.23 -22.11 40.66
N SER D 173 12.19 -21.36 40.24
CA SER D 173 12.28 -19.98 39.73
C SER D 173 13.38 -19.20 40.50
N ARG D 174 13.37 -19.33 41.83
CA ARG D 174 14.31 -18.74 42.75
C ARG D 174 15.75 -18.75 42.25
N ASP D 175 16.14 -19.87 41.63
CA ASP D 175 17.54 -20.11 41.27
C ASP D 175 17.81 -19.75 39.81
N TYR D 176 16.81 -19.31 39.05
CA TYR D 176 17.04 -18.80 37.70
C TYR D 176 17.65 -17.40 37.81
N LYS D 177 18.66 -17.13 36.95
CA LYS D 177 19.31 -15.84 37.00
C LYS D 177 19.53 -15.26 35.60
N GLU D 178 20.21 -16.02 34.73
CA GLU D 178 20.61 -15.55 33.39
C GLU D 178 20.24 -16.63 32.38
N PRO D 179 19.91 -16.27 31.13
CA PRO D 179 19.55 -17.27 30.11
C PRO D 179 20.74 -17.87 29.34
N GLY D 180 21.93 -17.29 29.50
CA GLY D 180 23.12 -17.68 28.74
C GLY D 180 23.29 -19.19 28.59
N ILE D 181 23.29 -19.92 29.71
CA ILE D 181 23.65 -21.33 29.69
C ILE D 181 22.52 -22.18 29.11
N PHE D 182 21.43 -21.57 28.61
CA PHE D 182 20.31 -22.35 28.12
C PHE D 182 20.28 -22.33 26.60
N LYS D 183 21.29 -21.72 25.97
CA LYS D 183 21.30 -21.59 24.52
C LYS D 183 21.01 -22.96 23.90
N GLY D 184 19.99 -22.99 23.05
CA GLY D 184 19.60 -24.18 22.30
C GLY D 184 19.33 -25.37 23.20
N LYS D 185 18.83 -25.14 24.41
CA LYS D 185 18.37 -26.19 25.31
C LYS D 185 16.84 -26.29 25.25
N ARG D 186 16.32 -27.41 25.75
CA ARG D 186 14.93 -27.73 25.75
C ARG D 186 14.43 -27.57 27.18
N VAL D 187 13.57 -26.57 27.43
CA VAL D 187 13.19 -26.20 28.79
C VAL D 187 11.67 -26.26 28.95
N LEU D 188 11.25 -26.92 30.04
CA LEU D 188 9.88 -26.94 30.50
C LEU D 188 9.77 -26.07 31.75
N VAL D 189 8.79 -25.17 31.75
CA VAL D 189 8.51 -24.28 32.85
C VAL D 189 7.15 -24.66 33.44
N ILE D 190 7.12 -24.95 34.75
CA ILE D 190 5.89 -25.30 35.43
C ILE D 190 5.40 -24.06 36.14
N GLY D 191 4.17 -23.64 35.79
CA GLY D 191 3.56 -22.49 36.39
C GLY D 191 3.52 -21.29 35.45
N LEU D 192 2.32 -20.74 35.32
CA LEU D 192 2.04 -19.62 34.47
C LEU D 192 1.83 -18.41 35.37
N GLY D 193 2.76 -18.20 36.32
CA GLY D 193 2.81 -16.95 37.07
C GLY D 193 3.70 -15.95 36.36
N ASN D 194 3.98 -14.82 37.04
CA ASN D 194 4.75 -13.77 36.45
C ASN D 194 6.22 -14.19 36.32
N SER D 195 6.70 -15.04 37.23
CA SER D 195 8.04 -15.61 37.13
C SER D 195 8.09 -16.56 35.95
N GLY D 196 7.12 -17.47 35.90
CA GLY D 196 7.04 -18.44 34.85
C GLY D 196 7.10 -17.78 33.50
N CYS D 197 6.26 -16.77 33.31
CA CYS D 197 6.11 -16.15 32.04
C CYS D 197 7.36 -15.34 31.68
N ASP D 198 7.92 -14.61 32.65
CA ASP D 198 9.16 -13.85 32.39
C ASP D 198 10.28 -14.79 31.96
N ILE D 199 10.47 -15.87 32.72
CA ILE D 199 11.57 -16.77 32.48
C ILE D 199 11.33 -17.50 31.15
N ALA D 200 10.08 -17.86 30.87
CA ALA D 200 9.77 -18.57 29.64
C ALA D 200 10.08 -17.67 28.43
N THR D 201 9.62 -16.42 28.44
CA THR D 201 9.76 -15.51 27.31
C THR D 201 11.25 -15.18 27.13
N GLU D 202 11.94 -14.86 28.21
CA GLU D 202 13.40 -14.61 28.13
C GLU D 202 14.13 -15.82 27.52
N LEU D 203 13.81 -17.04 27.98
CA LEU D 203 14.48 -18.23 27.46
C LEU D 203 14.14 -18.41 25.98
N SER D 204 12.92 -18.01 25.59
CA SER D 204 12.41 -18.28 24.27
C SER D 204 13.26 -17.59 23.21
N HIS D 205 14.24 -16.76 23.61
CA HIS D 205 15.06 -16.01 22.66
C HIS D 205 16.36 -16.75 22.32
N THR D 206 16.61 -17.91 22.92
CA THR D 206 17.92 -18.54 22.83
C THR D 206 17.80 -20.04 23.01
N ALA D 207 16.77 -20.50 23.72
CA ALA D 207 16.50 -21.90 23.88
C ALA D 207 16.00 -22.53 22.57
N GLU D 208 16.10 -23.85 22.47
CA GLU D 208 15.66 -24.61 21.31
C GLU D 208 14.13 -24.67 21.29
N LYS D 209 13.55 -25.09 22.42
CA LYS D 209 12.10 -25.15 22.62
C LYS D 209 11.80 -24.83 24.08
N VAL D 210 10.67 -24.15 24.29
CA VAL D 210 10.23 -23.73 25.62
C VAL D 210 8.73 -23.99 25.72
N ILE D 211 8.33 -24.64 26.82
CA ILE D 211 6.94 -24.88 27.07
C ILE D 211 6.62 -24.40 28.48
N ILE D 212 5.42 -23.82 28.62
CA ILE D 212 4.88 -23.54 29.94
C ILE D 212 3.70 -24.50 30.16
N SER D 213 3.72 -25.18 31.32
CA SER D 213 2.64 -26.05 31.76
C SER D 213 1.80 -25.30 32.79
N SER D 214 0.48 -25.22 32.54
CA SER D 214 -0.41 -24.51 33.44
C SER D 214 -1.58 -25.38 33.87
N ARG D 215 -1.77 -25.51 35.19
CA ARG D 215 -2.99 -26.05 35.81
C ARG D 215 -4.22 -25.33 35.25
N SER D 216 -4.29 -24.04 35.58
CA SER D 216 -5.53 -23.29 35.57
C SER D 216 -5.55 -22.16 34.54
N GLY D 217 -4.45 -21.95 33.82
CA GLY D 217 -4.31 -20.80 32.95
C GLY D 217 -4.36 -19.49 33.72
N SER D 218 -4.38 -18.37 32.99
CA SER D 218 -4.33 -17.05 33.58
C SER D 218 -4.68 -15.99 32.55
N TRP D 219 -5.40 -14.97 33.00
CA TRP D 219 -5.49 -13.73 32.26
C TRP D 219 -4.10 -13.08 32.14
N VAL D 220 -3.85 -12.45 30.99
CA VAL D 220 -2.58 -11.81 30.72
C VAL D 220 -2.81 -10.35 30.31
N MET D 221 -2.37 -9.42 31.16
CA MET D 221 -2.33 -8.01 30.89
C MET D 221 -0.90 -7.62 30.51
N SER D 222 -0.71 -6.33 30.17
CA SER D 222 0.58 -5.82 29.75
C SER D 222 0.83 -4.47 30.41
N ARG D 223 2.11 -4.12 30.56
CA ARG D 223 2.49 -2.83 31.06
C ARG D 223 1.87 -1.74 30.18
N VAL D 224 1.92 -1.98 28.87
CA VAL D 224 1.38 -1.04 27.89
C VAL D 224 -0.11 -1.30 27.78
N TRP D 225 -0.91 -0.42 28.34
CA TRP D 225 -2.36 -0.63 28.37
C TRP D 225 -3.03 0.33 27.39
N ASP D 226 -4.30 0.70 27.64
CA ASP D 226 -5.07 1.55 26.74
C ASP D 226 -4.27 2.81 26.40
N ASP D 227 -4.10 3.05 25.09
CA ASP D 227 -3.48 4.27 24.53
C ASP D 227 -2.01 4.39 24.96
N GLY D 228 -1.42 3.26 25.37
CA GLY D 228 0.00 3.17 25.77
C GLY D 228 0.25 3.69 27.17
N TYR D 229 -0.82 3.83 27.94
CA TYR D 229 -0.67 4.29 29.30
C TYR D 229 -0.42 3.10 30.21
N PRO D 230 0.31 3.27 31.34
CA PRO D 230 0.57 2.16 32.24
C PRO D 230 -0.76 1.60 32.74
N TRP D 231 -0.87 0.25 32.77
CA TRP D 231 -2.12 -0.41 33.08
C TRP D 231 -2.68 0.08 34.41
N ASP D 232 -1.84 0.16 35.43
CA ASP D 232 -2.34 0.31 36.77
C ASP D 232 -2.90 1.73 36.97
N MET D 233 -2.37 2.72 36.26
CA MET D 233 -2.87 4.09 36.35
C MET D 233 -4.29 4.21 35.75
N LEU D 234 -4.70 3.23 34.93
CA LEU D 234 -6.00 3.22 34.31
C LEU D 234 -6.94 2.22 35.00
N PHE D 235 -6.37 1.13 35.51
CA PHE D 235 -7.15 -0.02 35.97
C PHE D 235 -7.54 0.10 37.45
N ILE D 236 -6.72 0.78 38.23
CA ILE D 236 -6.91 0.96 39.66
C ILE D 236 -7.41 2.38 39.94
N THR D 237 -8.72 2.51 40.06
CA THR D 237 -9.40 3.80 40.12
C THR D 237 -10.58 3.68 41.10
N ARG D 238 -10.81 4.73 41.88
CA ARG D 238 -11.91 4.72 42.90
C ARG D 238 -13.24 4.47 42.19
N PHE D 239 -13.42 5.05 41.01
CA PHE D 239 -14.61 4.89 40.21
C PHE D 239 -14.73 3.45 39.68
N GLU D 240 -13.60 2.91 39.21
CA GLU D 240 -13.58 1.58 38.62
C GLU D 240 -13.92 0.57 39.73
N THR D 241 -13.41 0.84 40.94
CA THR D 241 -13.60 -0.05 42.08
C THR D 241 -15.05 0.05 42.53
N PHE D 242 -15.57 1.28 42.58
CA PHE D 242 -16.98 1.53 42.86
C PHE D 242 -17.88 0.68 41.97
N LEU D 243 -17.61 0.63 40.66
CA LEU D 243 -18.42 -0.15 39.73
C LEU D 243 -18.35 -1.64 40.07
N LYS D 244 -17.15 -2.20 40.16
CA LYS D 244 -17.00 -3.64 40.29
C LYS D 244 -17.46 -4.09 41.68
N ASN D 245 -17.49 -3.15 42.63
CA ASN D 245 -17.99 -3.41 43.99
C ASN D 245 -19.52 -3.41 44.03
N SER D 246 -20.16 -2.47 43.35
CA SER D 246 -21.58 -2.26 43.49
C SER D 246 -22.30 -2.38 42.12
N LEU D 247 -22.02 -3.47 41.41
CA LEU D 247 -22.81 -3.93 40.28
C LEU D 247 -23.24 -5.35 40.61
N PRO D 248 -24.42 -5.79 40.14
CA PRO D 248 -24.75 -7.21 40.15
C PRO D 248 -23.53 -8.00 39.68
N THR D 249 -23.13 -9.03 40.45
CA THR D 249 -21.84 -9.65 40.24
C THR D 249 -21.79 -10.42 38.91
N ALA D 250 -22.93 -10.61 38.25
CA ALA D 250 -22.93 -11.27 36.93
C ALA D 250 -22.58 -10.24 35.84
N ILE D 251 -23.01 -8.97 36.03
CA ILE D 251 -22.65 -7.88 35.13
C ILE D 251 -21.14 -7.61 35.30
N SER D 252 -20.70 -7.50 36.56
CA SER D 252 -19.31 -7.20 36.87
C SER D 252 -18.40 -8.34 36.38
N ASP D 253 -18.79 -9.59 36.59
CA ASP D 253 -17.97 -10.73 36.16
C ASP D 253 -17.85 -10.70 34.63
N TRP D 254 -18.94 -10.32 33.96
CA TRP D 254 -18.96 -10.16 32.51
C TRP D 254 -17.95 -9.07 32.11
N TRP D 255 -18.07 -7.88 32.73
CA TRP D 255 -17.23 -6.72 32.44
C TRP D 255 -15.74 -7.09 32.59
N TYR D 256 -15.37 -7.81 33.66
CA TYR D 256 -13.97 -8.15 33.94
C TYR D 256 -13.42 -9.03 32.80
N MET D 257 -14.16 -10.07 32.44
CA MET D 257 -13.69 -11.00 31.42
C MET D 257 -13.60 -10.34 30.04
N LYS D 258 -14.48 -9.37 29.76
CA LYS D 258 -14.47 -8.61 28.52
C LYS D 258 -13.11 -7.90 28.41
N GLN D 259 -12.72 -7.20 29.49
CA GLN D 259 -11.48 -6.41 29.53
C GLN D 259 -10.28 -7.32 29.32
N MET D 260 -10.22 -8.40 30.10
CA MET D 260 -9.07 -9.26 30.10
C MET D 260 -8.93 -9.93 28.72
N ASN D 261 -10.04 -10.21 28.03
CA ASN D 261 -9.94 -10.97 26.80
C ASN D 261 -10.00 -10.07 25.55
N ALA D 262 -9.86 -8.75 25.73
CA ALA D 262 -10.05 -7.80 24.63
C ALA D 262 -8.88 -7.79 23.64
N ARG D 263 -7.64 -7.74 24.12
CA ARG D 263 -6.49 -7.58 23.21
C ARG D 263 -6.30 -8.82 22.34
N PHE D 264 -6.29 -10.00 22.96
CA PHE D 264 -6.17 -11.24 22.21
C PHE D 264 -7.00 -12.32 22.92
N LYS D 265 -7.49 -13.25 22.12
CA LYS D 265 -8.35 -14.31 22.55
C LYS D 265 -7.50 -15.38 23.24
N HIS D 266 -7.53 -15.36 24.58
CA HIS D 266 -6.78 -16.30 25.41
C HIS D 266 -7.06 -17.76 25.00
N GLU D 267 -8.29 -18.03 24.53
CA GLU D 267 -8.72 -19.34 24.05
C GLU D 267 -7.79 -19.86 22.96
N ASN D 268 -7.46 -18.97 22.01
CA ASN D 268 -6.67 -19.31 20.83
C ASN D 268 -5.17 -19.46 21.20
N TYR D 269 -4.74 -18.85 22.31
CA TYR D 269 -3.32 -18.82 22.69
C TYR D 269 -3.01 -19.87 23.77
N GLY D 270 -4.05 -20.50 24.31
CA GLY D 270 -3.95 -21.58 25.30
C GLY D 270 -3.73 -21.06 26.71
N LEU D 271 -4.22 -19.86 26.97
CA LEU D 271 -4.01 -19.19 28.23
C LEU D 271 -5.32 -19.06 29.00
N MET D 272 -6.45 -19.41 28.36
CA MET D 272 -7.76 -19.17 28.91
C MET D 272 -7.84 -19.80 30.28
N PRO D 273 -8.11 -19.02 31.36
CA PRO D 273 -8.27 -19.60 32.69
C PRO D 273 -9.47 -20.56 32.80
N LEU D 274 -9.28 -21.65 33.56
CA LEU D 274 -10.35 -22.59 33.93
C LEU D 274 -11.58 -21.84 34.44
N ASN D 275 -11.38 -20.85 35.32
CA ASN D 275 -12.49 -20.05 35.82
C ASN D 275 -12.14 -18.55 35.69
N GLY D 276 -12.60 -17.95 34.60
CA GLY D 276 -12.27 -16.58 34.26
C GLY D 276 -12.89 -15.52 35.16
N THR D 277 -13.78 -15.91 36.08
CA THR D 277 -14.44 -14.90 36.92
C THR D 277 -13.56 -14.59 38.13
N LEU D 278 -12.64 -15.50 38.45
CA LEU D 278 -11.73 -15.32 39.57
C LEU D 278 -10.85 -14.10 39.30
N ARG D 279 -10.81 -13.18 40.26
CA ARG D 279 -10.04 -11.93 40.20
C ARG D 279 -8.63 -12.20 40.76
N LYS D 280 -8.06 -13.35 40.41
CA LYS D 280 -6.71 -13.73 40.76
C LYS D 280 -5.74 -12.75 40.10
N GLU D 281 -4.58 -12.53 40.72
CA GLU D 281 -3.64 -11.57 40.17
C GLU D 281 -3.29 -12.04 38.77
N PRO D 282 -3.43 -11.17 37.75
CA PRO D 282 -3.11 -11.54 36.39
C PRO D 282 -1.61 -11.63 36.17
N VAL D 283 -1.27 -12.20 35.02
CA VAL D 283 0.07 -12.12 34.50
C VAL D 283 0.24 -10.74 33.87
N PHE D 284 1.35 -10.06 34.19
CA PHE D 284 1.76 -8.85 33.52
C PHE D 284 3.00 -9.16 32.68
N ASN D 285 2.82 -9.20 31.37
CA ASN D 285 3.82 -9.66 30.46
C ASN D 285 3.52 -9.18 29.04
N ASP D 286 4.47 -8.46 28.48
CA ASP D 286 4.28 -7.73 27.24
C ASP D 286 4.65 -8.63 26.07
N GLU D 287 5.62 -9.51 26.28
CA GLU D 287 6.20 -10.35 25.23
C GLU D 287 5.34 -11.57 24.91
N LEU D 288 4.53 -12.08 25.84
CA LEU D 288 4.13 -13.50 25.77
C LEU D 288 3.30 -13.76 24.52
N PRO D 289 2.27 -12.96 24.19
CA PRO D 289 1.46 -13.27 23.03
C PRO D 289 2.32 -13.38 21.76
N ALA D 290 3.18 -12.41 21.53
CA ALA D 290 4.05 -12.44 20.35
C ALA D 290 4.94 -13.69 20.36
N ARG D 291 5.51 -14.03 21.53
CA ARG D 291 6.35 -15.22 21.63
C ARG D 291 5.55 -16.48 21.27
N ILE D 292 4.27 -16.50 21.67
CA ILE D 292 3.42 -17.64 21.39
C ILE D 292 3.11 -17.67 19.89
N LEU D 293 2.76 -16.51 19.33
CA LEU D 293 2.29 -16.45 17.95
C LEU D 293 3.44 -16.71 16.99
N CYS D 294 4.67 -16.45 17.43
CA CYS D 294 5.89 -16.74 16.64
C CYS D 294 6.39 -18.17 16.91
N GLY D 295 5.69 -18.92 17.74
CA GLY D 295 5.99 -20.34 17.95
C GLY D 295 7.28 -20.57 18.73
N THR D 296 7.64 -19.67 19.64
CA THR D 296 8.83 -19.83 20.48
C THR D 296 8.43 -20.25 21.90
N VAL D 297 7.13 -20.20 22.19
CA VAL D 297 6.59 -20.61 23.48
C VAL D 297 5.21 -21.20 23.20
N SER D 298 4.94 -22.37 23.76
CA SER D 298 3.57 -22.84 23.75
C SER D 298 3.17 -23.28 25.16
N ILE D 299 1.88 -23.12 25.43
CA ILE D 299 1.29 -23.41 26.71
C ILE D 299 0.65 -24.80 26.59
N LYS D 300 0.90 -25.64 27.59
CA LYS D 300 0.31 -26.99 27.67
C LYS D 300 -0.41 -27.14 29.01
N PRO D 301 -1.23 -28.20 29.18
CA PRO D 301 -1.91 -28.43 30.46
C PRO D 301 -0.91 -28.91 31.52
N ASN D 302 -1.41 -29.33 32.68
CA ASN D 302 -0.57 -29.80 33.76
C ASN D 302 0.16 -31.08 33.32
N VAL D 303 1.33 -31.33 33.92
CA VAL D 303 2.11 -32.52 33.65
C VAL D 303 1.46 -33.68 34.43
N LYS D 304 1.26 -34.80 33.72
CA LYS D 304 0.60 -36.01 34.24
C LYS D 304 1.67 -36.92 34.86
N GLU D 305 2.82 -37.04 34.17
CA GLU D 305 3.82 -38.03 34.47
C GLU D 305 5.15 -37.59 33.87
N PHE D 306 6.24 -37.74 34.63
CA PHE D 306 7.59 -37.62 34.08
C PHE D 306 8.19 -39.00 33.82
N THR D 307 9.07 -39.06 32.83
CA THR D 307 9.92 -40.20 32.55
C THR D 307 11.37 -39.80 32.87
N GLU D 308 12.32 -40.61 32.42
CA GLU D 308 13.74 -40.31 32.61
C GLU D 308 14.10 -39.03 31.85
N THR D 309 13.44 -38.83 30.71
CA THR D 309 13.86 -37.86 29.71
C THR D 309 12.69 -36.97 29.24
N SER D 310 11.45 -37.31 29.57
CA SER D 310 10.24 -36.75 28.96
C SER D 310 9.29 -36.23 30.04
N ALA D 311 8.32 -35.43 29.59
CA ALA D 311 7.13 -35.10 30.36
C ALA D 311 5.92 -35.42 29.51
N ILE D 312 4.87 -35.97 30.11
CA ILE D 312 3.65 -36.21 29.38
C ILE D 312 2.54 -35.44 30.09
N PHE D 313 1.74 -34.75 29.31
CA PHE D 313 0.76 -33.82 29.80
C PHE D 313 -0.61 -34.50 29.82
N GLU D 314 -1.52 -33.90 30.60
CA GLU D 314 -2.83 -34.42 30.88
C GLU D 314 -3.65 -34.65 29.61
N ASP D 315 -3.26 -34.06 28.49
CA ASP D 315 -4.02 -34.21 27.25
C ASP D 315 -3.37 -35.29 26.38
N GLY D 316 -2.29 -35.91 26.87
CA GLY D 316 -1.67 -37.02 26.16
C GLY D 316 -0.39 -36.64 25.44
N THR D 317 -0.19 -35.36 25.10
CA THR D 317 0.98 -34.95 24.34
C THR D 317 2.24 -35.14 25.20
N VAL D 318 3.42 -35.00 24.56
CA VAL D 318 4.70 -35.28 25.20
C VAL D 318 5.75 -34.25 24.80
N PHE D 319 6.57 -33.87 25.76
CA PHE D 319 7.72 -33.04 25.54
C PHE D 319 8.97 -33.93 25.70
N GLU D 320 9.53 -34.34 24.57
CA GLU D 320 10.65 -35.27 24.55
C GLU D 320 11.95 -34.51 24.84
N ALA D 321 12.92 -35.23 25.43
CA ALA D 321 14.35 -34.85 25.49
C ALA D 321 14.52 -33.52 26.22
N ILE D 322 13.82 -33.37 27.34
CA ILE D 322 13.84 -32.17 28.14
C ILE D 322 15.21 -32.07 28.82
N ASP D 323 15.88 -30.94 28.64
CA ASP D 323 17.16 -30.67 29.27
C ASP D 323 16.97 -30.16 30.70
N CYS D 324 15.87 -29.45 30.95
CA CYS D 324 15.77 -28.66 32.16
C CYS D 324 14.29 -28.35 32.48
N VAL D 325 13.91 -28.54 33.75
CA VAL D 325 12.61 -28.18 34.24
C VAL D 325 12.77 -27.07 35.28
N ILE D 326 12.04 -25.96 35.08
CA ILE D 326 12.02 -24.86 36.01
C ILE D 326 10.66 -24.87 36.71
N PHE D 327 10.67 -24.96 38.04
CA PHE D 327 9.45 -24.85 38.84
C PHE D 327 9.22 -23.40 39.20
N ALA D 328 8.27 -22.77 38.50
CA ALA D 328 7.91 -21.40 38.71
C ALA D 328 6.60 -21.39 39.46
N THR D 329 6.61 -22.06 40.61
CA THR D 329 5.41 -22.47 41.31
C THR D 329 5.22 -21.64 42.58
N GLY D 330 5.81 -20.45 42.64
CA GLY D 330 5.52 -19.49 43.71
C GLY D 330 6.20 -19.83 45.01
N TYR D 331 5.66 -19.26 46.10
CA TYR D 331 6.33 -19.21 47.41
C TYR D 331 5.29 -19.48 48.51
N GLY D 332 5.75 -20.03 49.64
CA GLY D 332 5.04 -19.94 50.91
C GLY D 332 5.70 -18.93 51.82
N TYR D 333 5.35 -19.01 53.10
CA TYR D 333 5.92 -18.14 54.11
C TYR D 333 5.98 -18.85 55.46
N ALA D 334 6.88 -18.38 56.33
CA ALA D 334 7.41 -19.21 57.38
C ALA D 334 7.46 -18.51 58.75
N TYR D 335 8.42 -17.62 58.97
CA TYR D 335 8.69 -17.14 60.36
C TYR D 335 9.28 -18.27 61.21
N PRO D 336 10.52 -18.76 60.95
CA PRO D 336 11.13 -19.82 61.77
C PRO D 336 11.46 -19.37 63.20
N PHE D 337 11.45 -18.05 63.43
CA PHE D 337 11.87 -17.44 64.69
C PHE D 337 10.66 -17.25 65.62
N LEU D 338 9.50 -17.79 65.26
CA LEU D 338 8.27 -17.52 65.98
C LEU D 338 7.46 -18.82 66.09
N ASP D 339 6.80 -18.99 67.25
CA ASP D 339 5.92 -20.09 67.46
C ASP D 339 4.78 -20.01 66.44
N ASP D 340 4.48 -21.16 65.82
CA ASP D 340 3.46 -21.29 64.82
C ASP D 340 2.09 -20.85 65.37
N SER D 341 1.87 -21.08 66.66
CA SER D 341 0.59 -20.83 67.31
C SER D 341 0.19 -19.34 67.31
N ILE D 342 1.15 -18.43 67.13
CA ILE D 342 0.90 -16.96 67.18
C ILE D 342 0.14 -16.50 65.92
N ILE D 343 0.68 -16.86 64.75
CA ILE D 343 0.17 -16.43 63.48
C ILE D 343 -0.93 -17.39 63.04
N LYS D 344 -0.64 -18.69 63.10
CA LYS D 344 -1.58 -19.76 62.75
C LYS D 344 -2.35 -20.19 64.02
N SER D 345 -3.19 -19.29 64.55
CA SER D 345 -3.77 -19.43 65.88
C SER D 345 -5.19 -20.00 65.80
N ARG D 346 -5.43 -20.97 64.91
CA ARG D 346 -6.78 -21.43 64.59
C ARG D 346 -6.72 -22.24 63.29
N ASN D 347 -7.27 -23.45 63.32
CA ASN D 347 -7.42 -24.30 62.13
C ASN D 347 -6.05 -24.57 61.49
N ASN D 348 -4.96 -24.42 62.26
CA ASN D 348 -3.60 -24.53 61.74
C ASN D 348 -3.49 -23.72 60.43
N GLU D 349 -3.97 -22.47 60.49
CA GLU D 349 -4.23 -21.63 59.32
C GLU D 349 -3.99 -20.15 59.71
N VAL D 350 -3.28 -19.42 58.83
CA VAL D 350 -2.83 -18.04 59.13
C VAL D 350 -4.05 -17.16 59.43
N THR D 351 -4.13 -16.63 60.66
CA THR D 351 -5.24 -15.78 61.09
C THR D 351 -4.69 -14.47 61.65
N LEU D 352 -4.86 -13.40 60.85
CA LEU D 352 -4.39 -12.07 61.15
C LEU D 352 -5.47 -11.04 60.80
N PHE D 353 -5.76 -10.16 61.74
CA PHE D 353 -6.66 -9.03 61.52
C PHE D 353 -6.03 -8.06 60.53
N LYS D 354 -6.71 -7.89 59.38
CA LYS D 354 -6.26 -7.01 58.27
C LYS D 354 -4.86 -7.43 57.78
N GLY D 355 -4.53 -8.72 57.98
CA GLY D 355 -3.29 -9.30 57.52
C GLY D 355 -2.11 -8.88 58.39
N ILE D 356 -2.38 -8.15 59.49
CA ILE D 356 -1.33 -7.48 60.25
C ILE D 356 -1.25 -8.00 61.68
N PHE D 357 -2.33 -7.86 62.45
CA PHE D 357 -2.31 -8.11 63.92
C PHE D 357 -2.87 -9.49 64.22
N PRO D 358 -2.14 -10.37 64.94
CA PRO D 358 -2.70 -11.66 65.37
C PRO D 358 -3.74 -11.34 66.44
N PRO D 359 -5.01 -11.70 66.24
CA PRO D 359 -6.02 -11.49 67.26
C PRO D 359 -5.71 -12.59 68.28
N LEU D 360 -6.34 -12.55 69.45
CA LEU D 360 -6.02 -13.49 70.55
C LEU D 360 -4.77 -13.02 71.31
N LEU D 361 -3.93 -12.21 70.67
CA LEU D 361 -2.77 -11.71 71.35
C LEU D 361 -3.25 -10.78 72.47
N GLU D 362 -2.78 -11.06 73.69
CA GLU D 362 -3.28 -10.42 74.88
C GLU D 362 -3.11 -8.89 74.72
N LYS D 363 -1.91 -8.46 74.29
CA LYS D 363 -1.62 -7.05 74.01
C LYS D 363 -1.23 -6.90 72.53
N PRO D 364 -1.65 -5.80 71.87
CA PRO D 364 -1.41 -5.64 70.43
C PRO D 364 -0.03 -5.05 70.20
N THR D 365 0.99 -5.91 70.25
CA THR D 365 2.37 -5.45 70.18
C THR D 365 3.18 -6.29 69.18
N LEU D 366 2.48 -7.02 68.31
CA LEU D 366 3.12 -7.66 67.16
C LEU D 366 2.31 -7.38 65.91
N ALA D 367 3.03 -6.95 64.87
CA ALA D 367 2.48 -6.58 63.58
C ALA D 367 3.28 -7.28 62.48
N VAL D 368 2.55 -7.88 61.52
CA VAL D 368 3.13 -8.39 60.30
C VAL D 368 2.92 -7.36 59.19
N ILE D 369 4.02 -6.90 58.60
CA ILE D 369 3.98 -5.88 57.55
C ILE D 369 4.36 -6.50 56.21
N GLY D 370 3.45 -6.39 55.24
CA GLY D 370 3.70 -6.69 53.85
C GLY D 370 3.24 -8.10 53.47
N LEU D 371 2.37 -8.71 54.27
CA LEU D 371 1.87 -10.03 53.93
C LEU D 371 0.50 -9.84 53.27
N VAL D 372 0.48 -9.12 52.18
CA VAL D 372 -0.73 -8.73 51.55
C VAL D 372 -0.42 -8.45 50.08
N GLN D 373 -1.28 -8.93 49.19
CA GLN D 373 -1.09 -8.78 47.79
C GLN D 373 -2.37 -8.16 47.24
N SER D 374 -2.22 -7.20 46.32
CA SER D 374 -3.33 -6.67 45.52
C SER D 374 -2.81 -6.29 44.14
N LEU D 375 -3.65 -5.63 43.33
CA LEU D 375 -3.24 -4.96 42.09
C LEU D 375 -2.36 -3.74 42.42
N GLY D 376 -2.57 -3.22 43.62
CA GLY D 376 -1.77 -2.17 44.17
C GLY D 376 -0.39 -2.66 44.51
N ALA D 377 0.50 -1.70 44.77
CA ALA D 377 1.92 -1.98 44.92
C ALA D 377 2.25 -2.14 46.40
N THR D 378 3.31 -2.89 46.67
CA THR D 378 3.71 -3.18 48.03
C THR D 378 4.10 -1.86 48.76
N ILE D 379 4.93 -1.06 48.11
CA ILE D 379 5.48 0.11 48.77
C ILE D 379 4.36 0.93 49.38
N PRO D 380 3.39 1.46 48.61
CA PRO D 380 2.32 2.27 49.20
C PRO D 380 1.48 1.51 50.23
N THR D 381 1.29 0.20 50.00
CA THR D 381 0.49 -0.60 50.89
C THR D 381 1.16 -0.68 52.27
N THR D 382 2.44 -1.02 52.30
CA THR D 382 3.17 -1.19 53.53
C THR D 382 3.33 0.16 54.23
N ASP D 383 3.45 1.25 53.47
CA ASP D 383 3.56 2.53 54.10
C ASP D 383 2.34 2.74 54.99
N LEU D 384 1.15 2.41 54.49
CA LEU D 384 -0.10 2.55 55.28
C LEU D 384 -0.13 1.55 56.45
N GLN D 385 0.20 0.29 56.19
CA GLN D 385 0.18 -0.74 57.23
C GLN D 385 1.03 -0.26 58.41
N ALA D 386 2.25 0.19 58.09
CA ALA D 386 3.19 0.62 59.11
C ALA D 386 2.66 1.82 59.89
N ARG D 387 2.04 2.78 59.21
CA ARG D 387 1.50 3.96 59.86
C ARG D 387 0.53 3.54 60.99
N TRP D 388 -0.32 2.57 60.67
CA TRP D 388 -1.35 2.10 61.59
C TRP D 388 -0.73 1.33 62.75
N ALA D 389 0.11 0.35 62.44
CA ALA D 389 0.79 -0.45 63.46
C ALA D 389 1.56 0.47 64.41
N ALA D 390 2.20 1.50 63.87
CA ALA D 390 3.01 2.41 64.67
C ALA D 390 2.12 3.16 65.66
N LYS D 391 0.95 3.57 65.19
CA LYS D 391 -0.03 4.27 66.00
C LYS D 391 -0.60 3.30 67.05
N VAL D 392 -0.85 2.04 66.69
CA VAL D 392 -1.33 1.06 67.64
C VAL D 392 -0.29 0.88 68.75
N PHE D 393 0.98 0.81 68.38
CA PHE D 393 2.05 0.63 69.35
C PHE D 393 2.15 1.85 70.28
N ALA D 394 1.85 3.06 69.79
CA ALA D 394 1.97 4.29 70.59
C ALA D 394 0.67 4.57 71.37
N ASN D 395 -0.26 3.61 71.34
CA ASN D 395 -1.60 3.71 71.97
C ASN D 395 -2.33 4.97 71.52
N SER D 396 -2.06 5.40 70.30
CA SER D 396 -2.74 6.49 69.61
C SER D 396 -3.97 5.94 68.86
N CYS D 397 -3.90 4.67 68.42
CA CYS D 397 -5.05 3.90 67.90
C CYS D 397 -5.20 2.64 68.75
N THR D 398 -6.41 2.06 68.77
CA THR D 398 -6.64 0.80 69.52
C THR D 398 -7.45 -0.17 68.65
N LEU D 399 -7.13 -1.45 68.77
CA LEU D 399 -7.78 -2.50 67.99
C LEU D 399 -9.21 -2.65 68.48
N PRO D 400 -10.11 -3.23 67.64
CA PRO D 400 -11.40 -3.66 68.14
C PRO D 400 -11.23 -4.89 69.06
N THR D 401 -12.37 -5.43 69.48
CA THR D 401 -12.38 -6.53 70.43
C THR D 401 -11.92 -7.80 69.70
N THR D 402 -11.64 -8.85 70.46
CA THR D 402 -11.04 -10.02 69.90
C THR D 402 -12.00 -10.72 68.94
N ASN D 403 -13.29 -10.79 69.25
CA ASN D 403 -14.17 -11.49 68.29
C ASN D 403 -14.76 -10.50 67.29
N GLU D 404 -14.66 -9.20 67.55
CA GLU D 404 -14.93 -8.19 66.49
C GLU D 404 -13.95 -8.45 65.34
N MET D 405 -12.68 -8.73 65.69
CA MET D 405 -11.59 -8.97 64.74
C MET D 405 -11.82 -10.32 64.05
N MET D 406 -12.17 -11.35 64.81
CA MET D 406 -12.41 -12.69 64.25
C MET D 406 -13.62 -12.65 63.29
N ASP D 407 -14.61 -11.82 63.60
CA ASP D 407 -15.78 -11.68 62.75
C ASP D 407 -15.32 -11.15 61.38
N ASP D 408 -14.55 -10.06 61.42
CA ASP D 408 -13.97 -9.44 60.21
C ASP D 408 -13.17 -10.47 59.43
N ILE D 409 -12.31 -11.24 60.13
CA ILE D 409 -11.48 -12.26 59.47
C ILE D 409 -12.36 -13.30 58.79
N ASP D 410 -13.44 -13.73 59.46
CA ASP D 410 -14.36 -14.74 58.92
C ASP D 410 -15.02 -14.17 57.65
N GLU D 411 -15.48 -12.92 57.72
CA GLU D 411 -16.18 -12.30 56.60
C GLU D 411 -15.22 -12.16 55.40
N LYS D 412 -13.97 -11.77 55.69
CA LYS D 412 -12.93 -11.55 54.66
C LYS D 412 -12.60 -12.87 53.98
N MET D 413 -12.47 -13.94 54.75
CA MET D 413 -12.17 -15.26 54.22
C MET D 413 -13.27 -15.73 53.27
N GLY D 414 -14.50 -15.26 53.50
CA GLY D 414 -15.62 -15.62 52.67
C GLY D 414 -15.59 -14.90 51.34
N LYS D 415 -15.36 -13.58 51.42
CA LYS D 415 -15.14 -12.72 50.27
C LYS D 415 -13.97 -13.25 49.42
N LYS D 416 -12.90 -13.68 50.08
CA LYS D 416 -11.70 -14.17 49.40
C LYS D 416 -12.05 -15.44 48.61
N LEU D 417 -12.88 -16.32 49.17
CA LEU D 417 -13.25 -17.57 48.48
C LEU D 417 -14.12 -17.23 47.27
N LYS D 418 -14.99 -16.24 47.43
CA LYS D 418 -15.88 -15.80 46.38
C LYS D 418 -15.06 -15.22 45.23
N TRP D 419 -14.16 -14.28 45.54
CA TRP D 419 -13.49 -13.46 44.53
C TRP D 419 -12.26 -14.16 43.96
N PHE D 420 -11.57 -15.00 44.73
CA PHE D 420 -10.28 -15.54 44.29
C PHE D 420 -10.29 -17.07 44.26
N GLY D 421 -11.30 -17.71 44.88
CA GLY D 421 -11.44 -19.18 44.90
C GLY D 421 -10.56 -19.84 45.95
N GLN D 422 -10.18 -19.06 46.98
CA GLN D 422 -9.31 -19.45 48.07
C GLN D 422 -9.62 -18.51 49.23
N SER D 423 -9.85 -19.05 50.42
CA SER D 423 -9.99 -18.20 51.60
C SER D 423 -8.60 -17.81 52.16
N GLN D 424 -7.57 -18.57 51.75
CA GLN D 424 -6.24 -18.51 52.34
C GLN D 424 -5.30 -17.59 51.56
N THR D 425 -5.74 -17.10 50.40
CA THR D 425 -4.91 -16.23 49.55
C THR D 425 -4.52 -14.95 50.30
N LEU D 426 -3.42 -14.36 49.85
CA LEU D 426 -3.01 -13.05 50.32
C LEU D 426 -3.73 -11.95 49.53
N GLN D 427 -4.39 -12.30 48.42
CA GLN D 427 -5.05 -11.33 47.53
C GLN D 427 -6.19 -10.62 48.30
N THR D 428 -6.34 -9.32 48.03
CA THR D 428 -7.43 -8.52 48.52
C THR D 428 -7.63 -7.36 47.53
N ASP D 429 -8.75 -6.65 47.64
CA ASP D 429 -9.03 -5.52 46.83
C ASP D 429 -8.31 -4.31 47.40
N TYR D 430 -7.47 -3.69 46.58
CA TYR D 430 -6.52 -2.67 47.00
C TYR D 430 -7.26 -1.47 47.63
N ILE D 431 -8.11 -0.80 46.87
CA ILE D 431 -8.63 0.47 47.32
C ILE D 431 -9.48 0.26 48.59
N THR D 432 -10.19 -0.88 48.63
CA THR D 432 -10.99 -1.24 49.78
C THR D 432 -10.10 -1.34 51.02
N TYR D 433 -9.03 -2.13 50.92
CA TYR D 433 -8.12 -2.39 52.04
C TYR D 433 -7.52 -1.05 52.47
N MET D 434 -7.04 -0.27 51.50
CA MET D 434 -6.35 0.96 51.83
C MET D 434 -7.32 1.92 52.55
N ASP D 435 -8.60 1.85 52.20
CA ASP D 435 -9.59 2.70 52.79
C ASP D 435 -9.88 2.29 54.23
N GLU D 436 -10.02 0.99 54.48
CA GLU D 436 -10.26 0.47 55.82
C GLU D 436 -9.16 1.02 56.74
N LEU D 437 -7.88 0.82 56.38
CA LEU D 437 -6.74 1.25 57.20
C LEU D 437 -6.72 2.78 57.28
N GLY D 438 -7.11 3.45 56.18
CA GLY D 438 -7.21 4.90 56.13
C GLY D 438 -8.11 5.44 57.23
N SER D 439 -9.31 4.86 57.36
CA SER D 439 -10.29 5.20 58.40
C SER D 439 -9.66 5.10 59.78
N PHE D 440 -8.96 3.99 60.04
CA PHE D 440 -8.44 3.69 61.37
C PHE D 440 -7.48 4.81 61.84
N ILE D 441 -6.80 5.50 60.92
CA ILE D 441 -5.81 6.53 61.31
C ILE D 441 -6.27 7.93 60.89
N GLY D 442 -7.45 8.01 60.27
CA GLY D 442 -8.07 9.27 59.84
C GLY D 442 -7.37 9.89 58.65
N ALA D 443 -6.97 9.07 57.68
CA ALA D 443 -6.24 9.52 56.48
C ALA D 443 -6.93 9.04 55.20
N LYS D 444 -8.11 8.45 55.33
CA LYS D 444 -8.93 8.14 54.17
C LYS D 444 -9.40 9.48 53.59
N PRO D 445 -9.09 9.81 52.32
CA PRO D 445 -9.50 11.09 51.76
C PRO D 445 -11.04 11.22 51.72
N ASN D 446 -11.51 12.41 52.11
CA ASN D 446 -12.92 12.73 52.13
C ASN D 446 -13.32 13.23 50.75
N ILE D 447 -13.82 12.32 49.91
CA ILE D 447 -14.11 12.65 48.53
C ILE D 447 -15.13 13.78 48.51
N PRO D 448 -16.31 13.63 49.16
CA PRO D 448 -17.30 14.71 49.16
C PRO D 448 -16.76 16.07 49.64
N TRP D 449 -16.05 16.11 50.78
CA TRP D 449 -15.43 17.35 51.27
C TRP D 449 -14.57 17.98 50.16
N LEU D 450 -13.95 17.15 49.33
CA LEU D 450 -13.13 17.62 48.22
C LEU D 450 -14.02 18.17 47.09
N PHE D 451 -15.03 17.40 46.66
CA PHE D 451 -15.94 17.92 45.59
C PHE D 451 -16.32 19.36 45.99
N LEU D 452 -16.55 19.61 47.29
CA LEU D 452 -17.10 20.88 47.83
C LEU D 452 -16.01 21.96 47.93
N THR D 453 -14.83 21.62 48.46
CA THR D 453 -13.65 22.50 48.38
C THR D 453 -12.59 21.83 47.51
N ASP D 454 -12.21 22.47 46.40
CA ASP D 454 -11.18 21.98 45.47
C ASP D 454 -11.68 20.78 44.65
N PRO D 455 -12.68 20.96 43.77
CA PRO D 455 -13.26 19.82 43.04
C PRO D 455 -12.36 19.34 41.89
N GLN D 456 -11.38 20.14 41.48
CA GLN D 456 -10.41 19.68 40.50
C GLN D 456 -9.70 18.44 41.05
N LEU D 457 -9.12 18.60 42.23
CA LEU D 457 -8.43 17.53 42.94
C LEU D 457 -9.38 16.36 43.22
N ALA D 458 -10.59 16.68 43.66
CA ALA D 458 -11.58 15.66 43.98
C ALA D 458 -11.75 14.71 42.79
N LEU D 459 -11.84 15.28 41.59
CA LEU D 459 -12.11 14.52 40.37
C LEU D 459 -10.92 13.62 40.04
N GLU D 460 -9.70 14.16 40.11
CA GLU D 460 -8.49 13.40 39.79
C GLU D 460 -8.29 12.29 40.84
N VAL D 461 -8.74 12.54 42.08
CA VAL D 461 -8.63 11.56 43.16
C VAL D 461 -9.60 10.41 42.94
N PHE D 462 -10.79 10.71 42.43
CA PHE D 462 -11.86 9.71 42.34
C PHE D 462 -11.82 8.99 40.99
N PHE D 463 -11.68 9.76 39.91
CA PHE D 463 -11.78 9.22 38.55
C PHE D 463 -10.40 8.82 37.99
N GLY D 464 -9.35 9.44 38.51
CA GLY D 464 -8.02 9.20 38.05
C GLY D 464 -7.32 8.08 38.81
N PRO D 465 -6.02 7.89 38.55
CA PRO D 465 -5.25 6.86 39.23
C PRO D 465 -5.35 7.01 40.75
N CYS D 466 -5.50 5.86 41.43
CA CYS D 466 -5.40 5.78 42.86
C CYS D 466 -3.91 5.74 43.24
N SER D 467 -3.26 6.87 43.00
CA SER D 467 -1.84 7.05 43.18
C SER D 467 -1.57 7.16 44.67
N PRO D 468 -0.40 6.68 45.17
CA PRO D 468 -0.10 6.72 46.59
C PRO D 468 -0.30 8.09 47.26
N TYR D 469 -0.04 9.18 46.52
CA TYR D 469 -0.08 10.58 47.02
C TYR D 469 -1.35 10.86 47.83
N GLN D 470 -2.46 10.35 47.28
CA GLN D 470 -3.80 10.40 47.80
C GLN D 470 -3.91 9.95 49.28
N PHE D 471 -3.00 9.09 49.74
CA PHE D 471 -3.13 8.45 51.06
C PHE D 471 -2.41 9.26 52.14
N ARG D 472 -1.69 10.30 51.69
CA ARG D 472 -1.09 11.28 52.60
C ARG D 472 -1.49 12.68 52.12
N LEU D 473 -2.75 12.79 51.69
CA LEU D 473 -3.28 14.04 51.18
C LEU D 473 -3.87 14.84 52.35
N MET D 474 -4.77 14.18 53.10
CA MET D 474 -5.35 14.76 54.28
C MET D 474 -5.16 13.81 55.48
N GLY D 475 -5.35 14.37 56.67
CA GLY D 475 -5.26 13.64 57.92
C GLY D 475 -3.85 13.68 58.50
N PRO D 476 -3.61 13.10 59.69
CA PRO D 476 -2.27 13.12 60.28
C PRO D 476 -1.23 12.49 59.34
N GLY D 477 0.02 12.92 59.47
CA GLY D 477 1.12 12.42 58.63
C GLY D 477 0.94 12.74 57.14
N LYS D 478 0.14 13.75 56.81
CA LYS D 478 -0.04 14.17 55.43
C LYS D 478 1.21 14.88 54.93
N TRP D 479 1.31 15.01 53.59
CA TRP D 479 2.41 15.68 52.87
C TRP D 479 1.81 16.85 52.09
N ASP D 480 2.45 18.02 52.14
CA ASP D 480 1.85 19.20 51.45
C ASP D 480 2.12 19.10 49.95
N GLY D 481 3.15 18.34 49.56
CA GLY D 481 3.46 18.07 48.16
C GLY D 481 2.38 17.26 47.44
N ALA D 482 1.48 16.64 48.20
CA ALA D 482 0.53 15.63 47.72
C ALA D 482 -0.37 16.22 46.63
N ARG D 483 -0.96 17.39 46.87
CA ARG D 483 -1.90 17.93 45.89
C ARG D 483 -1.18 18.12 44.56
N ASN D 484 -0.06 18.82 44.62
CA ASN D 484 0.71 19.12 43.43
C ASN D 484 1.12 17.80 42.74
N ALA D 485 1.51 16.81 43.53
CA ALA D 485 1.96 15.51 43.03
C ALA D 485 0.85 14.84 42.20
N ILE D 486 -0.37 14.85 42.74
CA ILE D 486 -1.51 14.19 42.09
C ILE D 486 -1.79 14.90 40.75
N LEU D 487 -1.67 16.25 40.77
CA LEU D 487 -2.07 17.05 39.65
C LEU D 487 -1.02 17.05 38.56
N THR D 488 0.18 16.54 38.86
CA THR D 488 1.26 16.51 37.87
C THR D 488 1.68 15.08 37.52
N GLN D 489 0.85 14.08 37.88
CA GLN D 489 1.28 12.68 37.78
C GLN D 489 1.39 12.27 36.30
N TRP D 490 0.49 12.77 35.45
CA TRP D 490 0.57 12.44 34.06
C TRP D 490 1.76 13.14 33.39
N ASP D 491 2.18 14.29 33.91
CA ASP D 491 3.36 14.97 33.38
C ASP D 491 4.58 14.04 33.54
N ARG D 492 4.73 13.44 34.74
CA ARG D 492 5.90 12.64 35.05
C ARG D 492 5.87 11.32 34.26
N THR D 493 4.67 10.84 33.91
CA THR D 493 4.46 9.60 33.18
C THR D 493 4.84 9.76 31.68
N LEU D 494 4.47 10.91 31.10
CA LEU D 494 4.59 11.18 29.66
C LEU D 494 5.96 11.78 29.30
N LYS D 495 6.62 12.47 30.25
CA LYS D 495 7.86 13.19 29.99
C LYS D 495 8.90 12.24 29.40
N PRO D 496 9.31 11.17 30.11
CA PRO D 496 10.48 10.39 29.73
C PRO D 496 10.39 9.61 28.41
N THR D 497 9.18 9.36 27.97
CA THR D 497 8.90 8.48 26.88
C THR D 497 8.79 9.29 25.58
N ARG D 498 8.59 10.58 25.72
CA ARG D 498 8.39 11.49 24.57
C ARG D 498 9.68 12.25 24.30
N THR D 499 10.67 11.58 23.72
CA THR D 499 11.98 12.14 23.49
C THR D 499 12.14 12.60 22.02
N ARG D 500 11.05 12.62 21.27
CA ARG D 500 11.00 13.11 19.90
C ARG D 500 9.57 13.64 19.69
N ALA D 501 9.47 14.96 19.74
CA ALA D 501 8.23 15.68 19.90
C ALA D 501 7.66 15.95 18.51
N VAL D 502 6.60 15.24 18.15
CA VAL D 502 6.01 15.56 16.87
C VAL D 502 4.54 15.90 17.07
N GLY D 503 3.81 15.01 17.73
CA GLY D 503 2.47 15.38 18.15
C GLY D 503 2.48 16.52 19.16
N GLU D 504 1.29 16.84 19.67
CA GLU D 504 1.12 17.41 20.97
C GLU D 504 0.90 16.21 21.92
N ALA D 505 1.62 16.19 23.05
CA ALA D 505 1.47 15.12 24.06
C ALA D 505 -0.01 14.93 24.39
N LYS D 506 -0.44 13.67 24.52
CA LYS D 506 -1.82 13.35 24.79
C LYS D 506 -1.96 12.82 26.22
N ARG D 507 -2.53 13.69 27.04
CA ARG D 507 -2.89 13.42 28.45
C ARG D 507 -4.26 12.77 28.43
N PRO D 508 -4.60 11.89 29.39
CA PRO D 508 -5.92 11.29 29.44
C PRO D 508 -6.93 12.36 29.83
N SER D 509 -8.18 12.21 29.38
CA SER D 509 -9.17 13.27 29.65
C SER D 509 -10.21 12.76 30.65
N LEU D 510 -10.63 13.61 31.59
CA LEU D 510 -11.72 13.28 32.51
C LEU D 510 -13.08 13.57 31.86
N PHE D 511 -13.13 14.64 31.05
CA PHE D 511 -14.10 14.94 29.95
C PHE D 511 -14.34 13.69 29.06
N TYR D 512 -14.59 12.50 29.62
CA TYR D 512 -14.51 11.25 28.84
C TYR D 512 -15.63 10.27 29.26
N ASN D 513 -15.55 9.73 30.49
CA ASN D 513 -16.34 8.53 30.95
C ASN D 513 -16.37 7.46 29.83
N LEU D 514 -15.30 6.66 29.82
CA LEU D 514 -14.94 5.58 28.88
C LEU D 514 -15.91 4.40 29.01
N LEU D 515 -16.46 4.24 30.22
CA LEU D 515 -17.25 3.07 30.57
C LEU D 515 -18.65 3.54 30.99
N LYS D 516 -19.16 4.60 30.34
CA LYS D 516 -20.46 5.21 30.66
C LYS D 516 -21.22 5.66 29.38
N ILE D 517 -20.64 5.43 28.19
CA ILE D 517 -21.15 5.89 26.89
C ILE D 517 -21.90 4.75 26.18
N LEU D 518 -21.68 3.48 26.60
CA LEU D 518 -22.41 2.35 26.07
C LEU D 518 -23.51 1.90 27.04
N LEU D 519 -23.57 2.48 28.25
CA LEU D 519 -24.68 2.13 29.17
C LEU D 519 -25.63 3.31 29.39
N PHE D 520 -25.25 4.46 29.96
CA PHE D 520 -26.22 5.53 30.34
C PHE D 520 -26.91 6.10 29.09
N PRO D 521 -26.27 6.10 27.90
CA PRO D 521 -26.94 6.33 26.61
C PRO D 521 -27.88 5.25 26.04
N VAL D 522 -27.51 3.96 26.09
CA VAL D 522 -28.39 2.84 25.64
C VAL D 522 -29.56 2.61 26.64
N LEU D 523 -29.38 2.95 27.93
CA LEU D 523 -30.48 2.98 28.98
C LEU D 523 -31.13 4.38 28.98
N LEU D 524 -30.91 5.14 27.90
CA LEU D 524 -31.54 6.43 27.68
C LEU D 524 -32.28 6.45 26.33
N LEU D 525 -32.10 5.47 25.46
CA LEU D 525 -32.85 5.38 24.19
C LEU D 525 -33.82 4.20 24.21
N ALA D 526 -33.41 3.12 24.90
CA ALA D 526 -34.23 1.89 25.05
C ALA D 526 -35.39 2.17 26.00
N VAL D 527 -35.10 2.50 27.27
CA VAL D 527 -36.13 2.87 28.28
C VAL D 527 -36.48 4.37 28.15
N LEU D 528 -36.37 4.89 26.93
CA LEU D 528 -36.97 6.15 26.45
C LEU D 528 -37.74 5.85 25.16
N LEU D 529 -38.84 5.10 25.32
CA LEU D 529 -39.73 4.51 24.27
C LEU D 529 -40.71 3.53 24.96
N ALA D 530 -40.15 2.48 25.59
CA ALA D 530 -40.87 1.53 26.47
C ALA D 530 -41.14 2.19 27.84
N LYS E 3 55.56 -9.98 14.63
CA LYS E 3 54.68 -10.79 13.72
C LYS E 3 53.67 -9.95 12.92
N LYS E 4 53.27 -8.75 13.36
CA LYS E 4 52.31 -7.98 12.54
C LYS E 4 53.06 -7.23 11.42
N VAL E 5 52.67 -7.49 10.15
CA VAL E 5 53.36 -6.96 8.94
C VAL E 5 52.37 -6.22 8.03
N ALA E 6 52.63 -4.92 7.80
CA ALA E 6 51.79 -4.13 6.91
C ALA E 6 52.34 -4.22 5.50
N ILE E 7 51.44 -4.45 4.54
CA ILE E 7 51.75 -4.68 3.15
C ILE E 7 50.98 -3.65 2.31
N ILE E 8 51.71 -2.74 1.67
CA ILE E 8 51.09 -1.68 0.91
C ILE E 8 50.93 -2.12 -0.54
N GLY E 9 49.69 -2.46 -0.93
CA GLY E 9 49.37 -2.83 -2.29
C GLY E 9 49.06 -4.31 -2.42
N ALA E 10 48.08 -4.64 -3.28
CA ALA E 10 47.67 -6.03 -3.54
C ALA E 10 47.83 -6.36 -5.02
N GLY E 11 48.85 -5.76 -5.64
CA GLY E 11 49.41 -6.23 -6.89
C GLY E 11 50.21 -7.48 -6.70
N VAL E 12 50.89 -7.89 -7.75
CA VAL E 12 51.67 -9.12 -7.73
C VAL E 12 52.67 -9.08 -6.56
N SER E 13 53.32 -7.93 -6.34
CA SER E 13 54.33 -7.80 -5.27
C SER E 13 53.66 -8.00 -3.90
N GLY E 14 52.50 -7.39 -3.69
CA GLY E 14 51.78 -7.50 -2.43
C GLY E 14 51.34 -8.92 -2.15
N LEU E 15 50.81 -9.58 -3.19
CA LEU E 15 50.31 -10.93 -3.07
C LEU E 15 51.45 -11.86 -2.72
N ALA E 16 52.58 -11.67 -3.37
CA ALA E 16 53.76 -12.45 -3.08
C ALA E 16 54.11 -12.35 -1.60
N SER E 17 53.99 -11.12 -1.09
CA SER E 17 54.35 -10.70 0.27
C SER E 17 53.41 -11.34 1.30
N ILE E 18 52.09 -11.26 1.04
CA ILE E 18 51.12 -11.87 1.93
C ILE E 18 51.47 -13.34 2.09
N ARG E 19 51.61 -14.05 0.99
CA ARG E 19 51.86 -15.52 1.01
C ARG E 19 53.19 -15.86 1.67
N SER E 20 54.19 -15.00 1.59
CA SER E 20 55.48 -15.29 2.22
C SER E 20 55.38 -15.04 3.73
N CYS E 21 54.64 -13.98 4.11
CA CYS E 21 54.38 -13.72 5.49
C CYS E 21 53.75 -14.98 6.11
N LEU E 22 52.67 -15.49 5.49
CA LEU E 22 51.96 -16.68 6.00
C LEU E 22 52.92 -17.86 6.16
N GLU E 23 53.83 -18.10 5.20
CA GLU E 23 54.66 -19.27 5.29
C GLU E 23 55.77 -19.10 6.34
N GLU E 24 55.89 -17.92 6.95
CA GLU E 24 56.85 -17.70 8.05
C GLU E 24 56.13 -17.41 9.38
N GLY E 25 54.82 -17.65 9.41
CA GLY E 25 54.01 -17.52 10.60
C GLY E 25 53.77 -16.08 11.01
N LEU E 26 54.02 -15.13 10.12
CA LEU E 26 53.74 -13.71 10.41
C LEU E 26 52.26 -13.46 10.14
N GLU E 27 51.79 -12.29 10.57
CA GLU E 27 50.36 -11.95 10.58
C GLU E 27 50.21 -10.73 9.68
N PRO E 28 49.97 -10.97 8.37
CA PRO E 28 50.00 -9.91 7.37
C PRO E 28 48.68 -9.15 7.32
N THR E 29 48.80 -7.84 7.10
CA THR E 29 47.70 -7.02 6.73
C THR E 29 48.09 -6.28 5.46
N CYS E 30 47.25 -6.41 4.42
CA CYS E 30 47.48 -5.81 3.15
C CYS E 30 46.45 -4.71 2.92
N PHE E 31 46.95 -3.47 2.73
CA PHE E 31 46.11 -2.33 2.43
C PHE E 31 46.16 -2.07 0.93
N GLU E 32 44.96 -2.08 0.31
CA GLU E 32 44.83 -1.87 -1.12
C GLU E 32 43.86 -0.73 -1.33
N ARG E 33 44.33 0.31 -1.99
CA ARG E 33 43.57 1.56 -2.22
C ARG E 33 42.37 1.35 -3.12
N SER E 34 42.41 0.35 -4.00
CA SER E 34 41.30 0.07 -4.90
C SER E 34 40.47 -1.12 -4.37
N ASP E 35 39.54 -1.59 -5.20
CA ASP E 35 38.62 -2.68 -4.80
C ASP E 35 39.02 -4.01 -5.44
N ASP E 36 40.24 -4.12 -5.96
CA ASP E 36 40.67 -5.39 -6.53
C ASP E 36 42.18 -5.63 -6.40
N ILE E 37 42.55 -6.88 -6.58
CA ILE E 37 43.91 -7.31 -6.59
C ILE E 37 44.45 -7.24 -8.03
N GLY E 38 45.75 -7.51 -8.18
CA GLY E 38 46.42 -7.59 -9.47
C GLY E 38 47.09 -6.29 -9.89
N GLY E 39 46.68 -5.18 -9.29
CA GLY E 39 47.29 -3.89 -9.57
C GLY E 39 47.21 -3.57 -11.06
N LEU E 40 48.37 -3.40 -11.66
CA LEU E 40 48.57 -2.91 -13.04
C LEU E 40 47.85 -3.82 -14.04
N TRP E 41 47.73 -5.11 -13.72
CA TRP E 41 47.29 -6.16 -14.67
C TRP E 41 45.78 -6.20 -14.85
N LYS E 42 45.03 -5.53 -13.98
CA LYS E 42 43.60 -5.42 -14.21
C LYS E 42 43.35 -4.13 -14.99
N PHE E 43 43.02 -4.29 -16.26
CA PHE E 43 42.77 -3.17 -17.15
C PHE E 43 41.57 -2.34 -16.64
N SER E 44 41.64 -1.02 -16.83
CA SER E 44 40.51 -0.14 -16.61
C SER E 44 40.53 1.00 -17.66
N ASP E 45 39.34 1.53 -17.96
CA ASP E 45 39.16 2.39 -19.12
C ASP E 45 39.87 3.73 -18.90
N HIS E 46 40.05 4.13 -17.63
CA HIS E 46 40.58 5.45 -17.29
C HIS E 46 41.66 5.31 -16.22
N ALA E 47 42.78 6.02 -16.43
CA ALA E 47 43.88 6.05 -15.51
C ALA E 47 43.44 6.65 -14.18
N GLU E 48 43.56 5.89 -13.08
CA GLU E 48 43.33 6.39 -11.72
C GLU E 48 44.64 6.93 -11.15
N GLU E 49 44.55 7.96 -10.31
CA GLU E 49 45.69 8.56 -9.62
C GLU E 49 46.25 7.54 -8.63
N GLY E 50 47.59 7.44 -8.62
CA GLY E 50 48.36 6.62 -7.67
C GLY E 50 48.47 5.15 -8.08
N ARG E 51 47.82 4.81 -9.19
CA ARG E 51 47.72 3.46 -9.75
C ARG E 51 48.37 3.43 -11.15
N ALA E 52 48.99 2.31 -11.52
CA ALA E 52 49.52 2.11 -12.88
C ALA E 52 48.36 2.06 -13.85
N SER E 53 48.65 2.24 -15.14
CA SER E 53 47.61 2.32 -16.16
C SER E 53 48.07 1.71 -17.46
N ILE E 54 47.40 0.63 -17.83
CA ILE E 54 47.77 -0.17 -18.93
C ILE E 54 46.81 0.13 -20.10
N TYR E 55 47.28 -0.03 -21.33
CA TYR E 55 46.39 0.05 -22.52
C TYR E 55 45.80 -1.34 -22.83
N GLN E 56 44.76 -1.37 -23.66
CA GLN E 56 43.84 -2.50 -23.66
C GLN E 56 44.50 -3.75 -24.26
N SER E 57 45.44 -3.57 -25.20
CA SER E 57 45.97 -4.69 -26.01
C SER E 57 47.30 -5.24 -25.46
N VAL E 58 47.65 -4.92 -24.21
CA VAL E 58 48.89 -5.39 -23.61
C VAL E 58 48.85 -6.91 -23.46
N PHE E 59 49.91 -7.53 -24.02
CA PHE E 59 50.25 -8.94 -23.82
C PHE E 59 51.55 -9.04 -23.05
N THR E 60 51.70 -10.08 -22.23
CA THR E 60 52.94 -10.29 -21.52
C THR E 60 54.07 -10.36 -22.55
N ASN E 61 55.26 -9.89 -22.16
CA ASN E 61 56.44 -10.02 -22.99
C ASN E 61 57.40 -11.04 -22.37
N SER E 62 56.95 -11.68 -21.29
CA SER E 62 57.59 -12.87 -20.76
C SER E 62 56.67 -14.07 -20.98
N SER E 63 57.30 -15.23 -21.21
CA SER E 63 56.69 -16.53 -21.51
C SER E 63 56.02 -17.08 -20.24
N LYS E 64 54.96 -17.88 -20.41
CA LYS E 64 54.20 -18.40 -19.25
C LYS E 64 55.08 -19.29 -18.39
N GLU E 65 55.96 -20.07 -19.01
CA GLU E 65 56.76 -20.98 -18.26
C GLU E 65 57.90 -20.23 -17.59
N MET E 66 57.97 -18.89 -17.76
CA MET E 66 59.06 -18.10 -17.17
C MET E 66 58.54 -17.07 -16.17
N MET E 67 57.20 -16.94 -16.04
CA MET E 67 56.60 -15.83 -15.27
C MET E 67 55.46 -16.31 -14.35
N CYS E 68 55.50 -17.58 -13.95
CA CYS E 68 54.59 -18.14 -12.92
C CYS E 68 55.24 -18.06 -11.54
N PHE E 69 54.42 -18.06 -10.50
CA PHE E 69 54.92 -18.35 -9.18
C PHE E 69 55.52 -19.75 -9.22
N PRO E 70 56.72 -19.96 -8.64
CA PRO E 70 57.44 -21.22 -8.81
C PRO E 70 56.70 -22.50 -8.40
N ASP E 71 55.61 -22.35 -7.65
CA ASP E 71 54.87 -23.47 -7.15
C ASP E 71 53.45 -23.49 -7.70
N PHE E 72 53.18 -22.76 -8.79
CA PHE E 72 51.82 -22.61 -9.31
C PHE E 72 51.88 -22.30 -10.80
N PRO E 73 52.09 -23.33 -11.66
CA PRO E 73 52.29 -23.12 -13.09
C PRO E 73 50.98 -22.61 -13.71
N TYR E 74 51.10 -22.01 -14.88
CA TYR E 74 49.94 -21.58 -15.58
C TYR E 74 49.26 -22.83 -16.13
N PRO E 75 47.91 -22.82 -16.24
CA PRO E 75 47.17 -23.92 -16.85
C PRO E 75 47.81 -24.37 -18.17
N ASP E 76 47.65 -25.66 -18.49
CA ASP E 76 48.38 -26.29 -19.55
C ASP E 76 48.12 -25.62 -20.89
N ASP E 77 46.86 -25.22 -21.09
CA ASP E 77 46.32 -24.69 -22.35
C ASP E 77 46.50 -23.18 -22.50
N PHE E 78 47.04 -22.51 -21.49
CA PHE E 78 47.28 -21.06 -21.59
C PHE E 78 48.29 -20.77 -22.67
N PRO E 79 48.13 -19.65 -23.40
CA PRO E 79 49.11 -19.25 -24.41
C PRO E 79 50.42 -18.81 -23.74
N ASN E 80 51.52 -18.97 -24.46
CA ASN E 80 52.83 -18.73 -23.91
C ASN E 80 53.00 -17.25 -23.55
N PHE E 81 52.42 -16.37 -24.37
CA PHE E 81 52.31 -14.97 -24.08
C PHE E 81 50.83 -14.60 -24.05
N MET E 82 50.39 -13.88 -23.02
CA MET E 82 48.97 -13.83 -22.61
C MET E 82 48.50 -12.39 -22.66
N HIS E 83 47.23 -12.21 -23.03
CA HIS E 83 46.50 -10.98 -22.84
C HIS E 83 46.50 -10.59 -21.35
N ASN E 84 46.46 -9.29 -21.07
CA ASN E 84 46.46 -8.78 -19.70
C ASN E 84 45.33 -9.42 -18.92
N SER E 85 44.16 -9.55 -19.52
CA SER E 85 43.03 -10.18 -18.86
C SER E 85 43.32 -11.62 -18.46
N LYS E 86 44.09 -12.36 -19.28
CA LYS E 86 44.44 -13.76 -18.96
C LYS E 86 45.28 -13.81 -17.69
N LEU E 87 46.21 -12.85 -17.52
CA LEU E 87 47.11 -12.81 -16.36
C LEU E 87 46.31 -12.50 -15.09
N GLN E 88 45.38 -11.54 -15.22
CA GLN E 88 44.50 -11.17 -14.14
C GLN E 88 43.78 -12.40 -13.62
N GLU E 89 43.37 -13.27 -14.54
CA GLU E 89 42.67 -14.51 -14.26
C GLU E 89 43.59 -15.39 -13.42
N TYR E 90 44.87 -15.48 -13.81
CA TYR E 90 45.86 -16.29 -13.10
C TYR E 90 46.15 -15.73 -11.70
N ILE E 91 46.35 -14.41 -11.64
CA ILE E 91 46.62 -13.76 -10.38
C ILE E 91 45.45 -14.04 -9.42
N THR E 92 44.23 -13.88 -9.94
CA THR E 92 43.05 -14.14 -9.17
C THR E 92 43.03 -15.60 -8.68
N ALA E 93 43.41 -16.51 -9.58
CA ALA E 93 43.43 -17.92 -9.23
C ALA E 93 44.39 -18.16 -8.08
N PHE E 94 45.53 -17.47 -8.09
CA PHE E 94 46.60 -17.69 -7.14
C PHE E 94 46.18 -17.16 -5.76
N ALA E 95 45.55 -15.98 -5.71
CA ALA E 95 45.04 -15.45 -4.46
C ALA E 95 44.01 -16.41 -3.87
N LYS E 96 43.10 -16.90 -4.72
CA LYS E 96 42.06 -17.84 -4.26
C LYS E 96 42.70 -19.11 -3.70
N GLU E 97 43.59 -19.74 -4.46
CA GLU E 97 44.26 -20.96 -4.07
C GLU E 97 45.00 -20.79 -2.75
N LYS E 98 45.64 -19.64 -2.52
CA LYS E 98 46.59 -19.51 -1.38
C LYS E 98 45.92 -18.72 -0.24
N ASN E 99 44.64 -18.41 -0.43
CA ASN E 99 43.77 -17.91 0.60
C ASN E 99 44.32 -16.56 1.10
N LEU E 100 44.62 -15.66 0.17
CA LEU E 100 45.25 -14.38 0.51
C LEU E 100 44.21 -13.28 0.71
N LEU E 101 42.98 -13.45 0.22
CA LEU E 101 42.00 -12.36 0.19
C LEU E 101 41.56 -11.99 1.60
N LYS E 102 41.51 -12.96 2.52
CA LYS E 102 41.25 -12.74 3.96
C LYS E 102 42.01 -11.52 4.49
N TYR E 103 43.28 -11.37 4.07
CA TYR E 103 44.20 -10.47 4.70
C TYR E 103 44.26 -9.11 4.01
N ILE E 104 43.32 -8.84 3.10
CA ILE E 104 43.38 -7.61 2.36
C ILE E 104 42.20 -6.73 2.79
N GLN E 105 42.51 -5.49 3.15
CA GLN E 105 41.52 -4.46 3.35
C GLN E 105 41.47 -3.58 2.11
N PHE E 106 40.40 -3.70 1.32
CA PHE E 106 40.25 -2.93 0.09
C PHE E 106 39.78 -1.52 0.43
N LYS E 107 39.81 -0.66 -0.59
CA LYS E 107 39.36 0.72 -0.55
C LYS E 107 40.10 1.51 0.54
N THR E 108 41.20 0.98 1.09
CA THR E 108 41.98 1.67 2.13
C THR E 108 43.36 2.13 1.57
N LEU E 109 43.50 3.46 1.45
CA LEU E 109 44.75 4.12 1.08
C LEU E 109 45.68 4.16 2.30
N VAL E 110 46.97 3.83 2.11
CA VAL E 110 47.98 4.10 3.10
C VAL E 110 48.51 5.52 2.84
N SER E 111 48.23 6.43 3.79
CA SER E 111 48.54 7.85 3.64
C SER E 111 49.90 8.19 4.25
N SER E 112 50.30 7.47 5.33
CA SER E 112 51.68 7.62 5.80
C SER E 112 52.11 6.42 6.66
N VAL E 113 53.43 6.24 6.65
CA VAL E 113 54.18 5.18 7.29
C VAL E 113 55.34 5.88 8.01
N ASN E 114 55.35 5.80 9.35
CA ASN E 114 56.24 6.61 10.19
C ASN E 114 56.87 5.73 11.27
N LYS E 115 58.19 5.87 11.40
CA LYS E 115 58.91 5.24 12.48
C LYS E 115 58.15 5.58 13.77
N ARG E 116 58.05 4.58 14.66
CA ARG E 116 57.49 4.84 15.97
C ARG E 116 58.50 5.70 16.73
N PRO E 117 58.06 6.56 17.67
CA PRO E 117 58.99 7.36 18.46
C PRO E 117 60.03 6.53 19.24
N ASP E 118 59.76 5.24 19.45
CA ASP E 118 60.71 4.33 20.14
C ASP E 118 61.35 3.35 19.15
N PHE E 119 61.58 3.80 17.91
CA PHE E 119 61.94 2.90 16.80
C PHE E 119 63.28 2.19 17.03
N SER E 120 64.24 2.81 17.72
CA SER E 120 65.57 2.22 17.83
C SER E 120 65.54 0.99 18.74
N VAL E 121 64.46 0.82 19.49
CA VAL E 121 64.34 -0.32 20.44
C VAL E 121 63.25 -1.27 19.98
N THR E 122 62.17 -0.76 19.40
CA THR E 122 61.05 -1.64 19.00
C THR E 122 61.18 -2.04 17.53
N GLY E 123 61.45 -1.08 16.66
CA GLY E 123 61.52 -1.36 15.22
C GLY E 123 60.15 -1.27 14.59
N GLN E 124 59.19 -0.74 15.35
CA GLN E 124 57.77 -0.65 14.94
C GLN E 124 57.51 0.58 14.10
N TRP E 125 56.36 0.56 13.46
CA TRP E 125 55.93 1.53 12.49
C TRP E 125 54.49 1.92 12.75
N ASP E 126 54.20 3.22 12.52
CA ASP E 126 52.86 3.74 12.52
C ASP E 126 52.38 3.82 11.06
N VAL E 127 51.37 2.99 10.74
CA VAL E 127 50.76 3.00 9.44
C VAL E 127 49.41 3.70 9.55
N THR E 128 49.29 4.80 8.81
CA THR E 128 48.08 5.58 8.74
C THR E 128 47.35 5.23 7.45
N THR E 129 46.03 5.02 7.55
CA THR E 129 45.20 4.58 6.46
C THR E 129 43.88 5.35 6.42
N GLU E 130 43.63 6.04 5.31
CA GLU E 130 42.36 6.67 4.94
C GLU E 130 41.45 5.61 4.30
N LYS E 131 40.19 5.49 4.77
CA LYS E 131 39.29 4.40 4.37
C LYS E 131 38.08 4.95 3.60
N ASP E 132 37.18 5.62 4.31
CA ASP E 132 35.96 6.17 3.73
C ASP E 132 35.99 7.69 3.74
N GLY E 133 37.19 8.26 3.68
CA GLY E 133 37.46 9.60 4.13
C GLY E 133 37.81 9.64 5.61
N LYS E 134 37.93 8.44 6.24
CA LYS E 134 38.13 8.30 7.68
C LYS E 134 39.54 7.74 7.97
N LYS E 135 40.46 8.62 8.41
CA LYS E 135 41.84 8.29 8.85
C LYS E 135 41.83 7.39 10.08
N GLU E 136 42.80 6.46 10.12
CA GLU E 136 43.07 5.58 11.23
C GLU E 136 44.58 5.34 11.29
N SER E 137 45.03 4.63 12.32
CA SER E 137 46.41 4.45 12.59
C SER E 137 46.58 3.17 13.41
N ALA E 138 47.69 2.47 13.17
CA ALA E 138 47.93 1.19 13.82
C ALA E 138 49.44 0.91 13.77
N VAL E 139 49.86 0.09 14.72
CA VAL E 139 51.24 -0.14 14.94
C VAL E 139 51.55 -1.50 14.34
N PHE E 140 52.62 -1.56 13.54
CA PHE E 140 53.09 -2.79 12.92
C PHE E 140 54.56 -3.01 13.26
N ASP E 141 54.95 -4.29 13.29
CA ASP E 141 56.31 -4.66 13.61
C ASP E 141 57.20 -4.46 12.39
N ALA E 142 56.66 -4.72 11.19
CA ALA E 142 57.35 -4.52 9.92
C ALA E 142 56.40 -4.01 8.85
N VAL E 143 56.99 -3.50 7.76
CA VAL E 143 56.29 -2.97 6.60
C VAL E 143 56.94 -3.52 5.33
N MET E 144 56.09 -3.89 4.36
CA MET E 144 56.51 -4.26 3.01
C MET E 144 55.83 -3.32 2.01
N ILE E 145 56.65 -2.58 1.27
CA ILE E 145 56.16 -1.60 0.31
C ILE E 145 56.06 -2.27 -1.06
N CYS E 146 54.84 -2.33 -1.58
CA CYS E 146 54.54 -3.06 -2.81
C CYS E 146 53.68 -2.18 -3.72
N SER E 147 54.07 -0.90 -3.81
CA SER E 147 53.24 0.16 -4.41
C SER E 147 53.61 0.40 -5.89
N GLY E 148 54.53 -0.41 -6.43
CA GLY E 148 54.90 -0.39 -7.82
C GLY E 148 55.82 0.77 -8.19
N HIS E 149 56.37 0.72 -9.41
CA HIS E 149 57.18 1.77 -9.96
C HIS E 149 56.88 2.06 -11.42
N HIS E 150 55.68 1.72 -11.90
CA HIS E 150 55.20 2.09 -13.24
C HIS E 150 53.90 2.89 -13.07
N VAL E 151 53.90 3.85 -12.13
CA VAL E 151 52.68 4.62 -11.89
C VAL E 151 52.92 6.13 -12.12
N TYR E 152 54.00 6.69 -11.57
CA TYR E 152 54.24 8.15 -11.70
C TYR E 152 54.98 8.38 -13.01
N PRO E 153 54.31 8.93 -14.05
CA PRO E 153 54.93 9.10 -15.36
C PRO E 153 56.18 9.99 -15.32
N ASN E 154 57.24 9.56 -16.01
CA ASN E 154 58.41 10.38 -16.28
C ASN E 154 58.07 11.21 -17.52
N LEU E 155 57.92 12.53 -17.31
CA LEU E 155 57.32 13.40 -18.31
C LEU E 155 58.17 14.64 -18.51
N PRO E 156 59.33 14.57 -19.19
CA PRO E 156 60.14 15.78 -19.45
C PRO E 156 59.47 16.71 -20.47
N LYS E 157 58.43 17.43 -20.03
CA LYS E 157 57.82 18.50 -20.82
C LYS E 157 58.78 19.71 -20.80
N GLU E 158 59.41 19.98 -19.66
CA GLU E 158 60.37 21.08 -19.49
C GLU E 158 61.75 20.67 -20.06
N SER E 159 61.74 19.89 -21.15
CA SER E 159 62.96 19.36 -21.76
C SER E 159 62.99 19.65 -23.27
N PHE E 160 61.83 19.90 -23.89
CA PHE E 160 61.72 19.97 -25.36
C PHE E 160 61.29 21.39 -25.75
N PRO E 161 62.23 22.19 -26.31
CA PRO E 161 61.94 23.53 -26.80
C PRO E 161 60.69 23.60 -27.69
N GLY E 162 59.69 24.36 -27.26
CA GLY E 162 58.58 24.78 -28.11
C GLY E 162 57.28 24.08 -27.75
N LEU E 163 57.39 23.10 -26.85
CA LEU E 163 56.29 22.19 -26.61
C LEU E 163 55.09 22.95 -26.04
N LYS E 164 55.37 24.03 -25.29
CA LYS E 164 54.34 24.87 -24.66
C LYS E 164 53.35 25.35 -25.72
N HIS E 165 53.86 25.61 -26.94
CA HIS E 165 53.14 26.22 -28.05
C HIS E 165 52.25 25.20 -28.79
N PHE E 166 52.55 23.89 -28.68
CA PHE E 166 51.91 22.88 -29.51
C PHE E 166 50.39 22.85 -29.27
N LYS E 167 49.61 22.94 -30.35
CA LYS E 167 48.16 23.20 -30.29
C LYS E 167 47.36 21.91 -30.43
N GLY E 168 48.01 20.80 -30.73
CA GLY E 168 47.33 19.49 -30.82
C GLY E 168 47.21 18.86 -29.45
N LYS E 169 46.48 17.74 -29.35
CA LYS E 169 46.37 16.98 -28.11
C LYS E 169 47.71 16.27 -27.84
N CYS E 170 48.09 16.15 -26.57
CA CYS E 170 49.42 15.65 -26.19
C CYS E 170 49.35 15.02 -24.78
N PHE E 171 49.76 13.75 -24.63
CA PHE E 171 49.68 13.04 -23.36
C PHE E 171 50.72 11.93 -23.26
N HIS E 172 50.75 11.25 -22.11
CA HIS E 172 51.75 10.22 -21.77
C HIS E 172 51.15 8.82 -21.98
N SER E 173 52.04 7.86 -22.30
CA SER E 173 51.70 6.44 -22.54
C SER E 173 50.58 6.00 -21.61
N ARG E 174 50.73 6.35 -20.33
CA ARG E 174 49.78 6.09 -19.24
C ARG E 174 48.32 6.24 -19.69
N ASP E 175 48.04 7.26 -20.48
CA ASP E 175 46.66 7.65 -20.80
C ASP E 175 46.23 7.08 -22.15
N TYR E 176 47.11 6.38 -22.88
CA TYR E 176 46.69 5.69 -24.09
C TYR E 176 45.90 4.45 -23.71
N LYS E 177 44.81 4.18 -24.44
CA LYS E 177 43.98 3.04 -24.12
C LYS E 177 43.58 2.25 -25.36
N GLU E 178 42.92 2.92 -26.31
CA GLU E 178 42.35 2.28 -27.49
C GLU E 178 42.78 3.10 -28.70
N PRO E 179 42.96 2.48 -29.88
CA PRO E 179 43.33 3.23 -31.09
C PRO E 179 42.14 3.82 -31.87
N GLY E 180 40.91 3.44 -31.51
CA GLY E 180 39.68 3.86 -32.20
C GLY E 180 39.71 5.32 -32.66
N ILE E 181 39.90 6.23 -31.71
CA ILE E 181 39.73 7.66 -31.96
C ILE E 181 40.91 8.22 -32.77
N PHE E 182 41.85 7.38 -33.21
CA PHE E 182 43.02 7.88 -33.90
C PHE E 182 42.95 7.59 -35.39
N LYS E 183 41.82 7.01 -35.83
CA LYS E 183 41.65 6.65 -37.23
C LYS E 183 42.07 7.85 -38.10
N GLY E 184 43.01 7.59 -39.01
CA GLY E 184 43.51 8.57 -39.96
C GLY E 184 44.01 9.84 -39.32
N LYS E 185 44.56 9.74 -38.11
CA LYS E 185 45.23 10.86 -37.45
C LYS E 185 46.74 10.72 -37.60
N ARG E 186 47.44 11.82 -37.34
CA ARG E 186 48.88 11.91 -37.48
C ARG E 186 49.50 11.94 -36.09
N VAL E 187 50.24 10.88 -35.72
CA VAL E 187 50.69 10.72 -34.34
C VAL E 187 52.22 10.60 -34.28
N LEU E 188 52.82 11.36 -33.37
CA LEU E 188 54.23 11.25 -33.03
C LEU E 188 54.34 10.59 -31.64
N VAL E 189 55.19 9.58 -31.54
CA VAL E 189 55.45 8.90 -30.31
C VAL E 189 56.89 9.17 -29.91
N ILE E 190 57.07 9.67 -28.68
CA ILE E 190 58.39 9.90 -28.14
C ILE E 190 58.73 8.72 -27.25
N GLY E 191 59.85 8.07 -27.57
CA GLY E 191 60.37 6.98 -26.78
C GLY E 191 60.21 5.64 -27.50
N LEU E 192 61.34 4.93 -27.63
CA LEU E 192 61.39 3.65 -28.27
C LEU E 192 61.53 2.58 -27.19
N GLY E 193 60.66 2.67 -26.17
CA GLY E 193 60.45 1.61 -25.21
C GLY E 193 59.38 0.67 -25.72
N ASN E 194 59.01 -0.29 -24.87
CA ASN E 194 58.04 -1.31 -25.21
C ASN E 194 56.64 -0.69 -25.27
N SER E 195 56.39 0.37 -24.49
CA SER E 195 55.13 1.11 -24.58
C SER E 195 55.10 1.84 -25.92
N GLY E 196 56.18 2.58 -26.18
CA GLY E 196 56.28 3.34 -27.38
C GLY E 196 56.03 2.49 -28.61
N CYS E 197 56.71 1.34 -28.67
CA CYS E 197 56.67 0.50 -29.84
C CYS E 197 55.28 -0.16 -29.95
N ASP E 198 54.71 -0.61 -28.84
CA ASP E 198 53.38 -1.23 -28.88
C ASP E 198 52.36 -0.21 -29.40
N ILE E 199 52.39 1.00 -28.84
CA ILE E 199 51.40 2.01 -29.15
C ILE E 199 51.62 2.46 -30.61
N ALA E 200 52.87 2.59 -31.02
CA ALA E 200 53.17 3.02 -32.38
C ALA E 200 52.63 1.99 -33.40
N THR E 201 52.92 0.69 -33.18
CA THR E 201 52.56 -0.35 -34.12
C THR E 201 51.04 -0.50 -34.14
N GLU E 202 50.40 -0.50 -32.98
CA GLU E 202 48.94 -0.56 -32.91
C GLU E 202 48.33 0.61 -33.69
N LEU E 203 48.83 1.83 -33.49
CA LEU E 203 48.29 2.97 -34.18
C LEU E 203 48.51 2.85 -35.70
N SER E 204 49.62 2.23 -36.07
CA SER E 204 50.03 2.17 -37.46
C SER E 204 49.01 1.42 -38.31
N HIS E 205 47.98 0.82 -37.71
CA HIS E 205 46.98 0.03 -38.43
C HIS E 205 45.75 0.86 -38.82
N THR E 206 45.72 2.14 -38.43
CA THR E 206 44.48 2.90 -38.55
C THR E 206 44.79 4.39 -38.64
N ALA E 207 45.92 4.82 -38.08
CA ALA E 207 46.40 6.18 -38.20
C ALA E 207 46.87 6.49 -39.61
N GLU E 208 46.92 7.78 -39.95
CA GLU E 208 47.38 8.25 -41.26
C GLU E 208 48.89 8.10 -41.35
N LYS E 209 49.61 8.63 -40.36
CA LYS E 209 51.07 8.52 -40.27
C LYS E 209 51.50 8.40 -38.80
N VAL E 210 52.56 7.63 -38.56
CA VAL E 210 53.07 7.36 -37.22
C VAL E 210 54.59 7.42 -37.25
N ILE E 211 55.17 8.17 -36.31
CA ILE E 211 56.62 8.22 -36.19
C ILE E 211 57.00 7.94 -34.73
N ILE E 212 58.10 7.23 -34.54
CA ILE E 212 58.70 7.09 -33.24
C ILE E 212 60.03 7.86 -33.24
N SER E 213 60.20 8.72 -32.23
CA SER E 213 61.41 9.47 -32.01
C SER E 213 62.22 8.80 -30.89
N SER E 214 63.49 8.49 -31.17
CA SER E 214 64.36 7.83 -30.21
C SER E 214 65.69 8.57 -30.08
N ARG E 215 66.06 8.90 -28.83
CA ARG E 215 67.42 9.35 -28.48
C ARG E 215 68.45 8.35 -28.99
N SER E 216 68.39 7.15 -28.41
CA SER E 216 69.52 6.23 -28.38
C SER E 216 69.25 4.93 -29.14
N GLY E 217 68.04 4.77 -29.67
CA GLY E 217 67.68 3.53 -30.33
C GLY E 217 67.63 2.38 -29.36
N SER E 218 67.43 1.17 -29.88
CA SER E 218 67.25 -0.01 -29.06
C SER E 218 67.33 -1.27 -29.91
N TRP E 219 67.95 -2.30 -29.34
CA TRP E 219 67.79 -3.63 -29.87
C TRP E 219 66.31 -4.07 -29.78
N VAL E 220 65.86 -4.83 -30.78
CA VAL E 220 64.51 -5.31 -30.85
C VAL E 220 64.50 -6.82 -31.03
N MET E 221 63.99 -7.52 -30.01
CA MET E 221 63.74 -8.95 -30.03
C MET E 221 62.25 -9.17 -30.25
N SER E 222 61.84 -10.44 -30.34
CA SER E 222 60.45 -10.82 -30.59
C SER E 222 60.07 -11.98 -29.69
N ARG E 223 58.78 -12.09 -29.40
CA ARG E 223 58.27 -13.18 -28.61
C ARG E 223 58.63 -14.49 -29.33
N VAL E 224 58.46 -14.49 -30.66
CA VAL E 224 58.75 -15.65 -31.47
C VAL E 224 60.24 -15.65 -31.76
N TRP E 225 61.00 -16.52 -31.10
CA TRP E 225 62.46 -16.50 -31.20
C TRP E 225 62.91 -17.72 -32.03
N ASP E 226 64.13 -18.22 -31.79
CA ASP E 226 64.72 -19.32 -32.57
C ASP E 226 63.74 -20.48 -32.63
N ASP E 227 63.41 -20.91 -33.87
CA ASP E 227 62.62 -22.11 -34.14
C ASP E 227 61.19 -21.97 -33.61
N GLY E 228 60.77 -20.71 -33.37
CA GLY E 228 59.41 -20.38 -32.89
C GLY E 228 59.24 -20.61 -31.41
N TYR E 229 60.35 -20.73 -30.69
CA TYR E 229 60.26 -20.89 -29.25
C TYR E 229 60.24 -19.53 -28.57
N PRO E 230 59.59 -19.39 -27.40
CA PRO E 230 59.59 -18.11 -26.68
C PRO E 230 61.03 -17.68 -26.38
N TRP E 231 61.33 -16.40 -26.60
CA TRP E 231 62.68 -15.86 -26.49
C TRP E 231 63.28 -16.20 -25.11
N ASP E 232 62.51 -15.97 -24.05
CA ASP E 232 63.10 -15.98 -22.73
C ASP E 232 63.47 -17.40 -22.32
N MET E 233 62.76 -18.42 -22.82
CA MET E 233 63.05 -19.81 -22.49
C MET E 233 64.37 -20.24 -23.15
N LEU E 234 64.83 -19.49 -24.16
CA LEU E 234 66.10 -19.80 -24.84
C LEU E 234 67.21 -18.87 -24.37
N PHE E 235 66.86 -17.62 -24.04
CA PHE E 235 67.82 -16.57 -23.83
C PHE E 235 68.33 -16.51 -22.37
N ILE E 236 67.48 -16.91 -21.42
CA ILE E 236 67.76 -16.82 -20.01
C ILE E 236 68.06 -18.22 -19.46
N THR E 237 69.36 -18.54 -19.38
CA THR E 237 69.84 -19.89 -19.13
C THR E 237 71.09 -19.79 -18.26
N ARG E 238 71.25 -20.69 -17.30
CA ARG E 238 72.42 -20.66 -16.39
C ARG E 238 73.70 -20.79 -17.21
N PHE E 239 73.67 -21.58 -18.28
CA PHE E 239 74.82 -21.76 -19.16
C PHE E 239 75.09 -20.47 -19.93
N GLU E 240 74.03 -19.83 -20.43
CA GLU E 240 74.17 -18.65 -21.24
C GLU E 240 74.72 -17.54 -20.35
N THR E 241 74.30 -17.51 -19.08
CA THR E 241 74.72 -16.49 -18.13
C THR E 241 76.18 -16.76 -17.77
N PHE E 242 76.52 -18.03 -17.53
CA PHE E 242 77.90 -18.45 -17.32
C PHE E 242 78.82 -17.91 -18.42
N LEU E 243 78.42 -18.04 -19.69
CA LEU E 243 79.24 -17.56 -20.81
C LEU E 243 79.42 -16.04 -20.73
N LYS E 244 78.32 -15.30 -20.65
CA LYS E 244 78.39 -13.84 -20.79
C LYS E 244 79.02 -13.26 -19.53
N ASN E 245 79.04 -14.01 -18.43
CA ASN E 245 79.70 -13.62 -17.18
C ASN E 245 81.21 -13.84 -17.25
N SER E 246 81.64 -14.97 -17.81
CA SER E 246 83.05 -15.37 -17.72
C SER E 246 83.64 -15.60 -19.13
N LEU E 247 83.45 -14.63 -20.02
CA LEU E 247 84.18 -14.51 -21.27
C LEU E 247 84.85 -13.15 -21.28
N PRO E 248 86.00 -12.98 -21.95
CA PRO E 248 86.52 -11.65 -22.23
C PRO E 248 85.36 -10.76 -22.69
N THR E 249 85.19 -9.58 -22.09
CA THR E 249 83.98 -8.80 -22.29
C THR E 249 83.89 -8.27 -23.73
N ALA E 250 84.97 -8.35 -24.50
CA ALA E 250 84.93 -7.96 -25.91
C ALA E 250 84.35 -9.09 -26.77
N ILE E 251 84.62 -10.34 -26.39
CA ILE E 251 84.04 -11.52 -27.05
C ILE E 251 82.54 -11.54 -26.72
N SER E 252 82.21 -11.37 -25.44
CA SER E 252 80.83 -11.43 -24.99
C SER E 252 80.03 -10.27 -25.62
N ASP E 253 80.60 -9.06 -25.64
CA ASP E 253 79.90 -7.91 -26.22
C ASP E 253 79.65 -8.17 -27.71
N TRP E 254 80.62 -8.81 -28.37
CA TRP E 254 80.49 -9.21 -29.77
C TRP E 254 79.32 -10.20 -29.92
N TRP E 255 79.32 -11.26 -29.11
CA TRP E 255 78.32 -12.33 -29.16
C TRP E 255 76.90 -11.72 -28.99
N TYR E 256 76.74 -10.79 -28.03
CA TYR E 256 75.42 -10.19 -27.73
C TYR E 256 74.91 -9.45 -28.97
N MET E 257 75.76 -8.60 -29.56
CA MET E 257 75.34 -7.76 -30.68
C MET E 257 75.01 -8.62 -31.92
N LYS E 258 75.71 -9.74 -32.07
CA LYS E 258 75.48 -10.64 -33.19
C LYS E 258 74.07 -11.19 -33.10
N GLN E 259 73.68 -11.64 -31.90
CA GLN E 259 72.35 -12.22 -31.64
C GLN E 259 71.27 -11.17 -31.92
N MET E 260 71.44 -9.98 -31.32
CA MET E 260 70.43 -8.96 -31.41
C MET E 260 70.26 -8.53 -32.87
N ASN E 261 71.33 -8.54 -33.66
CA ASN E 261 71.22 -7.99 -35.02
C ASN E 261 71.02 -9.08 -36.08
N ALA E 262 70.73 -10.31 -35.66
CA ALA E 262 70.68 -11.45 -36.58
C ALA E 262 69.42 -11.44 -37.45
N ARG E 263 68.24 -11.22 -36.87
CA ARG E 263 67.01 -11.31 -37.64
C ARG E 263 66.91 -10.21 -38.71
N PHE E 264 67.15 -8.96 -38.31
CA PHE E 264 67.13 -7.86 -39.26
C PHE E 264 68.17 -6.84 -38.86
N LYS E 265 68.71 -6.15 -39.87
CA LYS E 265 69.78 -5.19 -39.69
C LYS E 265 69.17 -3.89 -39.15
N HIS E 266 69.32 -3.69 -37.84
CA HIS E 266 68.81 -2.52 -37.14
C HIS E 266 69.27 -1.21 -37.83
N GLU E 267 70.46 -1.22 -38.42
CA GLU E 267 71.04 -0.10 -39.16
C GLU E 267 70.08 0.38 -40.26
N ASN E 268 69.54 -0.58 -41.00
CA ASN E 268 68.70 -0.32 -42.17
C ASN E 268 67.29 0.11 -41.72
N TYR E 269 66.87 -0.24 -40.50
CA TYR E 269 65.50 0.02 -40.01
C TYR E 269 65.45 1.27 -39.10
N GLY E 270 66.61 1.81 -38.78
CA GLY E 270 66.75 3.04 -38.00
C GLY E 270 66.60 2.82 -36.51
N LEU E 271 66.94 1.62 -36.06
CA LEU E 271 66.74 1.21 -34.69
C LEU E 271 68.09 1.01 -34.00
N MET E 272 69.18 1.07 -34.77
CA MET E 272 70.50 0.70 -34.26
C MET E 272 70.79 1.55 -33.03
N PRO E 273 71.04 0.93 -31.86
CA PRO E 273 71.41 1.70 -30.67
C PRO E 273 72.75 2.45 -30.82
N LEU E 274 72.80 3.67 -30.28
CA LEU E 274 74.03 4.47 -30.15
C LEU E 274 75.17 3.60 -29.57
N ASN E 275 74.87 2.85 -28.50
CA ASN E 275 75.87 1.99 -27.87
C ASN E 275 75.28 0.59 -27.70
N GLY E 276 75.57 -0.26 -28.68
CA GLY E 276 75.01 -1.60 -28.77
C GLY E 276 75.58 -2.56 -27.74
N THR E 277 76.59 -2.16 -26.97
CA THR E 277 77.17 -3.11 -25.99
C THR E 277 76.36 -3.08 -24.70
N LEU E 278 75.60 -2.01 -24.48
CA LEU E 278 74.81 -1.84 -23.29
C LEU E 278 73.74 -2.92 -23.28
N ARG E 279 73.67 -3.63 -22.14
CA ARG E 279 72.71 -4.72 -21.90
C ARG E 279 71.42 -4.13 -21.32
N LYS E 280 71.00 -2.99 -21.86
CA LYS E 280 69.73 -2.35 -21.55
C LYS E 280 68.59 -3.29 -21.93
N GLU E 281 67.47 -3.20 -21.23
CA GLU E 281 66.35 -4.07 -21.56
C GLU E 281 65.97 -3.81 -23.01
N PRO E 282 65.91 -4.86 -23.86
CA PRO E 282 65.53 -4.70 -25.25
C PRO E 282 64.05 -4.44 -25.40
N VAL E 283 63.67 -4.03 -26.61
CA VAL E 283 62.30 -3.95 -27.02
C VAL E 283 61.88 -5.37 -27.41
N PHE E 284 60.70 -5.78 -26.92
CA PHE E 284 60.06 -7.00 -27.33
C PHE E 284 58.82 -6.62 -28.14
N ASN E 285 58.91 -6.87 -29.45
CA ASN E 285 57.88 -6.42 -30.35
C ASN E 285 57.98 -7.21 -31.66
N ASP E 286 56.88 -7.86 -32.01
CA ASP E 286 56.86 -8.80 -33.12
C ASP E 286 56.53 -8.06 -34.43
N GLU E 287 55.70 -7.02 -34.32
CA GLU E 287 55.14 -6.30 -35.46
C GLU E 287 56.11 -5.30 -36.08
N LEU E 288 57.07 -4.77 -35.31
CA LEU E 288 57.66 -3.48 -35.65
C LEU E 288 58.40 -3.58 -36.99
N PRO E 289 59.27 -4.58 -37.24
CA PRO E 289 59.99 -4.62 -38.49
C PRO E 289 59.06 -4.55 -39.70
N ALA E 290 58.04 -5.40 -39.71
CA ALA E 290 57.10 -5.42 -40.83
C ALA E 290 56.43 -4.05 -40.97
N ARG E 291 56.00 -3.45 -39.86
CA ARG E 291 55.34 -2.14 -39.91
C ARG E 291 56.31 -1.09 -40.51
N ILE E 292 57.61 -1.21 -40.20
CA ILE E 292 58.58 -0.28 -40.71
C ILE E 292 58.78 -0.54 -42.21
N LEU E 293 58.92 -1.80 -42.59
CA LEU E 293 59.24 -2.15 -43.97
C LEU E 293 58.07 -1.84 -44.89
N CYS E 294 56.84 -1.85 -44.35
CA CYS E 294 55.65 -1.49 -45.07
C CYS E 294 55.39 0.04 -45.02
N GLY E 295 56.27 0.79 -44.37
CA GLY E 295 56.19 2.25 -44.32
C GLY E 295 54.97 2.78 -43.56
N THR E 296 54.55 2.07 -42.50
CA THR E 296 53.46 2.51 -41.62
C THR E 296 54.04 3.09 -40.32
N VAL E 297 55.34 2.91 -40.11
CA VAL E 297 56.05 3.40 -38.95
C VAL E 297 57.46 3.71 -39.40
N SER E 298 57.96 4.89 -39.05
CA SER E 298 59.36 5.16 -39.29
C SER E 298 59.96 5.78 -38.04
N ILE E 299 61.25 5.47 -37.84
CA ILE E 299 61.97 5.86 -36.66
C ILE E 299 62.78 7.10 -37.02
N LYS E 300 62.74 8.11 -36.14
CA LYS E 300 63.51 9.34 -36.32
C LYS E 300 64.33 9.56 -35.06
N PRO E 301 65.36 10.45 -35.12
CA PRO E 301 66.15 10.77 -33.92
C PRO E 301 65.32 11.65 -32.97
N ASN E 302 65.98 12.23 -31.97
CA ASN E 302 65.29 12.99 -30.94
C ASN E 302 64.68 14.25 -31.55
N VAL E 303 63.61 14.76 -30.92
CA VAL E 303 62.97 15.99 -31.35
C VAL E 303 63.83 17.17 -30.89
N LYS E 304 64.07 18.12 -31.80
CA LYS E 304 64.88 19.31 -31.56
C LYS E 304 63.98 20.44 -31.06
N GLU E 305 62.81 20.60 -31.68
CA GLU E 305 61.96 21.76 -31.49
C GLU E 305 60.54 21.46 -31.93
N PHE E 306 59.55 21.92 -31.16
CA PHE E 306 58.14 21.88 -31.58
C PHE E 306 57.70 23.26 -32.03
N THR E 307 56.71 23.31 -32.94
CA THR E 307 55.97 24.51 -33.31
C THR E 307 54.52 24.33 -32.84
N GLU E 308 53.63 25.18 -33.36
CA GLU E 308 52.21 25.11 -33.06
C GLU E 308 51.63 23.79 -33.56
N THR E 309 52.17 23.30 -34.69
CA THR E 309 51.55 22.21 -35.43
C THR E 309 52.57 21.13 -35.85
N SER E 310 53.88 21.41 -35.70
CA SER E 310 54.95 20.60 -36.28
C SER E 310 55.94 20.15 -35.21
N ALA E 311 56.75 19.15 -35.60
CA ALA E 311 57.92 18.76 -34.84
C ALA E 311 59.10 18.72 -35.79
N ILE E 312 60.27 19.17 -35.33
CA ILE E 312 61.45 19.12 -36.16
C ILE E 312 62.50 18.31 -35.38
N PHE E 313 63.16 17.40 -36.10
CA PHE E 313 64.03 16.42 -35.50
C PHE E 313 65.49 16.88 -35.65
N GLU E 314 66.36 16.30 -34.83
CA GLU E 314 67.79 16.62 -34.76
C GLU E 314 68.47 16.38 -36.10
N ASP E 315 67.85 15.64 -37.04
CA ASP E 315 68.48 15.44 -38.34
C ASP E 315 67.93 16.45 -39.36
N GLY E 316 67.04 17.33 -38.93
CA GLY E 316 66.53 18.39 -39.76
C GLY E 316 65.12 18.15 -40.27
N THR E 317 64.68 16.89 -40.34
CA THR E 317 63.39 16.57 -40.95
C THR E 317 62.24 17.17 -40.14
N VAL E 318 61.02 17.12 -40.67
CA VAL E 318 59.86 17.71 -40.07
C VAL E 318 58.63 16.83 -40.26
N PHE E 319 57.86 16.75 -39.19
CA PHE E 319 56.60 16.04 -39.17
C PHE E 319 55.50 17.11 -39.08
N GLU E 320 54.88 17.39 -40.21
CA GLU E 320 53.88 18.45 -40.32
C GLU E 320 52.53 17.95 -39.79
N ALA E 321 51.73 18.89 -39.28
CA ALA E 321 50.28 18.72 -39.05
C ALA E 321 50.00 17.58 -38.08
N ILE E 322 50.80 17.52 -37.01
CA ILE E 322 50.69 16.49 -36.00
C ILE E 322 49.39 16.70 -35.22
N ASP E 323 48.56 15.65 -35.16
CA ASP E 323 47.32 15.68 -34.41
C ASP E 323 47.56 15.37 -32.93
N CYS E 324 48.61 14.60 -32.63
CA CYS E 324 48.75 14.04 -31.31
C CYS E 324 50.19 13.63 -31.03
N VAL E 325 50.69 13.98 -29.84
CA VAL E 325 52.00 13.51 -29.39
C VAL E 325 51.79 12.62 -28.17
N ILE E 326 52.36 11.41 -28.22
CA ILE E 326 52.33 10.49 -27.10
C ILE E 326 53.73 10.44 -26.50
N PHE E 327 53.85 10.76 -25.22
CA PHE E 327 55.12 10.60 -24.50
C PHE E 327 55.18 9.20 -23.88
N ALA E 328 55.95 8.32 -24.49
CA ALA E 328 56.14 6.98 -24.03
C ALA E 328 57.50 6.91 -23.39
N THR E 329 57.68 7.79 -22.40
CA THR E 329 58.99 8.11 -21.86
C THR E 329 59.18 7.47 -20.46
N GLY E 330 58.40 6.42 -20.16
CA GLY E 330 58.63 5.62 -18.97
C GLY E 330 58.12 6.28 -17.70
N TYR E 331 58.65 5.84 -16.55
CA TYR E 331 58.10 6.12 -15.22
C TYR E 331 59.22 6.41 -14.23
N GLY E 332 58.91 7.21 -13.19
CA GLY E 332 59.70 7.28 -11.98
C GLY E 332 58.98 6.56 -10.84
N TYR E 333 59.47 6.79 -9.62
CA TYR E 333 58.87 6.21 -8.44
C TYR E 333 59.04 7.12 -7.23
N ALA E 334 58.16 6.94 -6.24
CA ALA E 334 57.83 8.03 -5.33
C ALA E 334 57.80 7.58 -3.86
N TYR E 335 56.73 6.91 -3.44
CA TYR E 335 56.51 6.70 -1.97
C TYR E 335 56.15 8.03 -1.29
N PRO E 336 54.96 8.63 -1.58
CA PRO E 336 54.51 9.85 -0.92
C PRO E 336 54.26 9.69 0.59
N PHE E 337 54.14 8.44 1.04
CA PHE E 337 53.71 8.10 2.39
C PHE E 337 54.93 7.90 3.28
N LEU E 338 56.13 8.20 2.78
CA LEU E 338 57.35 7.90 3.50
C LEU E 338 58.34 9.06 3.37
N ASP E 339 59.10 9.28 4.44
CA ASP E 339 60.17 10.23 4.45
C ASP E 339 61.18 9.81 3.37
N ASP E 340 61.62 10.82 2.61
CA ASP E 340 62.59 10.67 1.54
C ASP E 340 63.89 10.08 2.11
N SER E 341 64.22 10.41 3.36
CA SER E 341 65.50 10.07 3.96
C SER E 341 65.68 8.55 4.13
N ILE E 342 64.57 7.78 4.13
CA ILE E 342 64.59 6.33 4.40
C ILE E 342 65.18 5.58 3.19
N ILE E 343 64.59 5.85 2.01
CA ILE E 343 64.94 5.13 0.79
C ILE E 343 66.13 5.84 0.14
N LYS E 344 66.02 7.18 0.01
CA LYS E 344 67.09 8.01 -0.56
C LYS E 344 68.01 8.50 0.56
N SER E 345 68.75 7.57 1.18
CA SER E 345 69.47 7.81 2.42
C SER E 345 70.94 8.13 2.16
N ARG E 346 71.24 8.85 1.07
CA ARG E 346 72.62 9.06 0.62
C ARG E 346 72.61 9.68 -0.76
N ASN E 347 73.28 10.82 -0.92
CA ASN E 347 73.46 11.48 -2.22
C ASN E 347 72.08 11.81 -2.83
N ASN E 348 71.06 11.91 -1.98
CA ASN E 348 69.68 12.13 -2.41
C ASN E 348 69.37 11.19 -3.59
N GLU E 349 69.68 9.90 -3.38
CA GLU E 349 69.72 8.86 -4.41
C GLU E 349 69.28 7.53 -3.77
N VAL E 350 68.39 6.79 -4.46
CA VAL E 350 67.77 5.56 -3.93
C VAL E 350 68.86 4.56 -3.56
N THR E 351 68.97 4.22 -2.27
CA THR E 351 70.01 3.30 -1.79
C THR E 351 69.38 2.19 -0.96
N LEU E 352 69.31 1.01 -1.58
CA LEU E 352 68.67 -0.18 -1.01
C LEU E 352 69.57 -1.39 -1.24
N PHE E 353 69.81 -2.15 -0.16
CA PHE E 353 70.53 -3.40 -0.23
C PHE E 353 69.69 -4.43 -1.00
N LYS E 354 70.23 -4.90 -2.13
CA LYS E 354 69.61 -5.85 -3.05
C LYS E 354 68.25 -5.31 -3.54
N GLY E 355 68.11 -4.00 -3.55
CA GLY E 355 66.92 -3.33 -4.03
C GLY E 355 65.77 -3.38 -3.06
N ILE E 356 66.03 -3.92 -1.86
CA ILE E 356 64.96 -4.29 -0.92
C ILE E 356 65.09 -3.51 0.38
N PHE E 357 66.19 -3.71 1.11
CA PHE E 357 66.29 -3.22 2.52
C PHE E 357 67.09 -1.92 2.57
N PRO E 358 66.55 -0.83 3.15
CA PRO E 358 67.31 0.40 3.33
C PRO E 358 68.35 0.10 4.40
N PRO E 359 69.66 0.20 4.11
CA PRO E 359 70.68 -0.03 5.13
C PRO E 359 70.61 1.28 5.93
N LEU E 360 71.30 1.33 7.07
CA LEU E 360 71.22 2.50 7.97
C LEU E 360 69.97 2.40 8.85
N LEU E 361 68.96 1.67 8.39
CA LEU E 361 67.78 1.50 9.21
C LEU E 361 68.19 0.70 10.46
N GLU E 362 67.85 1.24 11.63
CA GLU E 362 68.34 0.73 12.90
C GLU E 362 67.95 -0.74 13.03
N LYS E 363 66.67 -1.04 12.74
CA LYS E 363 66.17 -2.42 12.70
C LYS E 363 65.67 -2.75 11.29
N PRO E 364 65.92 -3.98 10.78
CA PRO E 364 65.54 -4.33 9.41
C PRO E 364 64.07 -4.75 9.36
N THR E 365 63.19 -3.75 9.32
CA THR E 365 61.75 -4.01 9.41
C THR E 365 61.01 -3.26 8.30
N LEU E 366 61.72 -2.81 7.28
CA LEU E 366 61.10 -2.29 6.08
C LEU E 366 61.80 -2.90 4.87
N ALA E 367 60.96 -3.39 3.93
CA ALA E 367 61.36 -4.00 2.72
C ALA E 367 60.58 -3.38 1.56
N VAL E 368 61.30 -3.09 0.47
CA VAL E 368 60.69 -2.71 -0.78
C VAL E 368 60.65 -3.95 -1.70
N ILE E 369 59.44 -4.30 -2.15
CA ILE E 369 59.25 -5.46 -2.99
C ILE E 369 58.89 -5.01 -4.41
N GLY E 370 59.70 -5.45 -5.38
CA GLY E 370 59.40 -5.35 -6.80
C GLY E 370 60.01 -4.13 -7.46
N LEU E 371 61.04 -3.54 -6.85
CA LEU E 371 61.72 -2.41 -7.40
C LEU E 371 62.99 -2.91 -8.06
N VAL E 372 62.82 -3.79 -9.03
CA VAL E 372 63.93 -4.48 -9.64
C VAL E 372 63.48 -4.95 -11.02
N GLN E 373 64.33 -4.74 -12.02
CA GLN E 373 64.00 -5.10 -13.38
C GLN E 373 65.15 -5.97 -13.90
N SER E 374 64.80 -7.02 -14.64
CA SER E 374 65.74 -7.85 -15.39
C SER E 374 65.03 -8.39 -16.63
N LEU E 375 65.70 -9.30 -17.35
CA LEU E 375 65.11 -10.08 -18.44
C LEU E 375 64.09 -11.08 -17.86
N GLY E 376 64.34 -11.43 -16.60
CA GLY E 376 63.43 -12.24 -15.83
C GLY E 376 62.16 -11.50 -15.52
N ALA E 377 61.16 -12.24 -15.06
CA ALA E 377 59.82 -11.72 -14.83
C ALA E 377 59.65 -11.27 -13.38
N THR E 378 58.74 -10.32 -13.19
CA THR E 378 58.49 -9.76 -11.87
C THR E 378 57.97 -10.85 -10.92
N ILE E 379 56.99 -11.62 -11.37
CA ILE E 379 56.34 -12.56 -10.49
C ILE E 379 57.38 -13.44 -9.79
N PRO E 380 58.19 -14.23 -10.51
CA PRO E 380 59.19 -15.08 -9.86
C PRO E 380 60.22 -14.29 -9.02
N THR E 381 60.55 -13.09 -9.47
CA THR E 381 61.53 -12.26 -8.79
C THR E 381 60.99 -11.88 -7.41
N THR E 382 59.76 -11.34 -7.37
CA THR E 382 59.17 -10.87 -6.15
C THR E 382 58.88 -12.05 -5.23
N ASP E 383 58.55 -13.22 -5.77
CA ASP E 383 58.29 -14.36 -4.91
C ASP E 383 59.54 -14.60 -4.06
N LEU E 384 60.73 -14.54 -4.68
CA LEU E 384 61.99 -14.75 -3.95
C LEU E 384 62.25 -13.59 -2.98
N GLN E 385 62.10 -12.34 -3.44
CA GLN E 385 62.33 -11.17 -2.61
C GLN E 385 61.50 -11.30 -1.33
N ALA E 386 60.21 -11.61 -1.49
CA ALA E 386 59.29 -11.70 -0.38
C ALA E 386 59.70 -12.83 0.58
N ARG E 387 60.12 -13.97 0.05
CA ARG E 387 60.56 -15.09 0.90
C ARG E 387 61.64 -14.63 1.86
N TRP E 388 62.61 -13.87 1.33
CA TRP E 388 63.75 -13.39 2.09
C TRP E 388 63.33 -12.35 3.13
N ALA E 389 62.61 -11.33 2.68
CA ALA E 389 62.14 -10.27 3.56
C ALA E 389 61.32 -10.88 4.70
N ALA E 390 60.50 -11.89 4.39
CA ALA E 390 59.64 -12.50 5.39
C ALA E 390 60.49 -13.20 6.43
N LYS E 391 61.55 -13.87 5.99
CA LYS E 391 62.49 -14.56 6.85
C LYS E 391 63.26 -13.53 7.68
N VAL E 392 63.65 -12.40 7.10
CA VAL E 392 64.34 -11.37 7.86
C VAL E 392 63.41 -10.86 8.98
N PHE E 393 62.14 -10.65 8.65
CA PHE E 393 61.17 -10.18 9.62
C PHE E 393 60.96 -11.19 10.75
N ALA E 394 61.03 -12.49 10.45
CA ALA E 394 60.78 -13.56 11.44
C ALA E 394 62.07 -13.93 12.18
N ASN E 395 63.13 -13.13 11.97
CA ASN E 395 64.47 -13.31 12.57
C ASN E 395 64.99 -14.71 12.30
N SER E 396 64.58 -15.30 11.17
CA SER E 396 65.06 -16.57 10.66
C SER E 396 66.31 -16.35 9.81
N CYS E 397 66.40 -15.19 9.14
CA CYS E 397 67.60 -14.70 8.44
C CYS E 397 68.00 -13.35 9.03
N THR E 398 69.27 -12.96 8.85
CA THR E 398 69.74 -11.65 9.38
C THR E 398 70.57 -10.93 8.33
N LEU E 399 70.45 -9.60 8.29
CA LEU E 399 71.16 -8.79 7.31
C LEU E 399 72.64 -8.80 7.64
N PRO E 400 73.53 -8.51 6.66
CA PRO E 400 74.92 -8.24 6.97
C PRO E 400 75.04 -6.87 7.66
N THR E 401 76.28 -6.46 7.93
CA THR E 401 76.56 -5.26 8.65
C THR E 401 76.24 -4.07 7.75
N THR E 402 76.17 -2.87 8.33
CA THR E 402 75.68 -1.73 7.61
C THR E 402 76.66 -1.35 6.50
N ASN E 403 77.95 -1.43 6.71
CA ASN E 403 78.84 -1.03 5.59
C ASN E 403 79.19 -2.26 4.74
N GLU E 404 78.94 -3.49 5.24
CA GLU E 404 78.97 -4.67 4.36
C GLU E 404 77.94 -4.46 3.23
N MET E 405 76.77 -3.92 3.60
CA MET E 405 75.66 -3.70 2.68
C MET E 405 76.00 -2.53 1.76
N MET E 406 76.55 -1.44 2.31
CA MET E 406 76.93 -0.27 1.51
C MET E 406 78.04 -0.65 0.52
N ASP E 407 78.94 -1.56 0.91
CA ASP E 407 80.00 -2.03 0.03
C ASP E 407 79.35 -2.68 -1.18
N ASP E 408 78.44 -3.62 -0.93
CA ASP E 408 77.69 -4.34 -1.95
C ASP E 408 76.97 -3.34 -2.87
N ILE E 409 76.29 -2.36 -2.29
CA ILE E 409 75.57 -1.34 -3.06
C ILE E 409 76.54 -0.58 -3.96
N ASP E 410 77.71 -0.21 -3.43
CA ASP E 410 78.73 0.53 -4.19
C ASP E 410 79.20 -0.34 -5.36
N GLU E 411 79.49 -1.61 -5.10
CA GLU E 411 80.00 -2.52 -6.12
C GLU E 411 78.95 -2.69 -7.23
N LYS E 412 77.68 -2.81 -6.82
CA LYS E 412 76.56 -3.07 -7.74
C LYS E 412 76.36 -1.85 -8.65
N MET E 413 76.45 -0.65 -8.07
CA MET E 413 76.31 0.60 -8.81
C MET E 413 77.40 0.71 -9.88
N GLY E 414 78.54 0.10 -9.63
CA GLY E 414 79.66 0.12 -10.56
C GLY E 414 79.41 -0.80 -11.74
N LYS E 415 79.00 -2.03 -11.42
CA LYS E 415 78.57 -3.03 -12.39
C LYS E 415 77.45 -2.46 -13.28
N LYS E 416 76.50 -1.76 -12.64
CA LYS E 416 75.34 -1.21 -13.33
C LYS E 416 75.80 -0.17 -14.35
N LEU E 417 76.79 0.66 -13.99
CA LEU E 417 77.29 1.71 -14.90
C LEU E 417 78.00 1.05 -16.08
N LYS E 418 78.74 -0.02 -15.81
CA LYS E 418 79.46 -0.75 -16.81
C LYS E 418 78.48 -1.38 -17.81
N TRP E 419 77.50 -2.12 -17.29
CA TRP E 419 76.65 -2.99 -18.12
C TRP E 419 75.47 -2.21 -18.72
N PHE E 420 74.98 -1.16 -18.06
CA PHE E 420 73.76 -0.49 -18.53
C PHE E 420 74.00 0.99 -18.84
N GLY E 421 75.13 1.54 -18.39
CA GLY E 421 75.48 2.97 -18.63
C GLY E 421 74.79 3.93 -17.67
N GLN E 422 74.39 3.40 -16.53
CA GLN E 422 73.65 4.10 -15.48
C GLN E 422 73.93 3.33 -14.19
N SER E 423 74.32 4.02 -13.12
CA SER E 423 74.41 3.35 -11.81
C SER E 423 73.02 3.29 -11.15
N GLN E 424 72.10 4.13 -11.63
CA GLN E 424 70.82 4.40 -10.98
C GLN E 424 69.69 3.51 -11.53
N THR E 425 69.96 2.76 -12.60
CA THR E 425 68.93 1.92 -13.22
C THR E 425 68.44 0.85 -12.23
N LEU E 426 67.23 0.35 -12.48
CA LEU E 426 66.71 -0.78 -11.75
C LEU E 426 67.18 -2.09 -12.38
N GLN E 427 67.78 -2.03 -13.58
CA GLN E 427 68.24 -3.22 -14.32
C GLN E 427 69.31 -3.96 -13.50
N THR E 428 69.25 -5.30 -13.55
CA THR E 428 70.26 -6.17 -12.98
C THR E 428 70.21 -7.49 -13.75
N ASP E 429 71.24 -8.32 -13.58
CA ASP E 429 71.31 -9.61 -14.20
C ASP E 429 70.46 -10.57 -13.37
N TYR E 430 69.48 -11.21 -14.04
CA TYR E 430 68.43 -11.98 -13.38
C TYR E 430 69.03 -13.14 -12.57
N ILE E 431 69.73 -14.04 -13.26
CA ILE E 431 70.09 -15.29 -12.59
C ILE E 431 71.06 -15.00 -11.44
N THR E 432 71.91 -13.99 -11.62
CA THR E 432 72.85 -13.57 -10.61
C THR E 432 72.09 -13.11 -9.35
N TYR E 433 71.14 -12.20 -9.55
CA TYR E 433 70.36 -11.61 -8.45
C TYR E 433 69.60 -12.75 -7.76
N MET E 434 68.95 -13.62 -8.55
CA MET E 434 68.13 -14.66 -7.97
C MET E 434 69.00 -15.59 -7.13
N ASP E 435 70.25 -15.79 -7.57
CA ASP E 435 71.16 -16.67 -6.88
C ASP E 435 71.63 -16.09 -5.56
N GLU E 436 71.95 -14.79 -5.55
CA GLU E 436 72.37 -14.10 -4.34
C GLU E 436 71.29 -14.30 -3.27
N LEU E 437 70.04 -13.97 -3.60
CA LEU E 437 68.90 -14.10 -2.66
C LEU E 437 68.66 -15.57 -2.32
N GLY E 438 68.87 -16.46 -3.30
CA GLY E 438 68.76 -17.90 -3.10
C GLY E 438 69.67 -18.39 -1.96
N SER E 439 70.94 -17.97 -2.00
CA SER E 439 71.94 -18.28 -0.97
C SER E 439 71.44 -17.85 0.40
N PHE E 440 70.91 -16.63 0.51
CA PHE E 440 70.53 -16.03 1.78
C PHE E 440 69.47 -16.89 2.48
N ILE E 441 68.63 -17.61 1.74
CA ILE E 441 67.53 -18.38 2.35
C ILE E 441 67.76 -19.89 2.17
N GLY E 442 68.87 -20.27 1.51
CA GLY E 442 69.27 -21.65 1.29
C GLY E 442 68.40 -22.36 0.28
N ALA E 443 68.05 -21.67 -0.81
CA ALA E 443 67.19 -22.21 -1.87
C ALA E 443 67.85 -22.10 -3.25
N LYS E 444 69.11 -21.65 -3.29
CA LYS E 444 69.86 -21.65 -4.53
C LYS E 444 70.10 -23.11 -4.93
N PRO E 445 69.64 -23.56 -6.10
CA PRO E 445 69.83 -24.96 -6.50
C PRO E 445 71.32 -25.34 -6.58
N ASN E 446 71.65 -26.49 -6.01
CA ASN E 446 73.00 -27.02 -5.99
C ASN E 446 73.21 -27.79 -7.28
N ILE E 447 73.78 -27.12 -8.28
CA ILE E 447 73.90 -27.72 -9.60
C ILE E 447 74.72 -29.00 -9.48
N PRO E 448 75.96 -28.94 -8.92
CA PRO E 448 76.78 -30.14 -8.77
C PRO E 448 76.08 -31.30 -8.03
N TRP E 449 75.48 -31.03 -6.88
CA TRP E 449 74.73 -32.06 -6.13
C TRP E 449 73.70 -32.73 -7.05
N LEU E 450 73.15 -31.96 -8.00
CA LEU E 450 72.17 -32.48 -8.95
C LEU E 450 72.87 -33.35 -10.00
N PHE E 451 73.95 -32.84 -10.62
CA PHE E 451 74.68 -33.66 -11.64
C PHE E 451 74.88 -35.06 -11.01
N LEU E 452 75.17 -35.10 -9.70
CA LEU E 452 75.59 -36.34 -8.97
C LEU E 452 74.37 -37.20 -8.59
N THR E 453 73.31 -36.59 -8.08
CA THR E 453 72.01 -37.27 -7.92
C THR E 453 70.99 -36.62 -8.86
N ASP E 454 70.45 -37.39 -9.80
CA ASP E 454 69.42 -36.93 -10.75
C ASP E 454 70.01 -35.99 -11.80
N PRO E 455 70.89 -36.46 -12.70
CA PRO E 455 71.56 -35.58 -13.65
C PRO E 455 70.66 -35.17 -14.83
N GLN E 456 69.55 -35.88 -15.02
CA GLN E 456 68.58 -35.45 -16.03
C GLN E 456 68.11 -34.03 -15.66
N LEU E 457 67.60 -33.90 -14.44
CA LEU E 457 67.11 -32.64 -13.91
C LEU E 457 68.24 -31.60 -13.89
N ALA E 458 69.43 -32.01 -13.45
CA ALA E 458 70.57 -31.11 -13.36
C ALA E 458 70.80 -30.41 -14.71
N LEU E 459 70.70 -31.18 -15.80
CA LEU E 459 71.00 -30.67 -17.11
C LEU E 459 69.91 -29.69 -17.56
N GLU E 460 68.63 -30.03 -17.34
CA GLU E 460 67.52 -29.15 -17.73
C GLU E 460 67.57 -27.86 -16.87
N VAL E 461 68.06 -27.96 -15.64
CA VAL E 461 68.18 -26.82 -14.74
C VAL E 461 69.30 -25.86 -15.22
N PHE E 462 70.39 -26.42 -15.72
CA PHE E 462 71.58 -25.63 -16.05
C PHE E 462 71.55 -25.16 -17.49
N PHE E 463 71.21 -26.07 -18.42
CA PHE E 463 71.28 -25.80 -19.85
C PHE E 463 69.93 -25.30 -20.39
N GLY E 464 68.85 -25.64 -19.70
CA GLY E 464 67.52 -25.29 -20.15
C GLY E 464 67.06 -23.96 -19.56
N PRO E 465 65.79 -23.62 -19.79
CA PRO E 465 65.21 -22.38 -19.27
C PRO E 465 65.40 -22.29 -17.76
N CYS E 466 65.77 -21.09 -17.29
CA CYS E 466 65.79 -20.73 -15.90
C CYS E 466 64.37 -20.38 -15.46
N SER E 467 63.55 -21.44 -15.46
CA SER E 467 62.15 -21.38 -15.13
C SER E 467 62.00 -21.18 -13.64
N PRO E 468 60.95 -20.47 -13.17
CA PRO E 468 60.77 -20.21 -11.75
C PRO E 468 60.82 -21.45 -10.85
N TYR E 469 60.36 -22.60 -11.37
CA TYR E 469 60.23 -23.88 -10.63
C TYR E 469 61.52 -24.21 -9.87
N GLN E 470 62.63 -23.98 -10.56
CA GLN E 470 63.99 -24.15 -10.12
C GLN E 470 64.29 -23.49 -8.76
N PHE E 471 63.56 -22.44 -8.40
CA PHE E 471 63.91 -21.62 -7.23
C PHE E 471 63.14 -22.09 -5.99
N ARG E 472 62.26 -23.09 -6.20
CA ARG E 472 61.58 -23.79 -5.12
C ARG E 472 61.76 -25.30 -5.36
N LEU E 473 62.93 -25.68 -5.84
CA LEU E 473 63.24 -27.07 -6.13
C LEU E 473 63.81 -27.74 -4.88
N MET E 474 64.84 -27.10 -4.32
CA MET E 474 65.44 -27.52 -3.06
C MET E 474 65.46 -26.35 -2.06
N GLY E 475 65.69 -26.72 -0.80
CA GLY E 475 65.80 -25.83 0.33
C GLY E 475 64.45 -25.59 0.99
N PRO E 476 64.38 -24.75 2.05
CA PRO E 476 63.10 -24.42 2.68
C PRO E 476 62.10 -23.85 1.67
N GLY E 477 60.81 -24.06 1.95
CA GLY E 477 59.75 -23.58 1.11
C GLY E 477 59.75 -24.19 -0.29
N LYS E 478 60.36 -25.38 -0.45
CA LYS E 478 60.39 -26.02 -1.76
C LYS E 478 59.02 -26.62 -2.07
N TRP E 479 58.79 -26.91 -3.35
CA TRP E 479 57.56 -27.51 -3.90
C TRP E 479 57.93 -28.87 -4.49
N ASP E 480 57.14 -29.91 -4.20
CA ASP E 480 57.51 -31.26 -4.69
C ASP E 480 57.13 -31.36 -6.17
N GLY E 481 56.18 -30.53 -6.62
CA GLY E 481 55.80 -30.45 -8.03
C GLY E 481 56.91 -29.96 -8.94
N ALA E 482 57.97 -29.37 -8.34
CA ALA E 482 58.99 -28.62 -9.06
C ALA E 482 59.73 -29.50 -10.07
N ARG E 483 60.17 -30.68 -9.66
CA ARG E 483 60.96 -31.52 -10.56
C ARG E 483 60.11 -31.83 -11.79
N ASN E 484 58.89 -32.32 -11.55
CA ASN E 484 58.03 -32.70 -12.61
C ASN E 484 57.77 -31.49 -13.52
N ALA E 485 57.55 -30.33 -12.90
CA ALA E 485 57.25 -29.08 -13.60
C ALA E 485 58.37 -28.72 -14.58
N ILE E 486 59.62 -28.81 -14.12
CA ILE E 486 60.79 -28.45 -14.92
C ILE E 486 60.88 -29.39 -16.13
N LEU E 487 60.60 -30.67 -15.87
CA LEU E 487 60.80 -31.71 -16.87
C LEU E 487 59.66 -31.73 -17.88
N THR E 488 58.57 -31.02 -17.61
CA THR E 488 57.43 -31.00 -18.50
C THR E 488 57.16 -29.59 -19.06
N GLN E 489 58.13 -28.67 -18.94
CA GLN E 489 57.92 -27.28 -19.27
C GLN E 489 57.75 -27.12 -20.80
N TRP E 490 58.50 -27.89 -21.59
CA TRP E 490 58.34 -27.78 -23.01
C TRP E 490 57.01 -28.40 -23.46
N ASP E 491 56.49 -29.38 -22.72
CA ASP E 491 55.16 -29.92 -23.03
C ASP E 491 54.11 -28.82 -22.99
N ARG E 492 54.14 -28.01 -21.93
CA ARG E 492 53.13 -26.99 -21.69
C ARG E 492 53.27 -25.84 -22.71
N THR E 493 54.48 -25.64 -23.23
CA THR E 493 54.81 -24.58 -24.18
C THR E 493 54.30 -24.92 -25.58
N LEU E 494 54.45 -26.19 -25.96
CA LEU E 494 54.16 -26.67 -27.32
C LEU E 494 52.68 -27.07 -27.48
N LYS E 495 52.04 -27.48 -26.38
CA LYS E 495 50.68 -28.00 -26.39
C LYS E 495 49.74 -27.02 -27.08
N PRO E 496 49.56 -25.78 -26.56
CA PRO E 496 48.49 -24.89 -27.02
C PRO E 496 48.56 -24.39 -28.47
N THR E 497 49.75 -24.41 -29.03
CA THR E 497 50.03 -23.81 -30.30
C THR E 497 49.91 -24.86 -31.42
N ARG E 498 49.96 -26.12 -31.01
CA ARG E 498 49.90 -27.25 -31.95
C ARG E 498 48.47 -27.79 -31.93
N THR E 499 47.58 -27.14 -32.65
CA THR E 499 46.16 -27.52 -32.70
C THR E 499 45.84 -28.26 -34.02
N ARG E 500 46.87 -28.54 -34.83
CA ARG E 500 46.70 -29.22 -36.10
C ARG E 500 47.98 -30.03 -36.33
N ALA E 501 47.84 -31.34 -36.09
CA ALA E 501 48.96 -32.24 -35.94
C ALA E 501 49.35 -32.77 -37.31
N VAL E 502 50.43 -32.27 -37.88
CA VAL E 502 50.87 -32.80 -39.14
C VAL E 502 52.32 -33.24 -38.99
N GLY E 503 53.17 -32.32 -38.51
CA GLY E 503 54.51 -32.73 -38.14
C GLY E 503 54.49 -33.71 -36.98
N GLU E 504 55.68 -34.09 -36.54
CA GLU E 504 55.90 -34.59 -35.20
C GLU E 504 56.33 -33.37 -34.37
N ALA E 505 55.71 -33.15 -33.19
CA ALA E 505 56.09 -31.99 -32.35
C ALA E 505 57.62 -31.96 -32.14
N LYS E 506 58.24 -30.77 -32.23
CA LYS E 506 59.68 -30.65 -32.11
C LYS E 506 60.05 -29.90 -30.83
N ARG E 507 60.53 -30.63 -29.83
CA ARG E 507 61.00 -29.95 -28.59
C ARG E 507 62.49 -29.69 -28.76
N PRO E 508 63.08 -28.71 -28.05
CA PRO E 508 64.50 -28.45 -28.14
C PRO E 508 65.31 -29.60 -27.52
N SER E 509 66.52 -29.81 -28.03
CA SER E 509 67.39 -30.89 -27.60
C SER E 509 68.49 -30.33 -26.70
N LEU E 510 68.91 -31.10 -25.69
CA LEU E 510 70.15 -30.80 -24.94
C LEU E 510 71.34 -31.43 -25.67
N PHE E 511 71.12 -32.62 -26.25
CA PHE E 511 72.02 -33.27 -27.23
C PHE E 511 72.20 -32.34 -28.45
N TYR E 512 72.67 -31.12 -28.22
CA TYR E 512 72.67 -30.07 -29.25
C TYR E 512 73.98 -29.27 -29.17
N ASN E 513 74.13 -28.43 -28.14
CA ASN E 513 75.14 -27.35 -28.04
C ASN E 513 75.47 -26.75 -29.41
N LEU E 514 74.60 -25.85 -29.89
CA LEU E 514 74.71 -25.33 -31.29
C LEU E 514 75.60 -24.08 -31.28
N LEU E 515 76.06 -23.65 -30.10
CA LEU E 515 77.06 -22.59 -29.95
C LEU E 515 78.28 -23.16 -29.22
N LYS E 516 78.68 -24.38 -29.62
CA LYS E 516 79.86 -25.14 -29.19
C LYS E 516 80.48 -25.92 -30.39
N ILE E 517 79.87 -25.83 -31.60
CA ILE E 517 80.27 -26.56 -32.81
C ILE E 517 81.13 -25.66 -33.73
N LEU E 518 81.01 -24.32 -33.59
CA LEU E 518 81.91 -23.36 -34.23
C LEU E 518 82.94 -22.84 -33.22
N LEU E 519 82.91 -23.31 -31.97
CA LEU E 519 83.93 -23.04 -30.95
C LEU E 519 84.92 -24.22 -30.89
N PHE E 520 84.55 -25.27 -30.13
CA PHE E 520 85.51 -26.29 -29.65
C PHE E 520 86.07 -27.08 -30.82
N PRO E 521 85.33 -27.28 -31.94
CA PRO E 521 85.90 -27.79 -33.20
C PRO E 521 86.83 -26.87 -34.04
N VAL E 522 86.48 -25.59 -34.20
CA VAL E 522 87.30 -24.62 -34.96
C VAL E 522 88.56 -24.21 -34.17
N LEU E 523 88.49 -24.26 -32.82
CA LEU E 523 89.68 -24.08 -31.90
C LEU E 523 90.36 -25.45 -31.67
N LEU E 524 89.99 -26.44 -32.49
CA LEU E 524 90.58 -27.77 -32.43
C LEU E 524 91.15 -28.19 -33.81
N LEU E 525 90.85 -27.44 -34.89
CA LEU E 525 91.62 -27.63 -36.16
C LEU E 525 92.60 -26.45 -36.39
N ALA E 526 92.36 -25.31 -35.71
CA ALA E 526 93.34 -24.22 -35.52
C ALA E 526 94.50 -24.69 -34.63
N VAL E 527 94.23 -25.04 -33.36
CA VAL E 527 95.25 -25.58 -32.42
C VAL E 527 95.36 -27.11 -32.63
N LEU E 528 95.17 -27.54 -33.87
CA LEU E 528 95.65 -28.82 -34.44
C LEU E 528 96.40 -28.49 -35.75
N LEU E 529 97.59 -27.89 -35.56
CA LEU E 529 98.52 -27.39 -36.60
C LEU E 529 99.64 -26.55 -35.92
N ALA E 530 99.22 -25.44 -35.28
CA ALA E 530 100.16 -24.43 -34.70
C ALA E 530 100.56 -24.90 -33.29
N LYS F 3 12.40 -20.56 -26.11
CA LYS F 3 12.27 -21.58 -25.01
C LYS F 3 13.42 -21.50 -23.99
N LYS F 4 14.64 -21.12 -24.36
CA LYS F 4 15.72 -21.11 -23.36
C LYS F 4 15.68 -19.80 -22.57
N VAL F 5 15.55 -19.91 -21.23
CA VAL F 5 15.37 -18.75 -20.31
C VAL F 5 16.45 -18.74 -19.22
N ALA F 6 17.24 -17.67 -19.17
CA ALA F 6 18.25 -17.52 -18.13
C ALA F 6 17.62 -16.81 -16.91
N ILE F 7 17.86 -17.36 -15.72
CA ILE F 7 17.29 -16.91 -14.48
C ILE F 7 18.43 -16.60 -13.51
N ILE F 8 18.58 -15.32 -13.17
CA ILE F 8 19.66 -14.90 -12.32
C ILE F 8 19.19 -14.91 -10.86
N GLY F 9 19.64 -15.92 -10.11
CA GLY F 9 19.38 -16.03 -8.67
C GLY F 9 18.44 -17.18 -8.37
N ALA F 10 18.68 -17.88 -7.25
CA ALA F 10 17.85 -19.01 -6.80
C ALA F 10 17.28 -18.73 -5.41
N GLY F 11 17.00 -17.45 -5.16
CA GLY F 11 16.15 -17.04 -4.08
C GLY F 11 14.71 -17.34 -4.40
N VAL F 12 13.81 -16.86 -3.55
CA VAL F 12 12.40 -17.02 -3.74
C VAL F 12 11.99 -16.57 -5.16
N SER F 13 12.48 -15.43 -5.62
CA SER F 13 12.10 -14.90 -6.94
C SER F 13 12.53 -15.87 -8.05
N GLY F 14 13.75 -16.37 -7.95
CA GLY F 14 14.29 -17.28 -8.95
C GLY F 14 13.53 -18.58 -9.02
N LEU F 15 13.22 -19.13 -7.83
CA LEU F 15 12.52 -20.40 -7.72
C LEU F 15 11.12 -20.23 -8.31
N ALA F 16 10.47 -19.11 -8.02
CA ALA F 16 9.18 -18.84 -8.58
C ALA F 16 9.25 -18.90 -10.11
N SER F 17 10.32 -18.32 -10.65
CA SER F 17 10.61 -18.15 -12.08
C SER F 17 10.85 -19.50 -12.74
N ILE F 18 11.71 -20.34 -12.14
CA ILE F 18 11.96 -21.66 -12.67
C ILE F 18 10.63 -22.39 -12.84
N ARG F 19 9.83 -22.45 -11.76
CA ARG F 19 8.61 -23.23 -11.79
C ARG F 19 7.67 -22.68 -12.88
N SER F 20 7.60 -21.35 -13.03
CA SER F 20 6.66 -20.77 -13.98
C SER F 20 7.11 -21.08 -15.42
N CYS F 21 8.41 -21.03 -15.64
CA CYS F 21 8.97 -21.42 -16.91
C CYS F 21 8.50 -22.84 -17.22
N LEU F 22 8.70 -23.77 -16.28
CA LEU F 22 8.30 -25.19 -16.45
C LEU F 22 6.81 -25.31 -16.82
N GLU F 23 5.93 -24.55 -16.17
CA GLU F 23 4.50 -24.75 -16.42
C GLU F 23 4.11 -24.10 -17.76
N GLU F 24 5.02 -23.40 -18.44
CA GLU F 24 4.75 -22.86 -19.80
C GLU F 24 5.63 -23.54 -20.87
N GLY F 25 6.26 -24.66 -20.50
CA GLY F 25 7.04 -25.48 -21.42
C GLY F 25 8.33 -24.81 -21.87
N LEU F 26 8.79 -23.78 -21.14
CA LEU F 26 10.09 -23.17 -21.43
C LEU F 26 11.17 -24.03 -20.76
N GLU F 27 12.43 -23.75 -21.11
CA GLU F 27 13.60 -24.53 -20.68
C GLU F 27 14.46 -23.58 -19.85
N PRO F 28 14.22 -23.52 -18.54
CA PRO F 28 14.90 -22.55 -17.67
C PRO F 28 16.30 -23.03 -17.27
N THR F 29 17.23 -22.08 -17.17
CA THR F 29 18.51 -22.30 -16.57
C THR F 29 18.68 -21.20 -15.52
N CYS F 30 18.94 -21.63 -14.29
CA CYS F 30 19.05 -20.74 -13.16
C CYS F 30 20.51 -20.71 -12.68
N PHE F 31 21.12 -19.51 -12.72
CA PHE F 31 22.47 -19.31 -12.26
C PHE F 31 22.42 -18.71 -10.85
N GLU F 32 23.06 -19.41 -9.92
CA GLU F 32 23.11 -19.02 -8.53
C GLU F 32 24.58 -18.95 -8.11
N ARG F 33 25.01 -17.78 -7.67
CA ARG F 33 26.43 -17.53 -7.34
C ARG F 33 26.86 -18.31 -6.08
N SER F 34 25.92 -18.63 -5.20
CA SER F 34 26.28 -19.41 -4.01
C SER F 34 25.96 -20.89 -4.22
N ASP F 35 26.04 -21.69 -3.13
CA ASP F 35 25.85 -23.12 -3.19
C ASP F 35 24.48 -23.52 -2.65
N ASP F 36 23.55 -22.57 -2.48
CA ASP F 36 22.24 -22.94 -1.98
C ASP F 36 21.14 -22.02 -2.51
N ILE F 37 19.92 -22.51 -2.35
CA ILE F 37 18.73 -21.79 -2.71
C ILE F 37 18.25 -20.99 -1.49
N GLY F 38 17.23 -20.17 -1.71
CA GLY F 38 16.56 -19.40 -0.65
C GLY F 38 17.09 -17.98 -0.53
N GLY F 39 18.29 -17.74 -1.04
CA GLY F 39 18.87 -16.41 -1.03
C GLY F 39 18.94 -15.86 0.38
N LEU F 40 18.24 -14.75 0.59
CA LEU F 40 18.29 -13.92 1.81
C LEU F 40 17.91 -14.75 3.05
N TRP F 41 17.07 -15.77 2.87
CA TRP F 41 16.43 -16.49 3.98
C TRP F 41 17.34 -17.54 4.61
N LYS F 42 18.45 -17.87 3.95
CA LYS F 42 19.39 -18.77 4.58
C LYS F 42 20.44 -17.94 5.32
N PHE F 43 20.33 -17.89 6.65
CA PHE F 43 21.22 -17.15 7.51
C PHE F 43 22.68 -17.63 7.33
N SER F 44 23.63 -16.71 7.42
CA SER F 44 25.05 -17.02 7.54
C SER F 44 25.75 -15.99 8.44
N ASP F 45 26.86 -16.41 9.07
CA ASP F 45 27.47 -15.65 10.17
C ASP F 45 28.08 -14.36 9.63
N HIS F 46 28.46 -14.36 8.34
CA HIS F 46 29.20 -13.23 7.76
C HIS F 46 28.58 -12.84 6.42
N ALA F 47 28.38 -11.54 6.23
CA ALA F 47 27.80 -10.97 5.03
C ALA F 47 28.72 -11.25 3.85
N GLU F 48 28.20 -11.91 2.82
CA GLU F 48 28.91 -12.15 1.55
C GLU F 48 28.58 -10.98 0.60
N GLU F 49 29.55 -10.62 -0.24
CA GLU F 49 29.36 -9.47 -1.14
C GLU F 49 28.42 -9.89 -2.28
N GLY F 50 27.47 -9.01 -2.62
CA GLY F 50 26.50 -9.21 -3.71
C GLY F 50 25.28 -10.03 -3.30
N ARG F 51 25.26 -10.48 -2.05
CA ARG F 51 24.20 -11.27 -1.42
C ARG F 51 23.60 -10.47 -0.25
N ALA F 52 22.29 -10.67 0.01
CA ALA F 52 21.63 -10.06 1.18
C ALA F 52 22.22 -10.67 2.46
N SER F 53 21.97 -10.01 3.59
CA SER F 53 22.55 -10.41 4.85
C SER F 53 21.59 -10.11 6.00
N ILE F 54 21.14 -11.19 6.61
CA ILE F 54 20.13 -11.16 7.58
C ILE F 54 20.79 -11.38 8.96
N TYR F 55 20.21 -10.84 10.02
CA TYR F 55 20.67 -11.07 11.40
C TYR F 55 19.91 -12.30 11.96
N GLN F 56 20.41 -12.86 13.07
CA GLN F 56 20.11 -14.23 13.41
C GLN F 56 18.65 -14.38 13.87
N SER F 57 18.09 -13.33 14.48
CA SER F 57 16.77 -13.43 15.17
C SER F 57 15.58 -12.99 14.29
N VAL F 58 15.78 -12.86 12.98
CA VAL F 58 14.74 -12.45 12.05
C VAL F 58 13.64 -13.51 12.02
N PHE F 59 12.41 -13.03 12.26
CA PHE F 59 11.16 -13.71 12.06
C PHE F 59 10.38 -13.04 10.95
N THR F 60 9.60 -13.81 10.19
CA THR F 60 8.77 -13.23 9.15
C THR F 60 7.87 -12.18 9.81
N ASN F 61 7.55 -11.13 9.06
CA ASN F 61 6.57 -10.14 9.53
C ASN F 61 5.29 -10.27 8.70
N SER F 62 5.24 -11.29 7.83
CA SER F 62 4.01 -11.72 7.19
C SER F 62 3.61 -13.09 7.74
N SER F 63 2.29 -13.30 7.85
CA SER F 63 1.65 -14.51 8.40
C SER F 63 1.80 -15.68 7.42
N LYS F 64 1.83 -16.91 7.94
CA LYS F 64 2.07 -18.10 7.10
C LYS F 64 0.95 -18.26 6.06
N GLU F 65 -0.28 -17.96 6.45
CA GLU F 65 -1.37 -18.18 5.54
C GLU F 65 -1.42 -17.04 4.52
N MET F 66 -0.47 -16.08 4.61
CA MET F 66 -0.45 -14.96 3.67
C MET F 66 0.82 -14.92 2.81
N MET F 67 1.78 -15.83 3.07
CA MET F 67 3.11 -15.78 2.44
C MET F 67 3.58 -17.14 1.93
N CYS F 68 2.64 -18.03 1.60
CA CYS F 68 2.92 -19.32 0.93
C CYS F 68 2.77 -19.17 -0.59
N PHE F 69 3.43 -20.03 -1.34
CA PHE F 69 3.08 -20.19 -2.73
C PHE F 69 1.62 -20.63 -2.78
N PRO F 70 0.80 -20.04 -3.69
CA PRO F 70 -0.64 -20.28 -3.69
C PRO F 70 -1.08 -21.74 -3.84
N ASP F 71 -0.16 -22.63 -4.21
CA ASP F 71 -0.51 -24.03 -4.38
C ASP F 71 0.27 -24.93 -3.40
N PHE F 72 0.83 -24.36 -2.34
CA PHE F 72 1.71 -25.10 -1.43
C PHE F 72 1.69 -24.45 -0.05
N PRO F 73 0.64 -24.71 0.76
CA PRO F 73 0.49 -24.12 2.07
C PRO F 73 1.61 -24.55 3.02
N TYR F 74 1.84 -23.77 4.06
CA TYR F 74 2.80 -24.16 5.04
C TYR F 74 2.21 -25.30 5.84
N PRO F 75 3.05 -26.24 6.32
CA PRO F 75 2.56 -27.31 7.18
C PRO F 75 1.64 -26.80 8.29
N ASP F 76 0.71 -27.64 8.73
CA ASP F 76 -0.40 -27.24 9.58
C ASP F 76 0.12 -26.65 10.90
N ASP F 77 1.23 -27.20 11.40
CA ASP F 77 1.73 -26.98 12.78
C ASP F 77 2.74 -25.82 12.77
N PHE F 78 3.11 -25.30 11.58
CA PHE F 78 4.07 -24.19 11.51
C PHE F 78 3.49 -22.97 12.23
N PRO F 79 4.34 -22.17 12.91
CA PRO F 79 3.87 -20.95 13.55
C PRO F 79 3.48 -19.90 12.51
N ASN F 80 2.54 -19.03 12.88
CA ASN F 80 1.99 -18.05 11.96
C ASN F 80 3.07 -17.07 11.48
N PHE F 81 3.99 -16.73 12.39
CA PHE F 81 5.20 -16.00 12.03
C PHE F 81 6.39 -16.85 12.42
N MET F 82 7.37 -16.98 11.52
CA MET F 82 8.36 -18.09 11.57
C MET F 82 9.75 -17.49 11.66
N HIS F 83 10.62 -18.19 12.37
CA HIS F 83 12.07 -17.96 12.33
C HIS F 83 12.57 -18.11 10.91
N ASN F 84 13.64 -17.37 10.58
CA ASN F 84 14.22 -17.39 9.23
C ASN F 84 14.54 -18.85 8.84
N SER F 85 15.07 -19.61 9.78
CA SER F 85 15.39 -21.01 9.50
C SER F 85 14.16 -21.82 9.10
N LYS F 86 13.00 -21.53 9.70
CA LYS F 86 11.76 -22.27 9.38
C LYS F 86 11.38 -22.02 7.91
N LEU F 87 11.56 -20.78 7.44
CA LEU F 87 11.20 -20.42 6.07
C LEU F 87 12.13 -21.12 5.07
N GLN F 88 13.42 -21.16 5.41
CA GLN F 88 14.41 -21.83 4.61
C GLN F 88 14.00 -23.28 4.39
N GLU F 89 13.45 -23.89 5.45
CA GLU F 89 12.98 -25.26 5.45
C GLU F 89 11.83 -25.39 4.44
N TYR F 90 10.92 -24.41 4.43
CA TYR F 90 9.78 -24.40 3.54
C TYR F 90 10.22 -24.21 2.08
N ILE F 91 11.13 -23.25 1.88
CA ILE F 91 11.61 -22.97 0.54
C ILE F 91 12.25 -24.24 -0.01
N THR F 92 13.07 -24.88 0.83
CA THR F 92 13.72 -26.11 0.45
C THR F 92 12.66 -27.16 0.07
N ALA F 93 11.61 -27.26 0.88
CA ALA F 93 10.56 -28.24 0.63
C ALA F 93 9.93 -27.99 -0.73
N PHE F 94 9.75 -26.70 -1.08
CA PHE F 94 9.04 -26.32 -2.29
C PHE F 94 9.88 -26.66 -3.53
N ALA F 95 11.18 -26.38 -3.48
CA ALA F 95 12.08 -26.72 -4.58
C ALA F 95 12.08 -28.23 -4.78
N LYS F 96 12.15 -28.99 -3.69
CA LYS F 96 12.15 -30.44 -3.74
C LYS F 96 10.85 -30.94 -4.39
N GLU F 97 9.72 -30.50 -3.86
CA GLU F 97 8.40 -30.90 -4.35
C GLU F 97 8.24 -30.60 -5.84
N LYS F 98 8.77 -29.47 -6.33
CA LYS F 98 8.47 -29.00 -7.69
C LYS F 98 9.63 -29.31 -8.65
N ASN F 99 10.64 -30.00 -8.11
CA ASN F 99 11.71 -30.59 -8.88
C ASN F 99 12.49 -29.46 -9.59
N LEU F 100 12.84 -28.40 -8.85
CA LEU F 100 13.45 -27.22 -9.45
C LEU F 100 14.99 -27.28 -9.41
N LEU F 101 15.56 -28.14 -8.56
CA LEU F 101 17.01 -28.10 -8.36
C LEU F 101 17.78 -28.55 -9.61
N LYS F 102 17.20 -29.45 -10.41
CA LYS F 102 17.72 -29.86 -11.73
C LYS F 102 18.22 -28.67 -12.55
N TYR F 103 17.48 -27.56 -12.49
CA TYR F 103 17.67 -26.45 -13.42
C TYR F 103 18.60 -25.36 -12.85
N ILE F 104 19.27 -25.64 -11.74
CA ILE F 104 20.10 -24.64 -11.12
C ILE F 104 21.57 -25.05 -11.23
N GLN F 105 22.38 -24.12 -11.74
CA GLN F 105 23.82 -24.25 -11.69
C GLN F 105 24.35 -23.38 -10.56
N PHE F 106 24.79 -24.02 -9.48
CA PHE F 106 25.31 -23.31 -8.32
C PHE F 106 26.74 -22.85 -8.60
N LYS F 107 27.26 -22.02 -7.69
CA LYS F 107 28.60 -21.48 -7.67
C LYS F 107 28.91 -20.72 -8.97
N THR F 108 27.88 -20.38 -9.78
CA THR F 108 28.07 -19.64 -11.02
C THR F 108 27.49 -18.22 -10.93
N LEU F 109 28.39 -17.24 -10.94
CA LEU F 109 28.05 -15.81 -11.01
C LEU F 109 27.65 -15.44 -12.44
N VAL F 110 26.58 -14.66 -12.61
CA VAL F 110 26.29 -14.04 -13.89
C VAL F 110 27.01 -12.68 -13.90
N SER F 111 28.01 -12.56 -14.78
CA SER F 111 28.90 -11.40 -14.82
C SER F 111 28.42 -10.36 -15.83
N SER F 112 27.77 -10.79 -16.93
CA SER F 112 27.09 -9.82 -17.79
C SER F 112 26.02 -10.47 -18.68
N VAL F 113 25.04 -9.63 -19.04
CA VAL F 113 23.86 -9.94 -19.82
C VAL F 113 23.76 -8.84 -20.87
N ASN F 114 23.89 -9.21 -22.15
CA ASN F 114 24.01 -8.23 -23.26
C ASN F 114 23.11 -8.64 -24.42
N LYS F 115 22.37 -7.65 -24.95
CA LYS F 115 21.60 -7.84 -26.16
C LYS F 115 22.49 -8.51 -27.21
N ARG F 116 21.90 -9.45 -27.95
CA ARG F 116 22.59 -10.02 -29.10
C ARG F 116 22.69 -8.93 -30.16
N PRO F 117 23.74 -8.96 -31.03
CA PRO F 117 23.86 -7.95 -32.09
C PRO F 117 22.66 -7.95 -33.07
N ASP F 118 21.87 -9.03 -33.11
CA ASP F 118 20.65 -9.08 -33.96
C ASP F 118 19.38 -8.97 -33.09
N PHE F 119 19.44 -8.18 -32.01
CA PHE F 119 18.42 -8.20 -30.98
C PHE F 119 17.05 -7.74 -31.51
N SER F 120 17.01 -6.83 -32.47
CA SER F 120 15.72 -6.25 -32.85
C SER F 120 14.90 -7.26 -33.66
N VAL F 121 15.51 -8.36 -34.10
CA VAL F 121 14.70 -9.34 -34.86
C VAL F 121 14.64 -10.63 -34.04
N THR F 122 15.71 -10.92 -33.30
CA THR F 122 15.69 -12.16 -32.49
C THR F 122 15.28 -11.83 -31.06
N GLY F 123 15.88 -10.78 -30.49
CA GLY F 123 15.59 -10.46 -29.08
C GLY F 123 16.27 -11.45 -28.17
N GLN F 124 17.40 -12.00 -28.62
CA GLN F 124 18.16 -12.99 -27.85
C GLN F 124 19.19 -12.24 -27.02
N TRP F 125 19.76 -12.93 -26.05
CA TRP F 125 20.66 -12.35 -25.07
C TRP F 125 21.91 -13.19 -24.94
N ASP F 126 23.04 -12.51 -24.70
CA ASP F 126 24.30 -13.14 -24.38
C ASP F 126 24.49 -13.08 -22.86
N VAL F 127 24.44 -14.25 -22.21
CA VAL F 127 24.63 -14.35 -20.78
C VAL F 127 26.03 -14.90 -20.52
N THR F 128 26.84 -14.09 -19.84
CA THR F 128 28.17 -14.46 -19.45
C THR F 128 28.17 -14.89 -17.98
N THR F 129 28.85 -15.99 -17.68
CA THR F 129 28.87 -16.57 -16.35
C THR F 129 30.29 -17.01 -15.97
N GLU F 130 30.79 -16.45 -14.87
CA GLU F 130 32.03 -16.86 -14.17
C GLU F 130 31.72 -18.04 -13.23
N LYS F 131 32.49 -19.12 -13.32
CA LYS F 131 32.17 -20.41 -12.66
C LYS F 131 33.23 -20.77 -11.61
N ASP F 132 34.46 -21.06 -12.05
CA ASP F 132 35.56 -21.38 -11.15
C ASP F 132 36.63 -20.28 -11.20
N GLY F 133 36.22 -19.06 -11.55
CA GLY F 133 37.12 -18.07 -12.11
C GLY F 133 37.19 -18.18 -13.63
N LYS F 134 36.36 -19.06 -14.21
CA LYS F 134 36.36 -19.42 -15.63
C LYS F 134 35.08 -18.89 -16.32
N LYS F 135 35.21 -17.79 -17.10
CA LYS F 135 34.16 -17.17 -17.94
C LYS F 135 33.64 -18.14 -19.01
N GLU F 136 32.34 -18.04 -19.28
CA GLU F 136 31.65 -18.70 -20.36
C GLU F 136 30.56 -17.78 -20.89
N SER F 137 29.93 -18.17 -21.99
CA SER F 137 28.93 -17.37 -22.62
C SER F 137 27.95 -18.29 -23.37
N ALA F 138 26.68 -17.90 -23.41
CA ALA F 138 25.64 -18.69 -24.03
C ALA F 138 24.49 -17.77 -24.43
N VAL F 139 23.72 -18.24 -25.41
CA VAL F 139 22.68 -17.46 -25.97
C VAL F 139 21.38 -17.96 -25.36
N PHE F 140 20.56 -17.01 -24.88
CA PHE F 140 19.26 -17.31 -24.32
C PHE F 140 18.20 -16.47 -25.04
N ASP F 141 16.98 -17.02 -25.08
CA ASP F 141 15.89 -16.39 -25.76
C ASP F 141 15.30 -15.29 -24.85
N ALA F 142 15.28 -15.55 -23.54
CA ALA F 142 14.79 -14.59 -22.53
C ALA F 142 15.65 -14.64 -21.28
N VAL F 143 15.52 -13.58 -20.46
CA VAL F 143 16.20 -13.45 -19.20
C VAL F 143 15.20 -13.01 -18.12
N MET F 144 15.32 -13.61 -16.93
CA MET F 144 14.59 -13.20 -15.73
C MET F 144 15.60 -12.82 -14.64
N ILE F 145 15.55 -11.55 -14.21
CA ILE F 145 16.44 -11.04 -13.19
C ILE F 145 15.77 -11.18 -11.82
N CYS F 146 16.39 -11.97 -10.96
CA CYS F 146 15.85 -12.35 -9.67
C CYS F 146 16.94 -12.17 -8.60
N SER F 147 17.68 -11.04 -8.69
CA SER F 147 18.91 -10.84 -7.92
C SER F 147 18.66 -10.07 -6.61
N GLY F 148 17.39 -9.71 -6.37
CA GLY F 148 16.98 -9.08 -5.12
C GLY F 148 17.33 -7.61 -5.06
N HIS F 149 16.78 -6.92 -4.05
CA HIS F 149 16.96 -5.51 -3.85
C HIS F 149 17.16 -5.12 -2.38
N HIS F 150 17.57 -6.08 -1.53
CA HIS F 150 17.96 -5.82 -0.13
C HIS F 150 19.40 -6.31 0.06
N VAL F 151 20.27 -5.96 -0.89
CA VAL F 151 21.66 -6.41 -0.83
C VAL F 151 22.63 -5.21 -0.78
N TYR F 152 22.47 -4.22 -1.67
CA TYR F 152 23.43 -3.08 -1.71
C TYR F 152 22.99 -2.04 -0.68
N PRO F 153 23.69 -1.92 0.46
CA PRO F 153 23.26 -1.01 1.53
C PRO F 153 23.19 0.46 1.09
N ASN F 154 22.10 1.15 1.43
CA ASN F 154 21.99 2.60 1.35
C ASN F 154 22.64 3.17 2.60
N LEU F 155 23.80 3.82 2.44
CA LEU F 155 24.65 4.17 3.56
C LEU F 155 25.08 5.63 3.45
N PRO F 156 24.19 6.62 3.74
CA PRO F 156 24.55 8.04 3.63
C PRO F 156 25.57 8.47 4.70
N LYS F 157 26.84 8.13 4.46
CA LYS F 157 27.97 8.65 5.24
C LYS F 157 28.17 10.12 4.87
N GLU F 158 28.02 10.45 3.58
CA GLU F 158 28.11 11.76 2.98
C GLU F 158 27.05 12.76 3.49
N SER F 159 26.23 12.35 4.46
CA SER F 159 24.95 13.00 4.77
C SER F 159 24.98 13.60 6.18
N PHE F 160 25.90 13.14 7.06
CA PHE F 160 25.86 13.51 8.46
C PHE F 160 27.15 14.26 8.80
N PRO F 161 27.05 15.60 9.00
CA PRO F 161 28.18 16.41 9.44
C PRO F 161 28.89 15.83 10.67
N GLY F 162 30.17 15.50 10.51
CA GLY F 162 31.06 15.22 11.65
C GLY F 162 31.40 13.75 11.73
N LEU F 163 30.73 12.93 10.91
CA LEU F 163 30.78 11.50 11.07
C LEU F 163 32.21 11.00 10.86
N LYS F 164 32.95 11.68 9.97
CA LYS F 164 34.33 11.32 9.64
C LYS F 164 35.16 11.26 10.92
N HIS F 165 34.86 12.14 11.89
CA HIS F 165 35.61 12.32 13.13
C HIS F 165 35.28 11.25 14.18
N PHE F 166 34.12 10.61 14.07
CA PHE F 166 33.60 9.73 15.13
C PHE F 166 34.57 8.56 15.34
N LYS F 167 34.97 8.33 16.58
CA LYS F 167 36.10 7.47 16.95
C LYS F 167 35.64 6.04 17.28
N GLY F 168 34.33 5.85 17.45
CA GLY F 168 33.77 4.56 17.78
C GLY F 168 33.52 3.74 16.53
N LYS F 169 33.14 2.47 16.71
CA LYS F 169 32.84 1.58 15.58
C LYS F 169 31.46 2.01 15.03
N CYS F 170 31.30 1.87 13.72
CA CYS F 170 30.11 2.33 12.99
C CYS F 170 29.91 1.45 11.76
N PHE F 171 28.71 0.86 11.59
CA PHE F 171 28.43 -0.04 10.45
C PHE F 171 26.91 -0.07 10.15
N HIS F 172 26.56 -0.80 9.09
CA HIS F 172 25.20 -0.83 8.54
C HIS F 172 24.48 -2.11 9.01
N SER F 173 23.14 -2.00 9.11
CA SER F 173 22.24 -3.09 9.51
C SER F 173 22.74 -4.44 8.97
N ARG F 174 23.10 -4.45 7.69
CA ARG F 174 23.64 -5.58 6.95
C ARG F 174 24.62 -6.42 7.78
N ASP F 175 25.48 -5.75 8.56
CA ASP F 175 26.57 -6.42 9.26
C ASP F 175 26.22 -6.73 10.71
N TYR F 176 25.03 -6.36 11.17
CA TYR F 176 24.57 -6.77 12.49
C TYR F 176 24.18 -8.25 12.42
N LYS F 177 24.54 -9.03 13.46
CA LYS F 177 24.21 -10.46 13.46
C LYS F 177 23.67 -10.91 14.82
N GLU F 178 24.45 -10.68 15.87
CA GLU F 178 24.19 -11.15 17.21
C GLU F 178 24.41 -9.99 18.16
N PRO F 179 23.71 -9.94 19.31
CA PRO F 179 23.88 -8.84 20.26
C PRO F 179 24.99 -9.04 21.30
N GLY F 180 25.58 -10.24 21.33
CA GLY F 180 26.59 -10.62 22.32
C GLY F 180 27.60 -9.54 22.64
N ILE F 181 28.29 -9.03 21.60
CA ILE F 181 29.43 -8.13 21.80
C ILE F 181 28.97 -6.74 22.22
N PHE F 182 27.67 -6.53 22.42
CA PHE F 182 27.20 -5.19 22.72
C PHE F 182 26.83 -5.07 24.19
N LYS F 183 27.01 -6.16 24.97
CA LYS F 183 26.64 -6.16 26.36
C LYS F 183 27.19 -4.87 27.01
N GLY F 184 26.29 -4.14 27.65
CA GLY F 184 26.61 -2.94 28.38
C GLY F 184 27.34 -1.91 27.56
N LYS F 185 27.10 -1.87 26.25
CA LYS F 185 27.61 -0.82 25.36
C LYS F 185 26.52 0.22 25.10
N ARG F 186 26.95 1.37 24.58
CA ARG F 186 26.08 2.49 24.28
C ARG F 186 25.92 2.54 22.76
N VAL F 187 24.70 2.27 22.25
CA VAL F 187 24.50 2.11 20.82
C VAL F 187 23.43 3.11 20.33
N LEU F 188 23.76 3.78 19.23
CA LEU F 188 22.83 4.63 18.50
C LEU F 188 22.47 3.91 17.20
N VAL F 189 21.18 3.84 16.92
CA VAL F 189 20.67 3.25 15.70
C VAL F 189 20.03 4.36 14.86
N ILE F 190 20.47 4.49 13.62
CA ILE F 190 19.90 5.46 12.68
C ILE F 190 18.91 4.73 11.81
N GLY F 191 17.66 5.19 11.85
CA GLY F 191 16.62 4.66 11.01
C GLY F 191 15.60 3.87 11.81
N LEU F 192 14.34 4.23 11.60
CA LEU F 192 13.23 3.62 12.27
C LEU F 192 12.48 2.74 11.28
N GLY F 193 13.22 1.91 10.55
CA GLY F 193 12.63 0.82 9.76
C GLY F 193 12.55 -0.44 10.62
N ASN F 194 12.16 -1.53 9.98
CA ASN F 194 11.96 -2.81 10.66
C ASN F 194 13.30 -3.40 11.10
N SER F 195 14.38 -3.10 10.35
CA SER F 195 15.72 -3.51 10.79
C SER F 195 16.11 -2.71 12.02
N GLY F 196 15.97 -1.39 11.92
CA GLY F 196 16.32 -0.50 12.98
C GLY F 196 15.63 -0.93 14.27
N CYS F 197 14.33 -1.17 14.20
CA CYS F 197 13.55 -1.43 15.36
C CYS F 197 13.89 -2.82 15.92
N ASP F 198 14.06 -3.83 15.05
CA ASP F 198 14.46 -5.17 15.52
C ASP F 198 15.80 -5.09 16.26
N ILE F 199 16.78 -4.44 15.65
CA ILE F 199 18.12 -4.38 16.18
C ILE F 199 18.11 -3.57 17.49
N ALA F 200 17.33 -2.49 17.52
CA ALA F 200 17.29 -1.65 18.69
C ALA F 200 16.70 -2.45 19.87
N THR F 201 15.56 -3.13 19.65
CA THR F 201 14.85 -3.82 20.72
C THR F 201 15.70 -5.00 21.20
N GLU F 202 16.27 -5.77 20.27
CA GLU F 202 17.19 -6.86 20.65
C GLU F 202 18.35 -6.33 21.50
N LEU F 203 18.97 -5.23 21.08
CA LEU F 203 20.10 -4.69 21.83
C LEU F 203 19.64 -4.21 23.22
N SER F 204 18.40 -3.74 23.29
CA SER F 204 17.90 -3.09 24.48
C SER F 204 17.85 -4.08 25.66
N HIS F 205 18.15 -5.36 25.42
CA HIS F 205 18.08 -6.37 26.47
C HIS F 205 19.44 -6.58 27.15
N THR F 206 20.49 -5.89 26.70
CA THR F 206 21.83 -6.24 27.12
C THR F 206 22.76 -5.03 27.03
N ALA F 207 22.45 -4.09 26.14
CA ALA F 207 23.19 -2.84 26.02
C ALA F 207 22.93 -1.95 27.24
N GLU F 208 23.84 -0.99 27.46
CA GLU F 208 23.72 -0.03 28.56
C GLU F 208 22.63 1.00 28.22
N LYS F 209 22.72 1.59 27.03
CA LYS F 209 21.71 2.50 26.51
C LYS F 209 21.58 2.30 24.99
N VAL F 210 20.35 2.49 24.50
CA VAL F 210 20.00 2.34 23.09
C VAL F 210 19.09 3.50 22.69
N ILE F 211 19.44 4.14 21.58
CA ILE F 211 18.60 5.18 21.03
C ILE F 211 18.35 4.89 19.56
N ILE F 212 17.13 5.18 19.10
CA ILE F 212 16.84 5.19 17.67
C ILE F 212 16.61 6.63 17.26
N SER F 213 17.32 7.06 16.21
CA SER F 213 17.17 8.38 15.60
C SER F 213 16.29 8.26 14.35
N SER F 214 15.20 9.05 14.31
CA SER F 214 14.28 8.98 13.18
C SER F 214 14.05 10.37 12.58
N ARG F 215 14.29 10.49 11.26
CA ARG F 215 13.87 11.65 10.48
C ARG F 215 12.37 11.91 10.67
N SER F 216 11.58 10.93 10.21
CA SER F 216 10.19 11.15 9.89
C SER F 216 9.24 10.33 10.77
N GLY F 217 9.78 9.49 11.66
CA GLY F 217 8.96 8.62 12.45
C GLY F 217 8.25 7.59 11.57
N SER F 218 7.37 6.80 12.21
CA SER F 218 6.70 5.70 11.56
C SER F 218 5.57 5.18 12.42
N TRP F 219 4.48 4.82 11.77
CA TRP F 219 3.47 3.99 12.39
C TRP F 219 4.06 2.62 12.77
N VAL F 220 3.61 2.09 13.89
CA VAL F 220 4.08 0.82 14.40
C VAL F 220 2.89 -0.12 14.66
N MET F 221 2.80 -1.18 13.86
CA MET F 221 1.86 -2.27 14.03
C MET F 221 2.59 -3.44 14.68
N SER F 222 1.87 -4.53 14.92
CA SER F 222 2.42 -5.72 15.59
C SER F 222 1.89 -6.96 14.89
N ARG F 223 2.64 -8.05 15.00
CA ARG F 223 2.21 -9.31 14.48
C ARG F 223 0.87 -9.69 15.13
N VAL F 224 0.78 -9.46 16.44
CA VAL F 224 -0.42 -9.77 17.19
C VAL F 224 -1.40 -8.61 17.01
N TRP F 225 -2.43 -8.81 16.21
CA TRP F 225 -3.36 -7.75 15.89
C TRP F 225 -4.69 -7.98 16.61
N ASP F 226 -5.80 -7.49 16.05
CA ASP F 226 -7.12 -7.55 16.68
C ASP F 226 -7.42 -9.00 17.09
N ASP F 227 -7.73 -9.20 18.38
CA ASP F 227 -8.21 -10.48 18.94
C ASP F 227 -7.11 -11.55 18.86
N GLY F 228 -5.86 -11.09 18.71
CA GLY F 228 -4.66 -11.96 18.64
C GLY F 228 -4.51 -12.64 17.28
N TYR F 229 -5.21 -12.12 16.27
CA TYR F 229 -5.06 -12.66 14.95
C TYR F 229 -3.89 -11.99 14.23
N PRO F 230 -3.24 -12.67 13.29
CA PRO F 230 -2.14 -12.05 12.54
C PRO F 230 -2.68 -10.80 11.81
N TRP F 231 -1.91 -9.71 11.85
CA TRP F 231 -2.33 -8.44 11.31
C TRP F 231 -2.75 -8.59 9.86
N ASP F 232 -1.94 -9.28 9.06
CA ASP F 232 -2.14 -9.19 7.63
C ASP F 232 -3.41 -9.96 7.21
N MET F 233 -3.81 -10.98 7.97
CA MET F 233 -5.03 -11.74 7.66
C MET F 233 -6.28 -10.89 7.92
N LEU F 234 -6.14 -9.81 8.69
CA LEU F 234 -7.25 -8.91 9.00
C LEU F 234 -7.16 -7.63 8.18
N PHE F 235 -5.94 -7.18 7.89
CA PHE F 235 -5.71 -5.84 7.35
C PHE F 235 -5.77 -5.83 5.81
N ILE F 236 -5.41 -6.96 5.18
CA ILE F 236 -5.33 -7.09 3.74
C ILE F 236 -6.51 -7.90 3.22
N THR F 237 -7.55 -7.19 2.78
CA THR F 237 -8.84 -7.77 2.47
C THR F 237 -9.42 -7.01 1.27
N ARG F 238 -10.06 -7.72 0.35
CA ARG F 238 -10.62 -7.04 -0.84
C ARG F 238 -11.59 -5.95 -0.41
N PHE F 239 -12.39 -6.23 0.61
CA PHE F 239 -13.36 -5.29 1.11
C PHE F 239 -12.63 -4.08 1.72
N GLU F 240 -11.56 -4.32 2.47
CA GLU F 240 -10.85 -3.26 3.15
C GLU F 240 -10.19 -2.37 2.08
N THR F 241 -9.72 -3.01 0.99
CA THR F 241 -9.07 -2.31 -0.10
C THR F 241 -10.12 -1.50 -0.85
N PHE F 242 -11.28 -2.11 -1.10
CA PHE F 242 -12.42 -1.42 -1.68
C PHE F 242 -12.73 -0.11 -0.94
N LEU F 243 -12.76 -0.14 0.40
CA LEU F 243 -13.07 1.04 1.18
C LEU F 243 -11.99 2.10 0.99
N LYS F 244 -10.73 1.74 1.19
CA LYS F 244 -9.67 2.76 1.21
C LYS F 244 -9.45 3.28 -0.22
N ASN F 245 -9.88 2.51 -1.22
CA ASN F 245 -9.81 2.93 -2.63
C ASN F 245 -10.95 3.89 -2.98
N SER F 246 -12.16 3.64 -2.51
CA SER F 246 -13.33 4.37 -2.95
C SER F 246 -14.05 5.02 -1.76
N LEU F 247 -13.30 5.74 -0.93
CA LEU F 247 -13.84 6.69 0.03
C LEU F 247 -13.22 8.05 -0.28
N PRO F 248 -13.92 9.16 0.00
CA PRO F 248 -13.27 10.47 0.01
C PRO F 248 -11.92 10.35 0.73
N THR F 249 -10.84 10.81 0.12
CA THR F 249 -9.50 10.47 0.63
C THR F 249 -9.23 11.12 2.00
N ALA F 250 -10.06 12.07 2.42
CA ALA F 250 -9.93 12.68 3.73
C ALA F 250 -10.55 11.79 4.80
N ILE F 251 -11.64 11.08 4.45
CA ILE F 251 -12.27 10.09 5.32
C ILE F 251 -11.32 8.90 5.46
N SER F 252 -10.80 8.43 4.34
CA SER F 252 -9.90 7.28 4.30
C SER F 252 -8.61 7.60 5.08
N ASP F 253 -8.04 8.79 4.85
CA ASP F 253 -6.81 9.16 5.54
C ASP F 253 -7.06 9.21 7.05
N TRP F 254 -8.24 9.68 7.44
CA TRP F 254 -8.67 9.71 8.83
C TRP F 254 -8.73 8.27 9.38
N TRP F 255 -9.43 7.37 8.66
CA TRP F 255 -9.65 5.98 9.07
C TRP F 255 -8.28 5.30 9.29
N TYR F 256 -7.33 5.51 8.37
CA TYR F 256 -5.99 4.84 8.43
C TYR F 256 -5.28 5.28 9.72
N MET F 257 -5.23 6.58 9.99
CA MET F 257 -4.51 7.10 11.14
C MET F 257 -5.17 6.65 12.46
N LYS F 258 -6.49 6.48 12.45
CA LYS F 258 -7.23 6.03 13.63
C LYS F 258 -6.71 4.64 13.99
N GLN F 259 -6.66 3.74 13.00
CA GLN F 259 -6.23 2.34 13.17
C GLN F 259 -4.79 2.32 13.70
N MET F 260 -3.89 3.03 13.02
CA MET F 260 -2.50 2.97 13.35
C MET F 260 -2.26 3.52 14.77
N ASN F 261 -3.07 4.51 15.21
CA ASN F 261 -2.77 5.13 16.48
C ASN F 261 -3.65 4.58 17.62
N ALA F 262 -4.37 3.49 17.38
CA ALA F 262 -5.34 2.97 18.36
C ALA F 262 -4.68 2.28 19.55
N ARG F 263 -3.68 1.41 19.33
CA ARG F 263 -3.10 0.65 20.43
C ARG F 263 -2.37 1.55 21.42
N PHE F 264 -1.50 2.39 20.92
CA PHE F 264 -0.79 3.34 21.78
C PHE F 264 -0.57 4.66 21.01
N LYS F 265 -0.52 5.75 21.76
CA LYS F 265 -0.40 7.07 21.23
C LYS F 265 1.06 7.30 20.81
N HIS F 266 1.31 7.20 19.49
CA HIS F 266 2.63 7.40 18.91
C HIS F 266 3.25 8.74 19.35
N GLU F 267 2.40 9.75 19.57
CA GLU F 267 2.80 11.08 20.03
C GLU F 267 3.61 10.98 21.32
N ASN F 268 3.10 10.16 22.26
CA ASN F 268 3.66 10.02 23.59
C ASN F 268 4.92 9.15 23.58
N TYR F 269 5.09 8.31 22.55
CA TYR F 269 6.21 7.36 22.49
C TYR F 269 7.35 7.87 21.59
N GLY F 270 7.09 8.98 20.88
CA GLY F 270 8.08 9.67 20.05
C GLY F 270 8.20 9.02 18.68
N LEU F 271 7.13 8.38 18.22
CA LEU F 271 7.15 7.62 16.99
C LEU F 271 6.27 8.28 15.94
N MET F 272 5.50 9.29 16.34
CA MET F 272 4.49 9.89 15.49
C MET F 272 5.13 10.30 14.18
N PRO F 273 4.67 9.79 13.02
CA PRO F 273 5.20 10.23 11.73
C PRO F 273 4.92 11.71 11.43
N LEU F 274 5.91 12.39 10.83
CA LEU F 274 5.76 13.74 10.29
C LEU F 274 4.47 13.88 9.46
N ASN F 275 4.22 12.92 8.57
CA ASN F 275 3.03 12.92 7.74
C ASN F 275 2.35 11.54 7.83
N GLY F 276 1.37 11.46 8.73
CA GLY F 276 0.70 10.23 9.04
C GLY F 276 -0.28 9.78 7.98
N THR F 277 -0.49 10.55 6.92
CA THR F 277 -1.43 10.10 5.87
C THR F 277 -0.71 9.20 4.87
N LEU F 278 0.61 9.27 4.85
CA LEU F 278 1.42 8.48 3.95
C LEU F 278 1.25 7.02 4.30
N ARG F 279 0.92 6.21 3.28
CA ARG F 279 0.71 4.77 3.41
C ARG F 279 2.05 4.04 3.19
N LYS F 280 3.12 4.62 3.72
CA LYS F 280 4.44 4.03 3.76
C LYS F 280 4.39 2.74 4.55
N GLU F 281 5.27 1.80 4.23
CA GLU F 281 5.25 0.51 4.91
C GLU F 281 5.46 0.76 6.39
N PRO F 282 4.58 0.27 7.27
CA PRO F 282 4.74 0.49 8.70
C PRO F 282 5.84 -0.39 9.28
N VAL F 283 6.21 -0.09 10.51
CA VAL F 283 7.03 -0.95 11.31
C VAL F 283 6.13 -2.05 11.87
N PHE F 284 6.61 -3.30 11.76
CA PHE F 284 5.99 -4.42 12.42
C PHE F 284 6.94 -4.89 13.53
N ASN F 285 6.54 -4.62 14.78
CA ASN F 285 7.37 -4.82 15.91
C ASN F 285 6.53 -4.90 17.19
N ASP F 286 6.65 -6.03 17.88
CA ASP F 286 5.81 -6.36 18.99
C ASP F 286 6.41 -5.80 20.28
N GLU F 287 7.75 -5.74 20.35
CA GLU F 287 8.49 -5.38 21.54
C GLU F 287 8.56 -3.86 21.78
N LEU F 288 8.46 -3.04 20.74
CA LEU F 288 9.06 -1.69 20.82
C LEU F 288 8.34 -0.86 21.89
N PRO F 289 6.99 -0.79 21.92
CA PRO F 289 6.32 0.04 22.92
C PRO F 289 6.78 -0.30 24.34
N ALA F 290 6.78 -1.59 24.68
CA ALA F 290 7.17 -2.00 26.04
C ALA F 290 8.63 -1.59 26.29
N ARG F 291 9.51 -1.78 25.32
CA ARG F 291 10.91 -1.41 25.50
C ARG F 291 11.03 0.09 25.74
N ILE F 292 10.16 0.88 25.08
CA ILE F 292 10.19 2.33 25.26
C ILE F 292 9.66 2.67 26.64
N LEU F 293 8.55 2.04 27.03
CA LEU F 293 7.88 2.37 28.26
C LEU F 293 8.72 1.95 29.48
N CYS F 294 9.56 0.93 29.29
CA CYS F 294 10.48 0.45 30.31
C CYS F 294 11.80 1.24 30.27
N GLY F 295 11.93 2.18 29.35
CA GLY F 295 13.09 3.08 29.30
C GLY F 295 14.37 2.37 28.88
N THR F 296 14.26 1.36 28.02
CA THR F 296 15.42 0.64 27.47
C THR F 296 15.69 1.09 26.02
N VAL F 297 14.76 1.85 25.45
CA VAL F 297 14.88 2.40 24.12
C VAL F 297 14.18 3.74 24.15
N SER F 298 14.83 4.78 23.63
CA SER F 298 14.11 6.00 23.38
C SER F 298 14.36 6.48 21.95
N ILE F 299 13.36 7.16 21.41
CA ILE F 299 13.38 7.65 20.06
C ILE F 299 13.79 9.12 20.14
N LYS F 300 14.75 9.51 19.28
CA LYS F 300 15.15 10.89 19.15
C LYS F 300 14.98 11.36 17.71
N PRO F 301 15.05 12.68 17.43
CA PRO F 301 14.95 13.17 16.07
C PRO F 301 16.24 12.84 15.30
N ASN F 302 16.38 13.41 14.09
CA ASN F 302 17.53 13.11 13.25
C ASN F 302 18.78 13.69 13.91
N VAL F 303 19.94 13.08 13.60
CA VAL F 303 21.20 13.56 14.09
C VAL F 303 21.61 14.80 13.29
N LYS F 304 22.02 15.85 14.00
CA LYS F 304 22.44 17.14 13.41
C LYS F 304 23.94 17.09 13.10
N GLU F 305 24.74 16.53 14.01
CA GLU F 305 26.16 16.62 14.01
C GLU F 305 26.75 15.49 14.88
N PHE F 306 27.81 14.85 14.40
CA PHE F 306 28.62 13.97 15.23
C PHE F 306 29.88 14.70 15.71
N THR F 307 30.38 14.29 16.88
CA THR F 307 31.68 14.67 17.40
C THR F 307 32.56 13.43 17.39
N GLU F 308 33.70 13.51 18.10
CA GLU F 308 34.62 12.37 18.23
C GLU F 308 33.92 11.23 18.97
N THR F 309 33.03 11.58 19.90
CA THR F 309 32.52 10.67 20.90
C THR F 309 30.98 10.74 21.04
N SER F 310 30.35 11.77 20.45
CA SER F 310 28.96 12.14 20.74
C SER F 310 28.15 12.22 19.45
N ALA F 311 26.82 12.24 19.62
CA ALA F 311 25.90 12.66 18.59
C ALA F 311 25.02 13.76 19.20
N ILE F 312 24.73 14.80 18.42
CA ILE F 312 23.81 15.80 18.86
C ILE F 312 22.65 15.84 17.86
N PHE F 313 21.44 15.87 18.41
CA PHE F 313 20.24 15.73 17.65
C PHE F 313 19.66 17.11 17.37
N GLU F 314 18.77 17.16 16.37
CA GLU F 314 18.14 18.35 15.84
C GLU F 314 17.45 19.17 16.92
N ASP F 315 17.13 18.57 18.06
CA ASP F 315 16.40 19.26 19.12
C ASP F 315 17.38 19.76 20.18
N GLY F 316 18.69 19.55 19.96
CA GLY F 316 19.71 20.07 20.84
C GLY F 316 20.31 19.04 21.78
N THR F 317 19.57 17.97 22.11
CA THR F 317 20.02 17.00 23.09
C THR F 317 21.23 16.23 22.55
N VAL F 318 21.87 15.46 23.44
CA VAL F 318 23.14 14.81 23.12
C VAL F 318 23.18 13.38 23.70
N PHE F 319 23.73 12.47 22.89
CA PHE F 319 24.01 11.13 23.31
C PHE F 319 25.53 11.01 23.49
N GLU F 320 25.98 11.05 24.74
CA GLU F 320 27.39 11.06 25.06
C GLU F 320 27.95 9.65 25.01
N ALA F 321 29.25 9.56 24.70
CA ALA F 321 30.08 8.37 24.92
C ALA F 321 29.53 7.16 24.15
N ILE F 322 29.14 7.40 22.89
CA ILE F 322 28.58 6.38 22.03
C ILE F 322 29.69 5.39 21.67
N ASP F 323 29.44 4.11 21.90
CA ASP F 323 30.37 3.05 21.55
C ASP F 323 30.21 2.66 20.07
N CYS F 324 29.02 2.79 19.52
CA CYS F 324 28.72 2.14 18.25
C CYS F 324 27.49 2.78 17.60
N VAL F 325 27.60 3.06 16.29
CA VAL F 325 26.48 3.55 15.52
C VAL F 325 26.10 2.52 14.47
N ILE F 326 24.83 2.14 14.43
CA ILE F 326 24.31 1.21 13.45
C ILE F 326 23.44 2.00 12.47
N PHE F 327 23.79 1.94 11.18
CA PHE F 327 22.99 2.56 10.14
C PHE F 327 21.99 1.54 9.61
N ALA F 328 20.73 1.73 10.03
CA ALA F 328 19.65 0.88 9.62
C ALA F 328 18.83 1.64 8.60
N THR F 329 19.54 2.05 7.54
CA THR F 329 19.04 3.06 6.61
C THR F 329 18.63 2.43 5.27
N GLY F 330 18.35 1.12 5.27
CA GLY F 330 17.77 0.47 4.08
C GLY F 330 18.79 0.16 3.00
N TYR F 331 18.29 -0.03 1.78
CA TYR F 331 19.03 -0.63 0.65
C TYR F 331 18.70 0.13 -0.65
N GLY F 332 19.64 0.15 -1.59
CA GLY F 332 19.37 0.41 -3.01
C GLY F 332 19.41 -0.89 -3.80
N TYR F 333 19.45 -0.74 -5.13
CA TYR F 333 19.54 -1.87 -6.03
C TYR F 333 20.29 -1.47 -7.32
N ALA F 334 20.81 -2.47 -8.04
CA ALA F 334 21.99 -2.26 -8.87
C ALA F 334 21.89 -2.93 -10.24
N TYR F 335 22.09 -4.24 -10.31
CA TYR F 335 22.28 -4.91 -11.63
C TYR F 335 23.63 -4.50 -12.25
N PRO F 336 24.78 -4.90 -11.67
CA PRO F 336 26.09 -4.61 -12.26
C PRO F 336 26.34 -5.31 -13.61
N PHE F 337 25.54 -6.32 -13.92
CA PHE F 337 25.74 -7.18 -15.10
C PHE F 337 24.93 -6.67 -16.29
N LEU F 338 24.34 -5.47 -16.16
CA LEU F 338 23.42 -4.96 -17.17
C LEU F 338 23.69 -3.47 -17.40
N ASP F 339 23.57 -3.03 -18.65
CA ASP F 339 23.64 -1.63 -18.96
C ASP F 339 22.51 -0.91 -18.22
N ASP F 340 22.86 0.22 -17.60
CA ASP F 340 21.96 1.05 -16.84
C ASP F 340 20.79 1.50 -17.72
N SER F 341 21.03 1.69 -19.02
CA SER F 341 20.04 2.24 -19.94
C SER F 341 18.81 1.34 -20.09
N ILE F 342 18.92 0.05 -19.77
CA ILE F 342 17.81 -0.93 -19.96
C ILE F 342 16.71 -0.71 -18.91
N ILE F 343 17.12 -0.67 -17.63
CA ILE F 343 16.21 -0.58 -16.51
C ILE F 343 15.89 0.90 -16.25
N LYS F 344 16.94 1.71 -16.18
CA LYS F 344 16.86 3.15 -15.94
C LYS F 344 16.84 3.87 -17.29
N SER F 345 15.77 3.67 -18.07
CA SER F 345 15.72 4.05 -19.49
C SER F 345 15.02 5.39 -19.69
N ARG F 346 15.30 6.35 -18.80
CA ARG F 346 14.55 7.60 -18.71
C ARG F 346 14.83 8.28 -17.37
N ASN F 347 15.18 9.56 -17.40
CA ASN F 347 15.28 10.42 -16.21
C ASN F 347 16.31 9.82 -15.23
N ASN F 348 17.22 8.98 -15.73
CA ASN F 348 18.20 8.30 -14.88
C ASN F 348 17.49 7.65 -13.69
N GLU F 349 16.37 6.94 -14.00
CA GLU F 349 15.34 6.53 -13.01
C GLU F 349 14.67 5.23 -13.47
N VAL F 350 14.51 4.28 -12.54
CA VAL F 350 14.02 2.92 -12.81
C VAL F 350 12.63 2.99 -13.47
N THR F 351 12.51 2.55 -14.72
CA THR F 351 11.24 2.60 -15.47
C THR F 351 10.93 1.22 -16.04
N LEU F 352 9.99 0.55 -15.38
CA LEU F 352 9.56 -0.79 -15.68
C LEU F 352 8.02 -0.86 -15.66
N PHE F 353 7.44 -1.43 -16.71
CA PHE F 353 6.02 -1.68 -16.78
C PHE F 353 5.64 -2.75 -15.74
N LYS F 354 4.77 -2.34 -14.80
CA LYS F 354 4.30 -3.17 -13.67
C LYS F 354 5.49 -3.69 -12.85
N GLY F 355 6.59 -2.94 -12.87
CA GLY F 355 7.79 -3.25 -12.11
C GLY F 355 8.58 -4.40 -12.70
N ILE F 356 8.16 -4.89 -13.89
CA ILE F 356 8.68 -6.13 -14.43
C ILE F 356 9.39 -5.90 -15.77
N PHE F 357 8.67 -5.41 -16.78
CA PHE F 357 9.17 -5.37 -18.18
C PHE F 357 9.69 -3.99 -18.53
N PRO F 358 10.95 -3.84 -18.99
CA PRO F 358 11.45 -2.55 -19.45
C PRO F 358 10.72 -2.27 -20.76
N PRO F 359 9.95 -1.17 -20.85
CA PRO F 359 9.26 -0.85 -22.09
C PRO F 359 10.40 -0.27 -22.94
N LEU F 360 10.14 -0.01 -24.23
CA LEU F 360 11.20 0.46 -25.15
C LEU F 360 12.02 -0.73 -25.66
N LEU F 361 12.02 -1.82 -24.90
CA LEU F 361 12.74 -3.00 -25.34
C LEU F 361 12.02 -3.53 -26.57
N GLU F 362 12.80 -3.74 -27.63
CA GLU F 362 12.27 -4.04 -28.96
C GLU F 362 11.42 -5.31 -28.86
N LYS F 363 11.93 -6.35 -28.19
CA LYS F 363 11.18 -7.57 -27.90
C LYS F 363 11.05 -7.77 -26.39
N PRO F 364 9.89 -8.27 -25.90
CA PRO F 364 9.67 -8.43 -24.47
C PRO F 364 10.28 -9.74 -23.96
N THR F 365 11.59 -9.71 -23.73
CA THR F 365 12.31 -10.93 -23.37
C THR F 365 13.21 -10.71 -22.15
N LEU F 366 12.97 -9.61 -21.41
CA LEU F 366 13.62 -9.42 -20.13
C LEU F 366 12.56 -9.01 -19.10
N ALA F 367 12.60 -9.70 -17.96
CA ALA F 367 11.68 -9.51 -16.86
C ALA F 367 12.47 -9.37 -15.57
N VAL F 368 12.09 -8.37 -14.76
CA VAL F 368 12.59 -8.21 -13.41
C VAL F 368 11.53 -8.78 -12.46
N ILE F 369 11.94 -9.77 -11.65
CA ILE F 369 11.05 -10.41 -10.71
C ILE F 369 11.43 -10.02 -9.29
N GLY F 370 10.46 -9.44 -8.57
CA GLY F 370 10.55 -9.24 -7.13
C GLY F 370 11.01 -7.85 -6.75
N LEU F 371 10.92 -6.89 -7.66
CA LEU F 371 11.30 -5.53 -7.38
C LEU F 371 10.02 -4.76 -7.09
N VAL F 372 9.31 -5.20 -6.07
CA VAL F 372 8.01 -4.68 -5.77
C VAL F 372 7.73 -4.94 -4.29
N GLN F 373 7.20 -3.96 -3.59
CA GLN F 373 6.96 -4.06 -2.18
C GLN F 373 5.50 -3.66 -1.95
N SER F 374 4.82 -4.41 -1.07
CA SER F 374 3.48 -4.04 -0.58
C SER F 374 3.32 -4.54 0.85
N LEU F 375 2.11 -4.44 1.40
CA LEU F 375 1.71 -5.09 2.64
C LEU F 375 1.67 -6.62 2.44
N GLY F 376 1.43 -7.01 1.18
CA GLY F 376 1.48 -8.37 0.76
C GLY F 376 2.89 -8.90 0.80
N ALA F 377 3.01 -10.24 0.70
CA ALA F 377 4.28 -10.92 0.84
C ALA F 377 4.94 -11.14 -0.51
N THR F 378 6.26 -11.25 -0.50
CA THR F 378 7.01 -11.38 -1.74
C THR F 378 6.66 -12.69 -2.44
N ILE F 379 6.66 -13.78 -1.68
CA ILE F 379 6.45 -15.10 -2.26
C ILE F 379 5.22 -15.08 -3.18
N PRO F 380 4.00 -14.79 -2.68
CA PRO F 380 2.82 -14.79 -3.53
C PRO F 380 2.90 -13.78 -4.67
N THR F 381 3.54 -12.64 -4.42
CA THR F 381 3.65 -11.60 -5.41
C THR F 381 4.48 -12.09 -6.59
N THR F 382 5.67 -12.64 -6.31
CA THR F 382 6.56 -13.10 -7.32
C THR F 382 5.99 -14.31 -8.06
N ASP F 383 5.22 -15.15 -7.38
CA ASP F 383 4.62 -16.28 -8.04
C ASP F 383 3.78 -15.76 -9.20
N LEU F 384 3.01 -14.69 -8.96
CA LEU F 384 2.16 -14.11 -10.00
C LEU F 384 3.01 -13.43 -11.08
N GLN F 385 4.00 -12.63 -10.68
CA GLN F 385 4.88 -11.94 -11.61
C GLN F 385 5.47 -12.96 -12.60
N ALA F 386 6.01 -14.04 -12.05
CA ALA F 386 6.65 -15.07 -12.85
C ALA F 386 5.67 -15.73 -13.81
N ARG F 387 4.44 -16.00 -13.35
CA ARG F 387 3.44 -16.63 -14.20
C ARG F 387 3.23 -15.80 -15.48
N TRP F 388 3.16 -14.48 -15.31
CA TRP F 388 2.90 -13.55 -16.38
C TRP F 388 4.10 -13.46 -17.34
N ALA F 389 5.28 -13.24 -16.77
CA ALA F 389 6.50 -13.14 -17.55
C ALA F 389 6.69 -14.43 -18.37
N ALA F 390 6.38 -15.58 -17.77
CA ALA F 390 6.58 -16.86 -18.41
C ALA F 390 5.68 -16.96 -19.63
N LYS F 391 4.43 -16.49 -19.46
CA LYS F 391 3.44 -16.50 -20.52
C LYS F 391 3.85 -15.50 -21.61
N VAL F 392 4.38 -14.35 -21.25
CA VAL F 392 4.85 -13.38 -22.23
C VAL F 392 5.99 -14.01 -23.06
N PHE F 393 6.91 -14.71 -22.38
CA PHE F 393 8.02 -15.34 -23.06
C PHE F 393 7.54 -16.43 -24.03
N ALA F 394 6.46 -17.14 -23.70
CA ALA F 394 5.97 -18.26 -24.51
C ALA F 394 4.97 -17.76 -25.57
N ASN F 395 4.85 -16.43 -25.72
CA ASN F 395 3.92 -15.76 -26.64
C ASN F 395 2.48 -16.25 -26.45
N SER F 396 2.16 -16.61 -25.21
CA SER F 396 0.82 -16.93 -24.76
C SER F 396 0.09 -15.63 -24.33
N CYS F 397 0.84 -14.64 -23.84
CA CYS F 397 0.34 -13.28 -23.59
C CYS F 397 1.22 -12.30 -24.37
N THR F 398 0.74 -11.08 -24.60
CA THR F 398 1.57 -10.02 -25.23
C THR F 398 1.38 -8.69 -24.47
N LEU F 399 2.44 -7.89 -24.43
CA LEU F 399 2.42 -6.60 -23.75
C LEU F 399 1.54 -5.63 -24.51
N PRO F 400 1.05 -4.55 -23.87
CA PRO F 400 0.44 -3.45 -24.60
C PRO F 400 1.53 -2.67 -25.36
N THR F 401 1.14 -1.57 -25.99
CA THR F 401 2.01 -0.82 -26.86
C THR F 401 3.02 -0.07 -25.99
N THR F 402 4.06 0.46 -26.62
CA THR F 402 5.17 1.00 -25.87
C THR F 402 4.75 2.25 -25.11
N ASN F 403 3.92 3.11 -25.69
CA ASN F 403 3.55 4.31 -24.90
C ASN F 403 2.27 4.06 -24.11
N GLU F 404 1.53 2.98 -24.42
CA GLU F 404 0.48 2.51 -23.51
C GLU F 404 1.12 2.19 -22.15
N MET F 405 2.28 1.54 -22.20
CA MET F 405 3.04 1.11 -21.03
C MET F 405 3.63 2.33 -20.30
N MET F 406 4.19 3.28 -21.06
CA MET F 406 4.77 4.48 -20.49
C MET F 406 3.69 5.33 -19.82
N ASP F 407 2.49 5.35 -20.40
CA ASP F 407 1.38 6.07 -19.83
C ASP F 407 1.08 5.50 -18.44
N ASP F 408 0.93 4.17 -18.39
CA ASP F 408 0.69 3.44 -17.13
C ASP F 408 1.79 3.79 -16.12
N ILE F 409 3.05 3.76 -16.53
CA ILE F 409 4.17 4.05 -15.64
C ILE F 409 4.05 5.48 -15.10
N ASP F 410 3.71 6.44 -15.98
CA ASP F 410 3.56 7.85 -15.59
C ASP F 410 2.43 7.96 -14.55
N GLU F 411 1.29 7.31 -14.80
CA GLU F 411 0.12 7.40 -13.95
C GLU F 411 0.46 6.80 -12.58
N LYS F 412 1.20 5.67 -12.58
CA LYS F 412 1.54 4.93 -11.36
C LYS F 412 2.48 5.79 -10.51
N MET F 413 3.46 6.44 -11.14
CA MET F 413 4.42 7.30 -10.45
C MET F 413 3.69 8.46 -9.77
N GLY F 414 2.55 8.87 -10.32
CA GLY F 414 1.75 9.95 -9.76
C GLY F 414 1.01 9.52 -8.53
N LYS F 415 0.34 8.36 -8.65
CA LYS F 415 -0.33 7.66 -7.56
C LYS F 415 0.68 7.43 -6.41
N LYS F 416 1.89 7.00 -6.75
CA LYS F 416 2.93 6.68 -5.77
C LYS F 416 3.30 7.94 -4.99
N LEU F 417 3.40 9.09 -5.66
CA LEU F 417 3.76 10.34 -5.01
C LEU F 417 2.63 10.75 -4.06
N LYS F 418 1.39 10.54 -4.49
CA LYS F 418 0.21 10.87 -3.72
C LYS F 418 0.17 10.01 -2.45
N TRP F 419 0.28 8.69 -2.60
CA TRP F 419 0.04 7.74 -1.52
C TRP F 419 1.26 7.57 -0.60
N PHE F 420 2.49 7.69 -1.14
CA PHE F 420 3.66 7.33 -0.37
C PHE F 420 4.63 8.52 -0.24
N GLY F 421 4.44 9.58 -1.03
CA GLY F 421 5.29 10.80 -0.97
C GLY F 421 6.59 10.65 -1.74
N GLN F 422 6.61 9.72 -2.69
CA GLN F 422 7.76 9.32 -3.48
C GLN F 422 7.20 8.70 -4.77
N SER F 423 7.67 9.15 -5.93
CA SER F 423 7.29 8.45 -7.16
C SER F 423 8.19 7.23 -7.38
N GLN F 424 9.33 7.20 -6.68
CA GLN F 424 10.40 6.25 -6.94
C GLN F 424 10.33 5.02 -6.03
N THR F 425 9.42 5.03 -5.05
CA THR F 425 9.27 3.92 -4.12
C THR F 425 8.90 2.63 -4.87
N LEU F 426 9.22 1.50 -4.23
CA LEU F 426 8.79 0.22 -4.70
C LEU F 426 7.39 -0.10 -4.18
N GLN F 427 6.89 0.68 -3.22
CA GLN F 427 5.57 0.45 -2.59
C GLN F 427 4.47 0.54 -3.65
N THR F 428 3.47 -0.32 -3.52
CA THR F 428 2.25 -0.31 -4.31
C THR F 428 1.17 -0.99 -3.48
N ASP F 429 -0.09 -0.82 -3.87
CA ASP F 429 -1.19 -1.43 -3.20
C ASP F 429 -1.29 -2.89 -3.71
N TYR F 430 -1.26 -3.82 -2.76
CA TYR F 430 -1.10 -5.24 -3.03
C TYR F 430 -2.25 -5.75 -3.92
N ILE F 431 -3.49 -5.66 -3.42
CA ILE F 431 -4.56 -6.36 -4.10
C ILE F 431 -4.79 -5.75 -5.49
N THR F 432 -4.58 -4.44 -5.61
CA THR F 432 -4.68 -3.75 -6.88
C THR F 432 -3.68 -4.34 -7.88
N TYR F 433 -2.40 -4.40 -7.47
CA TYR F 433 -1.33 -4.89 -8.32
C TYR F 433 -1.63 -6.35 -8.71
N MET F 434 -1.99 -7.16 -7.72
CA MET F 434 -2.21 -8.58 -7.96
C MET F 434 -3.36 -8.75 -8.96
N ASP F 435 -4.34 -7.86 -8.90
CA ASP F 435 -5.49 -7.93 -9.76
C ASP F 435 -5.13 -7.57 -11.20
N GLU F 436 -4.35 -6.49 -11.38
CA GLU F 436 -3.92 -6.08 -12.70
C GLU F 436 -3.23 -7.27 -13.40
N LEU F 437 -2.24 -7.88 -12.74
CA LEU F 437 -1.51 -9.02 -13.30
C LEU F 437 -2.43 -10.22 -13.47
N GLY F 438 -3.38 -10.38 -12.55
CA GLY F 438 -4.39 -11.44 -12.62
C GLY F 438 -5.16 -11.38 -13.95
N SER F 439 -5.64 -10.18 -14.30
CA SER F 439 -6.36 -9.92 -15.55
C SER F 439 -5.53 -10.37 -16.75
N PHE F 440 -4.24 -9.99 -16.77
CA PHE F 440 -3.37 -10.23 -17.89
C PHE F 440 -3.27 -11.73 -18.21
N ILE F 441 -3.41 -12.61 -17.22
CA ILE F 441 -3.24 -14.05 -17.45
C ILE F 441 -4.56 -14.80 -17.26
N GLY F 442 -5.64 -14.06 -16.94
CA GLY F 442 -6.98 -14.60 -16.76
C GLY F 442 -7.12 -15.43 -15.49
N ALA F 443 -6.51 -14.95 -14.39
CA ALA F 443 -6.53 -15.65 -13.11
C ALA F 443 -7.03 -14.73 -11.98
N LYS F 444 -7.50 -13.53 -12.33
CA LYS F 444 -8.15 -12.67 -11.37
C LYS F 444 -9.46 -13.33 -10.97
N PRO F 445 -9.68 -13.64 -9.68
CA PRO F 445 -10.92 -14.30 -9.28
C PRO F 445 -12.16 -13.45 -9.62
N ASN F 446 -13.16 -14.13 -10.19
CA ASN F 446 -14.40 -13.52 -10.57
C ASN F 446 -15.33 -13.54 -9.36
N ILE F 447 -15.33 -12.44 -8.61
CA ILE F 447 -16.07 -12.40 -7.36
C ILE F 447 -17.54 -12.63 -7.68
N PRO F 448 -18.17 -11.84 -8.59
CA PRO F 448 -19.58 -12.05 -8.92
C PRO F 448 -19.91 -13.50 -9.35
N TRP F 449 -19.15 -14.07 -10.28
CA TRP F 449 -19.37 -15.47 -10.69
C TRP F 449 -19.40 -16.40 -9.46
N LEU F 450 -18.60 -16.05 -8.45
CA LEU F 450 -18.55 -16.83 -7.21
C LEU F 450 -19.82 -16.58 -6.38
N PHE F 451 -20.19 -15.32 -6.14
CA PHE F 451 -21.43 -15.05 -5.37
C PHE F 451 -22.54 -15.94 -5.95
N LEU F 452 -22.56 -16.11 -7.28
CA LEU F 452 -23.66 -16.78 -8.05
C LEU F 452 -23.52 -18.31 -7.97
N THR F 453 -22.31 -18.84 -8.15
CA THR F 453 -22.03 -20.25 -7.87
C THR F 453 -21.02 -20.32 -6.72
N ASP F 454 -21.40 -20.95 -5.61
CA ASP F 454 -20.51 -21.14 -4.43
C ASP F 454 -20.32 -19.83 -3.66
N PRO F 455 -21.38 -19.26 -3.05
CA PRO F 455 -21.26 -17.96 -2.40
C PRO F 455 -20.55 -18.02 -1.05
N GLN F 456 -20.43 -19.22 -0.48
CA GLN F 456 -19.66 -19.36 0.75
C GLN F 456 -18.23 -18.92 0.47
N LEU F 457 -17.62 -19.53 -0.54
CA LEU F 457 -16.27 -19.23 -0.97
C LEU F 457 -16.16 -17.76 -1.38
N ALA F 458 -17.14 -17.28 -2.14
CA ALA F 458 -17.14 -15.90 -2.61
C ALA F 458 -16.93 -14.93 -1.44
N LEU F 459 -17.64 -15.20 -0.34
CA LEU F 459 -17.63 -14.31 0.81
C LEU F 459 -16.25 -14.34 1.50
N GLU F 460 -15.70 -15.54 1.69
CA GLU F 460 -14.38 -15.69 2.35
C GLU F 460 -13.28 -15.07 1.46
N VAL F 461 -13.49 -15.11 0.14
CA VAL F 461 -12.54 -14.54 -0.80
C VAL F 461 -12.57 -12.99 -0.74
N PHE F 462 -13.76 -12.41 -0.55
CA PHE F 462 -13.93 -10.97 -0.66
C PHE F 462 -13.75 -10.30 0.71
N PHE F 463 -14.38 -10.87 1.74
CA PHE F 463 -14.41 -10.25 3.08
C PHE F 463 -13.28 -10.78 3.96
N GLY F 464 -12.79 -11.98 3.66
CA GLY F 464 -11.74 -12.61 4.44
C GLY F 464 -10.35 -12.25 3.94
N PRO F 465 -9.31 -12.89 4.51
CA PRO F 465 -7.93 -12.64 4.10
C PRO F 465 -7.77 -12.84 2.58
N CYS F 466 -7.01 -11.92 1.97
CA CYS F 466 -6.56 -12.08 0.60
C CYS F 466 -5.34 -12.99 0.57
N SER F 467 -5.62 -14.25 0.90
CA SER F 467 -4.64 -15.30 0.99
C SER F 467 -4.16 -15.68 -0.40
N PRO F 468 -2.89 -16.08 -0.58
CA PRO F 468 -2.37 -16.44 -1.89
C PRO F 468 -3.22 -17.45 -2.69
N TYR F 469 -3.89 -18.38 -1.99
CA TYR F 469 -4.68 -19.48 -2.57
C TYR F 469 -5.63 -18.97 -3.67
N GLN F 470 -6.25 -17.83 -3.37
CA GLN F 470 -7.16 -17.08 -4.17
C GLN F 470 -6.64 -16.80 -5.60
N PHE F 471 -5.32 -16.76 -5.78
CA PHE F 471 -4.73 -16.30 -7.04
C PHE F 471 -4.47 -17.48 -7.98
N ARG F 472 -4.70 -18.69 -7.47
CA ARG F 472 -4.68 -19.91 -8.26
C ARG F 472 -5.96 -20.69 -7.99
N LEU F 473 -7.06 -19.95 -7.86
CA LEU F 473 -8.36 -20.52 -7.58
C LEU F 473 -9.05 -20.87 -8.90
N MET F 474 -9.13 -19.87 -9.79
CA MET F 474 -9.66 -20.04 -11.11
C MET F 474 -8.66 -19.55 -12.15
N GLY F 475 -8.91 -19.97 -13.40
CA GLY F 475 -8.14 -19.58 -14.57
C GLY F 475 -6.98 -20.53 -14.79
N PRO F 476 -6.16 -20.34 -15.84
CA PRO F 476 -5.03 -21.22 -16.10
C PRO F 476 -4.08 -21.31 -14.89
N GLY F 477 -3.39 -22.44 -14.78
CA GLY F 477 -2.46 -22.70 -13.69
C GLY F 477 -3.12 -22.75 -12.31
N LYS F 478 -4.43 -23.00 -12.24
CA LYS F 478 -5.12 -23.07 -10.97
C LYS F 478 -4.76 -24.37 -10.25
N TRP F 479 -5.03 -24.41 -8.94
CA TRP F 479 -4.79 -25.55 -8.03
C TRP F 479 -6.13 -26.01 -7.50
N ASP F 480 -6.39 -27.33 -7.48
CA ASP F 480 -7.72 -27.81 -7.04
C ASP F 480 -7.80 -27.75 -5.51
N GLY F 481 -6.64 -27.77 -4.84
CA GLY F 481 -6.56 -27.62 -3.39
C GLY F 481 -7.01 -26.25 -2.90
N ALA F 482 -7.13 -25.28 -3.81
CA ALA F 482 -7.30 -23.86 -3.49
C ALA F 482 -8.57 -23.64 -2.68
N ARG F 483 -9.70 -24.20 -3.12
CA ARG F 483 -10.95 -23.92 -2.43
C ARG F 483 -10.82 -24.39 -0.98
N ASN F 484 -10.42 -25.65 -0.82
CA ASN F 484 -10.29 -26.25 0.48
C ASN F 484 -9.32 -25.42 1.33
N ALA F 485 -8.22 -24.96 0.71
CA ALA F 485 -7.18 -24.21 1.40
C ALA F 485 -7.76 -22.91 1.99
N ILE F 486 -8.55 -22.20 1.18
CA ILE F 486 -9.12 -20.92 1.61
C ILE F 486 -10.06 -21.16 2.79
N LEU F 487 -10.82 -22.25 2.71
CA LEU F 487 -11.89 -22.53 3.65
C LEU F 487 -11.34 -23.10 4.94
N THR F 488 -10.06 -23.48 4.97
CA THR F 488 -9.46 -24.06 6.17
C THR F 488 -8.31 -23.19 6.70
N GLN F 489 -8.21 -21.94 6.23
CA GLN F 489 -7.05 -21.11 6.54
C GLN F 489 -7.04 -20.73 8.03
N TRP F 490 -8.20 -20.49 8.61
CA TRP F 490 -8.27 -20.16 10.02
C TRP F 490 -7.96 -21.40 10.88
N ASP F 491 -8.25 -22.60 10.38
CA ASP F 491 -7.87 -23.82 11.11
C ASP F 491 -6.36 -23.86 11.30
N ARG F 492 -5.61 -23.57 10.22
CA ARG F 492 -4.16 -23.71 10.25
C ARG F 492 -3.53 -22.60 11.10
N THR F 493 -4.22 -21.46 11.21
CA THR F 493 -3.77 -20.28 11.99
C THR F 493 -3.91 -20.51 13.48
N LEU F 494 -5.02 -21.14 13.86
CA LEU F 494 -5.42 -21.35 15.27
C LEU F 494 -4.81 -22.63 15.85
N LYS F 495 -4.51 -23.62 15.01
CA LYS F 495 -4.04 -24.96 15.43
C LYS F 495 -2.81 -24.80 16.31
N PRO F 496 -1.69 -24.23 15.82
CA PRO F 496 -0.40 -24.30 16.53
C PRO F 496 -0.31 -23.54 17.85
N THR F 497 -1.21 -22.57 18.02
CA THR F 497 -1.16 -21.64 19.09
C THR F 497 -1.99 -22.15 20.27
N ARG F 498 -2.90 -23.07 19.96
CA ARG F 498 -3.88 -23.63 20.91
C ARG F 498 -3.41 -25.00 21.40
N THR F 499 -2.35 -25.02 22.22
CA THR F 499 -1.76 -26.25 22.69
C THR F 499 -2.27 -26.60 24.10
N ARG F 500 -3.25 -25.82 24.60
CA ARG F 500 -3.94 -26.09 25.84
C ARG F 500 -5.38 -25.63 25.63
N ALA F 501 -6.24 -26.63 25.43
CA ALA F 501 -7.59 -26.46 24.95
C ALA F 501 -8.49 -26.25 26.17
N VAL F 502 -8.92 -25.00 26.40
CA VAL F 502 -9.81 -24.81 27.51
C VAL F 502 -11.05 -24.10 27.00
N GLY F 503 -10.86 -22.96 26.31
CA GLY F 503 -11.99 -22.37 25.63
C GLY F 503 -12.51 -23.26 24.51
N GLU F 504 -13.48 -22.75 23.76
CA GLU F 504 -13.74 -23.19 22.41
C GLU F 504 -12.94 -22.27 21.48
N ALA F 505 -12.19 -22.82 20.52
CA ALA F 505 -11.41 -22.00 19.57
C ALA F 505 -12.32 -20.94 18.94
N LYS F 506 -11.81 -19.71 18.80
CA LYS F 506 -12.60 -18.60 18.29
C LYS F 506 -12.09 -18.18 16.91
N ARG F 507 -12.87 -18.45 15.88
CA ARG F 507 -12.53 -18.00 14.52
C ARG F 507 -13.21 -16.67 14.26
N PRO F 508 -12.75 -15.86 13.29
CA PRO F 508 -13.40 -14.60 12.98
C PRO F 508 -14.73 -14.91 12.30
N SER F 509 -15.72 -14.07 12.53
CA SER F 509 -17.08 -14.25 12.02
C SER F 509 -17.29 -13.36 10.79
N LEU F 510 -18.06 -13.84 9.82
CA LEU F 510 -18.55 -12.96 8.73
C LEU F 510 -19.84 -12.27 9.18
N PHE F 511 -20.67 -13.01 9.94
CA PHE F 511 -21.84 -12.49 10.67
C PHE F 511 -21.38 -11.41 11.67
N TYR F 512 -20.69 -10.37 11.19
CA TYR F 512 -19.99 -9.43 12.08
C TYR F 512 -20.17 -7.99 11.55
N ASN F 513 -19.52 -7.67 10.42
CA ASN F 513 -19.24 -6.27 9.97
C ASN F 513 -18.94 -5.35 11.17
N LEU F 514 -17.73 -5.45 11.73
CA LEU F 514 -17.35 -4.72 12.97
C LEU F 514 -16.82 -3.32 12.58
N LEU F 515 -16.64 -3.08 11.28
CA LEU F 515 -16.35 -1.77 10.71
C LEU F 515 -17.48 -1.39 9.74
N LYS F 516 -18.72 -1.47 10.23
CA LYS F 516 -19.96 -1.07 9.54
C LYS F 516 -21.06 -0.65 10.55
N ILE F 517 -20.71 -0.54 11.85
CA ILE F 517 -21.64 -0.28 12.96
C ILE F 517 -21.59 1.21 13.36
N LEU F 518 -20.55 1.93 12.97
CA LEU F 518 -20.48 3.39 13.17
C LEU F 518 -20.82 4.14 11.88
N LEU F 519 -21.02 3.42 10.76
CA LEU F 519 -21.39 4.03 9.49
C LEU F 519 -22.90 3.84 9.23
N PHE F 520 -23.34 2.64 8.80
CA PHE F 520 -24.71 2.41 8.27
C PHE F 520 -25.76 2.67 9.35
N PRO F 521 -25.46 2.45 10.66
CA PRO F 521 -26.30 2.94 11.76
C PRO F 521 -26.37 4.45 12.07
N VAL F 522 -25.24 5.17 12.06
CA VAL F 522 -25.25 6.66 12.25
C VAL F 522 -25.81 7.38 11.00
N LEU F 523 -25.61 6.80 9.80
CA LEU F 523 -26.06 7.40 8.47
C LEU F 523 -27.46 6.82 8.15
N LEU F 524 -28.13 6.27 9.16
CA LEU F 524 -29.51 5.78 9.01
C LEU F 524 -30.42 6.44 10.06
N LEU F 525 -29.87 7.11 11.09
CA LEU F 525 -30.72 7.95 11.97
C LEU F 525 -30.46 9.45 11.69
N ALA F 526 -29.31 9.79 11.07
CA ALA F 526 -29.02 11.17 10.63
C ALA F 526 -29.85 11.50 9.40
N VAL F 527 -29.63 10.80 8.27
CA VAL F 527 -30.44 11.05 7.02
C VAL F 527 -31.73 10.22 7.08
N LEU F 528 -32.18 9.88 8.31
CA LEU F 528 -33.57 9.46 8.57
C LEU F 528 -34.14 10.32 9.71
N LEU F 529 -34.36 11.62 9.41
CA LEU F 529 -34.81 12.66 10.36
C LEU F 529 -34.86 14.02 9.63
N ALA F 530 -33.70 14.45 9.09
CA ALA F 530 -33.49 15.79 8.51
C ALA F 530 -34.05 15.84 7.08
PA FAD G . -62.33 44.88 21.92
O1A FAD G . -62.68 45.05 20.42
O2A FAD G . -62.97 43.66 22.59
O5B FAD G . -62.63 46.15 22.89
C5B FAD G . -62.98 47.46 22.43
C4B FAD G . -64.04 48.02 23.38
O4B FAD G . -64.07 49.45 23.33
C3B FAD G . -65.44 47.55 23.03
O3B FAD G . -66.16 47.36 24.27
C2B FAD G . -66.03 48.71 22.23
O2B FAD G . -67.46 48.74 22.37
C1B FAD G . -65.38 49.93 22.88
N9A FAD G . -65.13 51.14 22.07
C8A FAD G . -64.58 51.18 20.82
N7A FAD G . -64.42 52.46 20.39
C5A FAD G . -64.88 53.26 21.35
C6A FAD G . -65.01 54.71 21.50
N6A FAD G . -64.61 55.53 20.51
N1A FAD G . -65.51 55.18 22.62
C2A FAD G . -65.90 54.34 23.62
N3A FAD G . -65.83 53.00 23.56
C4A FAD G . -65.33 52.41 22.45
N1 FAD G . -57.40 36.41 21.53
C2 FAD G . -56.95 35.46 22.34
O2 FAD G . -56.07 35.79 23.13
N3 FAD G . -57.41 34.21 22.37
C4 FAD G . -58.38 33.79 21.56
O4 FAD G . -58.78 32.59 21.69
C4X FAD G . -58.93 34.79 20.59
N5 FAD G . -59.92 34.58 19.71
C5X FAD G . -60.39 35.54 18.86
C6 FAD G . -61.39 35.18 17.97
C7 FAD G . -61.85 36.06 17.04
C7M FAD G . -62.94 35.65 16.07
C8 FAD G . -61.30 37.41 17.05
C8M FAD G . -61.86 38.36 16.03
C9 FAD G . -60.32 37.81 17.94
C9A FAD G . -59.82 36.90 18.83
N10 FAD G . -58.81 37.16 19.77
C10 FAD G . -58.38 36.15 20.63
C1' FAD G . -58.15 38.43 19.93
C2' FAD G . -59.04 39.37 20.70
O2' FAD G . -59.00 40.59 19.95
C3' FAD G . -58.57 39.62 22.12
O3' FAD G . -58.59 38.35 22.82
C4' FAD G . -59.45 40.71 22.82
O4' FAD G . -60.86 40.37 22.85
C5' FAD G . -59.44 42.13 22.23
O5' FAD G . -59.87 42.96 23.29
P FAD G . -59.77 44.55 23.32
O1P FAD G . -60.28 44.99 24.69
O2P FAD G . -58.38 45.07 22.98
O3P FAD G . -60.71 44.82 22.05
PA NAP H . -56.32 37.37 9.60
O1A NAP H . -55.68 38.73 9.32
O2A NAP H . -55.65 36.45 10.60
O5B NAP H . -56.46 36.61 8.23
C5B NAP H . -56.60 37.29 6.97
C4B NAP H . -56.54 36.22 5.88
O4B NAP H . -56.98 36.71 4.62
C3B NAP H . -55.12 35.76 5.72
O3B NAP H . -55.09 34.39 5.25
C2B NAP H . -54.64 36.76 4.72
O2B NAP H . -53.55 36.13 4.09
C1B NAP H . -55.84 36.90 3.80
N9A NAP H . -55.95 38.19 3.08
C8A NAP H . -55.85 39.44 3.60
N7A NAP H . -56.05 40.38 2.67
C5A NAP H . -56.24 39.72 1.51
C6A NAP H . -56.48 40.08 0.08
N6A NAP H . -56.52 41.39 -0.25
N1A NAP H . -56.65 39.10 -0.83
C2A NAP H . -56.61 37.78 -0.49
N3A NAP H . -56.38 37.36 0.78
C4A NAP H . -56.19 38.27 1.78
O3 NAP H . -57.85 37.68 10.06
PN NAP H . -58.97 36.69 10.68
O1N NAP H . -59.06 35.39 9.83
O2N NAP H . -60.22 37.55 10.73
O5D NAP H . -58.28 36.56 12.11
C5D NAP H . -58.00 37.70 12.92
C4D NAP H . -57.58 37.34 14.37
O4D NAP H . -58.69 36.88 15.17
C3D NAP H . -56.49 36.26 14.41
O3D NAP H . -55.47 36.50 15.38
C2D NAP H . -57.27 35.05 14.79
O2D NAP H . -56.42 34.10 15.44
C1D NAP H . -58.44 35.57 15.63
N1N NAP H . -59.50 34.57 15.44
C2N NAP H . -59.57 33.60 16.36
C3N NAP H . -60.48 32.55 16.26
C7N NAP H . -60.53 31.55 17.34
O7N NAP H . -60.84 30.39 17.09
N7N NAP H . -60.22 31.94 18.57
C4N NAP H . -61.32 32.47 15.17
C5N NAP H . -61.21 33.46 14.19
C6N NAP H . -60.26 34.50 14.35
P2B NAP H . -52.05 36.64 4.17
O1X NAP H . -51.40 36.03 5.43
O2X NAP H . -51.49 36.11 2.85
O3X NAP H . -52.35 38.14 4.29
O1 OXY I . -52.87 33.01 20.12
O2 OXY I . -53.94 33.50 19.83
PA FAD J . 42.14 -7.08 -62.63
O1A FAD J . 40.88 -7.71 -61.94
O2A FAD J . 42.88 -5.87 -62.03
O5B FAD J . 41.75 -6.31 -64.03
C5B FAD J . 40.55 -6.40 -64.82
C4B FAD J . 39.86 -5.06 -65.20
O4B FAD J . 38.94 -5.26 -66.30
C3B FAD J . 38.97 -4.50 -64.07
O3B FAD J . 38.74 -3.08 -64.20
C2B FAD J . 37.69 -5.31 -64.26
O2B FAD J . 36.52 -4.91 -63.51
C1B FAD J . 37.61 -5.11 -65.76
N9A FAD J . 36.50 -5.95 -66.30
C8A FAD J . 35.80 -6.95 -65.68
N7A FAD J . 34.81 -7.38 -66.52
C5A FAD J . 34.88 -6.63 -67.65
C6A FAD J . 34.14 -6.54 -68.95
N6A FAD J . 33.11 -7.39 -69.22
N1A FAD J . 34.58 -5.58 -69.85
C2A FAD J . 35.61 -4.72 -69.64
N3A FAD J . 36.33 -4.77 -68.49
C4A FAD J . 36.01 -5.66 -67.50
N1 FAD J . 49.87 -9.16 -57.43
C2 FAD J . 51.13 -8.69 -57.28
O2 FAD J . 51.86 -8.66 -58.31
N3 FAD J . 51.58 -8.24 -56.06
C4 FAD J . 50.77 -8.26 -54.94
O4 FAD J . 51.15 -7.86 -53.83
C4X FAD J . 49.39 -8.75 -55.04
N5 FAD J . 48.54 -8.75 -53.99
C5X FAD J . 47.27 -9.19 -54.15
C6 FAD J . 46.38 -9.20 -53.07
C7 FAD J . 45.06 -9.70 -53.22
C7M FAD J . 44.05 -9.77 -52.10
C8 FAD J . 44.63 -10.21 -54.55
C8M FAD J . 43.22 -10.74 -54.70
C9 FAD J . 45.52 -10.19 -55.64
C9A FAD J . 46.82 -9.71 -55.49
N10 FAD J . 47.72 -9.67 -56.59
C10 FAD J . 49.01 -9.20 -56.39
C1' FAD J . 47.43 -10.12 -57.96
C2' FAD J . 46.54 -9.16 -58.72
O2' FAD J . 45.42 -10.03 -59.06
C3' FAD J . 47.31 -8.42 -59.88
O3' FAD J . 48.43 -7.57 -59.47
C4' FAD J . 46.35 -7.56 -60.73
O4' FAD J . 45.01 -8.03 -60.43
C5' FAD J . 46.68 -7.59 -62.28
O5' FAD J . 45.89 -6.86 -63.28
P FAD J . 44.51 -7.33 -64.05
O1P FAD J . 44.20 -5.88 -64.45
O2P FAD J . 44.69 -8.33 -65.19
O3P FAD J . 43.38 -8.08 -63.06
PA NAP K . 44.20 -18.35 -52.66
O1A NAP K . 43.96 -18.85 -54.05
O2A NAP K . 45.44 -17.52 -52.41
O5B NAP K . 43.97 -19.48 -51.54
C5B NAP K . 42.70 -20.03 -51.29
C4B NAP K . 42.95 -21.04 -50.18
O4B NAP K . 41.75 -21.77 -49.83
C3B NAP K . 43.98 -22.05 -50.63
O3B NAP K . 45.12 -22.06 -49.75
C2B NAP K . 43.17 -23.36 -50.70
O2B NAP K . 43.98 -24.46 -50.29
C1B NAP K . 41.92 -23.19 -49.86
N9A NAP K . 40.66 -23.85 -50.39
C8A NAP K . 40.05 -23.75 -51.61
N7A NAP K . 38.92 -24.53 -51.64
C5A NAP K . 38.79 -25.13 -50.42
C6A NAP K . 37.88 -26.08 -49.70
N6A NAP K . 36.77 -26.59 -50.28
N1A NAP K . 38.15 -26.45 -48.40
C2A NAP K . 39.23 -25.99 -47.74
N3A NAP K . 40.09 -25.12 -48.33
C4A NAP K . 39.94 -24.68 -49.62
O3 NAP K . 42.90 -17.49 -52.33
PN NAP K . 43.05 -16.33 -51.25
O1N NAP K . 43.44 -16.99 -49.89
O2N NAP K . 41.63 -15.70 -51.35
O5D NAP K . 44.33 -15.51 -51.94
C5D NAP K . 44.32 -14.95 -53.25
C4D NAP K . 45.68 -14.65 -53.92
O4D NAP K . 45.77 -13.24 -54.21
C3D NAP K . 46.95 -14.92 -53.14
O3D NAP K . 47.44 -16.21 -53.43
C2D NAP K . 47.93 -13.82 -53.55
O2D NAP K . 48.66 -13.97 -54.79
C1D NAP K . 46.96 -12.64 -53.65
N1N NAP K . 46.80 -12.05 -52.29
C2N NAP K . 47.71 -11.15 -51.85
C3N NAP K . 47.63 -10.55 -50.58
C7N NAP K . 48.64 -9.57 -50.07
O7N NAP K . 48.77 -9.51 -48.87
N7N NAP K . 49.37 -8.81 -50.90
C4N NAP K . 46.59 -10.92 -49.72
C5N NAP K . 45.65 -11.86 -50.16
C6N NAP K . 45.77 -12.41 -51.45
P2B NAP K . 45.17 -24.94 -51.27
O1X NAP K . 46.41 -24.24 -50.76
O2X NAP K . 45.03 -26.43 -51.02
O3X NAP K . 44.85 -24.39 -52.66
O1 OXY L . 53.53 -13.08 -55.53
O2 OXY L . 54.15 -12.05 -55.83
PA FAD M . -77.63 -3.93 3.21
O1A FAD M . -78.50 -3.82 4.45
O2A FAD M . -76.91 -2.68 2.69
O5B FAD M . -78.51 -4.40 1.96
C5B FAD M . -79.42 -5.48 2.06
C4B FAD M . -80.55 -5.46 1.03
O4B FAD M . -81.36 -6.60 1.32
C3B FAD M . -81.44 -4.24 1.19
O3B FAD M . -81.66 -3.57 -0.08
C2B FAD M . -82.75 -4.76 1.71
O2B FAD M . -83.78 -4.00 1.08
C1B FAD M . -82.71 -6.18 1.25
N9A FAD M . -83.49 -7.19 1.95
C8A FAD M . -83.42 -7.54 3.24
N7A FAD M . -84.28 -8.57 3.47
C5A FAD M . -84.91 -8.87 2.33
C6A FAD M . -85.94 -9.84 1.87
N6A FAD M . -86.53 -10.73 2.70
N1A FAD M . -86.31 -9.78 0.59
C2A FAD M . -85.75 -8.91 -0.27
N3A FAD M . -84.81 -8.03 0.07
C4A FAD M . -84.37 -7.96 1.33
N1 FAD M . -68.71 -0.82 5.43
C2 FAD M . -67.58 -0.48 4.79
O2 FAD M . -66.93 -1.36 4.16
N3 FAD M . -67.16 0.79 4.78
C4 FAD M . -67.82 1.77 5.37
O4 FAD M . -67.39 2.90 5.30
C4X FAD M . -69.05 1.52 6.10
N5 FAD M . -69.77 2.48 6.70
C5X FAD M . -70.90 2.18 7.35
C6 FAD M . -71.58 3.18 7.96
C7 FAD M . -72.72 2.89 8.63
C7M FAD M . -73.51 3.98 9.33
C8 FAD M . -73.21 1.52 8.73
C8M FAD M . -74.48 1.23 9.48
C9 FAD M . -72.53 0.51 8.12
C9A FAD M . -71.37 0.78 7.43
N10 FAD M . -70.62 -0.24 6.77
C10 FAD M . -69.46 0.11 6.08
C1' FAD M . -71.00 -1.66 6.70
C2' FAD M . -72.02 -1.87 5.58
O2' FAD M . -72.87 -2.82 6.20
C3' FAD M . -71.51 -2.38 4.22
O3' FAD M . -70.68 -1.41 3.55
C4' FAD M . -72.67 -2.78 3.24
O4' FAD M . -73.57 -1.69 3.04
C5' FAD M . -73.62 -3.93 3.63
O5' FAD M . -74.43 -4.32 2.54
P FAD M . -75.34 -5.62 2.51
O1P FAD M . -75.78 -5.99 1.08
O2P FAD M . -74.79 -6.75 3.34
O3P FAD M . -76.65 -5.19 3.39
PA NAP N . -71.57 -0.96 17.41
O1A NAP N . -72.07 -2.34 17.67
O2A NAP N . -70.32 -0.82 16.60
O5B NAP N . -71.27 -0.30 18.84
C5B NAP N . -72.24 -0.30 19.85
C4B NAP N . -71.73 0.47 21.05
O4B NAP N . -72.76 0.44 22.05
C3B NAP N . -70.48 -0.17 21.65
O3B NAP N . -69.68 0.84 22.33
C2B NAP N . -71.15 -1.18 22.57
O2B NAP N . -70.45 -1.57 23.73
C1B NAP N . -72.33 -0.39 23.12
N9A NAP N . -73.39 -1.23 23.71
C8A NAP N . -74.05 -2.30 23.18
N7A NAP N . -74.99 -2.78 24.05
C5A NAP N . -74.90 -2.02 25.16
C6A NAP N . -75.56 -1.95 26.48
N6A NAP N . -76.51 -2.83 26.79
N1A NAP N . -75.17 -0.99 27.38
C2A NAP N . -74.22 -0.10 27.10
N3A NAP N . -73.58 -0.10 25.92
C4A NAP N . -73.86 -1.01 24.94
O3 NAP N . -72.70 -0.07 16.72
PN NAP N . -72.51 1.25 15.78
O1N NAP N . -71.99 2.42 16.60
O2N NAP N . -73.94 1.33 15.30
O5D NAP N . -71.57 0.82 14.55
C5D NAP N . -72.04 -0.32 13.81
C4D NAP N . -71.36 -0.53 12.45
O4D NAP N . -71.67 0.53 11.52
C3D NAP N . -69.85 -0.62 12.57
O3D NAP N . -69.33 -1.55 11.63
C2D NAP N . -69.49 0.80 12.25
O2D NAP N . -68.19 1.03 11.77
C1D NAP N . -70.45 1.15 11.16
N1N NAP N . -70.53 2.59 11.14
C2N NAP N . -69.81 3.25 10.26
C3N NAP N . -69.87 4.61 10.20
C7N NAP N . -69.07 5.41 9.25
O7N NAP N . -68.73 6.53 9.57
N7N NAP N . -68.72 4.94 8.07
C4N NAP N . -70.70 5.28 11.07
C5N NAP N . -71.45 4.55 11.95
C6N NAP N . -71.35 3.19 11.98
P2B NAP N . -69.17 -2.54 23.82
O1X NAP N . -68.13 -1.80 22.97
O2X NAP N . -68.84 -2.59 25.30
O3X NAP N . -69.83 -3.81 23.29
O1 OXY O . -64.75 -0.46 8.20
O2 OXY O . -63.92 -0.35 7.31
PA FAD P . 11.87 -8.50 51.24
O1A FAD P . 12.03 -9.99 50.96
O2A FAD P . 12.19 -7.39 50.19
O5B FAD P . 12.60 -8.03 52.63
C5B FAD P . 12.91 -8.99 53.64
C4B FAD P . 14.19 -8.66 54.40
O4B FAD P . 14.16 -9.25 55.68
C3B FAD P . 15.43 -9.19 53.75
O3B FAD P . 16.33 -8.09 53.64
C2B FAD P . 15.99 -10.22 54.69
O2B FAD P . 17.43 -10.13 54.69
C1B FAD P . 15.39 -9.82 56.01
N9A FAD P . 15.15 -10.94 56.97
C8A FAD P . 14.38 -12.03 56.80
N7A FAD P . 14.38 -12.82 57.90
C5A FAD P . 15.18 -12.20 58.77
C6A FAD P . 15.62 -12.49 60.12
N6A FAD P . 15.20 -13.62 60.73
N1A FAD P . 16.44 -11.59 60.70
C2A FAD P . 16.86 -10.46 60.10
N3A FAD P . 16.48 -10.15 58.87
C4A FAD P . 15.67 -10.97 58.17
N1 FAD P . 5.94 -5.56 44.22
C2 FAD P . 5.49 -4.42 43.66
O2 FAD P . 4.82 -3.55 44.30
N3 FAD P . 5.79 -4.20 42.36
C4 FAD P . 6.51 -5.03 41.58
O4 FAD P . 6.76 -4.79 40.35
C4X FAD P . 7.03 -6.28 42.14
N5 FAD P . 7.74 -7.15 41.39
C5X FAD P . 8.21 -8.27 41.96
C6 FAD P . 8.96 -9.13 41.18
C7 FAD P . 9.42 -10.31 41.70
C7M FAD P . 10.22 -11.20 40.79
C8 FAD P . 9.13 -10.67 43.12
C8M FAD P . 9.64 -11.94 43.71
C9 FAD P . 8.40 -9.80 43.92
C9A FAD P . 7.90 -8.61 43.39
N10 FAD P . 7.17 -7.71 44.16
C10 FAD P . 6.69 -6.50 43.57
C1' FAD P . 6.79 -7.99 45.54
C2' FAD P . 7.72 -7.68 46.69
O2' FAD P . 7.27 -8.65 47.63
C3' FAD P . 7.59 -6.30 47.29
O3' FAD P . 7.67 -5.27 46.32
C4' FAD P . 8.73 -6.07 48.21
O4' FAD P . 9.88 -6.31 47.44
C5' FAD P . 8.87 -7.01 49.40
O5' FAD P . 9.67 -6.32 50.38
P FAD P . 9.65 -6.85 51.89
O1P FAD P . 10.44 -5.79 52.70
O2P FAD P . 8.24 -7.24 52.23
O3P FAD P . 10.33 -8.29 51.70
PA NAP Q . 2.99 -17.15 41.65
O1A NAP Q . 2.88 -17.46 43.11
O2A NAP Q . 2.47 -15.93 41.03
O5B NAP Q . 2.43 -18.28 40.72
C5B NAP Q . 2.92 -19.60 40.74
C4B NAP Q . 2.40 -20.27 39.44
O4B NAP Q . 2.76 -21.66 39.46
C3B NAP Q . 0.89 -20.23 39.29
O3B NAP Q . 0.55 -20.36 37.91
C2B NAP Q . 0.42 -21.50 39.96
O2B NAP Q . -0.85 -21.97 39.43
C1B NAP Q . 1.56 -22.44 39.64
N9A NAP Q . 1.65 -23.50 40.68
C8A NAP Q . 1.78 -23.39 42.02
N7A NAP Q . 1.80 -24.63 42.56
C5A NAP Q . 1.65 -25.52 41.54
C6A NAP Q . 1.57 -26.98 41.36
N6A NAP Q . 1.64 -27.76 42.42
N1A NAP Q . 1.44 -27.53 40.13
C2A NAP Q . 1.36 -26.75 39.04
N3A NAP Q . 1.43 -25.41 39.12
C4A NAP Q . 1.57 -24.77 40.31
O3 NAP Q . 4.58 -17.15 41.55
PN NAP Q . 5.51 -16.19 40.68
O1N NAP Q . 5.13 -16.57 39.23
O2N NAP Q . 6.89 -16.45 41.17
O5D NAP Q . 5.06 -14.75 41.22
C5D NAP Q . 5.15 -14.47 42.59
C4D NAP Q . 5.03 -12.95 42.83
O4D NAP Q . 6.18 -12.22 42.40
C3D NAP Q . 3.84 -12.40 42.11
O3D NAP Q . 3.22 -11.42 42.90
C2D NAP Q . 4.42 -11.75 40.95
O2D NAP Q . 3.61 -10.66 40.55
C1D NAP Q . 5.80 -11.28 41.42
N1N NAP Q . 6.63 -11.21 40.19
C2N NAP Q . 6.71 -10.04 39.55
C3N NAP Q . 7.47 -9.97 38.39
C7N NAP Q . 7.54 -8.70 37.63
O7N NAP Q . 7.37 -8.85 36.41
N7N NAP Q . 7.69 -7.54 38.28
C4N NAP Q . 8.08 -11.09 37.84
C5N NAP Q . 7.97 -12.29 38.53
C6N NAP Q . 7.22 -12.33 39.69
P2B NAP Q . -2.29 -21.76 40.14
O1X NAP Q . -2.88 -20.41 39.79
O2X NAP Q . -3.14 -22.91 39.64
O3X NAP Q . -1.75 -21.80 41.55
O1 OXY R . 0.93 -5.51 41.31
O2 OXY R . 1.87 -5.00 41.93
PA FAD S . 51.48 -2.74 -9.24
O1A FAD S . 51.44 -1.31 -9.74
O2A FAD S . 50.94 -3.89 -10.08
O5B FAD S . 50.85 -2.83 -7.78
C5B FAD S . 50.63 -1.71 -6.96
C4B FAD S . 49.33 -1.86 -6.17
O4B FAD S . 49.57 -1.16 -4.95
C3B FAD S . 48.08 -1.31 -6.87
O3B FAD S . 46.90 -2.18 -6.83
C2B FAD S . 47.85 -0.03 -6.06
O2B FAD S . 46.48 0.15 -5.85
C1B FAD S . 48.46 -0.30 -4.71
N9A FAD S . 48.86 0.91 -3.96
C8A FAD S . 49.76 1.82 -4.32
N7A FAD S . 49.91 2.76 -3.36
C5A FAD S . 49.09 2.45 -2.37
C6A FAD S . 48.73 3.06 -1.09
N6A FAD S . 49.33 4.18 -0.65
N1A FAD S . 47.85 2.46 -0.32
C2A FAD S . 47.29 1.30 -0.73
N3A FAD S . 47.55 0.69 -1.88
C4A FAD S . 48.42 1.23 -2.75
N1 FAD S . 56.39 -7.73 -16.00
C2 FAD S . 56.67 -9.00 -16.34
O2 FAD S . 57.28 -9.76 -15.52
N3 FAD S . 56.25 -9.46 -17.55
C4 FAD S . 55.56 -8.72 -18.44
O4 FAD S . 55.18 -9.14 -19.54
C4X FAD S . 55.27 -7.32 -18.12
N5 FAD S . 54.59 -6.53 -18.95
C5X FAD S . 54.35 -5.24 -18.60
C6 FAD S . 53.64 -4.38 -19.46
C7 FAD S . 53.39 -3.05 -19.10
C7M FAD S . 52.63 -2.12 -20.00
C8 FAD S . 53.88 -2.55 -17.82
C8M FAD S . 53.60 -1.10 -17.44
C9 FAD S . 54.55 -3.40 -16.95
C9A FAD S . 54.82 -4.71 -17.29
N10 FAD S . 55.51 -5.59 -16.43
C10 FAD S . 55.75 -6.89 -16.81
C1' FAD S . 56.02 -5.14 -15.16
C2' FAD S . 55.00 -5.01 -14.06
O2' FAD S . 55.48 -3.82 -13.47
C3' FAD S . 54.99 -6.24 -13.14
O3' FAD S . 54.68 -7.39 -13.97
C4' FAD S . 53.98 -6.15 -12.02
O4' FAD S . 52.67 -5.84 -12.54
C5' FAD S . 54.29 -5.09 -10.98
O5' FAD S . 53.37 -5.28 -9.91
P FAD S . 53.59 -4.55 -8.51
O1P FAD S . 52.80 -5.21 -7.41
O2P FAD S . 55.09 -4.52 -8.43
O3P FAD S . 52.99 -3.09 -8.79
PA NAP T . 60.59 2.56 -20.72
O1A NAP T . 61.37 3.29 -19.67
O2A NAP T . 60.73 1.07 -21.03
O5B NAP T . 61.02 3.25 -22.07
C5B NAP T . 61.19 4.65 -22.15
C4B NAP T . 61.60 5.03 -23.57
O4B NAP T . 61.36 6.43 -23.59
C3B NAP T . 63.08 4.71 -23.87
O3B NAP T . 63.35 4.30 -25.25
C2B NAP T . 63.69 6.02 -23.39
O2B NAP T . 64.95 6.38 -23.92
C1B NAP T . 62.64 7.00 -23.84
N9A NAP T . 62.81 8.27 -23.15
C8A NAP T . 62.78 8.49 -21.83
N7A NAP T . 62.97 9.79 -21.60
C5A NAP T . 63.12 10.39 -22.79
C6A NAP T . 63.37 11.74 -23.26
N6A NAP T . 63.49 12.72 -22.33
N1A NAP T . 63.45 11.92 -24.59
C2A NAP T . 63.34 10.95 -25.52
N3A NAP T . 63.12 9.68 -25.15
C4A NAP T . 63.01 9.37 -23.83
O3 NAP T . 59.03 2.98 -20.62
PN NAP T . 57.86 2.09 -21.30
O1N NAP T . 58.12 1.91 -22.80
O2N NAP T . 56.60 2.86 -20.92
O5D NAP T . 58.09 0.74 -20.49
C5D NAP T . 57.99 0.54 -19.06
C4D NAP T . 58.03 -0.97 -18.60
O4D NAP T . 56.83 -1.72 -18.90
C3D NAP T . 59.12 -1.81 -19.25
O3D NAP T . 59.70 -2.66 -18.29
C2D NAP T . 58.44 -2.64 -20.32
O2D NAP T . 58.95 -3.92 -20.52
C1D NAP T . 57.10 -2.87 -19.73
N1N NAP T . 56.19 -3.02 -20.83
C2N NAP T . 55.91 -4.25 -21.31
C3N NAP T . 54.97 -4.40 -22.37
C7N NAP T . 54.59 -5.72 -22.96
O7N NAP T . 54.54 -5.79 -24.21
N7N NAP T . 54.30 -6.72 -22.10
C4N NAP T . 54.37 -3.26 -22.91
C5N NAP T . 54.71 -2.01 -22.38
C6N NAP T . 55.62 -1.92 -21.34
P2B NAP T . 66.30 5.98 -23.13
O1X NAP T . 66.49 4.52 -23.45
O2X NAP T . 67.49 6.85 -23.61
O3X NAP T . 65.85 6.32 -21.71
O1 OXY U . 61.55 -8.58 -19.31
O2 OXY U . 60.50 -9.05 -18.89
PA FAD V . 17.23 -12.69 -2.56
O1A FAD V . 18.03 -11.50 -2.17
O2A FAD V . 16.57 -13.63 -1.55
O5B FAD V . 17.99 -13.69 -3.56
C5B FAD V . 18.70 -13.35 -4.76
C4B FAD V . 19.63 -14.55 -5.08
O4B FAD V . 20.31 -14.24 -6.27
C3B FAD V . 20.71 -14.87 -4.05
O3B FAD V . 20.70 -16.26 -3.66
C2B FAD V . 22.02 -14.48 -4.73
O2B FAD V . 23.07 -15.38 -4.48
C1B FAD V . 21.71 -14.51 -6.18
N9A FAD V . 22.39 -13.53 -7.07
C8A FAD V . 22.36 -12.18 -7.04
N7A FAD V . 23.05 -11.63 -8.09
C5A FAD V . 23.51 -12.67 -8.81
C6A FAD V . 24.29 -12.87 -10.04
N6A FAD V . 24.77 -11.82 -10.72
N1A FAD V . 24.53 -14.12 -10.48
C2A FAD V . 24.10 -15.20 -9.84
N3A FAD V . 23.38 -15.10 -8.73
C4A FAD V . 23.07 -13.90 -8.16
N1 FAD V . 9.40 -10.44 2.75
C2 FAD V . 8.20 -10.97 3.14
O2 FAD V . 7.32 -11.19 2.26
N3 FAD V . 7.96 -11.28 4.44
C4 FAD V . 8.90 -11.05 5.38
O4 FAD V . 8.77 -11.29 6.59
C4X FAD V . 10.19 -10.50 5.04
N5 FAD V . 11.13 -10.28 5.98
C5X FAD V . 12.30 -9.74 5.60
C6 FAD V . 13.23 -9.53 6.56
C7 FAD V . 14.44 -8.96 6.23
C7M FAD V . 15.46 -8.72 7.30
C8 FAD V . 14.71 -8.60 4.85
C8M FAD V . 16.02 -7.97 4.45
C9 FAD V . 13.77 -8.85 3.89
C9A FAD V . 12.56 -9.40 4.20
N10 FAD V . 11.59 -9.65 3.22
C10 FAD V . 10.40 -10.20 3.62
C1' FAD V . 11.73 -9.29 1.84
C2' FAD V . 12.56 -10.26 1.04
O2' FAD V . 13.22 -9.38 0.12
C3' FAD V . 11.71 -11.31 0.27
O3' FAD V . 10.91 -12.13 1.14
C4' FAD V . 12.64 -12.20 -0.53
O4' FAD V . 13.51 -12.84 0.40
C5' FAD V . 13.46 -11.53 -1.60
O5' FAD V . 14.10 -12.62 -2.26
P FAD V . 14.61 -12.58 -3.80
O1P FAD V . 14.63 -14.00 -4.29
O2P FAD V . 14.00 -11.52 -4.66
O3P FAD V . 16.16 -12.10 -3.63
PA NAP W . 13.91 0.45 5.33
O1A NAP W . 14.23 1.30 4.12
O2A NAP W . 12.54 -0.05 5.67
O5B NAP W . 14.35 1.38 6.54
C5B NAP W . 15.19 2.49 6.33
C4B NAP W . 14.94 3.43 7.50
O4B NAP W . 16.00 4.36 7.57
C3B NAP W . 13.67 4.24 7.40
O3B NAP W . 13.31 4.63 8.73
C2B NAP W . 14.14 5.43 6.63
O2B NAP W . 13.45 6.58 7.06
C1B NAP W . 15.50 5.63 7.21
N9A NAP W . 16.50 6.33 6.37
C8A NAP W . 16.89 6.07 5.11
N7A NAP W . 17.89 6.92 4.78
C5A NAP W . 18.12 7.71 5.85
C6A NAP W . 19.01 8.83 6.17
N6A NAP W . 19.87 9.24 5.22
N1A NAP W . 18.93 9.39 7.41
C2A NAP W . 18.05 8.97 8.34
N3A NAP W . 17.18 7.98 8.12
C4A NAP W . 17.20 7.33 6.90
O3 NAP W . 14.87 -0.82 5.45
PN NAP W . 15.03 -1.93 6.67
O1N NAP W . 14.72 -1.41 8.08
O2N NAP W . 16.44 -2.58 6.57
O5D NAP W . 13.90 -2.84 5.98
C5D NAP W . 14.00 -3.24 4.61
C4D NAP W . 12.94 -4.27 4.17
O4D NAP W . 13.29 -5.47 4.85
C3D NAP W . 11.52 -3.83 4.57
O3D NAP W . 10.45 -4.18 3.66
C2D NAP W . 11.41 -4.51 5.90
O2D NAP W . 10.07 -4.80 6.23
C1D NAP W . 12.22 -5.80 5.72
N1N NAP W . 12.58 -6.27 7.07
C2N NAP W . 11.78 -7.21 7.64
C3N NAP W . 12.04 -7.67 8.93
C7N NAP W . 11.15 -8.67 9.60
O7N NAP W . 11.09 -8.61 10.83
N7N NAP W . 10.51 -9.57 8.82
C4N NAP W . 13.13 -7.19 9.63
C5N NAP W . 13.94 -6.23 9.02
C6N NAP W . 13.66 -5.78 7.73
P2B NAP W . 12.61 7.57 6.13
O1X NAP W . 11.20 7.14 6.46
O2X NAP W . 12.88 9.00 6.57
O3X NAP W . 13.29 7.14 4.83
O1 OXY X . 4.85 -7.86 4.40
O2 OXY X . 5.94 -7.28 4.49
#